data_9VDV
#
_entry.id   9VDV
#
_cell.length_a   1.00
_cell.length_b   1.00
_cell.length_c   1.00
_cell.angle_alpha   90.00
_cell.angle_beta   90.00
_cell.angle_gamma   90.00
#
_symmetry.space_group_name_H-M   'P 1'
#
_entity_poly.entity_id   1
_entity_poly.type   'polypeptide(L)'
_entity_poly.pdbx_seq_one_letter_code
;HHHHHHSSGMVIFDEKRHLYEALLRHNYFPNQKGSISEIPPCFSSRTFTPEIAELISSDTSGRRSLQGYDCVEYYATRYN
NFPRTLSIIHPKAYSKLAKHIHDNWEEIRFIKENENSMIKPDMHADGRIIIMNYEDAETKTIRELNDGFGRRFKVNADIS
GCFTNIYSHSIPWAVIGVNNAKIALNTKVKNQDKHWSDKLDYFQRQAKRNETHGVPIGPATSSIVCEIILSAVDKRLRDD
GFLFRRYIAAYTCYCKTHDDAKEFLHLLGMELSKYKLSLNLHKTKITNLPGTLNDNWVSLLNVNSPTKKRFTDQDLNKLS
SSEVINFLDYAVQLNTQVGGGSILKYAISLVINNLDEYTITQVYDYLLNLSWHYPMLIPYLGVLIEHVYLDDGDEYKNKF
NEILSMCAENKCSDGMAWTLYFCIKNNIDIDDDVIEKIICFGDCLSLCLLDSSDIYEEKINNFVSDIIKLDYEYDIDRYW
LLFYQRFFKDKAPSPYNDKCFDIMKGYGVDFMPDENYKTKAESYCHVVNNPFLEDGDEIVSFNDYMAIA
;
_entity_poly.pdbx_strand_id   A,B,C,D,E,F
#
# COMPACT_ATOMS: atom_id res chain seq x y z
N ASP A 14 31.78 34.29 36.88
CA ASP A 14 30.49 34.93 36.68
C ASP A 14 29.75 34.32 35.50
N GLU A 15 28.47 34.62 35.37
CA GLU A 15 27.68 34.19 34.24
C GLU A 15 27.76 35.16 33.07
N LYS A 16 27.93 36.46 33.35
CA LYS A 16 28.24 37.43 32.31
C LYS A 16 29.54 37.10 31.61
N ARG A 17 30.56 36.74 32.38
CA ARG A 17 31.86 36.40 31.80
C ARG A 17 31.79 35.08 31.05
N HIS A 18 31.02 34.11 31.55
CA HIS A 18 30.88 32.84 30.84
C HIS A 18 30.18 33.04 29.50
N LEU A 19 29.16 33.89 29.47
CA LEU A 19 28.51 34.24 28.21
C LEU A 19 29.48 34.96 27.28
N TYR A 20 30.32 35.84 27.83
CA TYR A 20 31.25 36.59 27.01
C TYR A 20 32.29 35.67 26.36
N GLU A 21 32.77 34.69 27.13
CA GLU A 21 33.61 33.63 26.57
C GLU A 21 32.87 32.81 25.53
N ALA A 22 31.62 32.44 25.82
CA ALA A 22 30.88 31.54 24.94
C ALA A 22 30.57 32.16 23.59
N LEU A 23 30.32 33.48 23.57
CA LEU A 23 29.95 34.13 22.33
C LEU A 23 31.09 34.14 21.32
N LEU A 24 32.33 34.19 21.82
CA LEU A 24 33.51 34.32 20.97
C LEU A 24 34.43 33.11 20.98
N ARG A 25 34.76 32.56 22.15
CA ARG A 25 35.72 31.47 22.21
C ARG A 25 35.12 30.16 21.74
N HIS A 26 33.82 29.94 21.97
CA HIS A 26 33.22 28.63 21.76
C HIS A 26 32.11 28.64 20.71
N ASN A 27 31.16 29.56 20.80
CA ASN A 27 30.00 29.53 19.91
C ASN A 27 30.02 30.63 18.86
N TYR A 28 31.18 31.23 18.58
CA TYR A 28 31.30 32.08 17.39
C TYR A 28 31.13 31.24 16.13
N PHE A 29 31.99 30.25 15.94
CA PHE A 29 31.85 29.35 14.82
C PHE A 29 30.61 28.48 15.04
N PRO A 30 30.04 27.94 13.96
CA PRO A 30 28.89 27.04 14.14
C PRO A 30 29.28 25.78 14.89
N ASN A 31 28.83 25.71 16.14
CA ASN A 31 29.25 24.71 17.12
C ASN A 31 28.08 24.25 17.96
N GLN A 32 26.86 24.33 17.43
CA GLN A 32 25.69 24.03 18.23
C GLN A 32 25.51 22.53 18.42
N LYS A 33 25.81 21.73 17.40
CA LYS A 33 25.69 20.28 17.52
C LYS A 33 26.76 19.74 18.47
N GLY A 34 26.34 18.94 19.44
CA GLY A 34 27.19 18.47 20.50
C GLY A 34 27.80 17.09 20.36
N SER A 35 27.39 16.31 19.36
CA SER A 35 27.94 14.97 19.19
C SER A 35 29.14 15.02 18.25
N ILE A 36 28.90 15.40 17.01
CA ILE A 36 29.97 15.71 16.06
C ILE A 36 29.75 17.12 15.55
N SER A 37 30.83 17.88 15.44
CA SER A 37 30.72 19.26 14.98
C SER A 37 30.45 19.30 13.49
N GLU A 38 29.84 20.39 13.05
CA GLU A 38 29.64 20.63 11.63
C GLU A 38 30.89 21.16 10.96
N ILE A 39 31.84 21.67 11.75
CA ILE A 39 33.09 22.22 11.26
C ILE A 39 34.21 21.35 11.81
N PRO A 40 35.22 21.02 11.01
CA PRO A 40 36.33 20.17 11.49
C PRO A 40 37.10 20.83 12.62
N PRO A 41 37.74 20.04 13.49
CA PRO A 41 38.40 20.62 14.67
C PRO A 41 39.62 21.48 14.37
N CYS A 42 40.06 21.55 13.11
CA CYS A 42 41.16 22.46 12.77
C CYS A 42 40.75 23.92 12.98
N PHE A 43 39.51 24.24 12.60
CA PHE A 43 38.99 25.59 12.80
C PHE A 43 38.47 25.72 14.23
N SER A 44 39.10 26.58 15.02
CA SER A 44 38.66 26.82 16.39
C SER A 44 38.64 28.32 16.66
N SER A 45 37.59 28.77 17.32
CA SER A 45 37.40 30.20 17.56
C SER A 45 37.93 30.66 18.91
N ARG A 46 38.47 29.78 19.73
CA ARG A 46 39.16 30.23 20.93
C ARG A 46 40.48 30.87 20.54
N THR A 47 41.02 31.71 21.44
CA THR A 47 42.07 32.73 21.40
C THR A 47 41.50 34.03 20.84
N PHE A 48 40.23 34.01 20.43
CA PHE A 48 39.49 35.24 20.12
C PHE A 48 38.77 35.69 21.39
N THR A 49 39.57 36.21 22.31
CA THR A 49 39.13 36.48 23.68
C THR A 49 38.25 37.72 23.72
N PRO A 50 37.47 37.91 24.79
CA PRO A 50 36.61 39.11 24.88
C PRO A 50 37.37 40.44 24.91
N GLU A 51 38.61 40.46 25.39
CA GLU A 51 39.39 41.70 25.38
C GLU A 51 39.75 42.13 23.96
N ILE A 52 40.04 41.15 23.09
CA ILE A 52 40.26 41.45 21.68
C ILE A 52 38.97 41.96 21.05
N ALA A 53 37.82 41.43 21.45
CA ALA A 53 36.54 41.94 20.97
C ALA A 53 36.28 43.37 21.43
N GLU A 54 36.64 43.71 22.67
CA GLU A 54 36.55 45.09 23.13
C GLU A 54 37.47 46.02 22.34
N LEU A 55 38.69 45.56 22.05
CA LEU A 55 39.62 46.39 21.30
C LEU A 55 39.17 46.59 19.86
N ILE A 56 38.54 45.56 19.26
CA ILE A 56 37.98 45.69 17.92
C ILE A 56 36.80 46.66 17.94
N SER A 57 35.94 46.56 18.95
CA SER A 57 34.79 47.46 19.05
C SER A 57 35.21 48.91 19.28
N SER A 58 36.30 49.11 20.03
CA SER A 58 36.77 50.46 20.29
C SER A 58 37.37 51.11 19.05
N ASP A 59 37.95 50.29 18.16
CA ASP A 59 38.59 50.81 16.96
C ASP A 59 37.57 51.42 16.01
N THR A 60 37.88 52.62 15.51
CA THR A 60 36.96 53.38 14.66
C THR A 60 37.57 53.76 13.31
N SER A 61 38.73 53.19 12.96
CA SER A 61 39.43 53.60 11.75
C SER A 61 38.82 52.95 10.51
N GLY A 62 39.24 53.44 9.36
CA GLY A 62 38.85 52.86 8.09
C GLY A 62 37.52 53.39 7.58
N ARG A 63 37.32 53.22 6.27
CA ARG A 63 36.08 53.61 5.61
C ARG A 63 35.59 52.44 4.79
N ARG A 64 34.29 52.18 4.86
CA ARG A 64 33.66 51.09 4.12
C ARG A 64 32.62 51.66 3.17
N SER A 65 32.69 51.26 1.91
CA SER A 65 31.75 51.72 0.90
C SER A 65 30.44 50.95 0.90
N LEU A 66 30.39 49.82 1.60
CA LEU A 66 29.19 48.98 1.66
C LEU A 66 28.67 48.94 3.09
N GLN A 67 27.34 49.01 3.23
CA GLN A 67 26.70 49.01 4.54
C GLN A 67 26.67 47.58 5.07
N GLY A 68 27.20 47.39 6.27
CA GLY A 68 27.20 46.08 6.90
C GLY A 68 28.38 45.23 6.45
N TYR A 69 28.33 43.97 6.87
CA TYR A 69 29.38 43.02 6.56
C TYR A 69 28.75 41.71 6.09
N ASP A 70 29.45 41.00 5.22
CA ASP A 70 29.01 39.68 4.79
C ASP A 70 29.66 38.63 5.69
N CYS A 71 29.34 37.37 5.42
CA CYS A 71 29.72 36.26 6.28
C CYS A 71 30.42 35.19 5.47
N VAL A 72 31.34 34.47 6.12
CA VAL A 72 31.92 33.28 5.53
C VAL A 72 30.83 32.20 5.49
N GLU A 73 30.56 31.68 4.31
CA GLU A 73 29.41 30.80 4.15
C GLU A 73 29.84 29.34 4.25
N TYR A 74 28.91 28.49 4.66
CA TYR A 74 29.23 27.09 4.93
C TYR A 74 27.98 26.25 4.74
N TYR A 75 27.90 25.54 3.62
CA TYR A 75 26.72 24.74 3.32
C TYR A 75 26.90 23.36 3.93
N ALA A 76 26.28 23.13 5.08
CA ALA A 76 26.33 21.84 5.77
C ALA A 76 25.23 20.93 5.25
N THR A 77 25.50 19.63 5.25
CA THR A 77 24.59 18.65 4.68
C THR A 77 23.69 18.06 5.76
N ARG A 78 22.38 18.08 5.52
CA ARG A 78 21.43 17.47 6.43
C ARG A 78 21.20 16.00 6.09
N TYR A 79 20.22 15.40 6.76
CA TYR A 79 19.96 13.96 6.61
C TYR A 79 19.43 13.62 5.23
N ASN A 80 18.76 14.56 4.58
CA ASN A 80 18.24 14.37 3.23
C ASN A 80 19.17 14.90 2.16
N ASN A 81 20.43 15.20 2.51
CA ASN A 81 21.51 15.77 1.69
C ASN A 81 21.22 17.23 1.35
N PHE A 82 20.31 17.87 2.06
CA PHE A 82 19.97 19.26 1.76
C PHE A 82 21.00 20.18 2.40
N PRO A 83 21.36 21.28 1.73
CA PRO A 83 22.27 22.25 2.35
C PRO A 83 21.58 23.19 3.33
N ARG A 84 22.29 23.51 4.41
CA ARG A 84 21.91 24.54 5.36
C ARG A 84 23.08 25.49 5.46
N THR A 85 22.84 26.77 5.22
CA THR A 85 23.92 27.73 5.05
C THR A 85 24.25 28.32 6.42
N LEU A 86 25.18 27.68 7.11
CA LEU A 86 25.78 28.24 8.30
C LEU A 86 26.68 29.40 7.93
N SER A 87 26.84 30.34 8.84
CA SER A 87 27.61 31.53 8.56
C SER A 87 28.58 31.84 9.69
N ILE A 88 29.77 32.28 9.32
CA ILE A 88 30.75 32.81 10.26
C ILE A 88 30.75 34.32 10.06
N ILE A 89 30.27 35.04 11.08
CA ILE A 89 30.11 36.49 10.98
C ILE A 89 31.46 37.15 10.88
N HIS A 90 31.53 38.24 10.11
CA HIS A 90 32.75 39.04 10.05
C HIS A 90 33.04 39.61 11.45
N PRO A 91 34.25 39.43 11.95
CA PRO A 91 34.51 39.65 13.38
C PRO A 91 34.49 41.10 13.81
N LYS A 92 34.64 42.06 12.89
CA LYS A 92 34.43 43.44 13.29
C LYS A 92 32.95 43.71 13.54
N ALA A 93 32.09 43.09 12.74
CA ALA A 93 30.65 43.15 12.99
C ALA A 93 30.21 42.20 14.09
N TYR A 94 31.03 41.21 14.44
CA TYR A 94 30.67 40.25 15.47
C TYR A 94 31.13 40.68 16.86
N SER A 95 32.27 41.36 16.96
CA SER A 95 32.76 41.80 18.26
C SER A 95 31.82 42.81 18.87
N LYS A 96 31.30 43.74 18.07
CA LYS A 96 30.33 44.72 18.55
C LYS A 96 29.04 44.04 18.99
N LEU A 97 28.56 43.06 18.22
CA LEU A 97 27.34 42.33 18.57
C LEU A 97 27.51 41.55 19.87
N ALA A 98 28.62 40.82 20.01
CA ALA A 98 28.86 40.04 21.22
C ALA A 98 29.09 40.93 22.43
N LYS A 99 29.81 42.04 22.25
CA LYS A 99 30.03 42.97 23.36
C LYS A 99 28.72 43.63 23.77
N HIS A 100 27.85 43.95 22.81
CA HIS A 100 26.55 44.54 23.13
C HIS A 100 25.68 43.55 23.90
N ILE A 101 25.69 42.28 23.48
CA ILE A 101 24.92 41.27 24.20
C ILE A 101 25.47 41.06 25.60
N HIS A 102 26.81 41.14 25.74
CA HIS A 102 27.42 41.00 27.06
C HIS A 102 27.05 42.14 27.99
N ASP A 103 27.15 43.39 27.51
CA ASP A 103 26.91 44.54 28.38
C ASP A 103 25.46 44.61 28.83
N ASN A 104 24.55 44.07 28.03
CA ASN A 104 23.11 44.14 28.26
C ASN A 104 22.54 42.85 28.84
N TRP A 105 23.41 42.01 29.42
CA TRP A 105 23.02 40.64 29.73
C TRP A 105 21.98 40.57 30.85
N GLU A 106 21.99 41.53 31.77
CA GLU A 106 20.97 41.55 32.81
C GLU A 106 19.59 41.88 32.26
N GLU A 107 19.51 42.52 31.09
CA GLU A 107 18.24 42.72 30.41
C GLU A 107 17.97 41.68 29.32
N ILE A 108 18.93 40.79 29.04
CA ILE A 108 18.70 39.73 28.06
C ILE A 108 18.38 38.39 28.72
N ARG A 109 18.86 38.16 29.93
CA ARG A 109 18.79 36.86 30.60
C ARG A 109 17.37 36.41 30.96
N PHE A 110 16.34 37.16 30.59
CA PHE A 110 14.98 36.66 30.69
C PHE A 110 14.71 35.51 29.75
N ILE A 111 15.54 35.33 28.71
CA ILE A 111 15.41 34.16 27.84
C ILE A 111 15.90 32.91 28.54
N LYS A 112 16.79 33.05 29.52
CA LYS A 112 17.24 31.90 30.30
C LYS A 112 16.17 31.41 31.27
N GLU A 113 15.29 32.30 31.73
CA GLU A 113 14.24 31.94 32.67
C GLU A 113 13.01 31.35 31.99
N ASN A 114 12.96 31.36 30.65
CA ASN A 114 11.89 30.71 29.92
C ASN A 114 11.99 29.20 30.14
N GLU A 115 10.81 28.57 30.30
CA GLU A 115 10.74 27.15 30.57
C GLU A 115 10.21 26.33 29.40
N ASN A 116 9.73 26.98 28.34
CA ASN A 116 9.27 26.28 27.15
C ASN A 116 10.33 26.17 26.06
N SER A 117 11.46 26.85 26.22
CA SER A 117 12.56 26.79 25.26
C SER A 117 13.56 25.76 25.76
N MET A 118 13.67 24.65 25.05
CA MET A 118 14.51 23.56 25.52
C MET A 118 15.98 23.84 25.26
N ILE A 119 16.31 24.38 24.09
CA ILE A 119 17.66 24.79 23.77
C ILE A 119 17.71 26.31 23.81
N LYS A 120 18.50 26.82 24.74
CA LYS A 120 18.56 28.23 25.08
C LYS A 120 19.94 28.46 25.70
N PRO A 121 20.32 29.72 25.92
CA PRO A 121 21.57 29.97 26.66
C PRO A 121 21.58 29.32 28.03
N ASP A 122 22.70 28.69 28.37
CA ASP A 122 22.85 27.92 29.59
C ASP A 122 24.33 27.74 29.86
N MET A 123 24.70 27.72 31.13
CA MET A 123 26.11 27.61 31.49
C MET A 123 26.60 26.17 31.31
N HIS A 124 27.01 25.82 30.09
CA HIS A 124 27.56 24.50 29.83
C HIS A 124 29.00 24.43 30.30
N ALA A 125 29.44 23.21 30.64
CA ALA A 125 30.75 23.03 31.26
C ALA A 125 31.88 23.23 30.26
N ASP A 126 31.67 22.82 29.00
CA ASP A 126 32.74 22.93 28.00
C ASP A 126 33.07 24.37 27.67
N GLY A 127 32.09 25.26 27.79
CA GLY A 127 32.32 26.67 27.55
C GLY A 127 31.26 27.28 26.67
N ARG A 128 30.40 26.44 26.09
CA ARG A 128 29.35 26.88 25.20
C ARG A 128 28.14 27.37 25.98
N ILE A 129 27.23 28.07 25.29
CA ILE A 129 25.90 28.34 25.84
C ILE A 129 24.78 27.74 25.01
N ILE A 130 25.01 27.40 23.74
CA ILE A 130 24.00 26.79 22.90
C ILE A 130 24.52 25.44 22.42
N ILE A 131 23.89 24.37 22.90
CA ILE A 131 24.18 23.01 22.47
C ILE A 131 22.85 22.32 22.22
N MET A 132 22.51 22.07 20.96
CA MET A 132 21.29 21.33 20.72
C MET A 132 21.54 19.84 20.94
N ASN A 133 20.47 19.14 21.35
CA ASN A 133 20.48 17.71 21.66
C ASN A 133 21.54 17.40 22.72
N TYR A 134 21.41 18.09 23.85
CA TYR A 134 22.40 18.02 24.92
C TYR A 134 21.91 17.31 26.17
N GLU A 135 20.63 17.43 26.51
CA GLU A 135 20.11 16.84 27.74
C GLU A 135 20.04 15.32 27.64
N ASP A 136 20.14 14.66 28.79
CA ASP A 136 20.21 13.22 28.84
C ASP A 136 18.87 12.58 28.50
N ALA A 137 18.93 11.30 28.12
CA ALA A 137 17.75 10.61 27.62
C ALA A 137 16.71 10.37 28.71
N GLU A 138 17.15 10.17 29.96
CA GLU A 138 16.23 9.87 31.05
C GLU A 138 15.31 11.05 31.34
N THR A 139 15.88 12.25 31.47
CA THR A 139 15.07 13.43 31.71
C THR A 139 14.17 13.74 30.52
N LYS A 140 14.67 13.54 29.30
CA LYS A 140 13.87 13.78 28.10
C LYS A 140 12.68 12.83 28.06
N THR A 141 12.89 11.55 28.40
CA THR A 141 11.80 10.59 28.45
C THR A 141 10.78 10.95 29.53
N ILE A 142 11.27 11.30 30.72
CA ILE A 142 10.37 11.65 31.83
C ILE A 142 9.56 12.88 31.50
N ARG A 143 10.19 13.90 30.92
CA ARG A 143 9.48 15.09 30.43
C ARG A 143 8.44 14.74 29.37
N GLU A 144 8.78 13.85 28.43
CA GLU A 144 7.88 13.57 27.33
C GLU A 144 6.63 12.84 27.83
N LEU A 145 6.82 11.86 28.72
CA LEU A 145 5.70 11.20 29.38
C LEU A 145 4.92 12.15 30.28
N ASN A 146 5.62 12.99 31.06
CA ASN A 146 4.96 13.89 31.98
C ASN A 146 4.10 14.92 31.27
N ASP A 147 4.56 15.41 30.13
CA ASP A 147 3.80 16.39 29.36
C ASP A 147 2.75 15.72 28.48
N GLY A 148 2.95 14.46 28.13
CA GLY A 148 1.95 13.66 27.45
C GLY A 148 0.96 12.99 28.38
N PHE A 149 0.97 13.35 29.66
CA PHE A 149 0.03 12.84 30.66
C PHE A 149 -1.40 13.28 30.35
N GLY A 150 -2.27 12.32 30.09
CA GLY A 150 -3.69 12.58 30.02
C GLY A 150 -4.18 13.28 28.79
N ARG A 151 -3.38 13.37 27.72
CA ARG A 151 -3.74 14.17 26.56
C ARG A 151 -4.01 13.28 25.36
N ARG A 152 -4.80 13.79 24.42
CA ARG A 152 -5.23 13.05 23.25
C ARG A 152 -4.42 13.31 22.00
N PHE A 153 -4.02 14.55 21.75
CA PHE A 153 -3.35 14.91 20.50
C PHE A 153 -2.00 15.57 20.75
N LYS A 154 -1.10 15.39 19.79
CA LYS A 154 0.21 16.03 19.83
C LYS A 154 0.38 16.83 18.55
N VAL A 155 0.48 18.15 18.68
CA VAL A 155 0.62 19.05 17.56
C VAL A 155 2.09 19.38 17.37
N ASN A 156 2.58 19.23 16.13
CA ASN A 156 3.92 19.63 15.77
C ASN A 156 3.81 20.78 14.79
N ALA A 157 4.48 21.89 15.09
CA ALA A 157 4.48 23.06 14.23
C ALA A 157 5.90 23.56 14.07
N ASP A 158 6.19 24.20 12.95
CA ASP A 158 7.52 24.73 12.68
C ASP A 158 7.39 26.14 12.15
N ILE A 159 8.29 27.03 12.59
CA ILE A 159 8.44 28.31 11.94
C ILE A 159 9.08 28.09 10.57
N SER A 160 8.56 28.79 9.55
CA SER A 160 8.90 28.45 8.16
C SER A 160 10.38 28.69 7.87
N GLY A 161 10.84 29.93 7.98
CA GLY A 161 12.25 30.19 7.81
C GLY A 161 13.01 30.24 9.11
N CYS A 162 12.50 31.06 10.05
CA CYS A 162 13.07 31.31 11.37
C CYS A 162 14.42 31.99 11.24
N PHE A 163 15.44 31.23 10.81
CA PHE A 163 16.73 31.86 10.53
C PHE A 163 16.65 32.72 9.28
N THR A 164 15.84 32.30 8.31
CA THR A 164 15.80 32.97 7.01
C THR A 164 15.12 34.33 7.09
N ASN A 165 14.01 34.43 7.84
CA ASN A 165 13.20 35.64 7.82
C ASN A 165 12.85 36.15 9.21
N ILE A 166 13.77 36.06 10.18
CA ILE A 166 13.56 36.79 11.43
C ILE A 166 13.76 38.27 11.12
N TYR A 167 12.82 39.09 11.57
CA TYR A 167 12.86 40.52 11.32
C TYR A 167 13.64 41.18 12.44
N SER A 168 14.75 41.85 12.09
CA SER A 168 15.62 42.42 13.11
C SER A 168 14.97 43.60 13.80
N HIS A 169 14.16 44.37 13.07
CA HIS A 169 13.43 45.50 13.66
C HIS A 169 12.42 45.05 14.69
N SER A 170 12.06 43.76 14.70
CA SER A 170 11.17 43.18 15.69
C SER A 170 11.88 42.74 16.96
N ILE A 171 13.19 42.95 17.05
CA ILE A 171 13.91 42.69 18.31
C ILE A 171 13.42 43.64 19.42
N PRO A 172 13.28 44.96 19.23
CA PRO A 172 12.60 45.74 20.29
C PRO A 172 11.13 45.42 20.44
N TRP A 173 10.46 44.98 19.38
CA TRP A 173 9.04 44.60 19.47
C TRP A 173 8.84 43.46 20.46
N ALA A 174 9.77 42.51 20.48
CA ALA A 174 9.71 41.45 21.47
C ALA A 174 10.05 41.96 22.86
N VAL A 175 10.93 42.97 22.94
CA VAL A 175 11.50 43.33 24.23
C VAL A 175 10.54 44.21 25.02
N ILE A 176 9.95 45.22 24.38
CA ILE A 176 9.09 46.16 25.10
C ILE A 176 7.70 46.25 24.49
N GLY A 177 7.35 45.31 23.62
CA GLY A 177 6.04 45.35 22.99
C GLY A 177 6.08 45.98 21.63
N VAL A 178 5.18 45.57 20.73
CA VAL A 178 5.20 46.05 19.35
C VAL A 178 4.86 47.54 19.29
N ASN A 179 3.79 47.96 19.94
CA ASN A 179 3.31 49.33 19.80
C ASN A 179 4.19 50.30 20.57
N ASN A 180 4.71 49.89 21.72
CA ASN A 180 5.63 50.72 22.48
C ASN A 180 6.91 50.98 21.69
N ALA A 181 7.44 49.94 21.04
CA ALA A 181 8.63 50.10 20.22
C ALA A 181 8.36 50.95 18.99
N LYS A 182 7.18 50.82 18.38
CA LYS A 182 6.84 51.64 17.23
C LYS A 182 6.67 53.10 17.61
N ILE A 183 6.09 53.38 18.78
CA ILE A 183 5.98 54.75 19.26
C ILE A 183 7.34 55.31 19.62
N ALA A 184 8.22 54.47 20.18
CA ALA A 184 9.54 54.92 20.61
C ALA A 184 10.39 55.38 19.43
N LEU A 185 10.15 54.81 18.25
CA LEU A 185 10.85 55.26 17.04
C LEU A 185 10.38 56.66 16.64
N LYS A 194 19.76 55.51 22.84
CA LYS A 194 18.55 54.78 22.45
C LYS A 194 18.47 53.52 23.32
N HIS A 195 17.32 52.84 23.27
CA HIS A 195 17.10 51.63 24.05
C HIS A 195 18.05 50.53 23.58
N TRP A 196 18.32 49.58 24.50
CA TRP A 196 19.35 48.58 24.25
C TRP A 196 18.98 47.63 23.12
N SER A 197 17.70 47.31 22.97
CA SER A 197 17.25 46.37 21.95
C SER A 197 17.30 46.98 20.55
N ASP A 198 17.21 48.30 20.42
CA ASP A 198 17.39 48.94 19.12
C ASP A 198 18.84 48.86 18.64
N LYS A 199 19.79 49.07 19.55
CA LYS A 199 21.19 48.89 19.20
C LYS A 199 21.52 47.42 18.96
N LEU A 200 20.83 46.51 19.65
CA LEU A 200 20.96 45.09 19.34
C LEU A 200 20.45 44.77 17.94
N ASP A 201 19.34 45.38 17.54
CA ASP A 201 18.82 45.21 16.18
C ASP A 201 19.82 45.74 15.16
N TYR A 202 20.41 46.91 15.42
CA TYR A 202 21.41 47.47 14.52
C TYR A 202 22.65 46.58 14.42
N PHE A 203 23.13 46.08 15.55
CA PHE A 203 24.34 45.25 15.54
C PHE A 203 24.09 43.90 14.88
N GLN A 204 22.87 43.37 15.04
CA GLN A 204 22.52 42.13 14.34
C GLN A 204 22.41 42.37 12.85
N ARG A 205 21.90 43.53 12.44
CA ARG A 205 21.85 43.88 11.02
C ARG A 205 23.25 44.00 10.43
N GLN A 206 24.18 44.60 11.19
CA GLN A 206 25.56 44.77 10.73
C GLN A 206 26.25 43.43 10.51
N ALA A 207 25.78 42.37 11.17
CA ALA A 207 26.36 41.05 11.00
C ALA A 207 26.16 40.51 9.58
N LYS A 208 25.01 40.80 8.97
CA LYS A 208 24.69 40.28 7.63
C LYS A 208 24.27 41.43 6.73
N ARG A 209 25.27 42.13 6.18
CA ARG A 209 25.12 43.01 5.01
C ARG A 209 24.14 44.16 5.23
N ASN A 210 23.95 44.58 6.49
CA ASN A 210 22.96 45.60 6.87
C ASN A 210 21.55 45.23 6.38
N GLU A 211 21.20 43.97 6.51
CA GLU A 211 19.93 43.44 6.02
C GLU A 211 18.98 43.22 7.18
N THR A 212 17.72 43.64 7.00
CA THR A 212 16.74 43.55 8.07
C THR A 212 16.35 42.11 8.35
N HIS A 213 16.16 41.31 7.31
CA HIS A 213 15.68 39.94 7.47
C HIS A 213 16.84 38.97 7.55
N GLY A 214 16.68 37.95 8.38
CA GLY A 214 17.64 36.88 8.46
C GLY A 214 18.62 37.04 9.62
N VAL A 215 19.18 35.91 10.03
CA VAL A 215 20.25 35.88 11.01
C VAL A 215 21.28 34.85 10.55
N PRO A 216 22.58 35.10 10.72
CA PRO A 216 23.58 34.08 10.41
C PRO A 216 23.44 32.85 11.30
N ILE A 217 23.37 31.69 10.66
CA ILE A 217 23.10 30.43 11.37
C ILE A 217 24.42 29.92 11.93
N GLY A 218 24.45 29.64 13.23
CA GLY A 218 25.62 29.07 13.85
C GLY A 218 26.22 29.83 15.02
N PRO A 219 26.37 31.15 14.93
CA PRO A 219 26.75 31.91 16.12
C PRO A 219 25.65 31.92 17.16
N ALA A 220 26.08 31.99 18.43
CA ALA A 220 25.12 32.02 19.53
C ALA A 220 24.43 33.37 19.64
N THR A 221 25.01 34.41 19.02
CA THR A 221 24.35 35.71 19.03
C THR A 221 23.03 35.67 18.28
N SER A 222 22.99 34.95 17.15
CA SER A 222 21.73 34.78 16.45
C SER A 222 20.78 33.85 17.19
N SER A 223 21.31 32.88 17.95
CA SER A 223 20.44 32.06 18.80
C SER A 223 19.82 32.90 19.91
N ILE A 224 20.60 33.83 20.49
CA ILE A 224 20.08 34.74 21.49
C ILE A 224 19.03 35.67 20.89
N VAL A 225 19.29 36.16 19.68
CA VAL A 225 18.33 37.03 18.99
C VAL A 225 17.04 36.28 18.69
N CYS A 226 17.14 35.02 18.27
CA CYS A 226 15.96 34.20 18.01
C CYS A 226 15.20 33.90 19.30
N GLU A 227 15.92 33.62 20.39
CA GLU A 227 15.29 33.36 21.68
C GLU A 227 14.58 34.60 22.22
N ILE A 228 15.16 35.79 22.00
CA ILE A 228 14.54 37.04 22.45
C ILE A 228 13.20 37.24 21.76
N ILE A 229 13.14 37.01 20.45
CA ILE A 229 11.90 37.21 19.71
C ILE A 229 10.90 36.12 20.05
N LEU A 230 11.33 34.87 20.15
CA LEU A 230 10.42 33.76 20.38
C LEU A 230 9.98 33.63 21.83
N SER A 231 10.65 34.31 22.76
CA SER A 231 10.24 34.25 24.15
C SER A 231 8.93 34.98 24.39
N ALA A 232 8.63 36.01 23.59
CA ALA A 232 7.34 36.67 23.69
C ALA A 232 6.22 35.76 23.21
N VAL A 233 6.46 35.02 22.13
CA VAL A 233 5.53 34.01 21.66
C VAL A 233 5.32 32.93 22.72
N ASP A 234 6.40 32.50 23.36
CA ASP A 234 6.31 31.52 24.43
C ASP A 234 5.53 32.08 25.62
N LYS A 235 5.71 33.35 25.94
CA LYS A 235 4.99 33.98 27.04
C LYS A 235 3.49 34.02 26.77
N ARG A 236 3.09 34.44 25.56
CA ARG A 236 1.67 34.52 25.26
C ARG A 236 1.04 33.13 25.19
N LEU A 237 1.75 32.16 24.60
CA LEU A 237 1.23 30.79 24.57
C LEU A 237 1.14 30.20 25.97
N ARG A 238 2.09 30.54 26.85
CA ARG A 238 2.07 30.08 28.22
C ARG A 238 0.90 30.67 29.00
N ASP A 239 0.64 31.96 28.80
CA ASP A 239 -0.39 32.64 29.59
C ASP A 239 -1.80 32.19 29.20
N ASP A 240 -1.95 31.62 28.00
CA ASP A 240 -3.22 31.04 27.59
C ASP A 240 -3.33 29.56 27.95
N GLY A 241 -2.48 29.07 28.84
CA GLY A 241 -2.59 27.73 29.38
C GLY A 241 -2.37 26.60 28.38
N PHE A 242 -1.28 26.65 27.64
CA PHE A 242 -0.93 25.60 26.69
C PHE A 242 0.30 24.84 27.19
N LEU A 243 0.25 23.52 27.09
CA LEU A 243 1.40 22.68 27.37
C LEU A 243 2.18 22.49 26.07
N PHE A 244 3.35 23.12 26.00
CA PHE A 244 4.10 23.18 24.75
C PHE A 244 5.58 23.33 25.06
N ARG A 245 6.41 22.86 24.13
CA ARG A 245 7.85 22.94 24.22
C ARG A 245 8.38 23.44 22.89
N ARG A 246 9.49 24.18 22.93
CA ARG A 246 10.12 24.71 21.73
C ARG A 246 11.55 24.18 21.60
N TYR A 247 11.85 23.64 20.43
CA TYR A 247 13.19 23.19 20.05
C TYR A 247 13.61 24.05 18.86
N ILE A 248 14.36 25.13 19.14
CA ILE A 248 14.75 26.16 18.17
C ILE A 248 13.46 26.72 17.57
N ALA A 249 13.03 26.17 16.43
CA ALA A 249 11.88 26.67 15.70
C ALA A 249 10.73 25.66 15.65
N ALA A 250 10.77 24.63 16.49
CA ALA A 250 9.76 23.59 16.48
C ALA A 250 8.95 23.65 17.76
N TYR A 251 7.63 23.75 17.62
CA TYR A 251 6.71 23.77 18.74
C TYR A 251 5.99 22.43 18.81
N THR A 252 6.06 21.77 19.96
CA THR A 252 5.26 20.58 20.21
C THR A 252 4.26 20.90 21.32
N CYS A 253 2.99 20.59 21.06
CA CYS A 253 1.91 20.88 21.98
C CYS A 253 1.15 19.61 22.34
N TYR A 254 0.83 19.46 23.61
CA TYR A 254 0.08 18.33 24.10
C TYR A 254 -1.33 18.77 24.46
N CYS A 255 -2.32 18.12 23.86
CA CYS A 255 -3.68 18.64 23.84
C CYS A 255 -4.65 17.60 24.34
N LYS A 256 -5.51 18.01 25.29
CA LYS A 256 -6.53 17.13 25.82
C LYS A 256 -7.59 16.81 24.77
N THR A 257 -7.86 17.76 23.86
CA THR A 257 -8.79 17.52 22.77
C THR A 257 -8.25 18.16 21.49
N HIS A 258 -9.04 18.10 20.41
CA HIS A 258 -8.70 18.77 19.16
C HIS A 258 -9.04 20.25 19.19
N ASP A 259 -9.82 20.70 20.19
CA ASP A 259 -10.04 22.13 20.37
C ASP A 259 -8.73 22.81 20.69
N ASP A 260 -7.98 22.26 21.64
CA ASP A 260 -6.67 22.75 22.03
C ASP A 260 -5.71 22.67 20.84
N ALA A 261 -5.79 21.58 20.08
CA ALA A 261 -4.95 21.35 18.92
C ALA A 261 -5.10 22.44 17.85
N LYS A 262 -6.33 22.79 17.50
CA LYS A 262 -6.54 23.82 16.49
C LYS A 262 -6.32 25.22 17.05
N GLU A 263 -6.70 25.45 18.30
CA GLU A 263 -6.56 26.78 18.88
C GLU A 263 -5.11 27.13 19.20
N PHE A 264 -4.27 26.15 19.54
CA PHE A 264 -2.85 26.40 19.69
C PHE A 264 -2.22 26.81 18.36
N LEU A 265 -2.62 26.12 17.28
CA LEU A 265 -2.11 26.48 15.96
C LEU A 265 -2.54 27.88 15.58
N HIS A 266 -3.80 28.25 15.87
CA HIS A 266 -4.27 29.60 15.61
C HIS A 266 -3.50 30.63 16.42
N LEU A 267 -3.32 30.40 17.72
CA LEU A 267 -2.66 31.39 18.57
C LEU A 267 -1.18 31.51 18.24
N LEU A 268 -0.53 30.39 17.91
CA LEU A 268 0.87 30.43 17.48
C LEU A 268 1.01 31.16 16.16
N GLY A 269 0.06 30.97 15.24
CA GLY A 269 0.08 31.72 14.00
C GLY A 269 -0.09 33.21 14.20
N MET A 270 -1.01 33.62 15.09
CA MET A 270 -1.14 35.02 15.45
C MET A 270 0.10 35.61 16.09
N GLU A 271 0.71 34.88 17.03
CA GLU A 271 1.84 35.43 17.76
C GLU A 271 3.08 35.51 16.88
N LEU A 272 3.23 34.57 15.93
CA LEU A 272 4.33 34.65 14.98
C LEU A 272 4.08 35.75 13.96
N SER A 273 2.84 35.90 13.49
CA SER A 273 2.53 36.92 12.49
C SER A 273 2.63 38.32 13.06
N LYS A 274 2.44 38.46 14.38
CA LYS A 274 2.67 39.74 15.04
C LYS A 274 4.13 40.16 14.94
N TYR A 275 5.04 39.20 15.06
CA TYR A 275 6.47 39.46 14.91
C TYR A 275 6.98 39.10 13.52
N LYS A 276 6.10 39.11 12.52
CA LYS A 276 6.33 38.95 11.09
C LYS A 276 6.73 37.53 10.71
N LEU A 277 6.81 36.58 11.64
CA LEU A 277 7.11 35.20 11.30
C LEU A 277 5.83 34.46 10.90
N SER A 278 5.99 33.19 10.57
CA SER A 278 4.87 32.38 10.09
C SER A 278 5.16 30.91 10.41
N LEU A 279 4.18 30.07 10.11
CA LEU A 279 4.28 28.64 10.38
C LEU A 279 4.58 27.87 9.11
N ASN A 280 5.52 26.92 9.22
CA ASN A 280 5.78 25.99 8.14
C ASN A 280 4.62 24.99 8.08
N LEU A 281 3.80 25.10 7.04
CA LEU A 281 2.59 24.29 6.96
C LEU A 281 2.80 22.94 6.28
N HIS A 282 3.99 22.69 5.73
CA HIS A 282 4.38 21.35 5.34
C HIS A 282 4.92 20.55 6.50
N LYS A 283 5.22 21.21 7.63
CA LYS A 283 5.71 20.55 8.83
C LYS A 283 4.68 20.52 9.95
N THR A 284 3.44 20.89 9.67
CA THR A 284 2.39 20.87 10.68
C THR A 284 1.60 19.56 10.55
N LYS A 285 1.39 18.89 11.67
CA LYS A 285 0.70 17.61 11.71
C LYS A 285 0.23 17.35 13.13
N ILE A 286 -0.96 16.77 13.24
CA ILE A 286 -1.54 16.42 14.52
C ILE A 286 -1.63 14.91 14.62
N THR A 287 -0.99 14.33 15.64
CA THR A 287 -0.90 12.88 15.79
C THR A 287 -1.53 12.49 17.12
N ASN A 288 -2.42 11.51 17.08
CA ASN A 288 -3.11 11.04 18.29
C ASN A 288 -2.14 10.35 19.23
N LEU A 289 -2.06 10.84 20.45
CA LEU A 289 -1.32 10.15 21.49
C LEU A 289 -2.04 8.85 21.87
N PRO A 290 -1.30 7.81 22.27
CA PRO A 290 0.16 7.74 22.46
C PRO A 290 0.91 7.49 21.15
N GLY A 291 1.77 8.44 20.79
CA GLY A 291 2.63 8.25 19.64
C GLY A 291 3.95 7.64 20.07
N THR A 292 5.05 8.19 19.58
CA THR A 292 6.38 7.71 19.92
C THR A 292 7.15 8.82 20.61
N LEU A 293 7.87 8.47 21.68
CA LEU A 293 8.64 9.47 22.43
C LEU A 293 9.72 10.07 21.56
N ASN A 294 10.52 9.20 20.92
CA ASN A 294 11.43 9.55 19.85
C ASN A 294 10.66 9.46 18.54
N ASP A 295 11.35 9.40 17.41
CA ASP A 295 10.67 9.07 16.16
C ASP A 295 10.64 7.56 16.02
N ASN A 296 9.84 7.08 15.07
CA ASN A 296 9.58 5.64 14.95
C ASN A 296 10.84 4.89 14.50
N TRP A 297 11.63 5.50 13.61
CA TRP A 297 12.86 4.88 13.16
C TRP A 297 13.90 4.79 14.28
N VAL A 298 13.81 5.69 15.26
CA VAL A 298 14.74 5.64 16.39
C VAL A 298 14.56 4.37 17.20
N SER A 299 13.32 4.05 17.53
CA SER A 299 13.05 2.82 18.26
C SER A 299 13.24 1.59 17.38
N LEU A 300 13.00 1.72 16.07
CA LEU A 300 13.27 0.63 15.15
C LEU A 300 14.76 0.29 15.11
N LEU A 301 15.62 1.32 15.12
CA LEU A 301 17.06 1.08 15.15
C LEU A 301 17.50 0.56 16.53
N ASN A 302 17.01 1.16 17.61
CA ASN A 302 17.49 0.81 18.94
C ASN A 302 17.02 -0.58 19.36
N VAL A 303 15.84 -0.98 18.90
CA VAL A 303 15.34 -2.33 19.19
C VAL A 303 16.18 -3.36 18.44
N ASN A 304 16.63 -3.02 17.23
CA ASN A 304 17.45 -3.90 16.41
C ASN A 304 18.94 -3.62 16.53
N SER A 305 19.33 -2.70 17.40
CA SER A 305 20.75 -2.39 17.54
C SER A 305 21.46 -3.54 18.25
N PRO A 306 22.62 -3.97 17.73
CA PRO A 306 23.40 -5.01 18.41
C PRO A 306 24.16 -4.52 19.63
N THR A 307 24.09 -3.21 19.93
CA THR A 307 24.71 -2.62 21.11
C THR A 307 23.68 -2.22 22.14
N LYS A 308 22.41 -2.65 21.99
CA LYS A 308 21.33 -2.15 22.81
C LYS A 308 21.45 -2.58 24.26
N LYS A 309 22.23 -3.62 24.55
CA LYS A 309 22.44 -4.09 25.92
C LYS A 309 23.93 -4.01 26.25
N ARG A 310 24.26 -3.27 27.30
CA ARG A 310 25.62 -3.21 27.80
C ARG A 310 25.83 -4.31 28.84
N PHE A 311 26.90 -5.08 28.67
CA PHE A 311 27.10 -6.33 29.39
C PHE A 311 28.05 -6.21 30.58
N THR A 312 28.59 -5.01 30.84
CA THR A 312 29.51 -4.65 31.92
C THR A 312 30.88 -5.33 31.79
N ASP A 313 31.11 -6.07 30.71
CA ASP A 313 32.44 -6.55 30.36
C ASP A 313 32.68 -6.25 28.88
N GLN A 314 33.90 -5.77 28.57
CA GLN A 314 34.14 -5.13 27.28
C GLN A 314 34.23 -6.15 26.14
N ASP A 315 34.68 -7.36 26.44
CA ASP A 315 34.74 -8.40 25.41
C ASP A 315 33.35 -8.76 24.90
N LEU A 316 32.38 -8.82 25.82
CA LEU A 316 30.99 -9.01 25.40
C LEU A 316 30.48 -7.78 24.66
N ASN A 317 30.88 -6.58 25.09
CA ASN A 317 30.43 -5.36 24.43
C ASN A 317 31.04 -5.21 23.05
N LYS A 318 32.17 -5.86 22.80
CA LYS A 318 32.79 -5.79 21.48
C LYS A 318 32.00 -6.60 20.46
N LEU A 319 31.78 -6.00 19.30
CA LEU A 319 30.92 -6.58 18.28
C LEU A 319 31.71 -7.31 17.22
N SER A 320 31.03 -8.21 16.50
CA SER A 320 31.65 -8.99 15.45
C SER A 320 31.46 -8.31 14.09
N SER A 321 32.05 -8.92 13.05
CA SER A 321 32.00 -8.35 11.71
C SER A 321 30.59 -8.40 11.14
N SER A 322 30.00 -9.60 11.13
CA SER A 322 28.68 -9.79 10.51
C SER A 322 27.62 -9.01 11.24
N GLU A 323 27.76 -8.86 12.56
CA GLU A 323 26.78 -8.13 13.37
C GLU A 323 26.72 -6.66 12.97
N VAL A 324 27.87 -6.00 12.91
CA VAL A 324 27.92 -4.57 12.57
C VAL A 324 27.51 -4.38 11.11
N ILE A 325 28.01 -5.23 10.21
CA ILE A 325 27.69 -5.07 8.79
C ILE A 325 26.20 -5.28 8.54
N ASN A 326 25.60 -6.28 9.18
CA ASN A 326 24.17 -6.54 9.00
C ASN A 326 23.32 -5.42 9.59
N PHE A 327 23.72 -4.87 10.74
CA PHE A 327 23.01 -3.73 11.28
C PHE A 327 23.12 -2.51 10.35
N LEU A 328 24.28 -2.34 9.71
CA LEU A 328 24.45 -1.21 8.80
C LEU A 328 23.62 -1.38 7.53
N ASP A 329 23.54 -2.60 6.99
CA ASP A 329 22.62 -2.84 5.87
C ASP A 329 21.19 -2.59 6.27
N TYR A 330 20.79 -3.06 7.46
CA TYR A 330 19.42 -2.86 7.92
C TYR A 330 19.11 -1.38 8.09
N ALA A 331 20.09 -0.60 8.56
CA ALA A 331 19.94 0.85 8.64
C ALA A 331 19.78 1.49 7.27
N VAL A 332 20.52 0.98 6.27
CA VAL A 332 20.39 1.51 4.92
C VAL A 332 18.99 1.27 4.36
N GLN A 333 18.47 0.04 4.52
CA GLN A 333 17.09 -0.23 4.12
C GLN A 333 16.08 0.59 4.90
N LEU A 334 16.32 0.79 6.21
CA LEU A 334 15.37 1.53 7.02
C LEU A 334 15.33 3.00 6.62
N ASN A 335 16.49 3.55 6.24
CA ASN A 335 16.52 4.93 5.76
C ASN A 335 15.91 5.06 4.38
N THR A 336 16.10 4.05 3.52
CA THR A 336 15.42 4.07 2.23
C THR A 336 13.91 3.92 2.39
N GLN A 337 13.48 3.18 3.42
CA GLN A 337 12.07 2.83 3.55
C GLN A 337 11.31 3.83 4.41
N VAL A 338 11.98 4.47 5.38
CA VAL A 338 11.33 5.51 6.17
C VAL A 338 11.84 6.89 5.76
N GLY A 339 13.11 7.15 6.04
CA GLY A 339 13.71 8.43 5.69
C GLY A 339 13.25 9.62 6.51
N GLY A 340 12.50 9.39 7.58
CA GLY A 340 11.95 10.50 8.35
C GLY A 340 13.00 11.27 9.15
N GLY A 341 14.14 10.65 9.42
CA GLY A 341 15.19 11.32 10.16
C GLY A 341 16.57 10.86 9.77
N SER A 342 17.57 11.21 10.58
CA SER A 342 18.96 10.88 10.27
C SER A 342 19.26 9.46 10.76
N ILE A 343 18.75 8.49 9.99
CA ILE A 343 18.83 7.08 10.36
C ILE A 343 20.28 6.59 10.33
N LEU A 344 21.04 6.98 9.30
CA LEU A 344 22.41 6.52 9.17
C LEU A 344 23.30 7.04 10.28
N LYS A 345 23.19 8.33 10.62
CA LYS A 345 24.03 8.90 11.67
C LYS A 345 23.73 8.30 13.03
N TYR A 346 22.46 8.08 13.34
CA TYR A 346 22.08 7.43 14.58
C TYR A 346 22.61 6.00 14.64
N ALA A 347 22.44 5.24 13.56
CA ALA A 347 22.88 3.85 13.53
C ALA A 347 24.39 3.75 13.65
N ILE A 348 25.11 4.65 12.98
CA ILE A 348 26.58 4.62 13.02
C ILE A 348 27.08 5.04 14.39
N SER A 349 26.43 6.01 15.03
CA SER A 349 26.81 6.40 16.38
C SER A 349 26.54 5.26 17.37
N LEU A 350 25.54 4.43 17.07
CA LEU A 350 25.26 3.28 17.94
C LEU A 350 26.43 2.28 17.95
N VAL A 351 27.05 2.04 16.80
CA VAL A 351 28.05 0.97 16.69
C VAL A 351 29.49 1.46 16.61
N ILE A 352 29.73 2.78 16.54
CA ILE A 352 31.04 3.27 16.15
C ILE A 352 32.10 3.05 17.23
N ASN A 353 31.71 3.10 18.51
CA ASN A 353 32.71 3.13 19.58
C ASN A 353 33.01 1.76 20.16
N ASN A 354 32.28 0.72 19.77
CA ASN A 354 32.49 -0.63 20.28
C ASN A 354 33.08 -1.57 19.24
N LEU A 355 33.72 -1.03 18.21
CA LEU A 355 34.25 -1.87 17.13
C LEU A 355 35.42 -2.71 17.60
N ASP A 356 35.40 -3.99 17.21
CA ASP A 356 36.56 -4.86 17.39
C ASP A 356 37.53 -4.61 16.23
N GLU A 357 38.79 -5.02 16.44
CA GLU A 357 39.85 -4.71 15.47
C GLU A 357 39.61 -5.40 14.13
N TYR A 358 38.91 -6.53 14.14
CA TYR A 358 38.58 -7.20 12.89
C TYR A 358 37.53 -6.42 12.10
N THR A 359 36.65 -5.70 12.80
CA THR A 359 35.58 -4.96 12.15
C THR A 359 36.11 -3.74 11.40
N ILE A 360 37.20 -3.15 11.89
CA ILE A 360 37.52 -1.74 11.62
C ILE A 360 37.72 -1.48 10.14
N THR A 361 38.40 -2.38 9.44
CA THR A 361 38.54 -2.25 7.99
C THR A 361 37.21 -2.37 7.26
N GLN A 362 36.37 -3.33 7.66
CA GLN A 362 35.10 -3.55 7.00
C GLN A 362 34.14 -2.38 7.23
N VAL A 363 34.01 -1.93 8.48
CA VAL A 363 33.14 -0.82 8.80
C VAL A 363 33.70 0.48 8.22
N TYR A 364 35.03 0.58 8.14
CA TYR A 364 35.67 1.70 7.46
C TYR A 364 35.27 1.78 5.99
N ASP A 365 35.34 0.66 5.27
CA ASP A 365 34.96 0.68 3.86
C ASP A 365 33.46 0.90 3.68
N TYR A 366 32.65 0.37 4.60
CA TYR A 366 31.22 0.65 4.58
C TYR A 366 30.96 2.13 4.83
N LEU A 367 31.74 2.73 5.72
CA LEU A 367 31.63 4.16 5.96
C LEU A 367 32.12 4.97 4.77
N LEU A 368 33.10 4.45 4.03
CA LEU A 368 33.50 5.09 2.79
C LEU A 368 32.36 5.10 1.79
N ASN A 369 31.67 3.95 1.66
CA ASN A 369 30.50 3.85 0.78
C ASN A 369 29.40 4.80 1.20
N LEU A 370 29.16 4.91 2.51
CA LEU A 370 28.09 5.73 3.04
C LEU A 370 28.44 7.21 3.02
N SER A 371 29.73 7.53 3.20
CA SER A 371 30.19 8.91 3.14
C SER A 371 30.14 9.46 1.72
N TRP A 372 30.43 8.61 0.74
CA TRP A 372 30.26 9.06 -0.65
C TRP A 372 28.81 9.35 -0.98
N HIS A 373 27.91 8.45 -0.57
CA HIS A 373 26.51 8.64 -0.91
C HIS A 373 25.86 9.70 -0.02
N TYR A 374 26.30 9.80 1.23
CA TYR A 374 25.76 10.74 2.20
C TYR A 374 26.91 11.53 2.82
N PRO A 375 27.16 12.75 2.38
CA PRO A 375 28.36 13.49 2.80
C PRO A 375 28.33 14.00 4.23
N MET A 376 27.20 13.93 4.93
CA MET A 376 27.17 14.32 6.34
C MET A 376 27.76 13.25 7.24
N LEU A 377 27.98 12.05 6.70
CA LEU A 377 28.57 10.93 7.40
C LEU A 377 30.09 10.94 7.34
N ILE A 378 30.65 11.89 6.60
CA ILE A 378 32.12 12.02 6.53
C ILE A 378 32.78 12.25 7.89
N PRO A 379 32.25 13.06 8.83
CA PRO A 379 32.93 13.23 10.13
C PRO A 379 33.22 11.95 10.91
N TYR A 380 32.38 10.91 10.77
CA TYR A 380 32.65 9.64 11.45
C TYR A 380 33.94 9.00 11.00
N LEU A 381 34.40 9.32 9.78
CA LEU A 381 35.69 8.84 9.30
C LEU A 381 36.86 9.34 10.15
N GLY A 382 36.66 10.38 10.96
CA GLY A 382 37.72 10.80 11.86
C GLY A 382 37.94 9.89 13.05
N VAL A 383 36.99 9.01 13.35
CA VAL A 383 37.18 8.10 14.48
C VAL A 383 38.12 6.96 14.11
N LEU A 384 38.04 6.49 12.86
CA LEU A 384 38.68 5.21 12.52
C LEU A 384 40.07 5.41 11.91
N ILE A 385 40.46 6.65 11.60
CA ILE A 385 41.61 6.88 10.71
C ILE A 385 42.93 6.45 11.35
N GLU A 386 43.04 6.48 12.69
CA GLU A 386 44.27 5.99 13.29
C GLU A 386 44.35 4.48 13.24
N HIS A 387 43.23 3.79 13.48
CA HIS A 387 43.23 2.33 13.52
C HIS A 387 43.36 1.73 12.12
N VAL A 388 43.02 2.47 11.08
CA VAL A 388 43.15 1.99 9.71
C VAL A 388 44.53 2.39 9.19
N TYR A 389 45.24 1.42 8.61
CA TYR A 389 46.55 1.67 8.02
C TYR A 389 46.33 2.31 6.65
N LEU A 390 46.56 3.63 6.58
CA LEU A 390 46.11 4.41 5.42
C LEU A 390 47.06 4.29 4.23
N ASP A 391 48.29 3.84 4.44
CA ASP A 391 49.25 3.77 3.35
C ASP A 391 48.82 2.76 2.29
N ASP A 392 48.60 1.50 2.71
CA ASP A 392 48.01 0.42 1.93
C ASP A 392 48.57 0.28 0.52
N GLY A 393 47.67 0.31 -0.47
CA GLY A 393 48.05 0.35 -1.87
C GLY A 393 47.43 1.53 -2.57
N ASP A 394 47.39 2.68 -1.88
CA ASP A 394 46.80 3.93 -2.34
C ASP A 394 45.30 3.82 -2.62
N GLU A 395 44.62 2.87 -1.98
CA GLU A 395 43.17 2.75 -2.14
C GLU A 395 42.43 3.89 -1.45
N TYR A 396 42.81 4.18 -0.20
CA TYR A 396 42.18 5.27 0.54
C TYR A 396 42.56 6.62 -0.06
N LYS A 397 43.74 6.68 -0.68
CA LYS A 397 44.18 7.88 -1.40
C LYS A 397 43.21 8.22 -2.52
N ASN A 398 42.83 7.25 -3.34
CA ASN A 398 41.84 7.51 -4.36
C ASN A 398 40.43 7.68 -3.79
N LYS A 399 40.13 7.03 -2.66
CA LYS A 399 38.82 7.17 -2.04
C LYS A 399 38.55 8.59 -1.57
N PHE A 400 39.49 9.18 -0.85
CA PHE A 400 39.26 10.51 -0.31
C PHE A 400 39.22 11.56 -1.41
N ASN A 401 40.00 11.36 -2.48
CA ASN A 401 39.91 12.27 -3.62
C ASN A 401 38.61 12.11 -4.40
N GLU A 402 38.06 10.89 -4.47
CA GLU A 402 36.80 10.73 -5.20
C GLU A 402 35.68 11.37 -4.37
N ILE A 403 35.77 11.24 -3.04
CA ILE A 403 34.86 11.96 -2.15
C ILE A 403 35.01 13.47 -2.30
N LEU A 404 36.26 13.95 -2.39
CA LEU A 404 36.51 15.38 -2.55
C LEU A 404 35.90 15.89 -3.85
N SER A 405 36.02 15.11 -4.93
CA SER A 405 35.39 15.47 -6.20
C SER A 405 33.87 15.51 -6.08
N MET A 406 33.30 14.55 -5.34
CA MET A 406 31.86 14.52 -5.15
C MET A 406 31.38 15.73 -4.35
N CYS A 407 32.13 16.10 -3.30
CA CYS A 407 31.76 17.26 -2.49
C CYS A 407 31.92 18.55 -3.28
N ALA A 408 32.91 18.61 -4.17
CA ALA A 408 33.02 19.73 -5.09
C ALA A 408 31.85 19.77 -6.05
N GLU A 409 31.41 18.61 -6.52
CA GLU A 409 30.32 18.55 -7.49
C GLU A 409 29.00 18.95 -6.85
N ASN A 410 28.71 18.40 -5.68
CA ASN A 410 27.43 18.60 -5.02
C ASN A 410 27.35 19.92 -4.24
N LYS A 411 28.45 20.67 -4.18
CA LYS A 411 28.56 21.92 -3.41
C LYS A 411 28.20 21.71 -1.94
N CYS A 412 28.92 20.80 -1.30
CA CYS A 412 28.73 20.47 0.10
C CYS A 412 29.99 20.90 0.84
N SER A 413 29.82 21.82 1.80
CA SER A 413 30.98 22.43 2.45
C SER A 413 31.48 21.59 3.61
N ASP A 414 30.58 20.99 4.39
CA ASP A 414 31.03 20.24 5.56
C ASP A 414 31.75 18.97 5.15
N GLY A 415 31.28 18.28 4.11
CA GLY A 415 32.00 17.13 3.61
C GLY A 415 33.34 17.48 3.02
N MET A 416 33.41 18.58 2.26
CA MET A 416 34.68 19.07 1.73
C MET A 416 35.66 19.39 2.85
N ALA A 417 35.21 20.13 3.86
CA ALA A 417 36.10 20.55 4.93
C ALA A 417 36.57 19.37 5.77
N TRP A 418 35.67 18.41 6.06
CA TRP A 418 36.06 17.25 6.83
C TRP A 418 37.01 16.35 6.05
N THR A 419 36.76 16.16 4.75
CA THR A 419 37.64 15.35 3.92
C THR A 419 39.02 16.00 3.78
N LEU A 420 39.06 17.33 3.65
CA LEU A 420 40.34 18.02 3.60
C LEU A 420 41.07 17.97 4.94
N TYR A 421 40.32 18.04 6.05
CA TYR A 421 40.95 17.87 7.37
C TYR A 421 41.56 16.49 7.50
N PHE A 422 40.89 15.46 6.97
CA PHE A 422 41.47 14.13 6.96
C PHE A 422 42.69 14.06 6.06
N CYS A 423 42.65 14.74 4.92
CA CYS A 423 43.76 14.69 3.96
C CYS A 423 45.02 15.36 4.50
N ILE A 424 44.89 16.55 5.08
CA ILE A 424 46.07 17.20 5.67
C ILE A 424 46.51 16.51 6.96
N LYS A 425 45.57 16.11 7.83
CA LYS A 425 45.96 15.52 9.11
C LYS A 425 46.62 14.15 8.93
N ASN A 426 46.17 13.35 7.97
CA ASN A 426 46.75 12.04 7.74
C ASN A 426 47.84 12.06 6.67
N ASN A 427 48.16 13.25 6.13
CA ASN A 427 49.22 13.47 5.14
C ASN A 427 48.98 12.73 3.83
N ILE A 428 47.73 12.38 3.53
CA ILE A 428 47.43 11.68 2.29
C ILE A 428 47.40 12.71 1.15
N ASP A 429 48.05 12.37 0.04
CA ASP A 429 48.17 13.29 -1.08
C ASP A 429 46.81 13.53 -1.74
N ILE A 430 46.67 14.67 -2.41
CA ILE A 430 45.43 15.08 -3.03
C ILE A 430 45.70 15.54 -4.46
N ASP A 431 44.89 15.05 -5.40
CA ASP A 431 45.15 15.21 -6.82
C ASP A 431 44.94 16.65 -7.27
N ASP A 432 45.56 16.98 -8.41
CA ASP A 432 45.44 18.32 -8.97
C ASP A 432 44.06 18.59 -9.55
N ASP A 433 43.46 17.60 -10.23
CA ASP A 433 42.19 17.83 -10.91
C ASP A 433 41.03 17.99 -9.93
N VAL A 434 41.11 17.37 -8.76
CA VAL A 434 40.06 17.59 -7.75
C VAL A 434 40.25 18.97 -7.12
N ILE A 435 41.49 19.45 -7.05
CA ILE A 435 41.77 20.79 -6.55
C ILE A 435 41.30 21.84 -7.53
N GLU A 436 41.28 21.50 -8.83
CA GLU A 436 40.71 22.39 -9.84
C GLU A 436 39.25 22.71 -9.54
N LYS A 437 38.53 21.78 -8.92
CA LYS A 437 37.16 22.05 -8.50
C LYS A 437 37.04 22.48 -7.04
N ILE A 438 38.04 22.19 -6.20
CA ILE A 438 38.04 22.77 -4.85
C ILE A 438 38.22 24.28 -4.92
N ILE A 439 39.14 24.73 -5.79
CA ILE A 439 39.35 26.16 -6.02
C ILE A 439 38.17 26.80 -6.73
N CYS A 440 37.48 26.05 -7.59
CA CYS A 440 36.37 26.57 -8.36
C CYS A 440 35.06 26.58 -7.60
N PHE A 441 34.89 25.69 -6.61
CA PHE A 441 33.71 25.72 -5.75
C PHE A 441 33.67 27.03 -4.95
N GLY A 442 34.81 27.46 -4.43
CA GLY A 442 34.88 28.72 -3.75
C GLY A 442 34.33 28.72 -2.34
N ASP A 443 34.29 27.56 -1.69
CA ASP A 443 34.01 27.54 -0.26
C ASP A 443 35.18 28.13 0.50
N CYS A 444 34.90 29.02 1.44
CA CYS A 444 35.98 29.71 2.13
C CYS A 444 36.78 28.77 3.02
N LEU A 445 36.09 27.95 3.83
CA LEU A 445 36.77 27.09 4.79
C LEU A 445 37.61 26.02 4.09
N SER A 446 37.20 25.59 2.90
CA SER A 446 38.02 24.68 2.10
C SER A 446 39.32 25.37 1.68
N LEU A 447 39.20 26.63 1.26
CA LEU A 447 40.37 27.38 0.82
C LEU A 447 41.28 27.73 1.98
N CYS A 448 40.76 27.85 3.21
CA CYS A 448 41.65 28.00 4.35
C CYS A 448 42.42 26.72 4.66
N LEU A 449 41.85 25.55 4.40
CA LEU A 449 42.61 24.31 4.56
C LEU A 449 43.70 24.19 3.50
N LEU A 450 43.35 24.50 2.25
CA LEU A 450 44.36 24.54 1.18
C LEU A 450 45.40 25.62 1.46
N ASP A 451 44.98 26.71 2.11
CA ASP A 451 45.89 27.78 2.50
C ASP A 451 46.85 27.33 3.59
N SER A 452 46.37 26.55 4.55
CA SER A 452 47.23 26.08 5.64
C SER A 452 48.18 24.99 5.16
N SER A 453 47.84 24.31 4.06
CA SER A 453 48.76 23.30 3.54
C SER A 453 50.06 23.92 3.03
N ASP A 454 49.97 25.09 2.38
CA ASP A 454 51.04 25.91 1.78
C ASP A 454 51.65 25.34 0.51
N ILE A 455 51.24 24.15 0.05
CA ILE A 455 51.70 23.66 -1.24
C ILE A 455 51.04 24.43 -2.39
N TYR A 456 49.76 24.77 -2.25
CA TYR A 456 48.96 25.35 -3.31
C TYR A 456 48.81 26.86 -3.13
N GLU A 457 49.90 27.50 -2.74
CA GLU A 457 50.00 28.93 -2.47
C GLU A 457 49.62 29.78 -3.67
N GLU A 458 49.88 29.28 -4.88
CA GLU A 458 49.69 30.07 -6.09
C GLU A 458 48.29 29.97 -6.68
N LYS A 459 47.58 28.86 -6.48
CA LYS A 459 46.17 28.81 -6.88
C LYS A 459 45.31 29.57 -5.88
N ILE A 460 45.73 29.60 -4.61
CA ILE A 460 45.07 30.43 -3.61
C ILE A 460 45.25 31.90 -3.94
N ASN A 461 46.46 32.26 -4.40
CA ASN A 461 46.78 33.66 -4.71
C ASN A 461 45.94 34.16 -5.90
N ASN A 462 45.70 33.30 -6.89
CA ASN A 462 44.85 33.68 -8.01
C ASN A 462 43.42 33.96 -7.55
N PHE A 463 42.89 33.14 -6.64
CA PHE A 463 41.53 33.33 -6.15
C PHE A 463 41.41 34.62 -5.34
N VAL A 464 42.36 34.87 -4.43
CA VAL A 464 42.25 36.07 -3.61
C VAL A 464 42.51 37.32 -4.44
N SER A 465 43.35 37.21 -5.48
CA SER A 465 43.57 38.34 -6.38
C SER A 465 42.32 38.61 -7.22
N ASP A 466 41.61 37.56 -7.63
CA ASP A 466 40.33 37.76 -8.32
C ASP A 466 39.30 38.41 -7.40
N ILE A 467 39.35 38.08 -6.11
CA ILE A 467 38.44 38.71 -5.14
C ILE A 467 38.79 40.19 -4.97
N ILE A 468 40.08 40.50 -4.81
CA ILE A 468 40.49 41.88 -4.57
C ILE A 468 40.28 42.76 -5.81
N LYS A 469 40.52 42.19 -7.00
CA LYS A 469 40.35 42.96 -8.24
C LYS A 469 38.90 43.33 -8.48
N LEU A 470 37.97 42.57 -7.89
CA LEU A 470 36.54 42.90 -7.99
C LEU A 470 36.23 44.23 -7.33
N ASP A 471 36.97 44.58 -6.27
CA ASP A 471 36.74 45.76 -5.44
C ASP A 471 35.33 45.78 -4.86
N TYR A 472 34.83 44.58 -4.52
CA TYR A 472 33.55 44.42 -3.85
C TYR A 472 33.86 43.96 -2.43
N GLU A 473 33.50 44.80 -1.46
CA GLU A 473 33.82 44.49 -0.06
C GLU A 473 33.05 43.28 0.45
N TYR A 474 31.90 42.97 -0.15
CA TYR A 474 31.11 41.83 0.32
C TYR A 474 31.78 40.51 -0.02
N ASP A 475 32.50 40.42 -1.14
CA ASP A 475 33.26 39.21 -1.44
C ASP A 475 34.46 39.06 -0.51
N ILE A 476 35.12 40.17 -0.17
CA ILE A 476 36.19 40.12 0.82
C ILE A 476 35.65 39.71 2.17
N ASP A 477 34.43 40.13 2.51
CA ASP A 477 33.82 39.68 3.75
C ASP A 477 33.37 38.23 3.66
N ARG A 478 33.04 37.75 2.46
CA ARG A 478 32.71 36.34 2.28
C ARG A 478 33.94 35.45 2.43
N TYR A 479 35.13 35.98 2.17
CA TYR A 479 36.36 35.22 2.34
C TYR A 479 37.28 35.85 3.39
N TRP A 480 36.69 36.54 4.38
CA TRP A 480 37.46 37.16 5.45
C TRP A 480 38.30 36.16 6.22
N LEU A 481 37.82 34.93 6.39
CA LEU A 481 38.60 33.95 7.13
C LEU A 481 39.86 33.56 6.37
N LEU A 482 39.74 33.33 5.06
CA LEU A 482 40.91 33.06 4.23
C LEU A 482 41.86 34.25 4.21
N PHE A 483 41.33 35.46 4.05
CA PHE A 483 42.15 36.66 4.00
C PHE A 483 42.87 36.89 5.31
N TYR A 484 42.17 36.70 6.44
CA TYR A 484 42.80 36.87 7.74
C TYR A 484 43.84 35.79 8.01
N GLN A 485 43.59 34.56 7.57
CA GLN A 485 44.57 33.50 7.79
C GLN A 485 45.84 33.77 7.00
N ARG A 486 45.71 34.24 5.76
CA ARG A 486 46.89 34.62 4.99
C ARG A 486 47.61 35.82 5.60
N PHE A 487 46.85 36.81 6.08
CA PHE A 487 47.46 37.99 6.68
C PHE A 487 48.18 37.65 7.98
N PHE A 488 47.58 36.78 8.80
CA PHE A 488 48.19 36.38 10.07
C PHE A 488 49.39 35.47 9.82
N LYS A 489 49.39 34.71 8.73
CA LYS A 489 50.55 33.91 8.37
C LYS A 489 51.56 34.67 7.53
N ASP A 490 51.41 36.00 7.42
CA ASP A 490 52.31 36.92 6.71
C ASP A 490 52.43 36.61 5.23
N LYS A 491 51.52 35.82 4.67
CA LYS A 491 51.57 35.48 3.25
C LYS A 491 50.90 36.52 2.39
N ALA A 492 50.16 37.45 2.99
CA ALA A 492 49.42 38.48 2.28
C ALA A 492 49.22 39.66 3.21
N PRO A 493 48.92 40.87 2.71
CA PRO A 493 48.52 41.95 3.62
C PRO A 493 47.02 41.96 3.84
N SER A 494 46.55 42.78 4.79
CA SER A 494 45.13 42.90 5.01
C SER A 494 44.46 43.58 3.82
N PRO A 495 43.27 43.11 3.43
CA PRO A 495 42.49 43.81 2.40
C PRO A 495 41.55 44.88 2.95
N TYR A 496 41.70 45.25 4.21
CA TYR A 496 40.84 46.22 4.88
C TYR A 496 41.66 47.42 5.33
N ASN A 497 41.06 48.60 5.25
CA ASN A 497 41.70 49.82 5.71
C ASN A 497 41.49 50.08 7.20
N ASP A 498 40.68 49.26 7.87
CA ASP A 498 40.52 49.37 9.31
C ASP A 498 41.59 48.55 10.03
N LYS A 499 41.66 48.73 11.35
CA LYS A 499 42.69 48.10 12.16
C LYS A 499 42.26 46.75 12.73
N CYS A 500 41.08 46.25 12.38
CA CYS A 500 40.51 45.06 13.03
C CYS A 500 41.41 43.84 12.85
N PHE A 501 41.86 43.61 11.62
CA PHE A 501 42.79 42.50 11.35
C PHE A 501 44.11 42.71 12.10
N ASP A 502 44.54 43.95 12.22
CA ASP A 502 45.81 44.25 12.88
C ASP A 502 45.72 44.02 14.39
N ILE A 503 44.62 44.43 15.02
CA ILE A 503 44.44 44.14 16.45
C ILE A 503 44.28 42.64 16.68
N MET A 504 43.65 41.93 15.74
CA MET A 504 43.58 40.47 15.84
C MET A 504 44.97 39.84 15.79
N LYS A 505 45.78 40.22 14.80
CA LYS A 505 47.07 39.57 14.60
C LYS A 505 48.06 39.95 15.68
N GLY A 506 48.03 41.19 16.16
CA GLY A 506 48.95 41.62 17.20
C GLY A 506 48.76 40.88 18.51
N TYR A 507 47.52 40.49 18.81
CA TYR A 507 47.25 39.71 20.01
C TYR A 507 47.28 38.21 19.76
N GLY A 508 47.54 37.77 18.53
CA GLY A 508 47.72 36.36 18.26
C GLY A 508 46.48 35.59 17.92
N VAL A 509 45.44 36.24 17.39
CA VAL A 509 44.21 35.54 17.05
C VAL A 509 44.47 34.66 15.84
N ASP A 510 44.31 33.35 16.01
CA ASP A 510 44.43 32.38 14.93
C ASP A 510 43.16 31.54 14.91
N PHE A 511 42.50 31.49 13.76
CA PHE A 511 41.29 30.70 13.59
C PHE A 511 41.58 29.30 13.07
N MET A 512 42.84 28.95 12.88
CA MET A 512 43.26 27.58 12.59
C MET A 512 44.40 27.23 13.55
N PRO A 513 44.10 27.09 14.84
CA PRO A 513 45.17 26.94 15.83
C PRO A 513 45.54 25.49 16.09
N ASP A 514 46.77 25.30 16.57
CA ASP A 514 47.24 24.01 17.03
C ASP A 514 47.02 23.88 18.54
N GLU A 515 47.62 22.86 19.15
CA GLU A 515 47.51 22.68 20.59
C GLU A 515 48.77 23.16 21.30
N ASP B 14 -58.60 8.08 6.90
CA ASP B 14 -57.94 8.45 8.14
C ASP B 14 -56.50 7.95 8.18
N GLU B 15 -55.73 8.45 9.14
CA GLU B 15 -54.37 7.98 9.35
C GLU B 15 -54.31 6.79 10.27
N LYS B 16 -55.24 6.68 11.23
CA LYS B 16 -55.39 5.48 12.03
C LYS B 16 -55.73 4.28 11.15
N ARG B 17 -56.66 4.48 10.20
CA ARG B 17 -57.04 3.39 9.30
C ARG B 17 -55.91 3.04 8.34
N HIS B 18 -55.16 4.04 7.86
CA HIS B 18 -54.04 3.76 6.97
C HIS B 18 -52.97 2.96 7.69
N LEU B 19 -52.70 3.30 8.96
CA LEU B 19 -51.78 2.51 9.76
C LEU B 19 -52.30 1.09 9.97
N TYR B 20 -53.61 0.95 10.18
CA TYR B 20 -54.19 -0.36 10.43
C TYR B 20 -54.08 -1.24 9.20
N GLU B 21 -54.31 -0.66 8.01
CA GLU B 21 -54.03 -1.37 6.76
C GLU B 21 -52.55 -1.70 6.61
N ALA B 22 -51.69 -0.75 6.93
CA ALA B 22 -50.26 -0.93 6.68
C ALA B 22 -49.65 -2.02 7.55
N LEU B 23 -50.14 -2.17 8.78
CA LEU B 23 -49.56 -3.15 9.70
C LEU B 23 -49.81 -4.56 9.23
N LEU B 24 -50.94 -4.80 8.54
CA LEU B 24 -51.35 -6.14 8.14
C LEU B 24 -51.35 -6.37 6.65
N ARG B 25 -51.91 -5.45 5.86
CA ARG B 25 -52.04 -5.69 4.42
C ARG B 25 -50.70 -5.53 3.71
N HIS B 26 -49.84 -4.62 4.19
CA HIS B 26 -48.65 -4.25 3.43
C HIS B 26 -47.36 -4.55 4.17
N ASN B 27 -47.22 -4.16 5.44
CA ASN B 27 -45.96 -4.31 6.15
C ASN B 27 -45.98 -5.42 7.20
N TYR B 28 -46.92 -6.36 7.12
CA TYR B 28 -46.82 -7.57 7.92
C TYR B 28 -45.60 -8.38 7.49
N PHE B 29 -45.57 -8.78 6.22
CA PHE B 29 -44.42 -9.49 5.70
C PHE B 29 -43.26 -8.51 5.60
N PRO B 30 -42.01 -9.02 5.60
CA PRO B 30 -40.88 -8.10 5.43
C PRO B 30 -40.90 -7.44 4.06
N ASN B 31 -41.21 -6.14 4.07
CA ASN B 31 -41.50 -5.35 2.88
C ASN B 31 -40.92 -3.95 3.01
N GLN B 32 -39.85 -3.80 3.79
CA GLN B 32 -39.33 -2.46 4.06
C GLN B 32 -38.54 -1.92 2.87
N LYS B 33 -37.80 -2.78 2.18
CA LYS B 33 -37.04 -2.34 1.02
C LYS B 33 -37.98 -2.00 -0.14
N GLY B 34 -37.79 -0.82 -0.72
CA GLY B 34 -38.70 -0.27 -1.70
C GLY B 34 -38.31 -0.44 -3.15
N SER B 35 -37.12 -0.92 -3.45
CA SER B 35 -36.71 -1.09 -4.84
C SER B 35 -37.04 -2.50 -5.31
N ILE B 36 -36.43 -3.49 -4.70
CA ILE B 36 -36.79 -4.89 -4.88
C ILE B 36 -37.10 -5.48 -3.52
N SER B 37 -38.17 -6.27 -3.45
CA SER B 37 -38.56 -6.84 -2.17
C SER B 37 -37.60 -7.98 -1.79
N GLU B 38 -37.52 -8.23 -0.49
CA GLU B 38 -36.76 -9.37 0.00
C GLU B 38 -37.52 -10.67 -0.13
N ILE B 39 -38.84 -10.60 -0.31
CA ILE B 39 -39.72 -11.75 -0.44
C ILE B 39 -40.31 -11.70 -1.84
N PRO B 40 -40.41 -12.82 -2.55
CA PRO B 40 -40.96 -12.82 -3.91
C PRO B 40 -42.42 -12.39 -3.92
N PRO B 41 -42.91 -11.86 -5.04
CA PRO B 41 -44.28 -11.31 -5.06
C PRO B 41 -45.38 -12.35 -4.95
N CYS B 42 -45.05 -13.64 -4.96
CA CYS B 42 -46.08 -14.67 -4.74
C CYS B 42 -46.66 -14.55 -3.33
N PHE B 43 -45.80 -14.29 -2.34
CA PHE B 43 -46.23 -14.11 -0.97
C PHE B 43 -46.71 -12.68 -0.78
N SER B 44 -47.99 -12.50 -0.49
CA SER B 44 -48.55 -11.19 -0.25
C SER B 44 -49.45 -11.24 0.98
N SER B 45 -49.32 -10.23 1.83
CA SER B 45 -50.05 -10.20 3.09
C SER B 45 -51.37 -9.44 3.02
N ARG B 46 -51.71 -8.85 1.88
CA ARG B 46 -53.04 -8.29 1.73
C ARG B 46 -54.06 -9.41 1.61
N THR B 47 -55.33 -9.08 1.91
CA THR B 47 -56.54 -9.86 2.21
C THR B 47 -56.53 -10.28 3.69
N PHE B 48 -55.44 -9.97 4.39
CA PHE B 48 -55.40 -10.09 5.85
C PHE B 48 -55.82 -8.74 6.44
N THR B 49 -57.12 -8.47 6.33
CA THR B 49 -57.69 -7.17 6.61
C THR B 49 -57.75 -6.90 8.11
N PRO B 50 -57.89 -5.64 8.54
CA PRO B 50 -57.98 -5.37 9.98
C PRO B 50 -59.18 -5.99 10.68
N GLU B 51 -60.29 -6.22 9.97
CA GLU B 51 -61.45 -6.86 10.61
C GLU B 51 -61.15 -8.31 10.96
N ILE B 52 -60.39 -9.01 10.11
CA ILE B 52 -59.95 -10.36 10.44
C ILE B 52 -59.00 -10.33 11.64
N ALA B 53 -58.16 -9.30 11.74
CA ALA B 53 -57.31 -9.14 12.91
C ALA B 53 -58.12 -8.90 14.19
N GLU B 54 -59.19 -8.11 14.11
CA GLU B 54 -60.08 -7.93 15.26
C GLU B 54 -60.76 -9.23 15.65
N LEU B 55 -61.19 -10.02 14.66
CA LEU B 55 -61.85 -11.30 14.96
C LEU B 55 -60.87 -12.30 15.56
N ILE B 56 -59.62 -12.28 15.10
CA ILE B 56 -58.59 -13.13 15.71
C ILE B 56 -58.30 -12.70 17.14
N SER B 57 -58.20 -11.39 17.37
CA SER B 57 -57.95 -10.90 18.72
C SER B 57 -59.10 -11.20 19.67
N SER B 58 -60.34 -11.16 19.17
CA SER B 58 -61.49 -11.44 20.02
C SER B 58 -61.56 -12.92 20.40
N ASP B 59 -61.07 -13.80 19.53
CA ASP B 59 -61.13 -15.24 19.79
C ASP B 59 -60.24 -15.63 20.97
N THR B 60 -60.81 -16.43 21.88
CA THR B 60 -60.12 -16.82 23.11
C THR B 60 -60.01 -18.33 23.28
N SER B 61 -60.32 -19.10 22.24
CA SER B 61 -60.36 -20.56 22.38
C SER B 61 -58.96 -21.15 22.32
N GLY B 62 -58.88 -22.43 22.66
CA GLY B 62 -57.66 -23.18 22.56
C GLY B 62 -56.76 -23.03 23.77
N ARG B 63 -55.85 -23.99 23.92
CA ARG B 63 -54.86 -23.98 24.99
C ARG B 63 -53.48 -24.20 24.39
N ARG B 64 -52.51 -23.42 24.84
CA ARG B 64 -51.14 -23.51 24.37
C ARG B 64 -50.22 -23.88 25.52
N SER B 65 -49.39 -24.90 25.31
CA SER B 65 -48.47 -25.35 26.34
C SER B 65 -47.19 -24.53 26.39
N LEU B 66 -46.94 -23.69 25.39
CA LEU B 66 -45.74 -22.89 25.31
C LEU B 66 -46.12 -21.41 25.36
N GLN B 67 -45.34 -20.62 26.10
CA GLN B 67 -45.60 -19.20 26.26
C GLN B 67 -45.12 -18.46 25.02
N GLY B 68 -46.01 -17.69 24.41
CA GLY B 68 -45.67 -16.92 23.23
C GLY B 68 -45.80 -17.73 21.96
N TYR B 69 -45.33 -17.13 20.87
CA TYR B 69 -45.40 -17.74 19.56
C TYR B 69 -44.05 -17.56 18.87
N ASP B 70 -43.70 -18.51 18.01
CA ASP B 70 -42.50 -18.40 17.20
C ASP B 70 -42.87 -17.78 15.85
N CYS B 71 -41.86 -17.60 15.00
CA CYS B 71 -42.01 -16.87 13.76
C CYS B 71 -41.50 -17.70 12.60
N VAL B 72 -42.10 -17.48 11.43
CA VAL B 72 -41.56 -18.05 10.20
C VAL B 72 -40.26 -17.32 9.88
N GLU B 73 -39.17 -18.07 9.75
CA GLU B 73 -37.86 -17.45 9.65
C GLU B 73 -37.45 -17.31 8.19
N TYR B 74 -36.61 -16.33 7.91
CA TYR B 74 -36.26 -16.00 6.53
C TYR B 74 -34.88 -15.36 6.51
N TYR B 75 -33.87 -16.11 6.12
CA TYR B 75 -32.50 -15.61 6.11
C TYR B 75 -32.23 -14.93 4.78
N ALA B 76 -32.29 -13.60 4.76
CA ALA B 76 -32.04 -12.82 3.57
C ALA B 76 -30.56 -12.50 3.46
N THR B 77 -30.07 -12.40 2.23
CA THR B 77 -28.64 -12.23 1.96
C THR B 77 -28.31 -10.75 1.81
N ARG B 78 -27.31 -10.28 2.55
CA ARG B 78 -26.84 -8.91 2.42
C ARG B 78 -25.75 -8.80 1.36
N TYR B 79 -25.14 -7.62 1.28
CA TYR B 79 -24.15 -7.35 0.24
C TYR B 79 -22.88 -8.17 0.42
N ASN B 80 -22.56 -8.55 1.66
CA ASN B 80 -21.39 -9.37 1.94
C ASN B 80 -21.73 -10.85 2.06
N ASN B 81 -22.92 -11.25 1.57
CA ASN B 81 -23.50 -12.60 1.60
C ASN B 81 -23.88 -13.02 3.01
N PHE B 82 -23.98 -12.07 3.95
CA PHE B 82 -24.30 -12.42 5.32
C PHE B 82 -25.81 -12.58 5.47
N PRO B 83 -26.26 -13.54 6.28
CA PRO B 83 -27.71 -13.67 6.52
C PRO B 83 -28.23 -12.67 7.55
N ARG B 84 -29.45 -12.20 7.30
CA ARG B 84 -30.22 -11.41 8.23
C ARG B 84 -31.56 -12.10 8.38
N THR B 85 -31.92 -12.42 9.61
CA THR B 85 -33.06 -13.30 9.87
C THR B 85 -34.30 -12.44 10.01
N LEU B 86 -34.97 -12.21 8.88
CA LEU B 86 -36.30 -11.61 8.87
C LEU B 86 -37.29 -12.62 9.41
N SER B 87 -38.38 -12.12 9.99
CA SER B 87 -39.37 -12.98 10.62
C SER B 87 -40.77 -12.58 10.20
N ILE B 88 -41.61 -13.58 10.00
CA ILE B 88 -43.04 -13.40 9.79
C ILE B 88 -43.70 -13.85 11.08
N ILE B 89 -44.29 -12.90 11.81
CA ILE B 89 -44.87 -13.17 13.11
C ILE B 89 -46.08 -14.07 12.96
N HIS B 90 -46.27 -14.96 13.94
CA HIS B 90 -47.47 -15.79 13.96
C HIS B 90 -48.70 -14.88 14.10
N PRO B 91 -49.70 -15.04 13.23
CA PRO B 91 -50.74 -14.01 13.11
C PRO B 91 -51.70 -13.92 14.27
N LYS B 92 -51.81 -14.95 15.11
CA LYS B 92 -52.59 -14.77 16.32
C LYS B 92 -51.86 -13.86 17.30
N ALA B 93 -50.52 -13.96 17.35
CA ALA B 93 -49.72 -13.03 18.13
C ALA B 93 -49.53 -11.70 17.42
N TYR B 94 -49.75 -11.65 16.10
CA TYR B 94 -49.57 -10.41 15.35
C TYR B 94 -50.82 -9.57 15.29
N SER B 95 -52.00 -10.20 15.22
CA SER B 95 -53.25 -9.45 15.17
C SER B 95 -53.46 -8.64 16.44
N LYS B 96 -53.16 -9.23 17.59
CA LYS B 96 -53.26 -8.52 18.86
C LYS B 96 -52.27 -7.35 18.93
N LEU B 97 -51.04 -7.56 18.45
CA LEU B 97 -50.03 -6.51 18.44
C LEU B 97 -50.43 -5.35 17.52
N ALA B 98 -50.88 -5.67 16.32
CA ALA B 98 -51.27 -4.63 15.36
C ALA B 98 -52.53 -3.90 15.83
N LYS B 99 -53.49 -4.62 16.40
CA LYS B 99 -54.70 -4.00 16.92
C LYS B 99 -54.38 -3.10 18.10
N HIS B 100 -53.45 -3.52 18.96
CA HIS B 100 -53.04 -2.71 20.09
C HIS B 100 -52.36 -1.43 19.62
N ILE B 101 -51.49 -1.54 18.62
CA ILE B 101 -50.82 -0.35 18.09
C ILE B 101 -51.83 0.57 17.42
N HIS B 102 -52.85 0.00 16.77
CA HIS B 102 -53.89 0.81 16.14
C HIS B 102 -54.73 1.57 17.18
N ASP B 103 -55.18 0.88 18.23
CA ASP B 103 -56.06 1.50 19.20
C ASP B 103 -55.37 2.62 19.98
N ASN B 104 -54.04 2.52 20.11
CA ASN B 104 -53.24 3.43 20.90
C ASN B 104 -52.51 4.45 20.05
N TRP B 105 -52.96 4.66 18.81
CA TRP B 105 -52.16 5.38 17.81
C TRP B 105 -52.01 6.86 18.16
N GLU B 106 -52.99 7.44 18.83
CA GLU B 106 -52.86 8.83 19.25
C GLU B 106 -51.80 9.01 20.34
N GLU B 107 -51.48 7.95 21.07
CA GLU B 107 -50.36 7.99 22.01
C GLU B 107 -49.06 7.43 21.43
N ILE B 108 -49.10 6.87 20.22
CA ILE B 108 -47.88 6.36 19.58
C ILE B 108 -47.33 7.33 18.54
N ARG B 109 -48.19 8.15 17.92
CA ARG B 109 -47.81 8.99 16.78
C ARG B 109 -46.82 10.10 17.11
N PHE B 110 -46.31 10.17 18.35
CA PHE B 110 -45.19 11.06 18.63
C PHE B 110 -43.92 10.63 17.93
N ILE B 111 -43.84 9.37 17.48
CA ILE B 111 -42.69 8.92 16.70
C ILE B 111 -42.74 9.50 15.29
N LYS B 112 -43.94 9.84 14.80
CA LYS B 112 -44.06 10.48 13.50
C LYS B 112 -43.62 11.94 13.53
N GLU B 113 -43.72 12.59 14.68
CA GLU B 113 -43.32 13.99 14.81
C GLU B 113 -41.83 14.16 15.06
N ASN B 114 -41.10 13.07 15.27
CA ASN B 114 -39.65 13.13 15.40
C ASN B 114 -39.05 13.55 14.05
N GLU B 115 -38.02 14.40 14.13
CA GLU B 115 -37.38 14.94 12.94
C GLU B 115 -35.99 14.37 12.69
N ASN B 116 -35.43 13.62 13.64
CA ASN B 116 -34.13 13.00 13.45
C ASN B 116 -34.21 11.56 12.95
N SER B 117 -35.42 10.98 12.89
CA SER B 117 -35.62 9.63 12.39
C SER B 117 -36.03 9.73 10.93
N MET B 118 -35.15 9.29 10.04
CA MET B 118 -35.42 9.45 8.61
C MET B 118 -36.41 8.43 8.10
N ILE B 119 -36.27 7.18 8.54
CA ILE B 119 -37.24 6.13 8.22
C ILE B 119 -38.07 5.86 9.46
N LYS B 120 -39.36 6.15 9.33
CA LYS B 120 -40.31 6.12 10.43
C LYS B 120 -41.69 5.89 9.81
N PRO B 121 -42.72 5.64 10.63
CA PRO B 121 -44.07 5.57 10.07
C PRO B 121 -44.46 6.85 9.35
N ASP B 122 -45.07 6.67 8.18
CA ASP B 122 -45.43 7.76 7.28
C ASP B 122 -46.48 7.26 6.32
N MET B 123 -47.40 8.15 5.93
CA MET B 123 -48.48 7.74 5.04
C MET B 123 -47.98 7.61 3.60
N HIS B 124 -47.43 6.45 3.26
CA HIS B 124 -46.99 6.20 1.89
C HIS B 124 -48.17 5.87 1.01
N ALA B 125 -48.02 6.16 -0.29
CA ALA B 125 -49.13 6.04 -1.22
C ALA B 125 -49.47 4.59 -1.52
N ASP B 126 -48.46 3.71 -1.57
CA ASP B 126 -48.70 2.32 -1.93
C ASP B 126 -49.50 1.59 -0.85
N GLY B 127 -49.36 2.02 0.40
CA GLY B 127 -50.10 1.43 1.49
C GLY B 127 -49.23 1.13 2.69
N ARG B 128 -47.92 1.25 2.52
CA ARG B 128 -46.96 0.96 3.56
C ARG B 128 -46.81 2.14 4.51
N ILE B 129 -46.19 1.89 5.67
CA ILE B 129 -45.72 2.97 6.52
C ILE B 129 -44.21 2.97 6.73
N ILE B 130 -43.53 1.86 6.49
CA ILE B 130 -42.08 1.78 6.64
C ILE B 130 -41.49 1.37 5.30
N ILE B 131 -40.78 2.30 4.66
CA ILE B 131 -40.03 2.04 3.43
C ILE B 131 -38.65 2.66 3.60
N MET B 132 -37.63 1.82 3.74
CA MET B 132 -36.29 2.39 3.80
C MET B 132 -35.82 2.74 2.40
N ASN B 133 -34.95 3.75 2.31
CA ASN B 133 -34.39 4.28 1.07
C ASN B 133 -35.51 4.68 0.10
N TYR B 134 -36.37 5.57 0.60
CA TYR B 134 -37.57 5.97 -0.13
C TYR B 134 -37.53 7.41 -0.63
N GLU B 135 -36.91 8.32 0.10
CA GLU B 135 -36.92 9.72 -0.28
C GLU B 135 -36.04 9.97 -1.49
N ASP B 136 -36.38 11.00 -2.25
CA ASP B 136 -35.70 11.28 -3.51
C ASP B 136 -34.29 11.81 -3.29
N ALA B 137 -33.47 11.71 -4.34
CA ALA B 137 -32.05 12.03 -4.22
C ALA B 137 -31.81 13.52 -4.01
N GLU B 138 -32.67 14.37 -4.58
CA GLU B 138 -32.47 15.81 -4.49
C GLU B 138 -32.60 16.31 -3.06
N THR B 139 -33.68 15.89 -2.38
CA THR B 139 -33.87 16.28 -0.98
C THR B 139 -32.78 15.70 -0.10
N LYS B 140 -32.37 14.44 -0.36
CA LYS B 140 -31.32 13.81 0.42
C LYS B 140 -30.01 14.57 0.27
N THR B 141 -29.68 14.99 -0.95
CA THR B 141 -28.47 15.76 -1.19
C THR B 141 -28.54 17.12 -0.50
N ILE B 142 -29.68 17.81 -0.62
CA ILE B 142 -29.84 19.13 -0.01
C ILE B 142 -29.75 19.03 1.51
N ARG B 143 -30.40 18.03 2.11
CA ARG B 143 -30.26 17.77 3.54
C ARG B 143 -28.83 17.47 3.95
N GLU B 144 -28.11 16.68 3.14
CA GLU B 144 -26.76 16.27 3.53
C GLU B 144 -25.81 17.47 3.52
N LEU B 145 -25.91 18.30 2.47
CA LEU B 145 -25.16 19.56 2.43
C LEU B 145 -25.60 20.53 3.52
N ASN B 146 -26.92 20.66 3.74
CA ASN B 146 -27.42 21.62 4.73
C ASN B 146 -26.99 21.25 6.14
N ASP B 147 -26.95 19.96 6.46
CA ASP B 147 -26.53 19.52 7.79
C ASP B 147 -25.02 19.46 7.90
N GLY B 148 -24.31 19.30 6.79
CA GLY B 148 -22.87 19.39 6.74
C GLY B 148 -22.35 20.81 6.58
N PHE B 149 -23.22 21.81 6.70
CA PHE B 149 -22.86 23.22 6.64
C PHE B 149 -21.95 23.61 7.81
N GLY B 150 -20.72 24.02 7.50
CA GLY B 150 -19.87 24.65 8.48
C GLY B 150 -19.25 23.73 9.51
N ARG B 151 -19.27 22.41 9.30
CA ARG B 151 -18.82 21.48 10.31
C ARG B 151 -17.54 20.77 9.86
N ARG B 152 -16.78 20.29 10.85
CA ARG B 152 -15.48 19.68 10.61
C ARG B 152 -15.51 18.16 10.56
N PHE B 153 -16.28 17.50 11.42
CA PHE B 153 -16.24 16.05 11.54
C PHE B 153 -17.63 15.45 11.34
N LYS B 154 -17.65 14.21 10.84
CA LYS B 154 -18.88 13.46 10.68
C LYS B 154 -18.73 12.14 11.42
N VAL B 155 -19.54 11.95 12.46
CA VAL B 155 -19.50 10.76 13.30
C VAL B 155 -20.56 9.79 12.81
N ASN B 156 -20.16 8.54 12.60
CA ASN B 156 -21.08 7.47 12.26
C ASN B 156 -21.07 6.48 13.42
N ALA B 157 -22.24 6.18 13.96
CA ALA B 157 -22.39 5.25 15.06
C ALA B 157 -23.53 4.29 14.72
N ASP B 158 -23.46 3.08 15.27
CA ASP B 158 -24.49 2.08 15.04
C ASP B 158 -24.85 1.41 16.36
N ILE B 159 -26.14 1.16 16.56
CA ILE B 159 -26.56 0.29 17.65
C ILE B 159 -26.15 -1.13 17.30
N SER B 160 -25.62 -1.86 18.30
CA SER B 160 -24.94 -3.14 18.03
C SER B 160 -25.91 -4.19 17.48
N GLY B 161 -26.91 -4.56 18.26
CA GLY B 161 -27.91 -5.47 17.75
C GLY B 161 -29.14 -4.78 17.22
N CYS B 162 -29.71 -3.90 18.04
CA CYS B 162 -30.92 -3.12 17.78
C CYS B 162 -32.11 -4.06 17.64
N PHE B 163 -32.19 -4.79 16.52
CA PHE B 163 -33.23 -5.81 16.40
C PHE B 163 -32.95 -6.98 17.33
N THR B 164 -31.68 -7.30 17.54
CA THR B 164 -31.31 -8.49 18.30
C THR B 164 -31.59 -8.33 19.79
N ASN B 165 -31.28 -7.17 20.36
CA ASN B 165 -31.36 -6.99 21.81
C ASN B 165 -32.12 -5.74 22.23
N ILE B 166 -33.19 -5.38 21.53
CA ILE B 166 -34.09 -4.38 22.10
C ILE B 166 -34.83 -5.01 23.26
N TYR B 167 -34.86 -4.31 24.39
CA TYR B 167 -35.48 -4.81 25.59
C TYR B 167 -36.95 -4.40 25.59
N SER B 168 -37.85 -5.39 25.60
CA SER B 168 -39.27 -5.09 25.47
C SER B 168 -39.81 -4.40 26.72
N HIS B 169 -39.26 -4.75 27.90
CA HIS B 169 -39.67 -4.10 29.14
C HIS B 169 -39.29 -2.62 29.16
N SER B 170 -38.41 -2.19 28.27
CA SER B 170 -38.02 -0.79 28.13
C SER B 170 -38.95 -0.01 27.22
N ILE B 171 -40.00 -0.64 26.68
CA ILE B 171 -41.01 0.09 25.92
C ILE B 171 -41.75 1.09 26.81
N PRO B 172 -42.23 0.75 28.03
CA PRO B 172 -42.74 1.83 28.89
C PRO B 172 -41.66 2.78 29.38
N TRP B 173 -40.43 2.32 29.52
CA TRP B 173 -39.32 3.19 29.94
C TRP B 173 -39.12 4.33 28.96
N ALA B 174 -39.27 4.06 27.67
CA ALA B 174 -39.21 5.12 26.68
C ALA B 174 -40.44 6.01 26.74
N VAL B 175 -41.59 5.44 27.10
CA VAL B 175 -42.85 6.17 26.92
C VAL B 175 -43.07 7.15 28.07
N ILE B 176 -42.86 6.72 29.32
CA ILE B 176 -43.14 7.57 30.46
C ILE B 176 -41.92 7.77 31.36
N GLY B 177 -40.74 7.39 30.88
CA GLY B 177 -39.54 7.53 31.69
C GLY B 177 -39.16 6.25 32.38
N VAL B 178 -37.87 6.04 32.63
CA VAL B 178 -37.42 4.78 33.20
C VAL B 178 -37.91 4.61 34.64
N ASN B 179 -37.74 5.65 35.48
CA ASN B 179 -38.05 5.50 36.89
C ASN B 179 -39.56 5.51 37.14
N ASN B 180 -40.30 6.30 36.35
CA ASN B 180 -41.76 6.29 36.47
C ASN B 180 -42.34 4.93 36.11
N ALA B 181 -41.81 4.31 35.05
CA ALA B 181 -42.27 2.98 34.66
C ALA B 181 -41.87 1.93 35.68
N LYS B 182 -40.67 2.06 36.28
CA LYS B 182 -40.26 1.10 37.30
C LYS B 182 -41.10 1.23 38.56
N ILE B 183 -41.47 2.45 38.94
CA ILE B 183 -42.35 2.65 40.10
C ILE B 183 -43.76 2.15 39.79
N ALA B 184 -44.21 2.33 38.54
CA ALA B 184 -45.56 1.92 38.16
C ALA B 184 -45.74 0.41 38.24
N LEU B 185 -44.67 -0.35 38.06
CA LEU B 185 -44.72 -1.80 38.23
C LEU B 185 -44.92 -2.17 39.69
N LYS B 194 -53.94 -1.55 32.92
CA LYS B 194 -52.55 -1.11 33.00
C LYS B 194 -52.30 -0.11 31.88
N HIS B 195 -51.15 0.56 31.93
CA HIS B 195 -50.79 1.55 30.93
C HIS B 195 -50.62 0.89 29.56
N TRP B 196 -50.81 1.69 28.51
CA TRP B 196 -50.85 1.15 27.15
C TRP B 196 -49.52 0.57 26.71
N SER B 197 -48.41 1.17 27.14
CA SER B 197 -47.09 0.72 26.73
C SER B 197 -46.68 -0.59 27.39
N ASP B 198 -47.24 -0.91 28.57
CA ASP B 198 -46.99 -2.20 29.19
C ASP B 198 -47.68 -3.33 28.42
N LYS B 199 -48.91 -3.10 27.97
CA LYS B 199 -49.58 -4.08 27.12
C LYS B 199 -48.92 -4.17 25.75
N LEU B 200 -48.35 -3.06 25.26
CA LEU B 200 -47.54 -3.12 24.04
C LEU B 200 -46.30 -3.97 24.22
N ASP B 201 -45.65 -3.85 25.39
CA ASP B 201 -44.49 -4.69 25.71
C ASP B 201 -44.89 -6.16 25.76
N TYR B 202 -46.03 -6.46 26.38
CA TYR B 202 -46.52 -7.84 26.45
C TYR B 202 -46.85 -8.39 25.06
N PHE B 203 -47.51 -7.59 24.22
CA PHE B 203 -47.89 -8.06 22.90
C PHE B 203 -46.68 -8.22 21.99
N GLN B 204 -45.68 -7.36 22.16
CA GLN B 204 -44.44 -7.53 21.41
C GLN B 204 -43.69 -8.79 21.86
N ARG B 205 -43.73 -9.08 23.17
CA ARG B 205 -43.12 -10.31 23.67
C ARG B 205 -43.82 -11.54 23.11
N GLN B 206 -45.15 -11.50 23.03
CA GLN B 206 -45.92 -12.63 22.49
C GLN B 206 -45.58 -12.91 21.03
N ALA B 207 -45.07 -11.91 20.31
CA ALA B 207 -44.70 -12.10 18.92
C ALA B 207 -43.54 -13.08 18.77
N LYS B 208 -42.58 -13.07 19.69
CA LYS B 208 -41.40 -13.92 19.61
C LYS B 208 -41.23 -14.68 20.92
N ARG B 209 -41.96 -15.79 21.05
CA ARG B 209 -41.70 -16.86 22.03
C ARG B 209 -41.74 -16.39 23.48
N ASN B 210 -42.49 -15.31 23.75
CA ASN B 210 -42.55 -14.68 25.09
C ASN B 210 -41.16 -14.30 25.59
N GLU B 211 -40.33 -13.76 24.70
CA GLU B 211 -38.95 -13.43 25.01
C GLU B 211 -38.80 -11.93 25.17
N THR B 212 -38.08 -11.52 26.20
CA THR B 212 -37.94 -10.10 26.52
C THR B 212 -37.08 -9.39 25.48
N HIS B 213 -35.99 -10.01 25.05
CA HIS B 213 -35.06 -9.37 24.14
C HIS B 213 -35.38 -9.71 22.69
N GLY B 214 -35.19 -8.74 21.82
CA GLY B 214 -35.33 -8.95 20.39
C GLY B 214 -36.68 -8.52 19.86
N VAL B 215 -36.70 -8.26 18.56
CA VAL B 215 -37.93 -7.98 17.82
C VAL B 215 -37.84 -8.69 16.49
N PRO B 216 -38.94 -9.26 15.99
CA PRO B 216 -38.93 -9.85 14.64
C PRO B 216 -38.67 -8.79 13.57
N ILE B 217 -37.69 -9.06 12.72
CA ILE B 217 -37.24 -8.11 11.71
C ILE B 217 -38.17 -8.21 10.50
N GLY B 218 -38.73 -7.08 10.09
CA GLY B 218 -39.55 -7.06 8.90
C GLY B 218 -40.97 -6.53 9.06
N PRO B 219 -41.70 -6.93 10.10
CA PRO B 219 -42.98 -6.28 10.37
C PRO B 219 -42.80 -4.84 10.82
N ALA B 220 -43.79 -4.01 10.49
CA ALA B 220 -43.74 -2.61 10.87
C ALA B 220 -44.03 -2.42 12.34
N THR B 221 -44.63 -3.42 13.00
CA THR B 221 -44.86 -3.33 14.44
C THR B 221 -43.54 -3.28 15.20
N SER B 222 -42.55 -4.06 14.78
CA SER B 222 -41.23 -3.97 15.40
C SER B 222 -40.52 -2.69 15.02
N SER B 223 -40.76 -2.14 13.83
CA SER B 223 -40.23 -0.83 13.48
C SER B 223 -40.83 0.27 14.37
N ILE B 224 -42.12 0.18 14.65
CA ILE B 224 -42.78 1.11 15.56
C ILE B 224 -42.23 0.96 16.97
N VAL B 225 -42.01 -0.29 17.42
CA VAL B 225 -41.45 -0.53 18.74
C VAL B 225 -40.03 0.03 18.84
N CYS B 226 -39.23 -0.15 17.79
CA CYS B 226 -37.88 0.41 17.75
C CYS B 226 -37.90 1.93 17.75
N GLU B 227 -38.82 2.52 16.97
CA GLU B 227 -38.94 3.97 16.93
C GLU B 227 -39.38 4.56 18.26
N ILE B 228 -40.27 3.86 18.97
CA ILE B 228 -40.72 4.31 20.28
C ILE B 228 -39.56 4.38 21.27
N ILE B 229 -38.71 3.35 21.28
CA ILE B 229 -37.58 3.33 22.20
C ILE B 229 -36.52 4.35 21.78
N LEU B 230 -36.23 4.44 20.49
CA LEU B 230 -35.16 5.30 20.02
C LEU B 230 -35.57 6.77 19.94
N SER B 231 -36.87 7.08 20.03
CA SER B 231 -37.30 8.47 20.01
C SER B 231 -36.91 9.20 21.29
N ALA B 232 -36.81 8.49 22.41
CA ALA B 232 -36.33 9.11 23.64
C ALA B 232 -34.85 9.46 23.55
N VAL B 233 -34.07 8.56 22.93
CA VAL B 233 -32.66 8.84 22.65
C VAL B 233 -32.53 10.04 21.72
N ASP B 234 -33.38 10.10 20.69
CA ASP B 234 -33.39 11.25 19.77
C ASP B 234 -33.77 12.52 20.50
N LYS B 235 -34.73 12.46 21.42
CA LYS B 235 -35.14 13.63 22.18
C LYS B 235 -34.00 14.16 23.05
N ARG B 236 -33.32 13.27 23.77
CA ARG B 236 -32.24 13.73 24.64
C ARG B 236 -31.05 14.26 23.82
N LEU B 237 -30.72 13.60 22.71
CA LEU B 237 -29.66 14.09 21.85
C LEU B 237 -30.03 15.43 21.21
N ARG B 238 -31.31 15.61 20.87
CA ARG B 238 -31.79 16.86 20.31
C ARG B 238 -31.72 17.99 21.32
N ASP B 239 -32.10 17.72 22.57
CA ASP B 239 -32.16 18.77 23.58
C ASP B 239 -30.78 19.25 23.99
N ASP B 240 -29.76 18.44 23.76
CA ASP B 240 -28.38 18.85 24.00
C ASP B 240 -27.73 19.49 22.78
N GLY B 241 -28.53 19.89 21.80
CA GLY B 241 -28.05 20.66 20.66
C GLY B 241 -27.09 19.93 19.74
N PHE B 242 -27.46 18.73 19.29
CA PHE B 242 -26.66 17.97 18.36
C PHE B 242 -27.36 17.90 17.02
N LEU B 243 -26.59 18.08 15.94
CA LEU B 243 -27.09 17.88 14.59
C LEU B 243 -26.83 16.43 14.19
N PHE B 244 -27.90 15.66 14.11
CA PHE B 244 -27.78 14.22 13.93
C PHE B 244 -29.02 13.69 13.22
N ARG B 245 -28.84 12.59 12.52
CA ARG B 245 -29.91 11.90 11.81
C ARG B 245 -29.82 10.42 12.13
N ARG B 246 -30.97 9.75 12.15
CA ARG B 246 -31.02 8.31 12.42
C ARG B 246 -31.66 7.58 11.25
N TYR B 247 -30.96 6.54 10.78
CA TYR B 247 -31.43 5.62 9.75
C TYR B 247 -31.53 4.25 10.40
N ILE B 248 -32.73 3.90 10.87
CA ILE B 248 -33.01 2.69 11.66
C ILE B 248 -32.11 2.74 12.88
N ALA B 249 -30.93 2.11 12.80
CA ALA B 249 -30.03 2.00 13.93
C ALA B 249 -28.72 2.74 13.70
N ALA B 250 -28.65 3.61 12.72
CA ALA B 250 -27.43 4.32 12.38
C ALA B 250 -27.59 5.80 12.69
N TYR B 251 -26.68 6.33 13.49
CA TYR B 251 -26.66 7.75 13.84
C TYR B 251 -25.52 8.42 13.10
N THR B 252 -25.84 9.48 12.35
CA THR B 252 -24.82 10.32 11.74
C THR B 252 -24.90 11.70 12.40
N CYS B 253 -23.75 12.20 12.85
CA CYS B 253 -23.65 13.47 13.55
C CYS B 253 -22.68 14.38 12.83
N TYR B 254 -23.06 15.65 12.71
CA TYR B 254 -22.23 16.67 12.09
C TYR B 254 -21.70 17.60 13.17
N CYS B 255 -20.38 17.73 13.23
CA CYS B 255 -19.71 18.30 14.39
C CYS B 255 -18.78 19.43 13.96
N LYS B 256 -18.92 20.57 14.63
CA LYS B 256 -18.06 21.72 14.37
C LYS B 256 -16.62 21.43 14.80
N THR B 257 -16.45 20.65 15.86
CA THR B 257 -15.12 20.24 16.31
C THR B 257 -15.13 18.78 16.73
N HIS B 258 -14.01 18.29 17.23
CA HIS B 258 -13.92 16.94 17.79
C HIS B 258 -14.46 16.86 19.21
N ASP B 259 -14.69 18.00 19.86
CA ASP B 259 -15.37 18.00 21.15
C ASP B 259 -16.79 17.47 20.98
N ASP B 260 -17.51 17.98 19.99
CA ASP B 260 -18.85 17.53 19.65
C ASP B 260 -18.83 16.07 19.25
N ALA B 261 -17.82 15.69 18.47
CA ALA B 261 -17.63 14.32 17.99
C ALA B 261 -17.54 13.31 19.12
N LYS B 262 -16.70 13.58 20.12
CA LYS B 262 -16.55 12.62 21.22
C LYS B 262 -17.71 12.72 22.20
N GLU B 263 -18.24 13.92 22.44
CA GLU B 263 -19.32 14.10 23.39
C GLU B 263 -20.65 13.54 22.87
N PHE B 264 -20.90 13.59 21.56
CA PHE B 264 -22.07 12.93 21.00
C PHE B 264 -21.99 11.43 21.18
N LEU B 265 -20.81 10.85 20.97
CA LEU B 265 -20.62 9.42 21.18
C LEU B 265 -20.86 9.05 22.64
N HIS B 266 -20.34 9.87 23.56
CA HIS B 266 -20.58 9.64 24.98
C HIS B 266 -22.06 9.72 25.33
N LEU B 267 -22.76 10.76 24.86
CA LEU B 267 -24.16 10.94 25.21
C LEU B 267 -25.04 9.88 24.58
N LEU B 268 -24.74 9.50 23.34
CA LEU B 268 -25.47 8.42 22.69
C LEU B 268 -25.25 7.09 23.41
N GLY B 269 -24.01 6.83 23.87
CA GLY B 269 -23.75 5.66 24.67
C GLY B 269 -24.52 5.63 25.97
N MET B 270 -24.57 6.76 26.68
CA MET B 270 -25.40 6.87 27.88
C MET B 270 -26.88 6.66 27.62
N GLU B 271 -27.41 7.27 26.56
CA GLU B 271 -28.85 7.19 26.31
C GLU B 271 -29.25 5.81 25.85
N LEU B 272 -28.37 5.12 25.12
CA LEU B 272 -28.65 3.75 24.73
C LEU B 272 -28.51 2.80 25.92
N SER B 273 -27.49 3.02 26.77
CA SER B 273 -27.28 2.14 27.91
C SER B 273 -28.38 2.31 28.95
N LYS B 274 -29.02 3.48 28.99
CA LYS B 274 -30.17 3.67 29.86
C LYS B 274 -31.32 2.76 29.44
N TYR B 275 -31.52 2.58 28.14
CA TYR B 275 -32.53 1.67 27.61
C TYR B 275 -31.95 0.32 27.23
N LYS B 276 -30.84 -0.07 27.85
CA LYS B 276 -30.15 -1.36 27.78
C LYS B 276 -29.49 -1.62 26.43
N LEU B 277 -29.56 -0.70 25.47
CA LEU B 277 -28.86 -0.87 24.20
C LEU B 277 -27.41 -0.42 24.32
N SER B 278 -26.68 -0.53 23.21
CA SER B 278 -25.27 -0.19 23.19
C SER B 278 -24.86 0.20 21.77
N LEU B 279 -23.62 0.62 21.62
CA LEU B 279 -23.09 1.06 20.34
C LEU B 279 -22.22 -0.01 19.70
N ASN B 280 -22.44 -0.22 18.40
CA ASN B 280 -21.55 -1.07 17.63
C ASN B 280 -20.23 -0.35 17.41
N LEU B 281 -19.18 -0.82 18.08
CA LEU B 281 -17.91 -0.11 18.05
C LEU B 281 -17.01 -0.54 16.91
N HIS B 282 -17.38 -1.56 16.15
CA HIS B 282 -16.74 -1.82 14.86
C HIS B 282 -17.32 -0.98 13.76
N LYS B 283 -18.45 -0.31 14.00
CA LYS B 283 -19.07 0.56 13.01
C LYS B 283 -18.96 2.03 13.39
N THR B 284 -18.17 2.37 14.40
CA THR B 284 -17.98 3.76 14.80
C THR B 284 -16.71 4.30 14.16
N LYS B 285 -16.82 5.48 13.54
CA LYS B 285 -15.72 6.09 12.83
C LYS B 285 -16.02 7.58 12.67
N ILE B 286 -14.97 8.40 12.80
CA ILE B 286 -15.08 9.84 12.65
C ILE B 286 -14.30 10.24 11.41
N THR B 287 -14.96 10.88 10.46
CA THR B 287 -14.37 11.24 9.18
C THR B 287 -14.45 12.75 8.99
N ASN B 288 -13.32 13.36 8.66
CA ASN B 288 -13.25 14.81 8.47
C ASN B 288 -14.05 15.23 7.25
N LEU B 289 -15.01 16.13 7.46
CA LEU B 289 -15.70 16.75 6.34
C LEU B 289 -14.76 17.69 5.59
N PRO B 290 -14.93 17.83 4.27
CA PRO B 290 -15.97 17.26 3.41
C PRO B 290 -15.67 15.82 2.98
N GLY B 291 -16.54 14.91 3.37
CA GLY B 291 -16.41 13.54 2.91
C GLY B 291 -17.21 13.33 1.63
N THR B 292 -17.97 12.25 1.57
CA THR B 292 -18.81 11.94 0.42
C THR B 292 -20.27 11.93 0.86
N LEU B 293 -21.14 12.51 0.04
CA LEU B 293 -22.57 12.56 0.36
C LEU B 293 -23.16 11.16 0.40
N ASN B 294 -22.91 10.39 -0.66
CA ASN B 294 -23.14 8.95 -0.70
C ASN B 294 -21.88 8.27 -0.20
N ASP B 295 -21.71 6.98 -0.46
CA ASP B 295 -20.43 6.34 -0.21
C ASP B 295 -19.55 6.52 -1.43
N ASN B 296 -18.25 6.23 -1.28
CA ASN B 296 -17.29 6.54 -2.33
C ASN B 296 -17.50 5.66 -3.57
N TRP B 297 -17.89 4.40 -3.36
CA TRP B 297 -18.16 3.51 -4.47
C TRP B 297 -19.39 3.93 -5.24
N VAL B 298 -20.32 4.63 -4.59
CA VAL B 298 -21.54 5.10 -5.26
C VAL B 298 -21.18 6.12 -6.34
N SER B 299 -20.35 7.09 -6.00
CA SER B 299 -19.93 8.08 -6.99
C SER B 299 -18.96 7.47 -7.99
N LEU B 300 -18.16 6.48 -7.58
CA LEU B 300 -17.31 5.78 -8.52
C LEU B 300 -18.12 5.04 -9.58
N LEU B 301 -19.22 4.41 -9.19
CA LEU B 301 -20.10 3.75 -10.15
C LEU B 301 -20.85 4.76 -11.00
N ASN B 302 -21.40 5.82 -10.38
CA ASN B 302 -22.25 6.75 -11.11
C ASN B 302 -21.45 7.61 -12.08
N VAL B 303 -20.19 7.91 -11.73
CA VAL B 303 -19.32 8.65 -12.64
C VAL B 303 -18.96 7.80 -13.84
N ASN B 304 -18.80 6.49 -13.63
CA ASN B 304 -18.46 5.55 -14.69
C ASN B 304 -19.68 4.83 -15.26
N SER B 305 -20.87 5.18 -14.83
CA SER B 305 -22.07 4.52 -15.34
C SER B 305 -22.34 4.96 -16.77
N PRO B 306 -22.62 4.03 -17.67
CA PRO B 306 -22.98 4.38 -19.05
C PRO B 306 -24.39 4.92 -19.20
N THR B 307 -25.17 4.95 -18.12
CA THR B 307 -26.50 5.52 -18.11
C THR B 307 -26.56 6.84 -17.36
N LYS B 308 -25.42 7.43 -17.04
CA LYS B 308 -25.38 8.59 -16.14
C LYS B 308 -26.00 9.84 -16.78
N LYS B 309 -26.15 9.86 -18.09
CA LYS B 309 -26.78 10.98 -18.77
C LYS B 309 -27.99 10.49 -19.56
N ARG B 310 -29.16 11.06 -19.24
CA ARG B 310 -30.37 10.77 -19.99
C ARG B 310 -30.49 11.74 -21.16
N PHE B 311 -30.74 11.19 -22.35
CA PHE B 311 -30.61 11.94 -23.59
C PHE B 311 -31.94 12.42 -24.15
N THR B 312 -33.06 12.14 -23.47
CA THR B 312 -34.44 12.50 -23.82
C THR B 312 -34.95 11.82 -25.08
N ASP B 313 -34.15 10.94 -25.69
CA ASP B 313 -34.62 10.04 -26.75
C ASP B 313 -34.15 8.63 -26.43
N GLN B 314 -35.04 7.66 -26.63
CA GLN B 314 -34.85 6.34 -26.04
C GLN B 314 -33.80 5.52 -26.78
N ASP B 315 -33.63 5.77 -28.09
CA ASP B 315 -32.59 5.08 -28.85
C ASP B 315 -31.21 5.43 -28.33
N LEU B 316 -30.99 6.70 -28.00
CA LEU B 316 -29.75 7.11 -27.36
C LEU B 316 -29.63 6.52 -25.96
N ASN B 317 -30.75 6.44 -25.23
CA ASN B 317 -30.72 5.90 -23.88
C ASN B 317 -30.48 4.39 -23.89
N LYS B 318 -30.78 3.73 -25.00
CA LYS B 318 -30.54 2.29 -25.11
C LYS B 318 -29.05 1.99 -25.22
N LEU B 319 -28.58 1.02 -24.45
CA LEU B 319 -27.16 0.73 -24.33
C LEU B 319 -26.76 -0.44 -25.22
N SER B 320 -25.47 -0.52 -25.52
CA SER B 320 -24.92 -1.57 -26.36
C SER B 320 -24.43 -2.74 -25.50
N SER B 321 -23.96 -3.79 -26.19
CA SER B 321 -23.51 -5.00 -25.50
C SER B 321 -22.23 -4.75 -24.72
N SER B 322 -21.21 -4.22 -25.41
CA SER B 322 -19.90 -4.03 -24.78
C SER B 322 -19.96 -3.01 -23.67
N GLU B 323 -20.83 -2.01 -23.80
CA GLU B 323 -20.98 -0.98 -22.78
C GLU B 323 -21.47 -1.56 -21.46
N VAL B 324 -22.57 -2.32 -21.51
CA VAL B 324 -23.14 -2.91 -20.30
C VAL B 324 -22.20 -3.96 -19.71
N ILE B 325 -21.62 -4.81 -20.57
CA ILE B 325 -20.74 -5.86 -20.08
C ILE B 325 -19.50 -5.25 -19.42
N ASN B 326 -18.91 -4.23 -20.03
CA ASN B 326 -17.72 -3.60 -19.48
C ASN B 326 -18.03 -2.89 -18.16
N PHE B 327 -19.20 -2.23 -18.07
CA PHE B 327 -19.58 -1.63 -16.80
C PHE B 327 -19.79 -2.69 -15.73
N LEU B 328 -20.33 -3.85 -16.10
CA LEU B 328 -20.54 -4.92 -15.14
C LEU B 328 -19.22 -5.52 -14.66
N ASP B 329 -18.26 -5.71 -15.57
CA ASP B 329 -16.92 -6.13 -15.14
C ASP B 329 -16.29 -5.10 -14.21
N TYR B 330 -16.42 -3.81 -14.55
CA TYR B 330 -15.83 -2.77 -13.71
C TYR B 330 -16.47 -2.76 -12.34
N ALA B 331 -17.77 -3.02 -12.28
CA ALA B 331 -18.47 -3.13 -10.99
C ALA B 331 -17.96 -4.33 -10.19
N VAL B 332 -17.67 -5.44 -10.87
CA VAL B 332 -17.14 -6.62 -10.17
C VAL B 332 -15.77 -6.32 -9.56
N GLN B 333 -14.88 -5.68 -10.33
CA GLN B 333 -13.60 -5.25 -9.77
C GLN B 333 -13.75 -4.23 -8.66
N LEU B 334 -14.71 -3.31 -8.79
CA LEU B 334 -14.87 -2.28 -7.78
C LEU B 334 -15.39 -2.88 -6.48
N ASN B 335 -16.25 -3.90 -6.57
CA ASN B 335 -16.73 -4.57 -5.38
C ASN B 335 -15.65 -5.44 -4.75
N THR B 336 -14.81 -6.07 -5.58
CA THR B 336 -13.67 -6.80 -5.04
C THR B 336 -12.67 -5.86 -4.38
N GLN B 337 -12.55 -4.64 -4.91
CA GLN B 337 -11.48 -3.75 -4.48
C GLN B 337 -11.93 -2.82 -3.34
N VAL B 338 -13.23 -2.48 -3.29
CA VAL B 338 -13.74 -1.68 -2.19
C VAL B 338 -14.58 -2.54 -1.26
N GLY B 339 -15.73 -3.01 -1.74
CA GLY B 339 -16.59 -3.86 -0.95
C GLY B 339 -17.33 -3.16 0.18
N GLY B 340 -17.28 -1.83 0.25
CA GLY B 340 -17.89 -1.12 1.35
C GLY B 340 -19.39 -1.13 1.34
N GLY B 341 -20.00 -1.37 0.19
CA GLY B 341 -21.44 -1.42 0.09
C GLY B 341 -21.94 -2.37 -0.97
N SER B 342 -23.22 -2.27 -1.32
CA SER B 342 -23.82 -3.18 -2.30
C SER B 342 -23.55 -2.66 -3.71
N ILE B 343 -22.30 -2.86 -4.15
CA ILE B 343 -21.84 -2.32 -5.42
C ILE B 343 -22.54 -2.98 -6.59
N LEU B 344 -22.71 -4.31 -6.53
CA LEU B 344 -23.33 -5.04 -7.63
C LEU B 344 -24.79 -4.66 -7.82
N LYS B 345 -25.56 -4.57 -6.72
CA LYS B 345 -26.98 -4.23 -6.83
C LYS B 345 -27.19 -2.82 -7.37
N TYR B 346 -26.37 -1.87 -6.91
CA TYR B 346 -26.44 -0.50 -7.43
C TYR B 346 -26.10 -0.47 -8.91
N ALA B 347 -25.02 -1.14 -9.30
CA ALA B 347 -24.59 -1.12 -10.69
C ALA B 347 -25.61 -1.78 -11.60
N ILE B 348 -26.21 -2.89 -11.15
CA ILE B 348 -27.20 -3.58 -11.95
C ILE B 348 -28.49 -2.78 -12.05
N SER B 349 -28.88 -2.09 -10.97
CA SER B 349 -30.06 -1.23 -11.04
C SER B 349 -29.81 -0.05 -11.98
N LEU B 350 -28.56 0.38 -12.11
CA LEU B 350 -28.23 1.46 -13.05
C LEU B 350 -28.52 1.06 -14.49
N VAL B 351 -28.20 -0.18 -14.87
CA VAL B 351 -28.27 -0.58 -16.28
C VAL B 351 -29.45 -1.47 -16.63
N ILE B 352 -30.25 -1.90 -15.64
CA ILE B 352 -31.18 -3.00 -15.87
C ILE B 352 -32.36 -2.59 -16.76
N ASN B 353 -32.80 -1.33 -16.68
CA ASN B 353 -34.04 -0.96 -17.33
C ASN B 353 -33.86 -0.36 -18.72
N ASN B 354 -32.63 -0.12 -19.15
CA ASN B 354 -32.36 0.46 -20.46
C ASN B 354 -31.71 -0.52 -21.42
N LEU B 355 -31.87 -1.82 -21.17
CA LEU B 355 -31.23 -2.84 -22.00
C LEU B 355 -31.84 -2.88 -23.41
N ASP B 356 -30.96 -2.97 -24.40
CA ASP B 356 -31.39 -3.25 -25.77
C ASP B 356 -31.56 -4.76 -25.93
N GLU B 357 -32.32 -5.15 -26.95
CA GLU B 357 -32.67 -6.56 -27.14
C GLU B 357 -31.44 -7.43 -27.40
N TYR B 358 -30.39 -6.86 -27.98
CA TYR B 358 -29.16 -7.61 -28.19
C TYR B 358 -28.43 -7.87 -26.88
N THR B 359 -28.59 -6.97 -25.91
CA THR B 359 -27.91 -7.11 -24.62
C THR B 359 -28.48 -8.24 -23.79
N ILE B 360 -29.79 -8.51 -23.93
CA ILE B 360 -30.59 -9.16 -22.89
C ILE B 360 -30.06 -10.55 -22.58
N THR B 361 -29.68 -11.31 -23.60
CA THR B 361 -29.09 -12.63 -23.38
C THR B 361 -27.75 -12.53 -22.67
N GLN B 362 -26.89 -11.58 -23.08
CA GLN B 362 -25.56 -11.44 -22.49
C GLN B 362 -25.65 -10.98 -21.04
N VAL B 363 -26.45 -9.95 -20.77
CA VAL B 363 -26.60 -9.46 -19.41
C VAL B 363 -27.35 -10.46 -18.56
N TYR B 364 -28.24 -11.25 -19.17
CA TYR B 364 -28.89 -12.34 -18.46
C TYR B 364 -27.90 -13.39 -18.01
N ASP B 365 -26.98 -13.82 -18.87
CA ASP B 365 -25.98 -14.81 -18.46
C ASP B 365 -25.00 -14.22 -17.45
N TYR B 366 -24.66 -12.94 -17.60
CA TYR B 366 -23.82 -12.28 -16.60
C TYR B 366 -24.54 -12.22 -15.26
N LEU B 367 -25.86 -11.99 -15.29
CA LEU B 367 -26.64 -12.01 -14.06
C LEU B 367 -26.76 -13.41 -13.49
N LEU B 368 -26.75 -14.43 -14.35
CA LEU B 368 -26.70 -15.79 -13.84
C LEU B 368 -25.40 -16.05 -13.10
N ASN B 369 -24.27 -15.59 -13.68
CA ASN B 369 -22.97 -15.70 -13.03
C ASN B 369 -22.95 -14.97 -11.71
N LEU B 370 -23.54 -13.77 -11.67
CA LEU B 370 -23.50 -12.93 -10.48
C LEU B 370 -24.50 -13.41 -9.42
N SER B 371 -25.62 -13.98 -9.86
CA SER B 371 -26.62 -14.53 -8.95
C SER B 371 -26.11 -15.80 -8.28
N TRP B 372 -25.35 -16.61 -9.00
CA TRP B 372 -24.73 -17.77 -8.36
C TRP B 372 -23.72 -17.35 -7.29
N HIS B 373 -22.87 -16.38 -7.61
CA HIS B 373 -21.84 -15.98 -6.67
C HIS B 373 -22.43 -15.12 -5.56
N TYR B 374 -23.42 -14.31 -5.89
CA TYR B 374 -24.06 -13.40 -4.94
C TYR B 374 -25.57 -13.62 -4.98
N PRO B 375 -26.14 -14.35 -4.02
CA PRO B 375 -27.54 -14.75 -4.11
C PRO B 375 -28.55 -13.64 -3.85
N MET B 376 -28.12 -12.46 -3.40
CA MET B 376 -29.04 -11.34 -3.25
C MET B 376 -29.37 -10.69 -4.58
N LEU B 377 -28.61 -11.01 -5.63
CA LEU B 377 -28.81 -10.51 -6.97
C LEU B 377 -29.81 -11.35 -7.76
N ILE B 378 -30.29 -12.44 -7.17
CA ILE B 378 -31.31 -13.27 -7.82
C ILE B 378 -32.59 -12.51 -8.17
N PRO B 379 -33.14 -11.61 -7.33
CA PRO B 379 -34.39 -10.91 -7.74
C PRO B 379 -34.33 -10.16 -9.05
N TYR B 380 -33.16 -9.64 -9.46
CA TYR B 380 -33.05 -8.97 -10.76
C TYR B 380 -33.35 -9.90 -11.93
N LEU B 381 -33.19 -11.21 -11.74
CA LEU B 381 -33.56 -12.18 -12.75
C LEU B 381 -35.04 -12.15 -13.07
N GLY B 382 -35.88 -11.58 -12.21
CA GLY B 382 -37.29 -11.43 -12.53
C GLY B 382 -37.60 -10.39 -13.57
N VAL B 383 -36.66 -9.48 -13.85
CA VAL B 383 -36.92 -8.46 -14.86
C VAL B 383 -36.77 -9.04 -16.26
N LEU B 384 -35.82 -9.95 -16.45
CA LEU B 384 -35.41 -10.32 -17.80
C LEU B 384 -36.13 -11.58 -18.30
N ILE B 385 -36.86 -12.29 -17.43
CA ILE B 385 -37.28 -13.64 -17.73
C ILE B 385 -38.29 -13.71 -18.88
N GLU B 386 -39.10 -12.66 -19.08
CA GLU B 386 -40.01 -12.69 -20.23
C GLU B 386 -39.24 -12.49 -21.54
N HIS B 387 -38.27 -11.58 -21.55
CA HIS B 387 -37.53 -11.28 -22.76
C HIS B 387 -36.57 -12.39 -23.16
N VAL B 388 -36.17 -13.23 -22.21
CA VAL B 388 -35.28 -14.36 -22.50
C VAL B 388 -36.14 -15.58 -22.83
N TYR B 389 -35.82 -16.25 -23.94
CA TYR B 389 -36.52 -17.46 -24.35
C TYR B 389 -35.98 -18.60 -23.50
N LEU B 390 -36.76 -19.04 -22.52
CA LEU B 390 -36.25 -19.92 -21.47
C LEU B 390 -36.20 -21.38 -21.91
N ASP B 391 -36.92 -21.75 -22.98
CA ASP B 391 -36.95 -23.15 -23.40
C ASP B 391 -35.59 -23.62 -23.87
N ASP B 392 -35.01 -22.92 -24.87
CA ASP B 392 -33.64 -23.06 -25.35
C ASP B 392 -33.19 -24.51 -25.57
N GLY B 393 -32.09 -24.88 -24.93
CA GLY B 393 -31.61 -26.25 -24.92
C GLY B 393 -31.43 -26.74 -23.50
N ASP B 394 -32.36 -26.37 -22.62
CA ASP B 394 -32.36 -26.68 -21.19
C ASP B 394 -31.14 -26.14 -20.46
N GLU B 395 -30.54 -25.06 -20.97
CA GLU B 395 -29.42 -24.43 -20.29
C GLU B 395 -29.87 -23.70 -19.04
N TYR B 396 -30.93 -22.89 -19.16
CA TYR B 396 -31.46 -22.16 -18.01
C TYR B 396 -32.09 -23.12 -17.00
N LYS B 397 -32.60 -24.25 -17.49
CA LYS B 397 -33.12 -25.31 -16.62
C LYS B 397 -32.05 -25.82 -15.67
N ASN B 398 -30.85 -26.11 -16.17
CA ASN B 398 -29.77 -26.51 -15.29
C ASN B 398 -29.22 -25.35 -14.48
N LYS B 399 -29.28 -24.13 -15.02
CA LYS B 399 -28.80 -22.97 -14.28
C LYS B 399 -29.59 -22.70 -13.02
N PHE B 400 -30.92 -22.69 -13.12
CA PHE B 400 -31.72 -22.37 -11.96
C PHE B 400 -31.66 -23.48 -10.92
N ASN B 401 -31.51 -24.73 -11.35
CA ASN B 401 -31.31 -25.81 -10.38
C ASN B 401 -29.94 -25.76 -9.73
N GLU B 402 -28.91 -25.31 -10.44
CA GLU B 402 -27.59 -25.25 -9.81
C GLU B 402 -27.61 -24.10 -8.80
N ILE B 403 -28.31 -23.01 -9.12
CA ILE B 403 -28.53 -21.93 -8.16
C ILE B 403 -29.34 -22.42 -6.96
N LEU B 404 -30.36 -23.23 -7.20
CA LEU B 404 -31.18 -23.77 -6.12
C LEU B 404 -30.35 -24.64 -5.20
N SER B 405 -29.46 -25.45 -5.76
CA SER B 405 -28.54 -26.26 -4.96
C SER B 405 -27.61 -25.39 -4.15
N MET B 406 -27.11 -24.30 -4.74
CA MET B 406 -26.22 -23.39 -4.03
C MET B 406 -26.95 -22.70 -2.87
N CYS B 407 -28.19 -22.29 -3.09
CA CYS B 407 -28.98 -21.63 -2.05
C CYS B 407 -29.33 -22.62 -0.94
N ALA B 408 -29.55 -23.89 -1.30
CA ALA B 408 -29.72 -24.93 -0.29
C ALA B 408 -28.44 -25.15 0.50
N GLU B 409 -27.29 -25.09 -0.18
CA GLU B 409 -26.02 -25.34 0.47
C GLU B 409 -25.67 -24.19 1.43
N ASN B 410 -25.82 -22.96 0.97
CA ASN B 410 -25.41 -21.79 1.73
C ASN B 410 -26.44 -21.35 2.76
N LYS B 411 -27.60 -22.01 2.80
CA LYS B 411 -28.73 -21.66 3.67
C LYS B 411 -29.16 -20.21 3.50
N CYS B 412 -29.51 -19.86 2.27
CA CYS B 412 -29.95 -18.53 1.91
C CYS B 412 -31.42 -18.63 1.50
N SER B 413 -32.28 -17.92 2.23
CA SER B 413 -33.72 -18.09 2.05
C SER B 413 -34.25 -17.21 0.92
N ASP B 414 -33.75 -15.98 0.78
CA ASP B 414 -34.27 -15.09 -0.24
C ASP B 414 -33.90 -15.56 -1.64
N GLY B 415 -32.67 -16.06 -1.81
CA GLY B 415 -32.30 -16.62 -3.10
C GLY B 415 -33.08 -17.88 -3.43
N MET B 416 -33.29 -18.75 -2.46
CA MET B 416 -34.12 -19.93 -2.64
C MET B 416 -35.54 -19.58 -3.05
N ALA B 417 -36.14 -18.63 -2.33
CA ALA B 417 -37.54 -18.28 -2.59
C ALA B 417 -37.69 -17.58 -3.94
N TRP B 418 -36.74 -16.71 -4.30
CA TRP B 418 -36.81 -16.04 -5.58
C TRP B 418 -36.58 -17.01 -6.73
N THR B 419 -35.62 -17.93 -6.58
CA THR B 419 -35.37 -18.92 -7.62
C THR B 419 -36.56 -19.87 -7.79
N LEU B 420 -37.19 -20.25 -6.68
CA LEU B 420 -38.39 -21.08 -6.78
C LEU B 420 -39.56 -20.32 -7.38
N TYR B 421 -39.68 -19.01 -7.09
CA TYR B 421 -40.71 -18.21 -7.72
C TYR B 421 -40.50 -18.14 -9.23
N PHE B 422 -39.23 -18.05 -9.66
CA PHE B 422 -38.92 -18.10 -11.08
C PHE B 422 -39.23 -19.47 -11.67
N CYS B 423 -38.96 -20.53 -10.92
CA CYS B 423 -39.18 -21.89 -11.43
C CYS B 423 -40.66 -22.22 -11.61
N ILE B 424 -41.50 -21.90 -10.62
CA ILE B 424 -42.93 -22.12 -10.78
C ILE B 424 -43.55 -21.14 -11.76
N LYS B 425 -43.17 -19.86 -11.72
CA LYS B 425 -43.81 -18.87 -12.59
C LYS B 425 -43.46 -19.09 -14.07
N ASN B 426 -42.24 -19.52 -14.37
CA ASN B 426 -41.84 -19.76 -15.74
C ASN B 426 -42.01 -21.22 -16.15
N ASN B 427 -42.55 -22.06 -15.26
CA ASN B 427 -42.86 -23.46 -15.50
C ASN B 427 -41.62 -24.30 -15.82
N ILE B 428 -40.44 -23.86 -15.41
CA ILE B 428 -39.22 -24.61 -15.66
C ILE B 428 -39.13 -25.74 -14.64
N ASP B 429 -38.81 -26.94 -15.12
CA ASP B 429 -38.75 -28.11 -14.25
C ASP B 429 -37.62 -28.01 -13.25
N ILE B 430 -37.75 -28.72 -12.14
CA ILE B 430 -36.80 -28.68 -11.04
C ILE B 430 -36.47 -30.10 -10.62
N ASP B 431 -35.17 -30.38 -10.47
CA ASP B 431 -34.67 -31.73 -10.27
C ASP B 431 -35.03 -32.28 -8.90
N ASP B 432 -35.01 -33.61 -8.80
CA ASP B 432 -35.32 -34.28 -7.54
C ASP B 432 -34.22 -34.10 -6.50
N ASP B 433 -32.95 -34.18 -6.92
CA ASP B 433 -31.85 -34.14 -5.96
C ASP B 433 -31.66 -32.76 -5.34
N VAL B 434 -32.02 -31.69 -6.05
CA VAL B 434 -31.97 -30.36 -5.45
C VAL B 434 -33.14 -30.18 -4.48
N ILE B 435 -34.26 -30.86 -4.75
CA ILE B 435 -35.40 -30.84 -3.85
C ILE B 435 -35.10 -31.62 -2.59
N GLU B 436 -34.22 -32.63 -2.69
CA GLU B 436 -33.76 -33.36 -1.50
C GLU B 436 -33.10 -32.43 -0.50
N LYS B 437 -32.46 -31.34 -0.97
CA LYS B 437 -31.90 -30.35 -0.07
C LYS B 437 -32.82 -29.15 0.15
N ILE B 438 -33.78 -28.90 -0.74
CA ILE B 438 -34.79 -27.88 -0.44
C ILE B 438 -35.66 -28.32 0.73
N ILE B 439 -36.06 -29.60 0.74
CA ILE B 439 -36.80 -30.17 1.85
C ILE B 439 -35.96 -30.29 3.11
N CYS B 440 -34.65 -30.52 2.97
CA CYS B 440 -33.76 -30.69 4.11
C CYS B 440 -33.28 -29.37 4.70
N PHE B 441 -33.24 -28.29 3.91
CA PHE B 441 -32.92 -26.97 4.44
C PHE B 441 -33.98 -26.55 5.45
N GLY B 442 -35.25 -26.77 5.13
CA GLY B 442 -36.30 -26.46 6.08
C GLY B 442 -36.68 -25.00 6.16
N ASP B 443 -36.40 -24.22 5.13
CA ASP B 443 -36.95 -22.87 5.06
C ASP B 443 -38.45 -22.96 4.84
N CYS B 444 -39.22 -22.19 5.61
CA CYS B 444 -40.68 -22.30 5.52
C CYS B 444 -41.19 -21.79 4.19
N LEU B 445 -40.74 -20.61 3.76
CA LEU B 445 -41.26 -19.99 2.54
C LEU B 445 -40.91 -20.79 1.30
N SER B 446 -39.79 -21.50 1.32
CA SER B 446 -39.45 -22.42 0.24
C SER B 446 -40.46 -23.56 0.17
N LEU B 447 -40.80 -24.09 1.35
CA LEU B 447 -41.74 -25.20 1.41
C LEU B 447 -43.16 -24.77 1.06
N CYS B 448 -43.50 -23.50 1.28
CA CYS B 448 -44.79 -23.02 0.78
C CYS B 448 -44.82 -22.91 -0.74
N LEU B 449 -43.69 -22.62 -1.39
CA LEU B 449 -43.66 -22.64 -2.85
C LEU B 449 -43.77 -24.06 -3.39
N LEU B 450 -43.02 -24.99 -2.78
CA LEU B 450 -43.17 -26.41 -3.13
C LEU B 450 -44.57 -26.91 -2.82
N ASP B 451 -45.20 -26.36 -1.77
CA ASP B 451 -46.56 -26.70 -1.41
C ASP B 451 -47.55 -26.19 -2.44
N SER B 452 -47.33 -25.00 -2.97
CA SER B 452 -48.25 -24.44 -3.97
C SER B 452 -48.09 -25.11 -5.31
N SER B 453 -46.93 -25.74 -5.56
CA SER B 453 -46.75 -26.45 -6.82
C SER B 453 -47.67 -27.66 -6.92
N ASP B 454 -47.87 -28.39 -5.81
CA ASP B 454 -48.71 -29.58 -5.61
C ASP B 454 -48.14 -30.86 -6.25
N ILE B 455 -47.01 -30.80 -6.94
CA ILE B 455 -46.38 -32.03 -7.44
C ILE B 455 -45.72 -32.79 -6.28
N TYR B 456 -45.11 -32.08 -5.35
CA TYR B 456 -44.30 -32.68 -4.29
C TYR B 456 -45.06 -32.73 -2.98
N GLU B 457 -46.35 -33.09 -3.06
CA GLU B 457 -47.30 -33.19 -1.96
C GLU B 457 -46.84 -34.17 -0.88
N GLU B 458 -46.12 -35.21 -1.27
CA GLU B 458 -45.75 -36.28 -0.35
C GLU B 458 -44.44 -36.03 0.39
N LYS B 459 -43.50 -35.29 -0.19
CA LYS B 459 -42.32 -34.90 0.57
C LYS B 459 -42.65 -33.76 1.53
N ILE B 460 -43.62 -32.93 1.17
CA ILE B 460 -44.13 -31.90 2.06
C ILE B 460 -44.84 -32.55 3.25
N ASN B 461 -45.59 -33.62 2.97
CA ASN B 461 -46.35 -34.31 4.01
C ASN B 461 -45.42 -34.97 5.03
N ASN B 462 -44.30 -35.51 4.58
CA ASN B 462 -43.33 -36.09 5.50
C ASN B 462 -42.74 -35.03 6.42
N PHE B 463 -42.46 -33.83 5.90
CA PHE B 463 -41.89 -32.76 6.71
C PHE B 463 -42.90 -32.28 7.75
N VAL B 464 -44.14 -32.04 7.33
CA VAL B 464 -45.12 -31.53 8.28
C VAL B 464 -45.51 -32.60 9.30
N SER B 465 -45.47 -33.88 8.90
CA SER B 465 -45.71 -34.95 9.86
C SER B 465 -44.57 -35.07 10.85
N ASP B 466 -43.33 -34.84 10.42
CA ASP B 466 -42.21 -34.81 11.35
C ASP B 466 -42.33 -33.64 12.32
N ILE B 467 -42.87 -32.51 11.84
CA ILE B 467 -43.10 -31.37 12.72
C ILE B 467 -44.18 -31.68 13.75
N ILE B 468 -45.30 -32.27 13.32
CA ILE B 468 -46.42 -32.53 14.21
C ILE B 468 -46.06 -33.63 15.21
N LYS B 469 -45.32 -34.64 14.78
CA LYS B 469 -44.93 -35.74 15.68
C LYS B 469 -44.01 -35.28 16.79
N LEU B 470 -43.30 -34.15 16.58
CA LEU B 470 -42.46 -33.57 17.61
C LEU B 470 -43.28 -33.11 18.81
N ASP B 471 -44.52 -32.67 18.56
CA ASP B 471 -45.43 -32.08 19.56
C ASP B 471 -44.78 -30.88 20.24
N TYR B 472 -44.01 -30.12 19.47
CA TYR B 472 -43.41 -28.86 19.92
C TYR B 472 -44.14 -27.75 19.18
N GLU B 473 -44.85 -26.91 19.94
CA GLU B 473 -45.64 -25.85 19.33
C GLU B 473 -44.77 -24.79 18.66
N TYR B 474 -43.52 -24.65 19.09
CA TYR B 474 -42.65 -23.63 18.49
C TYR B 474 -42.24 -24.00 17.07
N ASP B 475 -42.09 -25.29 16.77
CA ASP B 475 -41.83 -25.70 15.39
C ASP B 475 -43.05 -25.51 14.50
N ILE B 476 -44.24 -25.77 15.03
CA ILE B 476 -45.47 -25.49 14.30
C ILE B 476 -45.61 -24.00 14.05
N ASP B 477 -45.17 -23.17 15.00
CA ASP B 477 -45.19 -21.73 14.79
C ASP B 477 -44.09 -21.30 13.82
N ARG B 478 -42.98 -22.04 13.76
CA ARG B 478 -41.94 -21.77 12.78
C ARG B 478 -42.39 -22.10 11.37
N TYR B 479 -43.34 -23.02 11.21
CA TYR B 479 -43.87 -23.37 9.90
C TYR B 479 -45.36 -23.07 9.79
N TRP B 480 -45.84 -22.08 10.55
CA TRP B 480 -47.26 -21.70 10.52
C TRP B 480 -47.71 -21.28 9.13
N LEU B 481 -46.83 -20.67 8.33
CA LEU B 481 -47.27 -20.26 6.99
C LEU B 481 -47.51 -21.47 6.11
N LEU B 482 -46.63 -22.46 6.16
CA LEU B 482 -46.83 -23.71 5.42
C LEU B 482 -48.07 -24.44 5.92
N PHE B 483 -48.24 -24.52 7.23
CA PHE B 483 -49.39 -25.22 7.81
C PHE B 483 -50.70 -24.54 7.44
N TYR B 484 -50.73 -23.20 7.50
CA TYR B 484 -51.92 -22.46 7.13
C TYR B 484 -52.21 -22.56 5.65
N GLN B 485 -51.17 -22.57 4.81
CA GLN B 485 -51.41 -22.68 3.37
C GLN B 485 -52.00 -24.05 3.03
N ARG B 486 -51.49 -25.12 3.65
CA ARG B 486 -52.07 -26.43 3.44
C ARG B 486 -53.49 -26.52 3.99
N PHE B 487 -53.74 -25.90 5.16
CA PHE B 487 -55.08 -25.95 5.74
C PHE B 487 -56.08 -25.16 4.89
N PHE B 488 -55.66 -24.00 4.37
CA PHE B 488 -56.54 -23.18 3.55
C PHE B 488 -56.76 -23.83 2.18
N LYS B 489 -55.79 -24.60 1.70
CA LYS B 489 -55.95 -25.34 0.46
C LYS B 489 -56.60 -26.70 0.67
N ASP B 490 -57.12 -26.97 1.87
CA ASP B 490 -57.82 -28.19 2.26
C ASP B 490 -56.96 -29.44 2.14
N LYS B 491 -55.64 -29.30 2.03
CA LYS B 491 -54.75 -30.45 1.91
C LYS B 491 -54.37 -31.02 3.27
N ALA B 492 -54.66 -30.32 4.35
CA ALA B 492 -54.33 -30.74 5.70
C ALA B 492 -55.29 -30.07 6.67
N PRO B 493 -55.43 -30.57 7.91
CA PRO B 493 -56.21 -29.81 8.90
C PRO B 493 -55.32 -28.85 9.67
N SER B 494 -55.92 -27.98 10.48
CA SER B 494 -55.14 -27.08 11.32
C SER B 494 -54.41 -27.87 12.39
N PRO B 495 -53.16 -27.50 12.68
CA PRO B 495 -52.44 -28.09 13.83
C PRO B 495 -52.65 -27.35 15.14
N TYR B 496 -53.62 -26.44 15.20
CA TYR B 496 -53.89 -25.62 16.38
C TYR B 496 -55.30 -25.89 16.89
N ASN B 497 -55.45 -25.88 18.20
CA ASN B 497 -56.76 -26.06 18.82
C ASN B 497 -57.53 -24.75 18.94
N ASP B 498 -56.93 -23.62 18.61
CA ASP B 498 -57.63 -22.35 18.58
C ASP B 498 -58.32 -22.14 17.23
N LYS B 499 -59.15 -21.11 17.17
CA LYS B 499 -59.95 -20.84 15.99
C LYS B 499 -59.28 -19.89 15.01
N CYS B 500 -58.03 -19.48 15.27
CA CYS B 500 -57.39 -18.41 14.49
C CYS B 500 -57.26 -18.79 13.02
N PHE B 501 -56.80 -20.02 12.74
CA PHE B 501 -56.72 -20.49 11.36
C PHE B 501 -58.11 -20.58 10.74
N ASP B 502 -59.12 -20.94 11.53
CA ASP B 502 -60.47 -21.10 11.02
C ASP B 502 -61.09 -19.75 10.67
N ILE B 503 -60.89 -18.73 11.51
CA ILE B 503 -61.37 -17.40 11.16
C ILE B 503 -60.62 -16.83 9.97
N MET B 504 -59.32 -17.16 9.84
CA MET B 504 -58.59 -16.77 8.64
C MET B 504 -59.17 -17.39 7.38
N LYS B 505 -59.39 -18.71 7.40
CA LYS B 505 -59.82 -19.42 6.20
C LYS B 505 -61.26 -19.09 5.84
N GLY B 506 -62.13 -18.91 6.84
CA GLY B 506 -63.52 -18.59 6.57
C GLY B 506 -63.70 -17.26 5.87
N TYR B 507 -62.83 -16.30 6.16
CA TYR B 507 -62.88 -15.01 5.50
C TYR B 507 -62.01 -14.94 4.25
N GLY B 508 -61.30 -16.01 3.91
CA GLY B 508 -60.56 -16.07 2.67
C GLY B 508 -59.13 -15.58 2.73
N VAL B 509 -58.49 -15.61 3.90
CA VAL B 509 -57.12 -15.14 4.01
C VAL B 509 -56.19 -16.12 3.31
N ASP B 510 -55.52 -15.64 2.27
CA ASP B 510 -54.53 -16.41 1.54
C ASP B 510 -53.22 -15.63 1.51
N PHE B 511 -52.14 -16.25 1.98
CA PHE B 511 -50.83 -15.61 1.98
C PHE B 511 -50.03 -15.93 0.73
N MET B 512 -50.61 -16.68 -0.21
CA MET B 512 -50.04 -16.87 -1.54
C MET B 512 -51.13 -16.58 -2.57
N PRO B 513 -51.53 -15.32 -2.71
CA PRO B 513 -52.70 -15.01 -3.53
C PRO B 513 -52.35 -14.70 -4.98
N ASP B 514 -53.33 -14.90 -5.84
CA ASP B 514 -53.23 -14.50 -7.24
C ASP B 514 -53.82 -13.11 -7.43
N GLU B 515 -54.02 -12.72 -8.68
CA GLU B 515 -54.61 -11.41 -8.97
C GLU B 515 -56.10 -11.55 -9.33
N ASP C 14 -11.94 -35.23 46.49
CA ASP C 14 -12.76 -35.66 45.37
C ASP C 14 -12.77 -34.61 44.27
N GLU C 15 -13.28 -35.01 43.09
CA GLU C 15 -13.45 -34.09 41.98
C GLU C 15 -14.79 -33.38 42.02
N LYS C 16 -15.82 -34.04 42.56
CA LYS C 16 -17.09 -33.37 42.83
C LYS C 16 -16.91 -32.24 43.83
N ARG C 17 -16.14 -32.49 44.90
CA ARG C 17 -15.90 -31.47 45.90
C ARG C 17 -15.01 -30.35 45.35
N HIS C 18 -14.04 -30.68 44.51
CA HIS C 18 -13.20 -29.63 43.93
C HIS C 18 -14.01 -28.73 43.00
N LEU C 19 -14.93 -29.32 42.23
CA LEU C 19 -15.84 -28.53 41.42
C LEU C 19 -16.75 -27.66 42.29
N TYR C 20 -17.21 -28.21 43.42
CA TYR C 20 -18.11 -27.47 44.29
C TYR C 20 -17.39 -26.26 44.90
N GLU C 21 -16.13 -26.45 45.30
CA GLU C 21 -15.31 -25.32 45.73
C GLU C 21 -15.09 -24.33 44.59
N ALA C 22 -14.79 -24.83 43.39
CA ALA C 22 -14.43 -23.96 42.27
C ALA C 22 -15.58 -23.08 41.83
N LEU C 23 -16.81 -23.60 41.89
CA LEU C 23 -17.96 -22.85 41.42
C LEU C 23 -18.23 -21.62 42.28
N LEU C 24 -17.91 -21.69 43.57
CA LEU C 24 -18.23 -20.63 44.52
C LEU C 24 -17.01 -19.94 45.10
N ARG C 25 -16.00 -20.69 45.56
CA ARG C 25 -14.87 -20.06 46.22
C ARG C 25 -13.94 -19.35 45.23
N HIS C 26 -13.82 -19.88 44.01
CA HIS C 26 -12.80 -19.40 43.08
C HIS C 26 -13.38 -18.81 41.80
N ASN C 27 -14.30 -19.50 41.13
CA ASN C 27 -14.77 -19.05 39.83
C ASN C 27 -16.20 -18.51 39.88
N TYR C 28 -16.71 -18.13 41.05
CA TYR C 28 -17.94 -17.35 41.09
C TYR C 28 -17.72 -15.98 40.45
N PHE C 29 -16.79 -15.20 40.98
CA PHE C 29 -16.45 -13.93 40.39
C PHE C 29 -15.74 -14.18 39.07
N PRO C 30 -15.76 -13.22 38.14
CA PRO C 30 -15.02 -13.40 36.89
C PRO C 30 -13.52 -13.49 37.13
N ASN C 31 -13.01 -14.72 36.97
CA ASN C 31 -11.65 -15.09 37.36
C ASN C 31 -11.04 -16.04 36.32
N GLN C 32 -11.49 -15.95 35.08
CA GLN C 32 -11.05 -16.90 34.07
C GLN C 32 -9.62 -16.60 33.60
N LYS C 33 -9.28 -15.31 33.46
CA LYS C 33 -7.93 -14.95 33.04
C LYS C 33 -6.93 -15.26 34.14
N GLY C 34 -5.86 -15.96 33.77
CA GLY C 34 -4.90 -16.48 34.71
C GLY C 34 -3.62 -15.68 34.92
N SER C 35 -3.39 -14.65 34.12
CA SER C 35 -2.17 -13.85 34.29
C SER C 35 -2.44 -12.68 35.22
N ILE C 36 -3.32 -11.78 34.80
CA ILE C 36 -3.85 -10.73 35.67
C ILE C 36 -5.37 -10.84 35.68
N SER C 37 -5.96 -10.69 36.86
CA SER C 37 -7.40 -10.83 36.98
C SER C 37 -8.08 -9.59 36.40
N GLU C 38 -9.33 -9.78 35.97
CA GLU C 38 -10.15 -8.67 35.51
C GLU C 38 -10.75 -7.89 36.68
N ILE C 39 -10.76 -8.48 37.87
CA ILE C 39 -11.30 -7.87 39.07
C ILE C 39 -10.14 -7.71 40.05
N PRO C 40 -10.05 -6.58 40.75
CA PRO C 40 -8.94 -6.37 41.70
C PRO C 40 -8.98 -7.37 42.84
N PRO C 41 -7.82 -7.66 43.46
CA PRO C 41 -7.78 -8.72 44.48
C PRO C 41 -8.53 -8.39 45.77
N CYS C 42 -9.05 -7.17 45.93
CA CYS C 42 -9.87 -6.87 47.09
C CYS C 42 -11.15 -7.69 47.09
N PHE C 43 -11.75 -7.85 45.92
CA PHE C 43 -12.96 -8.66 45.79
C PHE C 43 -12.56 -10.12 45.65
N SER C 44 -12.94 -10.94 46.62
CA SER C 44 -12.65 -12.36 46.59
C SER C 44 -13.90 -13.14 46.97
N SER C 45 -14.18 -14.21 46.24
CA SER C 45 -15.38 -14.98 46.45
C SER C 45 -15.20 -16.18 47.37
N ARG C 46 -13.99 -16.44 47.86
CA ARG C 46 -13.82 -17.45 48.88
C ARG C 46 -14.39 -16.93 50.20
N THR C 47 -14.70 -17.87 51.11
CA THR C 47 -15.52 -17.88 52.33
C THR C 47 -17.01 -18.03 51.97
N PHE C 48 -17.30 -18.04 50.68
CA PHE C 48 -18.64 -18.41 50.19
C PHE C 48 -18.62 -19.92 49.91
N THR C 49 -18.61 -20.68 50.99
CA THR C 49 -18.36 -22.12 50.95
C THR C 49 -19.57 -22.86 50.41
N PRO C 50 -19.40 -24.12 49.97
CA PRO C 50 -20.57 -24.88 49.48
C PRO C 50 -21.66 -25.13 50.50
N GLU C 51 -21.32 -25.20 51.79
CA GLU C 51 -22.35 -25.41 52.80
C GLU C 51 -23.26 -24.19 52.93
N ILE C 52 -22.70 -22.99 52.79
CA ILE C 52 -23.52 -21.78 52.74
C ILE C 52 -24.42 -21.79 51.50
N ALA C 53 -23.91 -22.30 50.38
CA ALA C 53 -24.73 -22.45 49.19
C ALA C 53 -25.88 -23.43 49.38
N GLU C 54 -25.63 -24.55 50.08
CA GLU C 54 -26.70 -25.48 50.42
C GLU C 54 -27.73 -24.84 51.34
N LEU C 55 -27.29 -24.05 52.31
CA LEU C 55 -28.22 -23.39 53.22
C LEU C 55 -29.05 -22.33 52.50
N ILE C 56 -28.44 -21.62 51.54
CA ILE C 56 -29.18 -20.66 50.73
C ILE C 56 -30.20 -21.37 49.85
N SER C 57 -29.81 -22.49 49.24
CA SER C 57 -30.72 -23.24 48.39
C SER C 57 -31.88 -23.83 49.19
N SER C 58 -31.62 -24.25 50.43
CA SER C 58 -32.69 -24.82 51.26
C SER C 58 -33.69 -23.76 51.69
N ASP C 59 -33.24 -22.51 51.85
CA ASP C 59 -34.13 -21.44 52.31
C ASP C 59 -35.19 -21.12 51.28
N THR C 60 -36.45 -21.02 51.73
CA THR C 60 -37.59 -20.81 50.84
C THR C 60 -38.39 -19.57 51.21
N SER C 61 -37.88 -18.71 52.08
CA SER C 61 -38.66 -17.59 52.57
C SER C 61 -38.64 -16.44 51.56
N GLY C 62 -39.51 -15.46 51.80
CA GLY C 62 -39.55 -14.25 51.02
C GLY C 62 -40.41 -14.38 49.77
N ARG C 63 -40.83 -13.23 49.25
CA ARG C 63 -41.60 -13.16 48.02
C ARG C 63 -40.94 -12.17 47.09
N ARG C 64 -40.84 -12.52 45.81
CA ARG C 64 -40.24 -11.67 44.80
C ARG C 64 -41.28 -11.35 43.73
N SER C 65 -41.41 -10.06 43.43
CA SER C 65 -42.37 -9.62 42.41
C SER C 65 -41.83 -9.75 41.00
N LEU C 66 -40.54 -9.97 40.83
CA LEU C 66 -39.91 -10.09 39.52
C LEU C 66 -39.35 -11.50 39.34
N GLN C 67 -39.53 -12.03 38.14
CA GLN C 67 -39.07 -13.38 37.84
C GLN C 67 -37.57 -13.37 37.58
N GLY C 68 -36.84 -14.20 38.31
CA GLY C 68 -35.40 -14.28 38.14
C GLY C 68 -34.67 -13.23 38.95
N TYR C 69 -33.37 -13.17 38.71
CA TYR C 69 -32.49 -12.24 39.41
C TYR C 69 -31.59 -11.56 38.39
N ASP C 70 -31.20 -10.32 38.69
CA ASP C 70 -30.24 -9.60 37.87
C ASP C 70 -28.84 -9.82 38.44
N CYS C 71 -27.86 -9.22 37.78
CA CYS C 71 -26.46 -9.48 38.07
C CYS C 71 -25.73 -8.16 38.30
N VAL C 72 -24.70 -8.21 39.14
CA VAL C 72 -23.78 -7.09 39.27
C VAL C 72 -22.96 -7.00 37.98
N GLU C 73 -23.00 -5.85 37.33
CA GLU C 73 -22.43 -5.74 36.00
C GLU C 73 -21.01 -5.18 36.10
N TYR C 74 -20.19 -5.52 35.10
CA TYR C 74 -18.78 -5.16 35.15
C TYR C 74 -18.26 -5.07 33.72
N TYR C 75 -18.08 -3.86 33.22
CA TYR C 75 -17.63 -3.66 31.84
C TYR C 75 -16.10 -3.65 31.83
N ALA C 76 -15.51 -4.78 31.44
CA ALA C 76 -14.07 -4.91 31.35
C ALA C 76 -13.59 -4.46 29.98
N THR C 77 -12.37 -3.91 29.92
CA THR C 77 -11.84 -3.33 28.69
C THR C 77 -10.99 -4.35 27.96
N ARG C 78 -11.26 -4.53 26.67
CA ARG C 78 -10.46 -5.41 25.83
C ARG C 78 -9.30 -4.65 25.20
N TYR C 79 -8.60 -5.33 24.28
CA TYR C 79 -7.41 -4.76 23.67
C TYR C 79 -7.73 -3.58 22.77
N ASN C 80 -8.93 -3.54 22.21
CA ASN C 80 -9.37 -2.44 21.37
C ASN C 80 -10.19 -1.40 22.13
N ASN C 81 -10.14 -1.43 23.47
CA ASN C 81 -10.85 -0.59 24.43
C ASN C 81 -12.35 -0.89 24.44
N PHE C 82 -12.75 -2.03 23.89
CA PHE C 82 -14.17 -2.36 23.82
C PHE C 82 -14.62 -2.94 25.16
N PRO C 83 -15.84 -2.64 25.61
CA PRO C 83 -16.34 -3.26 26.83
C PRO C 83 -16.88 -4.67 26.62
N ARG C 84 -16.65 -5.52 27.61
CA ARG C 84 -17.23 -6.84 27.71
C ARG C 84 -17.89 -6.91 29.07
N THR C 85 -19.18 -7.23 29.09
CA THR C 85 -19.99 -7.10 30.30
C THR C 85 -19.93 -8.42 31.06
N LEU C 86 -18.93 -8.52 31.94
CA LEU C 86 -18.88 -9.60 32.91
C LEU C 86 -19.97 -9.40 33.95
N SER C 87 -20.42 -10.50 34.54
CA SER C 87 -21.53 -10.44 35.47
C SER C 87 -21.21 -11.26 36.72
N ILE C 88 -21.61 -10.74 37.86
CA ILE C 88 -21.58 -11.46 39.13
C ILE C 88 -23.02 -11.82 39.44
N ILE C 89 -23.33 -13.12 39.38
CA ILE C 89 -24.69 -13.61 39.54
C ILE C 89 -25.16 -13.35 40.97
N HIS C 90 -26.45 -13.03 41.12
CA HIS C 90 -27.04 -12.90 42.44
C HIS C 90 -26.95 -14.23 43.17
N PRO C 91 -26.42 -14.26 44.39
CA PRO C 91 -26.02 -15.53 45.00
C PRO C 91 -27.15 -16.43 45.42
N LYS C 92 -28.36 -15.92 45.58
CA LYS C 92 -29.49 -16.82 45.80
C LYS C 92 -29.82 -17.58 44.52
N ALA C 93 -29.69 -16.92 43.37
CA ALA C 93 -29.83 -17.59 42.09
C ALA C 93 -28.57 -18.36 41.70
N TYR C 94 -27.43 -18.07 42.32
CA TYR C 94 -26.19 -18.75 41.99
C TYR C 94 -25.96 -19.99 42.84
N SER C 95 -26.38 -19.97 44.10
CA SER C 95 -26.20 -21.13 44.96
C SER C 95 -26.98 -22.32 44.45
N LYS C 96 -28.22 -22.10 43.99
CA LYS C 96 -29.02 -23.16 43.42
C LYS C 96 -28.40 -23.70 42.14
N LEU C 97 -27.87 -22.82 41.28
CA LEU C 97 -27.23 -23.23 40.04
C LEU C 97 -25.98 -24.06 40.31
N ALA C 98 -25.12 -23.59 41.21
CA ALA C 98 -23.89 -24.29 41.53
C ALA C 98 -24.17 -25.62 42.23
N LYS C 99 -25.16 -25.64 43.13
CA LYS C 99 -25.52 -26.88 43.81
C LYS C 99 -26.12 -27.88 42.82
N HIS C 100 -26.91 -27.41 41.86
CA HIS C 100 -27.46 -28.28 40.85
C HIS C 100 -26.38 -28.87 39.97
N ILE C 101 -25.40 -28.05 39.58
CA ILE C 101 -24.29 -28.56 38.77
C ILE C 101 -23.46 -29.55 39.56
N HIS C 102 -23.30 -29.31 40.87
CA HIS C 102 -22.56 -30.23 41.72
C HIS C 102 -23.26 -31.58 41.85
N ASP C 103 -24.57 -31.57 42.12
CA ASP C 103 -25.29 -32.82 42.37
C ASP C 103 -25.36 -33.69 41.12
N ASN C 104 -25.31 -33.06 39.95
CA ASN C 104 -25.47 -33.73 38.66
C ASN C 104 -24.13 -33.95 37.95
N TRP C 105 -23.03 -33.90 38.70
CA TRP C 105 -21.70 -33.80 38.08
C TRP C 105 -21.31 -35.07 37.33
N GLU C 106 -21.81 -36.23 37.78
CA GLU C 106 -21.53 -37.47 37.05
C GLU C 106 -22.23 -37.50 35.69
N GLU C 107 -23.30 -36.73 35.53
CA GLU C 107 -23.92 -36.58 34.21
C GLU C 107 -23.46 -35.34 33.46
N ILE C 108 -22.65 -34.48 34.08
CA ILE C 108 -22.12 -33.30 33.40
C ILE C 108 -20.68 -33.50 32.94
N ARG C 109 -19.90 -34.35 33.62
CA ARG C 109 -18.47 -34.49 33.39
C ARG C 109 -18.10 -35.07 32.03
N PHE C 110 -19.07 -35.32 31.15
CA PHE C 110 -18.75 -35.65 29.76
C PHE C 110 -18.12 -34.48 29.01
N ILE C 111 -18.28 -33.26 29.53
CA ILE C 111 -17.60 -32.11 28.94
C ILE C 111 -16.12 -32.13 29.25
N LYS C 112 -15.73 -32.79 30.36
CA LYS C 112 -14.31 -32.93 30.68
C LYS C 112 -13.62 -33.94 29.79
N GLU C 113 -14.34 -34.92 29.26
CA GLU C 113 -13.77 -35.95 28.40
C GLU C 113 -13.68 -35.50 26.95
N ASN C 114 -14.23 -34.34 26.60
CA ASN C 114 -14.07 -33.78 25.27
C ASN C 114 -12.61 -33.41 25.04
N GLU C 115 -12.13 -33.67 23.83
CA GLU C 115 -10.74 -33.43 23.48
C GLU C 115 -10.55 -32.26 22.53
N ASN C 116 -11.62 -31.70 21.98
CA ASN C 116 -11.53 -30.53 21.11
C ASN C 116 -11.75 -29.22 21.85
N SER C 117 -12.16 -29.26 23.11
CA SER C 117 -12.35 -28.06 23.91
C SER C 117 -11.09 -27.84 24.73
N MET C 118 -10.35 -26.77 24.41
CA MET C 118 -9.08 -26.55 25.06
C MET C 118 -9.24 -25.97 26.46
N ILE C 119 -10.16 -25.03 26.62
CA ILE C 119 -10.50 -24.49 27.93
C ILE C 119 -11.85 -25.05 28.34
N LYS C 120 -11.84 -25.82 29.42
CA LYS C 120 -12.96 -26.61 29.89
C LYS C 120 -12.74 -26.83 31.37
N PRO C 121 -13.74 -27.35 32.09
CA PRO C 121 -13.49 -27.71 33.50
C PRO C 121 -12.35 -28.70 33.66
N ASP C 122 -11.51 -28.43 34.65
CA ASP C 122 -10.28 -29.19 34.88
C ASP C 122 -9.83 -28.92 36.31
N MET C 123 -9.25 -29.93 36.94
CA MET C 123 -8.81 -29.78 38.32
C MET C 123 -7.52 -28.96 38.41
N HIS C 124 -7.66 -27.64 38.43
CA HIS C 124 -6.49 -26.78 38.59
C HIS C 124 -6.06 -26.72 40.05
N ALA C 125 -4.76 -26.47 40.24
CA ALA C 125 -4.18 -26.55 41.58
C ALA C 125 -4.61 -25.39 42.47
N ASP C 126 -4.79 -24.20 41.89
CA ASP C 126 -5.16 -23.03 42.70
C ASP C 126 -6.56 -23.15 43.28
N GLY C 127 -7.44 -23.87 42.59
CA GLY C 127 -8.79 -24.09 43.08
C GLY C 127 -9.83 -23.85 42.01
N ARG C 128 -9.41 -23.30 40.88
CA ARG C 128 -10.31 -22.99 39.79
C ARG C 128 -10.59 -24.22 38.94
N ILE C 129 -11.62 -24.13 38.08
CA ILE C 129 -11.81 -25.11 37.02
C ILE C 129 -11.75 -24.50 35.63
N ILE C 130 -11.93 -23.19 35.48
CA ILE C 130 -11.85 -22.52 34.19
C ILE C 130 -10.76 -21.47 34.26
N ILE C 131 -9.67 -21.70 33.52
CA ILE C 131 -8.58 -20.74 33.38
C ILE C 131 -8.23 -20.68 31.90
N MET C 132 -8.57 -19.58 31.24
CA MET C 132 -8.15 -19.47 29.85
C MET C 132 -6.68 -19.07 29.78
N ASN C 133 -6.02 -19.49 28.71
CA ASN C 133 -4.60 -19.25 28.45
C ASN C 133 -3.74 -19.76 29.62
N TYR C 134 -3.92 -21.05 29.91
CA TYR C 134 -3.30 -21.67 31.07
C TYR C 134 -2.20 -22.67 30.72
N GLU C 135 -2.34 -23.41 29.61
CA GLU C 135 -1.37 -24.44 29.28
C GLU C 135 -0.05 -23.83 28.82
N ASP C 136 1.03 -24.58 29.02
CA ASP C 136 2.36 -24.07 28.76
C ASP C 136 2.63 -23.96 27.26
N ALA C 137 3.64 -23.15 26.93
CA ALA C 137 3.90 -22.81 25.53
C ALA C 137 4.43 -24.01 24.75
N GLU C 138 5.18 -24.90 25.40
CA GLU C 138 5.78 -26.05 24.72
C GLU C 138 4.72 -27.00 24.19
N THR C 139 3.75 -27.37 25.03
CA THR C 139 2.68 -28.24 24.59
C THR C 139 1.81 -27.57 23.55
N LYS C 140 1.55 -26.27 23.70
CA LYS C 140 0.74 -25.54 22.73
C LYS C 140 1.43 -25.52 21.37
N THR C 141 2.74 -25.30 21.35
CA THR C 141 3.51 -25.33 20.10
C THR C 141 3.49 -26.72 19.47
N ILE C 142 3.72 -27.76 20.28
CA ILE C 142 3.75 -29.13 19.77
C ILE C 142 2.38 -29.53 19.21
N ARG C 143 1.31 -29.18 19.92
CA ARG C 143 -0.05 -29.39 19.42
C ARG C 143 -0.31 -28.64 18.12
N GLU C 144 0.16 -27.40 18.02
CA GLU C 144 -0.15 -26.58 16.85
C GLU C 144 0.55 -27.15 15.61
N LEU C 145 1.83 -27.52 15.77
CA LEU C 145 2.55 -28.21 14.69
C LEU C 145 1.96 -29.58 14.38
N ASN C 146 1.61 -30.35 15.42
CA ASN C 146 1.08 -31.70 15.21
C ASN C 146 -0.25 -31.69 14.48
N ASP C 147 -1.10 -30.71 14.78
CA ASP C 147 -2.39 -30.61 14.12
C ASP C 147 -2.28 -29.91 12.77
N GLY C 148 -1.26 -29.09 12.58
CA GLY C 148 -0.93 -28.51 11.29
C GLY C 148 -0.09 -29.39 10.39
N PHE C 149 0.11 -30.64 10.79
CA PHE C 149 0.86 -31.63 10.01
C PHE C 149 0.16 -31.94 8.70
N GLY C 150 0.81 -31.63 7.57
CA GLY C 150 0.36 -32.09 6.29
C GLY C 150 -0.85 -31.40 5.71
N ARG C 151 -1.25 -30.25 6.24
CA ARG C 151 -2.49 -29.62 5.83
C ARG C 151 -2.21 -28.32 5.09
N ARG C 152 -3.16 -27.91 4.26
CA ARG C 152 -3.02 -26.74 3.41
C ARG C 152 -3.67 -25.47 3.96
N PHE C 153 -4.84 -25.58 4.58
CA PHE C 153 -5.59 -24.40 5.00
C PHE C 153 -5.90 -24.44 6.49
N LYS C 154 -6.01 -23.26 7.09
CA LYS C 154 -6.42 -23.14 8.48
C LYS C 154 -7.64 -22.24 8.54
N VAL C 155 -8.76 -22.80 8.97
CA VAL C 155 -10.03 -22.08 9.06
C VAL C 155 -10.20 -21.59 10.49
N ASN C 156 -10.51 -20.30 10.64
CA ASN C 156 -10.85 -19.71 11.92
C ASN C 156 -12.30 -19.28 11.87
N ALA C 157 -13.10 -19.75 12.82
CA ALA C 157 -14.51 -19.40 12.90
C ALA C 157 -14.84 -19.01 14.33
N ASP C 158 -15.84 -18.15 14.49
CA ASP C 158 -16.26 -17.72 15.81
C ASP C 158 -17.77 -17.79 15.92
N ILE C 159 -18.27 -18.22 17.07
CA ILE C 159 -19.69 -18.06 17.36
C ILE C 159 -19.96 -16.57 17.60
N SER C 160 -21.06 -16.07 17.05
CA SER C 160 -21.30 -14.63 16.98
C SER C 160 -21.44 -14.01 18.37
N GLY C 161 -22.45 -14.41 19.13
CA GLY C 161 -22.57 -13.92 20.48
C GLY C 161 -22.00 -14.87 21.50
N CYS C 162 -22.42 -16.14 21.43
CA CYS C 162 -22.03 -17.23 22.32
C CYS C 162 -22.53 -16.94 23.73
N PHE C 163 -21.89 -16.00 24.42
CA PHE C 163 -22.40 -15.58 25.71
C PHE C 163 -23.71 -14.80 25.56
N THR C 164 -23.83 -14.04 24.47
CA THR C 164 -24.96 -13.14 24.31
C THR C 164 -26.24 -13.91 23.99
N ASN C 165 -26.17 -14.93 23.14
CA ASN C 165 -27.38 -15.59 22.66
C ASN C 165 -27.31 -17.12 22.76
N ILE C 166 -26.72 -17.66 23.82
CA ILE C 166 -26.90 -19.08 24.09
C ILE C 166 -28.34 -19.28 24.56
N TYR C 167 -29.02 -20.25 23.96
CA TYR C 167 -30.41 -20.53 24.28
C TYR C 167 -30.45 -21.53 25.43
N SER C 168 -31.05 -21.12 26.55
CA SER C 168 -31.04 -21.96 27.75
C SER C 168 -31.91 -23.19 27.56
N HIS C 169 -33.01 -23.06 26.82
CA HIS C 169 -33.88 -24.20 26.53
C HIS C 169 -33.18 -25.27 25.69
N SER C 170 -32.06 -24.92 25.07
CA SER C 170 -31.25 -25.84 24.30
C SER C 170 -30.25 -26.60 25.16
N ILE C 171 -30.22 -26.37 26.47
CA ILE C 171 -29.39 -27.17 27.36
C ILE C 171 -29.85 -28.63 27.38
N PRO C 172 -31.14 -28.99 27.51
CA PRO C 172 -31.51 -30.40 27.30
C PRO C 172 -31.33 -30.87 25.87
N TRP C 173 -31.46 -29.96 24.89
CA TRP C 173 -31.26 -30.34 23.49
C TRP C 173 -29.85 -30.87 23.25
N ALA C 174 -28.86 -30.27 23.90
CA ALA C 174 -27.51 -30.79 23.82
C ALA C 174 -27.37 -32.10 24.58
N VAL C 175 -28.13 -32.26 25.66
CA VAL C 175 -27.85 -33.36 26.58
C VAL C 175 -28.45 -34.67 26.06
N ILE C 176 -29.70 -34.64 25.60
CA ILE C 176 -30.37 -35.86 25.18
C ILE C 176 -30.88 -35.77 23.73
N GLY C 177 -30.43 -34.76 22.99
CA GLY C 177 -30.89 -34.63 21.62
C GLY C 177 -32.02 -33.63 21.50
N VAL C 178 -32.12 -32.96 20.33
CA VAL C 178 -33.10 -31.91 20.17
C VAL C 178 -34.53 -32.48 20.19
N ASN C 179 -34.77 -33.53 19.42
CA ASN C 179 -36.13 -34.05 19.26
C ASN C 179 -36.59 -34.80 20.49
N ASN C 180 -35.68 -35.53 21.14
CA ASN C 180 -36.02 -36.21 22.39
C ASN C 180 -36.40 -35.22 23.47
N ALA C 181 -35.66 -34.12 23.57
CA ALA C 181 -35.98 -33.10 24.56
C ALA C 181 -37.29 -32.38 24.22
N LYS C 182 -37.56 -32.16 22.93
CA LYS C 182 -38.82 -31.52 22.55
C LYS C 182 -40.01 -32.44 22.83
N ILE C 183 -39.86 -33.75 22.61
CA ILE C 183 -40.92 -34.70 22.92
C ILE C 183 -41.10 -34.81 24.44
N ALA C 184 -40.00 -34.74 25.19
CA ALA C 184 -40.06 -34.88 26.64
C ALA C 184 -40.85 -33.74 27.29
N LEU C 185 -40.85 -32.56 26.67
CA LEU C 185 -41.66 -31.44 27.15
C LEU C 185 -43.15 -31.73 26.95
N LYS C 194 -38.38 -33.99 36.94
CA LYS C 194 -38.03 -33.75 35.55
C LYS C 194 -36.55 -34.09 35.36
N HIS C 195 -36.10 -34.14 34.10
CA HIS C 195 -34.72 -34.47 33.78
C HIS C 195 -33.79 -33.38 34.32
N TRP C 196 -32.53 -33.76 34.56
CA TRP C 196 -31.59 -32.89 35.24
C TRP C 196 -31.25 -31.66 34.41
N SER C 197 -31.17 -31.80 33.09
CA SER C 197 -30.81 -30.70 32.22
C SER C 197 -31.91 -29.65 32.09
N ASP C 198 -33.17 -30.04 32.29
CA ASP C 198 -34.26 -29.07 32.31
C ASP C 198 -34.20 -28.18 33.55
N LYS C 199 -33.89 -28.77 34.71
CA LYS C 199 -33.69 -27.97 35.91
C LYS C 199 -32.42 -27.14 35.81
N LEU C 200 -31.40 -27.64 35.10
CA LEU C 200 -30.23 -26.81 34.83
C LEU C 200 -30.58 -25.62 33.96
N ASP C 201 -31.44 -25.82 32.96
CA ASP C 201 -31.91 -24.72 32.12
C ASP C 201 -32.67 -23.69 32.96
N TYR C 202 -33.55 -24.17 33.84
CA TYR C 202 -34.30 -23.26 34.73
C TYR C 202 -33.38 -22.48 35.66
N PHE C 203 -32.39 -23.16 36.25
CA PHE C 203 -31.50 -22.49 37.20
C PHE C 203 -30.58 -21.51 36.49
N GLN C 204 -30.18 -21.82 35.26
CA GLN C 204 -29.40 -20.88 34.48
C GLN C 204 -30.23 -19.66 34.08
N ARG C 205 -31.52 -19.88 33.79
CA ARG C 205 -32.41 -18.75 33.51
C ARG C 205 -32.59 -17.86 34.73
N GLN C 206 -32.71 -18.47 35.91
CA GLN C 206 -32.87 -17.70 37.15
C GLN C 206 -31.66 -16.82 37.44
N ALA C 207 -30.49 -17.17 36.89
CA ALA C 207 -29.29 -16.38 37.09
C ALA C 207 -29.41 -14.99 36.46
N LYS C 208 -30.06 -14.88 35.30
CA LYS C 208 -30.18 -13.62 34.58
C LYS C 208 -31.65 -13.35 34.24
N ARG C 209 -32.37 -12.82 35.22
CA ARG C 209 -33.67 -12.15 35.03
C ARG C 209 -34.74 -13.05 34.42
N ASN C 210 -34.64 -14.37 34.62
CA ASN C 210 -35.52 -15.36 34.01
C ASN C 210 -35.57 -15.22 32.49
N GLU C 211 -34.41 -15.00 31.88
CA GLU C 211 -34.32 -14.75 30.45
C GLU C 211 -33.75 -15.99 29.76
N THR C 212 -34.37 -16.35 28.64
CA THR C 212 -33.98 -17.57 27.93
C THR C 212 -32.60 -17.43 27.28
N HIS C 213 -32.33 -16.28 26.68
CA HIS C 213 -31.09 -16.07 25.93
C HIS C 213 -30.04 -15.45 26.83
N GLY C 214 -28.79 -15.86 26.62
CA GLY C 214 -27.66 -15.27 27.29
C GLY C 214 -27.22 -16.05 28.51
N VAL C 215 -25.96 -15.84 28.88
CA VAL C 215 -25.38 -16.38 30.10
C VAL C 215 -24.52 -15.29 30.73
N PRO C 216 -24.51 -15.14 32.05
CA PRO C 216 -23.59 -14.20 32.69
C PRO C 216 -22.13 -14.59 32.46
N ILE C 217 -21.34 -13.64 31.98
CA ILE C 217 -19.96 -13.90 31.60
C ILE C 217 -19.10 -13.81 32.85
N GLY C 218 -18.31 -14.86 33.10
CA GLY C 218 -17.40 -14.84 34.21
C GLY C 218 -17.52 -15.97 35.23
N PRO C 219 -18.74 -16.31 35.65
CA PRO C 219 -18.90 -17.53 36.46
C PRO C 219 -18.61 -18.79 35.66
N ALA C 220 -18.11 -19.80 36.38
CA ALA C 220 -17.81 -21.07 35.72
C ALA C 220 -19.07 -21.86 35.42
N THR C 221 -20.19 -21.51 36.07
CA THR C 221 -21.45 -22.18 35.75
C THR C 221 -21.89 -21.90 34.33
N SER C 222 -21.71 -20.66 33.86
CA SER C 222 -21.98 -20.35 32.47
C SER C 222 -20.97 -20.96 31.52
N SER C 223 -19.72 -21.12 31.96
CA SER C 223 -18.74 -21.85 31.15
C SER C 223 -19.12 -23.32 31.01
N ILE C 224 -19.63 -23.92 32.09
CA ILE C 224 -20.11 -25.30 32.05
C ILE C 224 -21.33 -25.41 31.13
N VAL C 225 -22.24 -24.43 31.21
CA VAL C 225 -23.43 -24.43 30.36
C VAL C 225 -23.03 -24.28 28.90
N CYS C 226 -22.06 -23.43 28.60
CA CYS C 226 -21.57 -23.27 27.24
C CYS C 226 -20.88 -24.53 26.74
N GLU C 227 -20.07 -25.17 27.60
CA GLU C 227 -19.41 -26.41 27.23
C GLU C 227 -20.39 -27.54 26.98
N ILE C 228 -21.48 -27.60 27.75
CA ILE C 228 -22.50 -28.62 27.57
C ILE C 228 -23.14 -28.50 26.19
N ILE C 229 -23.47 -27.28 25.79
CA ILE C 229 -24.11 -27.06 24.49
C ILE C 229 -23.12 -27.29 23.36
N LEU C 230 -21.89 -26.78 23.51
CA LEU C 230 -20.91 -26.87 22.43
C LEU C 230 -20.26 -28.24 22.32
N SER C 231 -20.41 -29.10 23.32
CA SER C 231 -19.84 -30.43 23.23
C SER C 231 -20.57 -31.30 22.22
N ALA C 232 -21.87 -31.05 22.01
CA ALA C 232 -22.59 -31.77 20.95
C ALA C 232 -22.11 -31.35 19.57
N VAL C 233 -21.84 -30.06 19.39
CA VAL C 233 -21.24 -29.56 18.16
C VAL C 233 -19.87 -30.18 17.95
N ASP C 234 -19.07 -30.27 19.02
CA ASP C 234 -17.76 -30.89 18.94
C ASP C 234 -17.87 -32.37 18.60
N LYS C 235 -18.87 -33.06 19.15
CA LYS C 235 -19.08 -34.47 18.86
C LYS C 235 -19.43 -34.70 17.40
N ARG C 236 -20.35 -33.89 16.85
CA ARG C 236 -20.72 -34.10 15.45
C ARG C 236 -19.59 -33.72 14.51
N LEU C 237 -18.85 -32.65 14.82
CA LEU C 237 -17.70 -32.28 14.00
C LEU C 237 -16.60 -33.34 14.08
N ARG C 238 -16.43 -33.95 15.26
CA ARG C 238 -15.46 -35.01 15.45
C ARG C 238 -15.82 -36.25 14.66
N ASP C 239 -17.11 -36.63 14.67
CA ASP C 239 -17.53 -37.87 14.03
C ASP C 239 -17.46 -37.78 12.51
N ASP C 240 -17.46 -36.57 11.96
CA ASP C 240 -17.25 -36.37 10.54
C ASP C 240 -15.79 -36.20 10.16
N GLY C 241 -14.87 -36.56 11.05
CA GLY C 241 -13.45 -36.58 10.76
C GLY C 241 -12.81 -35.25 10.46
N PHE C 242 -13.02 -34.27 11.35
CA PHE C 242 -12.41 -32.96 11.21
C PHE C 242 -11.36 -32.76 12.30
N LEU C 243 -10.22 -32.21 11.92
CA LEU C 243 -9.21 -31.81 12.89
C LEU C 243 -9.45 -30.36 13.28
N PHE C 244 -9.91 -30.17 14.51
CA PHE C 244 -10.37 -28.86 14.96
C PHE C 244 -10.19 -28.75 16.46
N ARG C 245 -10.04 -27.51 16.91
CA ARG C 245 -9.89 -27.19 18.33
C ARG C 245 -10.82 -26.03 18.65
N ARG C 246 -11.34 -25.99 19.88
CA ARG C 246 -12.21 -24.93 20.32
C ARG C 246 -11.61 -24.20 21.52
N TYR C 247 -11.56 -22.88 21.41
CA TYR C 247 -11.14 -21.98 22.49
C TYR C 247 -12.34 -21.10 22.82
N ILE C 248 -13.10 -21.51 23.83
CA ILE C 248 -14.39 -20.91 24.23
C ILE C 248 -15.30 -20.96 23.01
N ALA C 249 -15.32 -19.89 22.22
CA ALA C 249 -16.22 -19.76 21.08
C ALA C 249 -15.48 -19.71 19.75
N ALA C 250 -14.20 -20.07 19.74
CA ALA C 250 -13.38 -19.99 18.52
C ALA C 250 -13.03 -21.40 18.06
N TYR C 251 -13.35 -21.70 16.81
CA TYR C 251 -13.02 -22.98 16.19
C TYR C 251 -11.87 -22.77 15.22
N THR C 252 -10.80 -23.53 15.39
CA THR C 252 -9.72 -23.58 14.41
C THR C 252 -9.69 -24.98 13.79
N CYS C 253 -9.68 -25.01 12.47
CA CYS C 253 -9.71 -26.26 11.71
C CYS C 253 -8.51 -26.35 10.78
N TYR C 254 -7.90 -27.52 10.74
CA TYR C 254 -6.76 -27.77 9.86
C TYR C 254 -7.20 -28.67 8.72
N CYS C 255 -6.99 -28.21 7.49
CA CYS C 255 -7.64 -28.78 6.32
C CYS C 255 -6.61 -29.15 5.27
N LYS C 256 -6.71 -30.39 4.78
CA LYS C 256 -5.83 -30.85 3.72
C LYS C 256 -6.10 -30.13 2.41
N THR C 257 -7.36 -29.75 2.17
CA THR C 257 -7.71 -28.97 0.99
C THR C 257 -8.74 -27.91 1.36
N HIS C 258 -9.23 -27.18 0.36
CA HIS C 258 -10.30 -26.20 0.56
C HIS C 258 -11.67 -26.86 0.59
N ASP C 259 -11.77 -28.13 0.19
CA ASP C 259 -13.02 -28.87 0.35
C ASP C 259 -13.34 -29.01 1.82
N ASP C 260 -12.35 -29.42 2.62
CA ASP C 260 -12.47 -29.54 4.07
C ASP C 260 -12.76 -28.18 4.67
N ALA C 261 -12.09 -27.14 4.18
CA ALA C 261 -12.25 -25.77 4.64
C ALA C 261 -13.68 -25.27 4.53
N LYS C 262 -14.31 -25.45 3.36
CA LYS C 262 -15.68 -24.98 3.18
C LYS C 262 -16.69 -25.91 3.84
N GLU C 263 -16.44 -27.22 3.82
CA GLU C 263 -17.38 -28.17 4.39
C GLU C 263 -17.38 -28.13 5.92
N PHE C 264 -16.25 -27.84 6.57
CA PHE C 264 -16.24 -27.63 8.00
C PHE C 264 -17.06 -26.41 8.39
N LEU C 265 -16.94 -25.33 7.61
CA LEU C 265 -17.74 -24.13 7.87
C LEU C 265 -19.22 -24.43 7.71
N HIS C 266 -19.58 -25.19 6.67
CA HIS C 266 -20.98 -25.58 6.48
C HIS C 266 -21.48 -26.44 7.64
N LEU C 267 -20.72 -27.45 8.05
CA LEU C 267 -21.18 -28.36 9.11
C LEU C 267 -21.24 -27.66 10.46
N LEU C 268 -20.27 -26.78 10.73
CA LEU C 268 -20.30 -25.99 11.96
C LEU C 268 -21.49 -25.04 11.97
N GLY C 269 -21.81 -24.44 10.82
CA GLY C 269 -23.00 -23.61 10.73
C GLY C 269 -24.28 -24.37 10.97
N MET C 270 -24.40 -25.57 10.40
CA MET C 270 -25.55 -26.44 10.69
C MET C 270 -25.65 -26.84 12.15
N GLU C 271 -24.53 -27.22 12.77
CA GLU C 271 -24.58 -27.72 14.13
C GLU C 271 -24.87 -26.60 15.11
N LEU C 272 -24.39 -25.40 14.81
CA LEU C 272 -24.69 -24.25 15.65
C LEU C 272 -26.15 -23.80 15.46
N SER C 273 -26.62 -23.81 14.21
CA SER C 273 -27.99 -23.39 13.93
C SER C 273 -29.01 -24.37 14.50
N LYS C 274 -28.63 -25.64 14.64
CA LYS C 274 -29.48 -26.61 15.30
C LYS C 274 -29.72 -26.24 16.77
N TYR C 275 -28.69 -25.72 17.44
CA TYR C 275 -28.80 -25.25 18.81
C TYR C 275 -28.97 -23.74 18.89
N LYS C 276 -29.51 -23.12 17.83
CA LYS C 276 -29.91 -21.73 17.69
C LYS C 276 -28.73 -20.77 17.64
N LEU C 277 -27.49 -21.23 17.71
CA LEU C 277 -26.34 -20.35 17.58
C LEU C 277 -26.00 -20.11 16.11
N SER C 278 -24.97 -19.31 15.88
CA SER C 278 -24.56 -18.96 14.54
C SER C 278 -23.08 -18.61 14.53
N LEU C 279 -22.56 -18.35 13.34
CA LEU C 279 -21.15 -18.05 13.15
C LEU C 279 -20.92 -16.56 12.97
N ASN C 280 -19.92 -16.04 13.66
CA ASN C 280 -19.47 -14.66 13.43
C ASN C 280 -18.75 -14.60 12.10
N LEU C 281 -19.37 -13.98 11.11
CA LEU C 281 -18.82 -13.98 9.76
C LEU C 281 -17.86 -12.83 9.49
N HIS C 282 -17.71 -11.90 10.43
CA HIS C 282 -16.60 -10.96 10.39
C HIS C 282 -15.34 -11.54 10.99
N LYS C 283 -15.42 -12.69 11.66
CA LYS C 283 -14.28 -13.36 12.25
C LYS C 283 -13.93 -14.64 11.52
N THR C 284 -14.54 -14.91 10.38
CA THR C 284 -14.24 -16.11 9.60
C THR C 284 -13.22 -15.77 8.52
N LYS C 285 -12.18 -16.60 8.42
CA LYS C 285 -11.09 -16.36 7.48
C LYS C 285 -10.34 -17.67 7.29
N ILE C 286 -9.92 -17.92 6.05
CA ILE C 286 -9.15 -19.11 5.71
C ILE C 286 -7.75 -18.67 5.30
N THR C 287 -6.74 -19.19 6.00
CA THR C 287 -5.36 -18.78 5.77
C THR C 287 -4.54 -20.00 5.39
N ASN C 288 -3.78 -19.88 4.30
CA ASN C 288 -2.96 -20.98 3.82
C ASN C 288 -1.82 -21.28 4.78
N LEU C 289 -1.76 -22.53 5.25
CA LEU C 289 -0.62 -22.97 6.03
C LEU C 289 0.62 -23.07 5.12
N PRO C 290 1.82 -22.81 5.67
CA PRO C 290 2.14 -22.52 7.07
C PRO C 290 1.93 -21.05 7.44
N GLY C 291 1.04 -20.81 8.39
CA GLY C 291 0.85 -19.47 8.89
C GLY C 291 1.75 -19.23 10.08
N THR C 292 1.20 -18.66 11.15
CA THR C 292 1.93 -18.39 12.37
C THR C 292 1.30 -19.17 13.51
N LEU C 293 2.15 -19.77 14.35
CA LEU C 293 1.66 -20.56 15.47
C LEU C 293 0.90 -19.67 16.46
N ASN C 294 1.53 -18.57 16.86
CA ASN C 294 0.88 -17.47 17.56
C ASN C 294 0.33 -16.51 16.52
N ASP C 295 0.02 -15.27 16.90
CA ASP C 295 -0.29 -14.26 15.90
C ASP C 295 1.03 -13.60 15.47
N ASN C 296 0.96 -12.84 14.39
CA ASN C 296 2.18 -12.29 13.78
C ASN C 296 2.84 -11.25 14.68
N TRP C 297 2.04 -10.46 15.38
CA TRP C 297 2.57 -9.45 16.30
C TRP C 297 3.23 -10.10 17.50
N VAL C 298 2.82 -11.31 17.86
CA VAL C 298 3.43 -12.01 18.99
C VAL C 298 4.89 -12.34 18.70
N SER C 299 5.16 -12.88 17.52
CA SER C 299 6.54 -13.18 17.14
C SER C 299 7.31 -11.90 16.83
N LEU C 300 6.62 -10.87 16.34
CA LEU C 300 7.28 -9.58 16.13
C LEU C 300 7.76 -8.97 17.45
N LEU C 301 6.94 -9.09 18.51
CA LEU C 301 7.35 -8.61 19.81
C LEU C 301 8.43 -9.49 20.43
N ASN C 302 8.27 -10.82 20.35
CA ASN C 302 9.20 -11.72 21.02
C ASN C 302 10.55 -11.74 20.34
N VAL C 303 10.59 -11.56 19.02
CA VAL C 303 11.85 -11.47 18.31
C VAL C 303 12.59 -10.19 18.70
N ASN C 304 11.85 -9.11 18.92
CA ASN C 304 12.42 -7.82 19.29
C ASN C 304 12.40 -7.58 20.80
N SER C 305 11.97 -8.56 21.59
CA SER C 305 11.94 -8.37 23.03
C SER C 305 13.35 -8.37 23.60
N PRO C 306 13.68 -7.41 24.47
CA PRO C 306 14.99 -7.41 25.12
C PRO C 306 15.14 -8.44 26.23
N THR C 307 14.08 -9.17 26.54
CA THR C 307 14.10 -10.25 27.52
C THR C 307 14.02 -11.63 26.88
N LYS C 308 14.20 -11.70 25.55
CA LYS C 308 13.94 -12.94 24.83
C LYS C 308 14.94 -14.04 25.16
N LYS C 309 16.10 -13.68 25.73
CA LYS C 309 17.10 -14.66 26.13
C LYS C 309 17.36 -14.53 27.62
N ARG C 310 17.16 -15.63 28.35
CA ARG C 310 17.49 -15.69 29.76
C ARG C 310 18.93 -16.14 29.94
N PHE C 311 19.69 -15.39 30.73
CA PHE C 311 21.14 -15.54 30.78
C PHE C 311 21.62 -16.34 31.98
N THR C 312 20.72 -16.84 32.83
CA THR C 312 20.96 -17.64 34.03
C THR C 312 21.69 -16.88 35.14
N ASP C 313 21.96 -15.59 34.94
CA ASP C 313 22.41 -14.70 36.00
C ASP C 313 21.57 -13.43 35.97
N GLN C 314 21.16 -12.96 37.15
CA GLN C 314 20.10 -11.97 37.23
C GLN C 314 20.55 -10.58 36.83
N ASP C 315 21.84 -10.27 37.04
CA ASP C 315 22.37 -8.97 36.61
C ASP C 315 22.30 -8.82 35.11
N LEU C 316 22.61 -9.89 34.37
CA LEU C 316 22.43 -9.88 32.93
C LEU C 316 20.95 -9.81 32.55
N ASN C 317 20.10 -10.50 33.32
CA ASN C 317 18.67 -10.50 33.03
C ASN C 317 18.04 -9.13 33.33
N LYS C 318 18.68 -8.34 34.19
CA LYS C 318 18.16 -7.01 34.50
C LYS C 318 18.36 -6.06 33.33
N LEU C 319 17.32 -5.31 33.00
CA LEU C 319 17.31 -4.47 31.81
C LEU C 319 17.65 -3.02 32.16
N SER C 320 18.09 -2.28 31.14
CA SER C 320 18.44 -0.88 31.29
C SER C 320 17.25 0.03 30.98
N SER C 321 17.45 1.33 31.15
CA SER C 321 16.38 2.29 30.93
C SER C 321 16.01 2.40 29.46
N SER C 322 17.02 2.66 28.61
CA SER C 322 16.78 2.88 27.19
C SER C 322 16.23 1.63 26.53
N GLU C 323 16.65 0.45 27.00
CA GLU C 323 16.20 -0.82 26.43
C GLU C 323 14.69 -0.99 26.62
N VAL C 324 14.22 -0.85 27.86
CA VAL C 324 12.80 -1.02 28.17
C VAL C 324 11.97 0.06 27.49
N ILE C 325 12.44 1.31 27.56
CA ILE C 325 11.67 2.42 26.97
C ILE C 325 11.57 2.25 25.46
N ASN C 326 12.67 1.88 24.79
CA ASN C 326 12.65 1.69 23.35
C ASN C 326 11.76 0.53 22.94
N PHE C 327 11.78 -0.57 23.71
CA PHE C 327 10.87 -1.67 23.42
C PHE C 327 9.42 -1.25 23.61
N LEU C 328 9.15 -0.41 24.61
CA LEU C 328 7.78 0.06 24.82
C LEU C 328 7.31 0.99 23.71
N ASP C 329 8.18 1.88 23.23
CA ASP C 329 7.82 2.68 22.05
C ASP C 329 7.58 1.80 20.84
N TYR C 330 8.43 0.80 20.63
CA TYR C 330 8.26 -0.09 19.49
C TYR C 330 6.95 -0.85 19.57
N ALA C 331 6.56 -1.25 20.80
CA ALA C 331 5.27 -1.89 21.01
C ALA C 331 4.12 -0.95 20.70
N VAL C 332 4.26 0.33 21.05
CA VAL C 332 3.21 1.30 20.75
C VAL C 332 3.03 1.46 19.24
N GLN C 333 4.13 1.59 18.50
CA GLN C 333 4.04 1.64 17.04
C GLN C 333 3.49 0.34 16.46
N LEU C 334 3.87 -0.81 17.02
CA LEU C 334 3.41 -2.08 16.48
C LEU C 334 1.91 -2.25 16.71
N ASN C 335 1.40 -1.77 17.84
CA ASN C 335 -0.03 -1.82 18.10
C ASN C 335 -0.79 -0.84 17.23
N THR C 336 -0.21 0.34 16.98
CA THR C 336 -0.83 1.27 16.04
C THR C 336 -0.82 0.72 14.62
N GLN C 337 0.21 -0.05 14.28
CA GLN C 337 0.40 -0.46 12.89
C GLN C 337 -0.26 -1.81 12.61
N VAL C 338 -0.35 -2.69 13.60
CA VAL C 338 -1.05 -3.96 13.41
C VAL C 338 -2.39 -3.94 14.13
N GLY C 339 -2.36 -3.90 15.46
CA GLY C 339 -3.58 -3.86 16.24
C GLY C 339 -4.38 -5.14 16.28
N GLY C 340 -3.84 -6.24 15.76
CA GLY C 340 -4.59 -7.49 15.68
C GLY C 340 -4.83 -8.14 17.02
N GLY C 341 -4.02 -7.83 18.01
CA GLY C 341 -4.18 -8.40 19.33
C GLY C 341 -3.75 -7.47 20.44
N SER C 342 -3.61 -8.01 21.65
CA SER C 342 -3.26 -7.20 22.82
C SER C 342 -1.74 -7.04 22.87
N ILE C 343 -1.24 -6.17 22.00
CA ILE C 343 0.20 -5.97 21.82
C ILE C 343 0.82 -5.33 23.07
N LEU C 344 0.14 -4.33 23.64
CA LEU C 344 0.68 -3.63 24.81
C LEU C 344 0.78 -4.54 26.03
N LYS C 345 -0.27 -5.33 26.30
CA LYS C 345 -0.25 -6.21 27.46
C LYS C 345 0.82 -7.29 27.35
N TYR C 346 0.97 -7.86 26.16
CA TYR C 346 2.02 -8.85 25.94
C TYR C 346 3.41 -8.24 26.11
N ALA C 347 3.62 -7.06 25.52
CA ALA C 347 4.92 -6.41 25.60
C ALA C 347 5.26 -6.01 27.04
N ILE C 348 4.27 -5.52 27.78
CA ILE C 348 4.50 -5.12 29.16
C ILE C 348 4.74 -6.32 30.05
N SER C 349 4.04 -7.44 29.80
CA SER C 349 4.30 -8.65 30.57
C SER C 349 5.69 -9.20 30.27
N LEU C 350 6.20 -8.94 29.07
CA LEU C 350 7.56 -9.37 28.72
C LEU C 350 8.61 -8.68 29.59
N VAL C 351 8.43 -7.39 29.87
CA VAL C 351 9.48 -6.61 30.52
C VAL C 351 9.19 -6.29 31.99
N ILE C 352 8.00 -6.63 32.51
CA ILE C 352 7.56 -6.05 33.77
C ILE C 352 8.34 -6.61 34.96
N ASN C 353 8.76 -7.88 34.90
CA ASN C 353 9.30 -8.54 36.09
C ASN C 353 10.82 -8.48 36.18
N ASN C 354 11.50 -7.97 35.17
CA ASN C 354 12.96 -7.89 35.16
C ASN C 354 13.47 -6.45 35.26
N LEU C 355 12.64 -5.53 35.76
CA LEU C 355 13.02 -4.13 35.82
C LEU C 355 14.13 -3.89 36.83
N ASP C 356 15.11 -3.09 36.43
CA ASP C 356 16.12 -2.59 37.35
C ASP C 356 15.56 -1.36 38.07
N GLU C 357 16.16 -1.03 39.21
CA GLU C 357 15.64 0.04 40.06
C GLU C 357 15.67 1.40 39.37
N TYR C 358 16.61 1.59 38.44
CA TYR C 358 16.67 2.83 37.68
C TYR C 358 15.50 2.93 36.70
N THR C 359 15.03 1.79 36.20
CA THR C 359 13.95 1.78 35.21
C THR C 359 12.61 2.17 35.83
N ILE C 360 12.41 1.86 37.12
CA ILE C 360 11.07 1.68 37.70
C ILE C 360 10.26 2.97 37.60
N THR C 361 10.88 4.11 37.87
CA THR C 361 10.19 5.39 37.72
C THR C 361 9.83 5.68 36.27
N GLN C 362 10.75 5.41 35.34
CA GLN C 362 10.51 5.69 33.92
C GLN C 362 9.43 4.78 33.35
N VAL C 363 9.53 3.48 33.62
CA VAL C 363 8.52 2.54 33.12
C VAL C 363 7.19 2.75 33.84
N TYR C 364 7.25 3.20 35.09
CA TYR C 364 6.03 3.58 35.81
C TYR C 364 5.31 4.73 35.13
N ASP C 365 6.04 5.80 34.76
CA ASP C 365 5.40 6.92 34.08
C ASP C 365 4.93 6.54 32.68
N TYR C 366 5.69 5.68 31.99
CA TYR C 366 5.24 5.17 30.70
C TYR C 366 3.97 4.35 30.87
N LEU C 367 3.88 3.57 31.95
CA LEU C 367 2.68 2.82 32.23
C LEU C 367 1.52 3.74 32.62
N LEU C 368 1.82 4.87 33.25
CA LEU C 368 0.78 5.86 33.50
C LEU C 368 0.22 6.39 32.19
N ASN C 369 1.12 6.71 31.24
CA ASN C 369 0.71 7.18 29.92
C ASN C 369 -0.13 6.13 29.19
N LEU C 370 0.29 4.86 29.30
CA LEU C 370 -0.38 3.78 28.59
C LEU C 370 -1.68 3.37 29.27
N SER C 371 -1.74 3.49 30.60
CA SER C 371 -2.95 3.18 31.35
C SER C 371 -4.03 4.23 31.12
N TRP C 372 -3.62 5.49 30.96
CA TRP C 372 -4.61 6.51 30.60
C TRP C 372 -5.20 6.26 29.22
N HIS C 373 -4.34 5.94 28.25
CA HIS C 373 -4.83 5.76 26.89
C HIS C 373 -5.51 4.40 26.73
N TYR C 374 -5.02 3.40 27.45
CA TYR C 374 -5.55 2.03 27.39
C TYR C 374 -5.86 1.56 28.80
N PRO C 375 -7.12 1.58 29.22
CA PRO C 375 -7.45 1.31 30.62
C PRO C 375 -7.35 -0.15 31.04
N MET C 376 -7.14 -1.08 30.11
CA MET C 376 -6.92 -2.47 30.50
C MET C 376 -5.51 -2.72 31.00
N LEU C 377 -4.62 -1.74 30.81
CA LEU C 377 -3.24 -1.79 31.26
C LEU C 377 -3.08 -1.29 32.69
N ILE C 378 -4.18 -0.80 33.28
CA ILE C 378 -4.13 -0.34 34.67
C ILE C 378 -3.70 -1.43 35.67
N PRO C 379 -4.12 -2.70 35.56
CA PRO C 379 -3.65 -3.70 36.55
C PRO C 379 -2.14 -3.85 36.69
N TYR C 380 -1.36 -3.61 35.62
CA TYR C 380 0.09 -3.69 35.73
C TYR C 380 0.66 -2.66 36.70
N LEU C 381 -0.06 -1.57 36.94
CA LEU C 381 0.32 -0.58 37.94
C LEU C 381 0.37 -1.16 39.34
N GLY C 382 -0.26 -2.31 39.59
CA GLY C 382 -0.14 -2.94 40.89
C GLY C 382 1.20 -3.59 41.15
N VAL C 383 1.99 -3.84 40.12
CA VAL C 383 3.30 -4.45 40.34
C VAL C 383 4.30 -3.43 40.87
N LEU C 384 4.21 -2.19 40.40
CA LEU C 384 5.30 -1.24 40.62
C LEU C 384 5.06 -0.34 41.85
N ILE C 385 3.86 -0.40 42.43
CA ILE C 385 3.44 0.65 43.38
C ILE C 385 4.26 0.63 44.67
N GLU C 386 4.78 -0.53 45.08
CA GLU C 386 5.63 -0.52 46.28
C GLU C 386 6.99 0.10 45.98
N HIS C 387 7.56 -0.21 44.82
CA HIS C 387 8.90 0.28 44.48
C HIS C 387 8.89 1.77 44.14
N VAL C 388 7.75 2.32 43.76
CA VAL C 388 7.65 3.74 43.46
C VAL C 388 7.24 4.48 44.73
N TYR C 389 7.98 5.55 45.05
CA TYR C 389 7.67 6.38 46.21
C TYR C 389 6.51 7.29 45.84
N LEU C 390 5.33 6.95 46.35
CA LEU C 390 4.09 7.56 45.86
C LEU C 390 3.83 8.94 46.44
N ASP C 391 4.49 9.29 47.56
CA ASP C 391 4.22 10.57 48.21
C ASP C 391 4.66 11.73 47.32
N ASP C 392 5.92 11.75 46.91
CA ASP C 392 6.51 12.64 45.92
C ASP C 392 6.13 14.11 46.09
N GLY C 393 5.59 14.71 45.03
CA GLY C 393 5.04 16.05 45.07
C GLY C 393 3.60 16.06 44.60
N ASP C 394 2.84 15.03 45.00
CA ASP C 394 1.44 14.81 44.63
C ASP C 394 1.24 14.65 43.13
N GLU C 395 2.27 14.21 42.40
CA GLU C 395 2.14 13.96 40.97
C GLU C 395 1.28 12.72 40.70
N TYR C 396 1.58 11.62 41.40
CA TYR C 396 0.81 10.39 41.24
C TYR C 396 -0.60 10.56 41.77
N LYS C 397 -0.76 11.44 42.77
CA LYS C 397 -2.08 11.78 43.31
C LYS C 397 -2.98 12.36 42.21
N ASN C 398 -2.47 13.31 41.44
CA ASN C 398 -3.25 13.82 40.32
C ASN C 398 -3.35 12.84 39.17
N LYS C 399 -2.34 11.98 38.99
CA LYS C 399 -2.39 10.99 37.93
C LYS C 399 -3.52 9.98 38.11
N PHE C 400 -3.63 9.41 39.30
CA PHE C 400 -4.64 8.39 39.52
C PHE C 400 -6.04 8.99 39.49
N ASN C 401 -6.20 10.24 39.92
CA ASN C 401 -7.50 10.89 39.80
C ASN C 401 -7.84 11.25 38.35
N GLU C 402 -6.85 11.59 37.54
CA GLU C 402 -7.14 11.90 36.14
C GLU C 402 -7.53 10.61 35.42
N ILE C 403 -6.86 9.50 35.78
CA ILE C 403 -7.26 8.18 35.29
C ILE C 403 -8.67 7.82 35.75
N LEU C 404 -8.99 8.12 37.02
CA LEU C 404 -10.31 7.82 37.56
C LEU C 404 -11.38 8.60 36.81
N SER C 405 -11.10 9.87 36.49
CA SER C 405 -12.02 10.67 35.70
C SER C 405 -12.20 10.09 34.31
N MET C 406 -11.10 9.62 33.71
CA MET C 406 -11.18 9.02 32.36
C MET C 406 -12.00 7.74 32.38
N CYS C 407 -11.82 6.91 33.41
CA CYS C 407 -12.59 5.67 33.53
C CYS C 407 -14.06 5.95 33.80
N ALA C 408 -14.34 7.02 34.56
CA ALA C 408 -15.72 7.46 34.72
C ALA C 408 -16.31 7.95 33.40
N GLU C 409 -15.50 8.64 32.60
CA GLU C 409 -15.98 9.20 31.34
C GLU C 409 -16.25 8.09 30.34
N ASN C 410 -15.31 7.16 30.20
CA ASN C 410 -15.39 6.11 29.19
C ASN C 410 -16.27 4.94 29.60
N LYS C 411 -16.78 4.94 30.83
CA LYS C 411 -17.59 3.86 31.41
C LYS C 411 -16.84 2.52 31.34
N CYS C 412 -15.67 2.50 31.95
CA CYS C 412 -14.82 1.32 32.00
C CYS C 412 -14.75 0.88 33.46
N SER C 413 -15.21 -0.34 33.74
CA SER C 413 -15.35 -0.79 35.13
C SER C 413 -14.05 -1.37 35.67
N ASP C 414 -13.31 -2.10 34.85
CA ASP C 414 -12.10 -2.74 35.36
C ASP C 414 -11.02 -1.70 35.67
N GLY C 415 -10.89 -0.68 34.81
CA GLY C 415 -9.95 0.39 35.10
C GLY C 415 -10.34 1.19 36.33
N MET C 416 -11.63 1.48 36.48
CA MET C 416 -12.13 2.16 37.68
C MET C 416 -11.85 1.36 38.93
N ALA C 417 -12.15 0.06 38.91
CA ALA C 417 -11.98 -0.76 40.10
C ALA C 417 -10.52 -0.95 40.44
N TRP C 418 -9.65 -1.13 39.43
CA TRP C 418 -8.23 -1.28 39.70
C TRP C 418 -7.62 0.01 40.22
N THR C 419 -8.01 1.16 39.63
CA THR C 419 -7.50 2.45 40.10
C THR C 419 -7.97 2.74 41.51
N LEU C 420 -9.22 2.41 41.83
CA LEU C 420 -9.70 2.59 43.20
C LEU C 420 -9.01 1.63 44.17
N TYR C 421 -8.72 0.41 43.74
CA TYR C 421 -7.96 -0.50 44.58
C TYR C 421 -6.57 0.04 44.88
N PHE C 422 -5.95 0.68 43.88
CA PHE C 422 -4.66 1.34 44.10
C PHE C 422 -4.81 2.53 45.03
N CYS C 423 -5.91 3.29 44.91
CA CYS C 423 -6.09 4.48 45.72
C CYS C 423 -6.33 4.15 47.19
N ILE C 424 -7.18 3.17 47.49
CA ILE C 424 -7.38 2.77 48.89
C ILE C 424 -6.17 2.01 49.43
N LYS C 425 -5.58 1.10 48.64
CA LYS C 425 -4.47 0.30 49.16
C LYS C 425 -3.22 1.14 49.44
N ASN C 426 -2.94 2.14 48.60
CA ASN C 426 -1.78 2.98 48.79
C ASN C 426 -2.10 4.25 49.57
N ASN C 427 -3.34 4.41 50.03
CA ASN C 427 -3.83 5.51 50.86
C ASN C 427 -3.72 6.86 50.17
N ILE C 428 -3.68 6.88 48.84
CA ILE C 428 -3.61 8.14 48.11
C ILE C 428 -4.99 8.77 48.07
N ASP C 429 -5.06 10.07 48.35
CA ASP C 429 -6.33 10.77 48.41
C ASP C 429 -6.98 10.85 47.04
N ILE C 430 -8.31 11.01 47.04
CA ILE C 430 -9.09 11.03 45.81
C ILE C 430 -10.05 12.21 45.86
N ASP C 431 -10.10 12.97 44.76
CA ASP C 431 -10.79 14.25 44.72
C ASP C 431 -12.30 14.07 44.76
N ASP C 432 -12.99 15.15 45.16
CA ASP C 432 -14.44 15.14 45.24
C ASP C 432 -15.10 15.13 43.87
N ASP C 433 -14.57 15.91 42.92
CA ASP C 433 -15.20 16.04 41.61
C ASP C 433 -15.10 14.78 40.77
N VAL C 434 -14.06 13.98 40.97
CA VAL C 434 -13.98 12.70 40.26
C VAL C 434 -14.94 11.69 40.90
N ILE C 435 -15.19 11.85 42.21
CA ILE C 435 -16.16 11.01 42.91
C ILE C 435 -17.57 11.36 42.49
N GLU C 436 -17.80 12.62 42.09
CA GLU C 436 -19.08 13.03 41.53
C GLU C 436 -19.44 12.21 40.29
N LYS C 437 -18.44 11.77 39.54
CA LYS C 437 -18.69 10.89 38.40
C LYS C 437 -18.49 9.42 38.73
N ILE C 438 -17.76 9.07 39.78
CA ILE C 438 -17.73 7.68 40.22
C ILE C 438 -19.10 7.26 40.74
N ILE C 439 -19.74 8.14 41.52
CA ILE C 439 -21.10 7.90 42.01
C ILE C 439 -22.12 7.95 40.88
N CYS C 440 -21.89 8.77 39.85
CA CYS C 440 -22.82 8.92 38.75
C CYS C 440 -22.68 7.85 37.69
N PHE C 441 -21.50 7.25 37.55
CA PHE C 441 -21.32 6.12 36.63
C PHE C 441 -22.19 4.94 37.09
N GLY C 442 -22.20 4.66 38.38
CA GLY C 442 -23.07 3.62 38.89
C GLY C 442 -22.55 2.22 38.69
N ASP C 443 -21.25 2.04 38.54
CA ASP C 443 -20.67 0.71 38.58
C ASP C 443 -20.75 0.18 40.00
N CYS C 444 -21.21 -1.06 40.16
CA CYS C 444 -21.43 -1.60 41.50
C CYS C 444 -20.11 -1.80 42.24
N LEU C 445 -19.13 -2.43 41.58
CA LEU C 445 -17.87 -2.77 42.24
C LEU C 445 -17.07 -1.52 42.62
N SER C 446 -17.23 -0.43 41.86
CA SER C 446 -16.63 0.83 42.24
C SER C 446 -17.26 1.36 43.53
N LEU C 447 -18.58 1.24 43.63
CA LEU C 447 -19.29 1.72 44.80
C LEU C 447 -19.02 0.84 46.01
N CYS C 448 -18.69 -0.44 45.82
CA CYS C 448 -18.24 -1.24 46.96
C CYS C 448 -16.87 -0.83 47.46
N LEU C 449 -15.98 -0.35 46.58
CA LEU C 449 -14.70 0.17 47.04
C LEU C 449 -14.89 1.49 47.80
N LEU C 450 -15.72 2.38 47.26
CA LEU C 450 -16.07 3.61 47.99
C LEU C 450 -16.79 3.30 49.29
N ASP C 451 -17.56 2.21 49.29
CA ASP C 451 -18.26 1.75 50.49
C ASP C 451 -17.29 1.24 51.54
N SER C 452 -16.24 0.52 51.11
CA SER C 452 -15.28 -0.02 52.07
C SER C 452 -14.36 1.08 52.60
N SER C 453 -14.24 2.20 51.87
CA SER C 453 -13.42 3.30 52.39
C SER C 453 -14.02 3.91 53.64
N ASP C 454 -15.35 4.05 53.69
CA ASP C 454 -16.21 4.60 54.76
C ASP C 454 -16.13 6.12 54.91
N ILE C 455 -15.29 6.82 54.14
CA ILE C 455 -15.32 8.28 54.17
C ILE C 455 -16.56 8.81 53.46
N TYR C 456 -16.98 8.19 52.36
CA TYR C 456 -18.04 8.69 51.50
C TYR C 456 -19.34 7.94 51.75
N GLU C 457 -19.63 7.69 53.03
CA GLU C 457 -20.80 6.98 53.54
C GLU C 457 -22.11 7.62 53.10
N GLU C 458 -22.13 8.94 52.94
CA GLU C 458 -23.35 9.67 52.68
C GLU C 458 -23.68 9.82 51.20
N LYS C 459 -22.68 9.82 50.32
CA LYS C 459 -22.98 9.76 48.89
C LYS C 459 -23.37 8.36 48.47
N ILE C 460 -22.84 7.35 49.16
CA ILE C 460 -23.25 5.97 48.96
C ILE C 460 -24.70 5.79 49.40
N ASN C 461 -25.06 6.43 50.52
CA ASN C 461 -26.40 6.30 51.08
C ASN C 461 -27.44 6.91 50.15
N ASN C 462 -27.10 8.03 49.49
CA ASN C 462 -28.01 8.63 48.52
C ASN C 462 -28.26 7.70 47.35
N PHE C 463 -27.22 7.02 46.86
CA PHE C 463 -27.36 6.12 45.73
C PHE C 463 -28.21 4.91 46.10
N VAL C 464 -27.95 4.30 47.26
CA VAL C 464 -28.72 3.10 47.62
C VAL C 464 -30.14 3.48 47.98
N SER C 465 -30.37 4.69 48.51
CA SER C 465 -31.72 5.14 48.77
C SER C 465 -32.47 5.42 47.48
N ASP C 466 -31.78 5.94 46.46
CA ASP C 466 -32.41 6.09 45.15
C ASP C 466 -32.75 4.74 44.53
N ILE C 467 -31.92 3.73 44.79
CA ILE C 467 -32.21 2.38 44.30
C ILE C 467 -33.44 1.80 45.01
N ILE C 468 -33.50 1.94 46.34
CA ILE C 468 -34.58 1.35 47.12
C ILE C 468 -35.90 2.07 46.84
N LYS C 469 -35.86 3.40 46.68
CA LYS C 469 -37.07 4.17 46.42
C LYS C 469 -37.69 3.82 45.06
N LEU C 470 -36.88 3.28 44.14
CA LEU C 470 -37.40 2.83 42.85
C LEU C 470 -38.38 1.67 43.02
N ASP C 471 -38.16 0.84 44.04
CA ASP C 471 -38.93 -0.38 44.29
C ASP C 471 -38.88 -1.33 43.09
N TYR C 472 -37.74 -1.36 42.42
CA TYR C 472 -37.46 -2.27 41.32
C TYR C 472 -36.44 -3.27 41.83
N GLU C 473 -36.84 -4.54 41.90
CA GLU C 473 -35.96 -5.57 42.45
C GLU C 473 -34.75 -5.83 41.55
N TYR C 474 -34.87 -5.52 40.26
CA TYR C 474 -33.75 -5.77 39.35
C TYR C 474 -32.59 -4.80 39.60
N ASP C 475 -32.89 -3.56 40.00
CA ASP C 475 -31.82 -2.64 40.36
C ASP C 475 -31.15 -3.05 41.67
N ILE C 476 -31.93 -3.55 42.62
CA ILE C 476 -31.34 -4.08 43.86
C ILE C 476 -30.48 -5.29 43.55
N ASP C 477 -30.89 -6.10 42.59
CA ASP C 477 -30.05 -7.22 42.17
C ASP C 477 -28.83 -6.77 41.39
N ARG C 478 -28.93 -5.64 40.69
CA ARG C 478 -27.78 -5.06 40.00
C ARG C 478 -26.75 -4.51 40.99
N TYR C 479 -27.19 -4.12 42.18
CA TYR C 479 -26.27 -3.63 43.21
C TYR C 479 -26.29 -4.50 44.46
N TRP C 480 -26.60 -5.79 44.29
CA TRP C 480 -26.62 -6.73 45.41
C TRP C 480 -25.29 -6.81 46.13
N LEU C 481 -24.16 -6.66 45.43
CA LEU C 481 -22.88 -6.74 46.11
C LEU C 481 -22.67 -5.55 47.04
N LEU C 482 -23.03 -4.35 46.58
CA LEU C 482 -22.97 -3.16 47.43
C LEU C 482 -23.93 -3.27 48.60
N PHE C 483 -25.15 -3.73 48.34
CA PHE C 483 -26.16 -3.87 49.39
C PHE C 483 -25.74 -4.90 50.43
N TYR C 484 -25.20 -6.03 49.98
CA TYR C 484 -24.74 -7.06 50.91
C TYR C 484 -23.52 -6.60 51.69
N GLN C 485 -22.62 -5.84 51.07
CA GLN C 485 -21.45 -5.36 51.79
C GLN C 485 -21.85 -4.38 52.89
N ARG C 486 -22.80 -3.48 52.58
CA ARG C 486 -23.30 -2.58 53.63
C ARG C 486 -24.05 -3.34 54.72
N PHE C 487 -24.84 -4.35 54.34
CA PHE C 487 -25.58 -5.10 55.34
C PHE C 487 -24.65 -5.92 56.23
N PHE C 488 -23.61 -6.52 55.65
CA PHE C 488 -22.65 -7.32 56.41
C PHE C 488 -21.78 -6.42 57.28
N LYS C 489 -21.55 -5.17 56.86
CA LYS C 489 -20.81 -4.21 57.67
C LYS C 489 -21.71 -3.45 58.63
N ASP C 490 -22.97 -3.87 58.76
CA ASP C 490 -23.98 -3.30 59.67
C ASP C 490 -24.30 -1.84 59.37
N LYS C 491 -23.92 -1.34 58.20
CA LYS C 491 -24.18 0.05 57.85
C LYS C 491 -25.57 0.24 57.27
N ALA C 492 -26.25 -0.84 56.92
CA ALA C 492 -27.57 -0.80 56.31
C ALA C 492 -28.29 -2.12 56.60
N PRO C 493 -29.63 -2.19 56.49
CA PRO C 493 -30.28 -3.49 56.57
C PRO C 493 -30.39 -4.15 55.22
N SER C 494 -30.81 -5.42 55.18
CA SER C 494 -31.01 -6.09 53.91
C SER C 494 -32.19 -5.48 53.16
N PRO C 495 -32.08 -5.32 51.84
CA PRO C 495 -33.24 -4.90 51.03
C PRO C 495 -34.09 -6.05 50.53
N TYR C 496 -33.89 -7.26 51.05
CA TYR C 496 -34.60 -8.45 50.61
C TYR C 496 -35.39 -9.03 51.76
N ASN C 497 -36.57 -9.56 51.46
CA ASN C 497 -37.41 -10.21 52.46
C ASN C 497 -37.07 -11.67 52.66
N ASP C 498 -36.16 -12.23 51.85
CA ASP C 498 -35.69 -13.58 52.05
C ASP C 498 -34.52 -13.61 53.03
N LYS C 499 -34.13 -14.82 53.44
CA LYS C 499 -33.10 -15.00 54.45
C LYS C 499 -31.70 -15.15 53.86
N CYS C 500 -31.55 -15.02 52.53
CA CYS C 500 -30.29 -15.34 51.87
C CYS C 500 -29.13 -14.48 52.38
N PHE C 501 -29.36 -13.17 52.48
CA PHE C 501 -28.36 -12.26 53.04
C PHE C 501 -28.07 -12.60 54.50
N ASP C 502 -29.10 -13.02 55.24
CA ASP C 502 -28.93 -13.33 56.65
C ASP C 502 -28.11 -14.60 56.86
N ILE C 503 -28.36 -15.64 56.06
CA ILE C 503 -27.55 -16.85 56.14
C ILE C 503 -26.12 -16.57 55.69
N MET C 504 -25.94 -15.67 54.71
CA MET C 504 -24.59 -15.27 54.33
C MET C 504 -23.86 -14.58 55.48
N LYS C 505 -24.51 -13.60 56.11
CA LYS C 505 -23.84 -12.79 57.12
C LYS C 505 -23.61 -13.59 58.40
N GLY C 506 -24.55 -14.47 58.77
CA GLY C 506 -24.39 -15.26 59.98
C GLY C 506 -23.21 -16.21 59.92
N TYR C 507 -22.89 -16.71 58.73
CA TYR C 507 -21.73 -17.58 58.56
C TYR C 507 -20.47 -16.82 58.18
N GLY C 508 -20.55 -15.50 58.04
CA GLY C 508 -19.36 -14.70 57.82
C GLY C 508 -18.96 -14.49 56.38
N VAL C 509 -19.89 -14.58 55.44
CA VAL C 509 -19.56 -14.39 54.04
C VAL C 509 -19.23 -12.92 53.80
N ASP C 510 -17.99 -12.66 53.37
CA ASP C 510 -17.53 -11.33 53.01
C ASP C 510 -16.95 -11.39 51.61
N PHE C 511 -17.46 -10.54 50.72
CA PHE C 511 -16.96 -10.48 49.35
C PHE C 511 -15.88 -9.43 49.17
N MET C 512 -15.48 -8.77 50.25
CA MET C 512 -14.30 -7.90 50.26
C MET C 512 -13.44 -8.27 51.45
N PRO C 513 -12.83 -9.45 51.43
CA PRO C 513 -12.16 -9.95 52.63
C PRO C 513 -10.69 -9.56 52.70
N ASP C 514 -10.17 -9.55 53.93
CA ASP C 514 -8.76 -9.35 54.17
C ASP C 514 -8.05 -10.70 54.28
N GLU C 515 -6.80 -10.70 54.74
CA GLU C 515 -6.07 -11.95 54.92
C GLU C 515 -6.05 -12.37 56.38
N ASP D 14 1.50 51.74 -29.40
CA ASP D 14 2.88 51.31 -29.19
C ASP D 14 2.94 50.19 -28.15
N GLU D 15 4.09 49.54 -28.06
CA GLU D 15 4.33 48.53 -27.05
C GLU D 15 4.85 49.11 -25.74
N LYS D 16 5.60 50.22 -25.83
CA LYS D 16 5.97 50.97 -24.64
C LYS D 16 4.74 51.50 -23.92
N ARG D 17 3.78 52.04 -24.68
CA ARG D 17 2.56 52.57 -24.09
C ARG D 17 1.68 51.44 -23.53
N HIS D 18 1.64 50.30 -24.22
CA HIS D 18 0.84 49.18 -23.72
C HIS D 18 1.42 48.65 -22.41
N LEU D 19 2.75 48.59 -22.31
CA LEU D 19 3.39 48.23 -21.05
C LEU D 19 3.10 49.25 -19.97
N TYR D 20 3.10 50.54 -20.34
CA TYR D 20 2.86 51.59 -19.35
C TYR D 20 1.44 51.51 -18.79
N GLU D 21 0.46 51.24 -19.68
CA GLU D 21 -0.89 50.95 -19.22
C GLU D 21 -0.95 49.69 -18.36
N ALA D 22 -0.25 48.63 -18.77
CA ALA D 22 -0.36 47.35 -18.09
C ALA D 22 0.21 47.40 -16.68
N LEU D 23 1.27 48.19 -16.47
CA LEU D 23 1.92 48.23 -15.17
C LEU D 23 1.01 48.85 -14.12
N LEU D 24 0.15 49.79 -14.52
CA LEU D 24 -0.68 50.55 -13.60
C LEU D 24 -2.17 50.27 -13.73
N ARG D 25 -2.71 50.28 -14.96
CA ARG D 25 -4.15 50.14 -15.12
C ARG D 25 -4.61 48.70 -14.88
N HIS D 26 -3.78 47.72 -15.22
CA HIS D 26 -4.22 46.33 -15.24
C HIS D 26 -3.46 45.44 -14.28
N ASN D 27 -2.12 45.48 -14.27
CA ASN D 27 -1.34 44.55 -13.46
C ASN D 27 -0.68 45.21 -12.26
N TYR D 28 -1.15 46.38 -11.83
CA TYR D 28 -0.75 46.91 -10.53
C TYR D 28 -1.25 45.99 -9.42
N PHE D 29 -2.56 45.82 -9.34
CA PHE D 29 -3.13 44.90 -8.36
C PHE D 29 -2.78 43.48 -8.77
N PRO D 30 -2.77 42.54 -7.83
CA PRO D 30 -2.52 41.14 -8.21
C PRO D 30 -3.61 40.60 -9.11
N ASN D 31 -3.24 40.43 -10.39
CA ASN D 31 -4.17 40.12 -11.47
C ASN D 31 -3.56 39.13 -12.45
N GLN D 32 -2.63 38.29 -11.97
CA GLN D 32 -1.91 37.41 -12.87
C GLN D 32 -2.78 36.22 -13.31
N LYS D 33 -3.60 35.69 -12.39
CA LYS D 33 -4.47 34.58 -12.75
C LYS D 33 -5.58 35.04 -13.69
N GLY D 34 -5.75 34.31 -14.79
CA GLY D 34 -6.63 34.72 -15.86
C GLY D 34 -8.00 34.08 -15.89
N SER D 35 -8.27 33.10 -15.04
CA SER D 35 -9.59 32.47 -15.04
C SER D 35 -10.50 33.15 -14.04
N ILE D 36 -10.15 33.10 -12.77
CA ILE D 36 -10.78 33.88 -11.73
C ILE D 36 -9.71 34.69 -11.02
N SER D 37 -10.01 35.96 -10.74
CA SER D 37 -9.02 36.81 -10.10
C SER D 37 -8.89 36.44 -8.62
N GLU D 38 -7.73 36.76 -8.07
CA GLU D 38 -7.51 36.60 -6.64
C GLU D 38 -8.11 37.72 -5.83
N ILE D 39 -8.43 38.85 -6.47
CA ILE D 39 -9.02 40.01 -5.83
C ILE D 39 -10.40 40.21 -6.44
N PRO D 40 -11.42 40.53 -5.66
CA PRO D 40 -12.78 40.71 -6.19
C PRO D 40 -12.83 41.87 -7.16
N PRO D 41 -13.80 41.87 -8.09
CA PRO D 41 -13.83 42.90 -9.14
C PRO D 41 -14.18 44.30 -8.65
N CYS D 42 -14.53 44.46 -7.37
CA CYS D 42 -14.75 45.81 -6.83
C CYS D 42 -13.46 46.62 -6.84
N PHE D 43 -12.34 45.98 -6.50
CA PHE D 43 -11.04 46.63 -6.53
C PHE D 43 -10.49 46.59 -7.95
N SER D 44 -10.34 47.76 -8.56
CA SER D 44 -9.78 47.85 -9.90
C SER D 44 -8.75 48.97 -9.94
N SER D 45 -7.62 48.69 -10.58
CA SER D 45 -6.52 49.63 -10.62
C SER D 45 -6.51 50.53 -11.85
N ARG D 46 -7.46 50.38 -12.76
CA ARG D 46 -7.60 51.34 -13.85
C ARG D 46 -8.17 52.63 -13.29
N THR D 47 -7.96 53.73 -14.03
CA THR D 47 -8.06 55.18 -13.76
C THR D 47 -6.79 55.66 -13.06
N PHE D 48 -5.90 54.74 -12.73
CA PHE D 48 -4.54 55.08 -12.28
C PHE D 48 -3.63 55.12 -13.51
N THR D 49 -3.82 56.17 -14.30
CA THR D 49 -3.25 56.29 -15.63
C THR D 49 -1.76 56.60 -15.54
N PRO D 50 -0.99 56.38 -16.61
CA PRO D 50 0.46 56.70 -16.57
C PRO D 50 0.77 58.17 -16.35
N GLU D 51 -0.10 59.09 -16.75
CA GLU D 51 0.16 60.51 -16.52
C GLU D 51 0.09 60.84 -15.03
N ILE D 52 -0.82 60.21 -14.31
CA ILE D 52 -0.87 60.36 -12.85
C ILE D 52 0.39 59.78 -12.22
N ALA D 53 0.91 58.67 -12.77
CA ALA D 53 2.18 58.13 -12.29
C ALA D 53 3.35 59.06 -12.54
N GLU D 54 3.38 59.74 -13.70
CA GLU D 54 4.41 60.75 -13.95
C GLU D 54 4.29 61.93 -12.99
N LEU D 55 3.07 62.36 -12.70
CA LEU D 55 2.88 63.47 -11.78
C LEU D 55 3.27 63.10 -10.36
N ILE D 56 3.01 61.84 -9.95
CA ILE D 56 3.44 61.36 -8.65
C ILE D 56 4.97 61.28 -8.58
N SER D 57 5.59 60.79 -9.65
CA SER D 57 7.06 60.69 -9.68
C SER D 57 7.72 62.06 -9.66
N SER D 58 7.10 63.04 -10.32
CA SER D 58 7.66 64.39 -10.35
C SER D 58 7.58 65.07 -8.98
N ASP D 59 6.55 64.73 -8.19
CA ASP D 59 6.35 65.37 -6.90
C ASP D 59 7.46 64.99 -5.92
N THR D 60 8.01 65.99 -5.24
CA THR D 60 9.15 65.80 -4.34
C THR D 60 8.87 66.28 -2.91
N SER D 61 7.62 66.58 -2.58
CA SER D 61 7.31 67.18 -1.30
C SER D 61 7.24 66.11 -0.20
N GLY D 62 7.19 66.57 1.04
CA GLY D 62 7.03 65.70 2.18
C GLY D 62 8.33 65.12 2.69
N ARG D 63 8.30 64.68 3.94
CA ARG D 63 9.43 64.04 4.57
C ARG D 63 8.97 62.73 5.19
N ARG D 64 9.77 61.67 5.00
CA ARG D 64 9.46 60.35 5.54
C ARG D 64 10.56 59.93 6.49
N SER D 65 10.16 59.50 7.69
CA SER D 65 11.12 59.06 8.70
C SER D 65 11.57 57.62 8.50
N LEU D 66 10.89 56.86 7.65
CA LEU D 66 11.22 55.46 7.40
C LEU D 66 11.67 55.29 5.95
N GLN D 67 12.70 54.49 5.75
CA GLN D 67 13.23 54.25 4.42
C GLN D 67 12.36 53.26 3.67
N GLY D 68 11.89 53.65 2.49
CA GLY D 68 11.06 52.80 1.68
C GLY D 68 9.59 52.90 2.05
N TYR D 69 8.80 52.01 1.46
CA TYR D 69 7.37 51.98 1.68
C TYR D 69 6.95 50.53 1.91
N ASP D 70 5.89 50.35 2.71
CA ASP D 70 5.31 49.04 2.91
C ASP D 70 4.18 48.83 1.90
N CYS D 71 3.56 47.66 1.97
CA CYS D 71 2.58 47.24 0.97
C CYS D 71 1.31 46.81 1.66
N VAL D 72 0.18 46.99 0.96
CA VAL D 72 -1.08 46.42 1.40
C VAL D 72 -0.99 44.91 1.21
N GLU D 73 -1.21 44.16 2.28
CA GLU D 73 -0.96 42.73 2.24
C GLU D 73 -2.25 41.98 1.95
N TYR D 74 -2.11 40.79 1.38
CA TYR D 74 -3.27 40.04 0.91
C TYR D 74 -2.91 38.56 0.90
N TYR D 75 -3.38 37.82 1.89
CA TYR D 75 -3.07 36.40 2.00
C TYR D 75 -4.10 35.61 1.21
N ALA D 76 -3.71 35.19 0.00
CA ALA D 76 -4.58 34.40 -0.86
C ALA D 76 -4.40 32.92 -0.55
N THR D 77 -5.47 32.14 -0.73
CA THR D 77 -5.49 30.73 -0.36
C THR D 77 -5.15 29.87 -1.58
N ARG D 78 -4.18 28.97 -1.40
CA ARG D 78 -3.83 28.03 -2.45
C ARG D 78 -4.67 26.76 -2.34
N TYR D 79 -4.31 25.76 -3.16
CA TYR D 79 -5.09 24.52 -3.23
C TYR D 79 -4.99 23.71 -1.95
N ASN D 80 -3.90 23.85 -1.20
CA ASN D 80 -3.73 23.16 0.06
C ASN D 80 -4.11 24.02 1.26
N ASN D 81 -4.84 25.12 1.02
CA ASN D 81 -5.29 26.14 1.98
C ASN D 81 -4.13 26.96 2.52
N PHE D 82 -2.98 26.93 1.86
CA PHE D 82 -1.82 27.66 2.34
C PHE D 82 -1.92 29.12 1.91
N PRO D 83 -1.50 30.06 2.75
CA PRO D 83 -1.49 31.47 2.33
C PRO D 83 -0.29 31.84 1.48
N ARG D 84 -0.54 32.71 0.49
CA ARG D 84 0.48 33.34 -0.32
C ARG D 84 0.25 34.83 -0.20
N THR D 85 1.27 35.56 0.21
CA THR D 85 1.11 36.96 0.58
C THR D 85 1.34 37.82 -0.66
N LEU D 86 0.26 38.08 -1.39
CA LEU D 86 0.26 39.06 -2.46
C LEU D 86 0.34 40.45 -1.85
N SER D 87 0.91 41.38 -2.61
CA SER D 87 1.12 42.72 -2.10
C SER D 87 0.67 43.76 -3.12
N ILE D 88 0.06 44.83 -2.62
CA ILE D 88 -0.26 46.00 -3.41
C ILE D 88 0.74 47.08 -2.99
N ILE D 89 1.65 47.43 -3.91
CA ILE D 89 2.72 48.36 -3.62
C ILE D 89 2.16 49.74 -3.34
N HIS D 90 2.79 50.46 -2.41
CA HIS D 90 2.42 51.85 -2.17
C HIS D 90 2.66 52.66 -3.43
N PRO D 91 1.67 53.42 -3.89
CA PRO D 91 1.71 53.97 -5.26
C PRO D 91 2.72 55.07 -5.47
N LYS D 92 3.20 55.74 -4.42
CA LYS D 92 4.30 56.66 -4.61
C LYS D 92 5.59 55.90 -4.89
N ALA D 93 5.77 54.75 -4.25
CA ALA D 93 6.89 53.88 -4.58
C ALA D 93 6.65 53.05 -5.83
N TYR D 94 5.40 52.93 -6.27
CA TYR D 94 5.08 52.15 -7.46
C TYR D 94 5.11 52.97 -8.73
N SER D 95 4.71 54.25 -8.66
CA SER D 95 4.73 55.09 -9.85
C SER D 95 6.14 55.29 -10.37
N LYS D 96 7.10 55.50 -9.46
CA LYS D 96 8.50 55.63 -9.84
C LYS D 96 9.03 54.34 -10.46
N LEU D 97 8.67 53.19 -9.87
CA LEU D 97 9.11 51.89 -10.40
C LEU D 97 8.54 51.64 -11.79
N ALA D 98 7.25 51.87 -11.97
CA ALA D 98 6.61 51.63 -13.26
C ALA D 98 7.11 52.62 -14.32
N LYS D 99 7.30 53.88 -13.93
CA LYS D 99 7.83 54.87 -14.87
C LYS D 99 9.26 54.55 -15.26
N HIS D 100 10.06 54.05 -14.31
CA HIS D 100 11.43 53.65 -14.61
C HIS D 100 11.46 52.47 -15.57
N ILE D 101 10.59 51.48 -15.34
CA ILE D 101 10.53 50.33 -16.25
C ILE D 101 10.05 50.77 -17.63
N HIS D 102 9.13 51.73 -17.68
CA HIS D 102 8.65 52.24 -18.96
C HIS D 102 9.75 52.96 -19.73
N ASP D 103 10.49 53.86 -19.07
CA ASP D 103 11.48 54.67 -19.77
C ASP D 103 12.64 53.82 -20.29
N ASN D 104 12.90 52.70 -19.64
CA ASN D 104 14.02 51.83 -19.94
C ASN D 104 13.61 50.60 -20.73
N TRP D 105 12.44 50.65 -21.38
CA TRP D 105 11.83 49.43 -21.92
C TRP D 105 12.61 48.85 -23.08
N GLU D 106 13.30 49.70 -23.86
CA GLU D 106 14.13 49.18 -24.93
C GLU D 106 15.34 48.41 -24.42
N GLU D 107 15.77 48.66 -23.18
CA GLU D 107 16.80 47.85 -22.55
C GLU D 107 16.25 46.76 -21.66
N ILE D 108 14.92 46.69 -21.45
CA ILE D 108 14.32 45.63 -20.65
C ILE D 108 13.70 44.55 -21.52
N ARG D 109 13.26 44.87 -22.73
CA ARG D 109 12.48 43.98 -23.58
C ARG D 109 13.25 42.76 -24.08
N PHE D 110 14.50 42.56 -23.66
CA PHE D 110 15.18 41.30 -23.92
C PHE D 110 14.55 40.13 -23.17
N ILE D 111 13.76 40.41 -22.14
CA ILE D 111 13.03 39.35 -21.45
C ILE D 111 11.87 38.86 -22.29
N LYS D 112 11.36 39.71 -23.20
CA LYS D 112 10.30 39.29 -24.11
C LYS D 112 10.82 38.37 -25.21
N GLU D 113 12.09 38.48 -25.57
CA GLU D 113 12.70 37.66 -26.62
C GLU D 113 13.16 36.31 -26.10
N ASN D 114 13.12 36.09 -24.78
CA ASN D 114 13.44 34.79 -24.23
C ASN D 114 12.39 33.78 -24.66
N GLU D 115 12.83 32.56 -24.97
CA GLU D 115 11.96 31.52 -25.46
C GLU D 115 11.73 30.40 -24.45
N ASN D 116 12.46 30.38 -23.34
CA ASN D 116 12.26 29.39 -22.30
C ASN D 116 11.35 29.86 -21.17
N SER D 117 10.97 31.14 -21.16
CA SER D 117 10.07 31.69 -20.16
C SER D 117 8.66 31.69 -20.75
N MET D 118 7.79 30.83 -20.21
CA MET D 118 6.47 30.68 -20.79
C MET D 118 5.55 31.82 -20.40
N ILE D 119 5.60 32.26 -19.15
CA ILE D 119 4.86 33.42 -18.69
C ILE D 119 5.84 34.57 -18.50
N LYS D 120 5.65 35.61 -19.30
CA LYS D 120 6.57 36.73 -19.42
C LYS D 120 5.74 37.91 -19.92
N PRO D 121 6.30 39.12 -19.93
CA PRO D 121 5.58 40.23 -20.55
C PRO D 121 5.24 39.96 -22.01
N ASP D 122 4.00 40.32 -22.36
CA ASP D 122 3.44 40.03 -23.67
C ASP D 122 2.24 40.93 -23.88
N MET D 123 2.02 41.37 -25.12
CA MET D 123 0.92 42.27 -25.41
C MET D 123 -0.41 41.53 -25.41
N HIS D 124 -1.01 41.36 -24.24
CA HIS D 124 -2.32 40.73 -24.15
C HIS D 124 -3.42 41.72 -24.54
N ALA D 125 -4.53 41.17 -25.03
CA ALA D 125 -5.59 42.01 -25.60
C ALA D 125 -6.35 42.77 -24.51
N ASP D 126 -6.54 42.14 -23.34
CA ASP D 126 -7.32 42.77 -22.29
C ASP D 126 -6.62 44.00 -21.73
N GLY D 127 -5.29 44.02 -21.76
CA GLY D 127 -4.53 45.16 -21.30
C GLY D 127 -3.39 44.76 -20.40
N ARG D 128 -3.35 43.49 -20.01
CA ARG D 128 -2.31 42.97 -19.12
C ARG D 128 -1.05 42.63 -19.89
N ILE D 129 0.05 42.44 -19.16
CA ILE D 129 1.24 41.83 -19.73
C ILE D 129 1.63 40.51 -19.06
N ILE D 130 1.15 40.24 -17.86
CA ILE D 130 1.44 38.99 -17.17
C ILE D 130 0.14 38.28 -16.87
N ILE D 131 -0.10 37.15 -17.55
CA ILE D 131 -1.25 36.30 -17.29
C ILE D 131 -0.73 34.86 -17.24
N MET D 132 -0.72 34.27 -16.05
CA MET D 132 -0.32 32.87 -15.99
C MET D 132 -1.49 31.99 -16.42
N ASN D 133 -1.14 30.83 -16.98
CA ASN D 133 -2.09 29.84 -17.50
C ASN D 133 -3.02 30.47 -18.53
N TYR D 134 -2.40 31.06 -19.56
CA TYR D 134 -3.12 31.82 -20.57
C TYR D 134 -3.16 31.16 -21.94
N GLU D 135 -2.10 30.45 -22.32
CA GLU D 135 -2.05 29.87 -23.66
C GLU D 135 -3.02 28.69 -23.78
N ASP D 136 -3.46 28.45 -25.02
CA ASP D 136 -4.49 27.45 -25.27
C ASP D 136 -3.93 26.03 -25.11
N ALA D 137 -4.85 25.08 -24.93
CA ALA D 137 -4.47 23.72 -24.60
C ALA D 137 -3.79 23.02 -25.77
N GLU D 138 -4.19 23.35 -27.01
CA GLU D 138 -3.64 22.68 -28.18
C GLU D 138 -2.15 22.96 -28.35
N THR D 139 -1.77 24.25 -28.26
CA THR D 139 -0.36 24.59 -28.37
C THR D 139 0.44 24.03 -27.21
N LYS D 140 -0.14 24.05 -26.00
CA LYS D 140 0.55 23.51 -24.83
C LYS D 140 0.80 22.01 -25.00
N THR D 141 -0.19 21.28 -25.51
CA THR D 141 -0.03 19.85 -25.76
C THR D 141 1.03 19.60 -26.83
N ILE D 142 0.97 20.35 -27.94
CA ILE D 142 1.93 20.17 -29.02
C ILE D 142 3.34 20.48 -28.56
N ARG D 143 3.52 21.56 -27.80
CA ARG D 143 4.82 21.86 -27.19
C ARG D 143 5.30 20.77 -26.25
N GLU D 144 4.40 20.21 -25.44
CA GLU D 144 4.80 19.24 -24.44
C GLU D 144 5.28 17.95 -25.12
N LEU D 145 4.52 17.49 -26.13
CA LEU D 145 4.95 16.36 -26.94
C LEU D 145 6.22 16.66 -27.74
N ASN D 146 6.31 17.85 -28.34
CA ASN D 146 7.46 18.20 -29.16
C ASN D 146 8.74 18.28 -28.35
N ASP D 147 8.65 18.77 -27.12
CA ASP D 147 9.83 18.86 -26.26
C ASP D 147 10.11 17.54 -25.56
N GLY D 148 9.10 16.70 -25.38
CA GLY D 148 9.26 15.35 -24.89
C GLY D 148 9.61 14.34 -25.95
N PHE D 149 9.92 14.80 -27.17
CA PHE D 149 10.33 13.94 -28.28
C PHE D 149 11.66 13.27 -28.00
N GLY D 150 11.65 11.94 -27.92
CA GLY D 150 12.87 11.18 -27.91
C GLY D 150 13.64 11.18 -26.61
N ARG D 151 13.04 11.61 -25.50
CA ARG D 151 13.78 11.78 -24.26
C ARG D 151 13.31 10.77 -23.23
N ARG D 152 14.18 10.49 -22.27
CA ARG D 152 13.95 9.48 -21.25
C ARG D 152 13.44 10.03 -19.92
N PHE D 153 13.96 11.17 -19.46
CA PHE D 153 13.64 11.68 -18.14
C PHE D 153 13.08 13.10 -18.21
N LYS D 154 12.24 13.44 -17.25
CA LYS D 154 11.70 14.78 -17.11
C LYS D 154 12.04 15.29 -15.72
N VAL D 155 12.86 16.33 -15.66
CA VAL D 155 13.30 16.92 -14.39
C VAL D 155 12.41 18.11 -14.07
N ASN D 156 11.89 18.15 -12.85
CA ASN D 156 11.12 19.28 -12.35
C ASN D 156 11.92 19.90 -11.21
N ALA D 157 12.19 21.20 -11.32
CA ALA D 157 12.93 21.92 -10.28
C ALA D 157 12.18 23.21 -9.98
N ASP D 158 12.35 23.71 -8.76
CA ASP D 158 11.70 24.94 -8.34
C ASP D 158 12.71 25.81 -7.61
N ILE D 159 12.65 27.12 -7.87
CA ILE D 159 13.37 28.06 -7.02
C ILE D 159 12.67 28.11 -5.66
N SER D 160 13.45 28.13 -4.58
CA SER D 160 12.90 27.92 -3.25
C SER D 160 11.95 29.03 -2.84
N GLY D 161 12.44 30.26 -2.74
CA GLY D 161 11.56 31.36 -2.44
C GLY D 161 11.11 32.10 -3.68
N CYS D 162 12.08 32.50 -4.52
CA CYS D 162 11.91 33.26 -5.75
C CYS D 162 11.35 34.63 -5.44
N PHE D 163 10.07 34.70 -5.07
CA PHE D 163 9.51 35.98 -4.62
C PHE D 163 10.08 36.36 -3.27
N THR D 164 10.34 35.37 -2.42
CA THR D 164 10.74 35.64 -1.04
C THR D 164 12.16 36.19 -0.96
N ASN D 165 13.09 35.62 -1.74
CA ASN D 165 14.50 35.97 -1.59
C ASN D 165 15.19 36.31 -2.91
N ILE D 166 14.50 36.99 -3.83
CA ILE D 166 15.21 37.58 -4.95
C ILE D 166 16.04 38.75 -4.42
N TYR D 167 17.30 38.78 -4.81
CA TYR D 167 18.22 39.82 -4.35
C TYR D 167 18.15 40.99 -5.31
N SER D 168 17.75 42.16 -4.80
CA SER D 168 17.55 43.31 -5.66
C SER D 168 18.87 43.83 -6.21
N HIS D 169 19.94 43.75 -5.42
CA HIS D 169 21.25 44.17 -5.88
C HIS D 169 21.77 43.31 -7.03
N SER D 170 21.17 42.15 -7.24
CA SER D 170 21.50 41.27 -8.35
C SER D 170 20.75 41.62 -9.63
N ILE D 171 19.93 42.66 -9.62
CA ILE D 171 19.30 43.14 -10.86
C ILE D 171 20.35 43.66 -11.84
N PRO D 172 21.33 44.51 -11.46
CA PRO D 172 22.42 44.78 -12.43
C PRO D 172 23.30 43.58 -12.72
N TRP D 173 23.44 42.65 -11.77
CA TRP D 173 24.24 41.45 -12.00
C TRP D 173 23.69 40.63 -13.16
N ALA D 174 22.36 40.56 -13.26
CA ALA D 174 21.76 39.89 -14.41
C ALA D 174 21.93 40.70 -15.68
N VAL D 175 21.96 42.03 -15.56
CA VAL D 175 21.85 42.87 -16.75
C VAL D 175 23.21 42.98 -17.46
N ILE D 176 24.28 43.23 -16.71
CA ILE D 176 25.58 43.45 -17.31
C ILE D 176 26.64 42.49 -16.79
N GLY D 177 26.21 41.45 -16.08
CA GLY D 177 27.18 40.51 -15.54
C GLY D 177 27.49 40.79 -14.09
N VAL D 178 27.83 39.75 -13.32
CA VAL D 178 28.05 39.91 -11.89
C VAL D 178 29.29 40.77 -11.62
N ASN D 179 30.41 40.44 -12.27
CA ASN D 179 31.68 41.11 -11.95
C ASN D 179 31.72 42.52 -12.52
N ASN D 180 31.13 42.73 -13.70
CA ASN D 180 31.05 44.08 -14.26
C ASN D 180 30.22 45.00 -13.37
N ALA D 181 29.11 44.49 -12.85
CA ALA D 181 28.28 45.30 -11.94
C ALA D 181 28.98 45.55 -10.62
N LYS D 182 29.72 44.55 -10.11
CA LYS D 182 30.45 44.76 -8.86
C LYS D 182 31.58 45.78 -9.04
N ILE D 183 32.26 45.76 -10.18
CA ILE D 183 33.30 46.75 -10.46
C ILE D 183 32.68 48.14 -10.66
N ALA D 184 31.50 48.19 -11.28
CA ALA D 184 30.85 49.47 -11.56
C ALA D 184 30.45 50.20 -10.28
N LEU D 185 30.17 49.45 -9.21
CA LEU D 185 29.90 50.05 -7.91
C LEU D 185 31.15 50.70 -7.33
N LYS D 194 23.80 57.06 -13.09
CA LYS D 194 24.18 55.67 -12.89
C LYS D 194 23.45 54.81 -13.93
N HIS D 195 23.84 53.54 -14.05
CA HIS D 195 23.24 52.63 -15.01
C HIS D 195 21.77 52.39 -14.66
N TRP D 196 20.99 52.03 -15.68
CA TRP D 196 19.55 51.95 -15.54
C TRP D 196 19.13 50.84 -14.57
N SER D 197 19.84 49.73 -14.55
CA SER D 197 19.49 48.60 -13.71
C SER D 197 19.77 48.86 -12.23
N ASP D 198 20.72 49.75 -11.92
CA ASP D 198 20.95 50.13 -10.53
C ASP D 198 19.79 50.98 -9.98
N LYS D 199 19.28 51.90 -10.79
CA LYS D 199 18.10 52.66 -10.39
C LYS D 199 16.85 51.76 -10.35
N LEU D 200 16.80 50.74 -11.22
CA LEU D 200 15.73 49.75 -11.11
C LEU D 200 15.82 48.97 -9.81
N ASP D 201 17.03 48.62 -9.38
CA ASP D 201 17.23 47.94 -8.10
C ASP D 201 16.78 48.84 -6.95
N TYR D 202 17.13 50.13 -7.01
CA TYR D 202 16.72 51.07 -5.97
C TYR D 202 15.20 51.24 -5.93
N PHE D 203 14.57 51.36 -7.10
CA PHE D 203 13.12 51.56 -7.14
C PHE D 203 12.37 50.31 -6.71
N GLN D 204 12.91 49.14 -7.02
CA GLN D 204 12.31 47.90 -6.54
C GLN D 204 12.46 47.78 -5.02
N ARG D 205 13.60 48.22 -4.48
CA ARG D 205 13.77 48.23 -3.03
C ARG D 205 12.79 49.17 -2.35
N GLN D 206 12.55 50.34 -2.96
CA GLN D 206 11.61 51.32 -2.40
C GLN D 206 10.19 50.77 -2.34
N ALA D 207 9.87 49.78 -3.18
CA ALA D 207 8.56 49.18 -3.17
C ALA D 207 8.26 48.45 -1.86
N LYS D 208 9.26 47.78 -1.27
CA LYS D 208 9.07 47.00 -0.05
C LYS D 208 10.11 47.44 0.98
N ARG D 209 9.80 48.52 1.69
CA ARG D 209 10.44 48.89 2.97
C ARG D 209 11.95 49.11 2.86
N ASN D 210 12.44 49.47 1.67
CA ASN D 210 13.87 49.60 1.39
C ASN D 210 14.64 48.33 1.74
N GLU D 211 14.07 47.18 1.39
CA GLU D 211 14.63 45.89 1.74
C GLU D 211 15.26 45.25 0.50
N THR D 212 16.45 44.70 0.67
CA THR D 212 17.19 44.14 -0.46
C THR D 212 16.53 42.86 -0.98
N HIS D 213 16.08 42.00 -0.08
CA HIS D 213 15.53 40.71 -0.47
C HIS D 213 14.02 40.79 -0.63
N GLY D 214 13.50 40.06 -1.61
CA GLY D 214 12.08 39.93 -1.80
C GLY D 214 11.53 40.87 -2.85
N VAL D 215 10.38 40.49 -3.38
CA VAL D 215 9.61 41.33 -4.30
C VAL D 215 8.14 41.20 -3.93
N PRO D 216 7.37 42.28 -3.99
CA PRO D 216 5.91 42.16 -3.78
C PRO D 216 5.25 41.30 -4.85
N ILE D 217 4.49 40.31 -4.40
CA ILE D 217 3.88 39.32 -5.30
C ILE D 217 2.59 39.92 -5.86
N GLY D 218 2.46 39.92 -7.17
CA GLY D 218 1.24 40.38 -7.80
C GLY D 218 1.37 41.51 -8.81
N PRO D 219 2.15 42.56 -8.52
CA PRO D 219 2.44 43.55 -9.56
C PRO D 219 3.32 42.98 -10.65
N ALA D 220 3.13 43.50 -11.87
CA ALA D 220 3.92 43.05 -13.00
C ALA D 220 5.34 43.58 -12.95
N THR D 221 5.58 44.64 -12.15
CA THR D 221 6.93 45.14 -12.01
C THR D 221 7.84 44.12 -11.34
N SER D 222 7.33 43.41 -10.34
CA SER D 222 8.10 42.32 -9.75
C SER D 222 8.23 41.12 -10.67
N SER D 223 7.23 40.88 -11.53
CA SER D 223 7.38 39.84 -12.55
C SER D 223 8.46 40.19 -13.55
N ILE D 224 8.53 41.47 -13.94
CA ILE D 224 9.59 41.95 -14.83
C ILE D 224 10.95 41.83 -14.15
N VAL D 225 11.03 42.18 -12.87
CA VAL D 225 12.27 42.08 -12.12
C VAL D 225 12.72 40.61 -12.01
N CYS D 226 11.77 39.71 -11.77
CA CYS D 226 12.08 38.28 -11.71
C CYS D 226 12.52 37.75 -13.07
N GLU D 227 11.85 38.18 -14.14
CA GLU D 227 12.23 37.77 -15.50
C GLU D 227 13.61 38.28 -15.87
N ILE D 228 13.97 39.49 -15.46
CA ILE D 228 15.28 40.05 -15.75
C ILE D 228 16.38 39.21 -15.11
N ILE D 229 16.18 38.81 -13.86
CA ILE D 229 17.19 38.01 -13.18
C ILE D 229 17.24 36.60 -13.73
N LEU D 230 16.07 35.99 -13.98
CA LEU D 230 16.03 34.60 -14.42
C LEU D 230 16.35 34.43 -15.91
N SER D 231 16.36 35.51 -16.69
CA SER D 231 16.71 35.40 -18.10
C SER D 231 18.18 35.09 -18.30
N ALA D 232 19.05 35.53 -17.37
CA ALA D 232 20.45 35.15 -17.45
C ALA D 232 20.65 33.67 -17.17
N VAL D 233 19.90 33.13 -16.20
CA VAL D 233 19.89 31.70 -15.94
C VAL D 233 19.40 30.94 -17.16
N ASP D 234 18.33 31.45 -17.80
CA ASP D 234 17.81 30.83 -19.01
C ASP D 234 18.83 30.88 -20.13
N LYS D 235 19.56 31.99 -20.26
CA LYS D 235 20.58 32.12 -21.29
C LYS D 235 21.71 31.12 -21.09
N ARG D 236 22.20 30.97 -19.86
CA ARG D 236 23.31 30.03 -19.64
C ARG D 236 22.84 28.59 -19.81
N LEU D 237 21.63 28.26 -19.34
CA LEU D 237 21.09 26.92 -19.54
C LEU D 237 20.84 26.64 -21.01
N ARG D 238 20.42 27.65 -21.77
CA ARG D 238 20.20 27.51 -23.20
C ARG D 238 21.51 27.27 -23.95
N ASP D 239 22.57 28.01 -23.58
CA ASP D 239 23.82 27.92 -24.31
C ASP D 239 24.53 26.60 -24.07
N ASP D 240 24.21 25.90 -22.99
CA ASP D 240 24.73 24.57 -22.73
C ASP D 240 23.84 23.47 -23.32
N GLY D 241 22.94 23.82 -24.23
CA GLY D 241 22.14 22.85 -24.96
C GLY D 241 21.18 22.03 -24.13
N PHE D 242 20.35 22.69 -23.33
CA PHE D 242 19.34 22.01 -22.53
C PHE D 242 17.96 22.34 -23.06
N LEU D 243 17.10 21.34 -23.16
CA LEU D 243 15.70 21.55 -23.49
C LEU D 243 14.93 21.74 -22.20
N PHE D 244 14.47 22.96 -21.96
CA PHE D 244 13.88 23.32 -20.68
C PHE D 244 12.90 24.47 -20.88
N ARG D 245 11.93 24.53 -19.99
CA ARG D 245 10.91 25.57 -19.98
C ARG D 245 10.79 26.10 -18.56
N ARG D 246 10.46 27.39 -18.43
CA ARG D 246 10.27 28.01 -17.13
C ARG D 246 8.86 28.56 -17.00
N TYR D 247 8.20 28.20 -15.91
CA TYR D 247 6.90 28.71 -15.52
C TYR D 247 7.08 29.44 -14.20
N ILE D 248 7.26 30.76 -14.27
CA ILE D 248 7.61 31.64 -13.14
C ILE D 248 8.90 31.09 -12.53
N ALA D 249 8.79 30.23 -11.51
CA ALA D 249 9.94 29.72 -10.79
C ALA D 249 10.10 28.22 -10.95
N ALA D 250 9.44 27.61 -11.93
CA ALA D 250 9.48 26.17 -12.13
C ALA D 250 10.21 25.86 -13.44
N TYR D 251 11.24 25.04 -13.36
CA TYR D 251 12.00 24.59 -14.52
C TYR D 251 11.64 23.16 -14.82
N THR D 252 11.21 22.90 -16.05
CA THR D 252 11.02 21.53 -16.53
C THR D 252 12.04 21.26 -17.62
N CYS D 253 12.76 20.15 -17.49
CA CYS D 253 13.82 19.77 -18.42
C CYS D 253 13.55 18.40 -18.99
N TYR D 254 13.76 18.26 -20.30
CA TYR D 254 13.58 17.00 -21.00
C TYR D 254 14.94 16.44 -21.37
N CYS D 255 15.22 15.21 -20.93
CA CYS D 255 16.56 14.67 -20.90
C CYS D 255 16.62 13.34 -21.62
N LYS D 256 17.58 13.22 -22.54
CA LYS D 256 17.78 11.96 -23.25
C LYS D 256 18.28 10.87 -22.31
N THR D 257 19.07 11.24 -21.30
CA THR D 257 19.54 10.28 -20.31
C THR D 257 19.49 10.91 -18.92
N HIS D 258 19.97 10.19 -17.91
CA HIS D 258 20.10 10.72 -16.56
C HIS D 258 21.35 11.57 -16.39
N ASP D 259 22.28 11.53 -17.35
CA ASP D 259 23.41 12.44 -17.33
C ASP D 259 22.92 13.88 -17.46
N ASP D 260 22.04 14.11 -18.45
CA ASP D 260 21.42 15.41 -18.67
C ASP D 260 20.60 15.81 -17.46
N ALA D 261 19.87 14.85 -16.89
CA ALA D 261 19.03 15.06 -15.71
C ALA D 261 19.80 15.60 -14.52
N LYS D 262 20.95 14.98 -14.19
CA LYS D 262 21.72 15.44 -13.04
C LYS D 262 22.52 16.69 -13.37
N GLU D 263 23.04 16.79 -14.60
CA GLU D 263 23.86 17.93 -14.97
C GLU D 263 23.03 19.21 -15.15
N PHE D 264 21.78 19.11 -15.58
CA PHE D 264 20.90 20.27 -15.61
C PHE D 264 20.63 20.78 -14.20
N LEU D 265 20.40 19.87 -13.26
CA LEU D 265 20.19 20.26 -11.87
C LEU D 265 21.44 20.94 -11.31
N HIS D 266 22.62 20.40 -11.62
CA HIS D 266 23.86 21.04 -11.18
C HIS D 266 24.03 22.43 -11.78
N LEU D 267 23.81 22.57 -13.09
CA LEU D 267 24.03 23.86 -13.75
C LEU D 267 23.00 24.89 -13.31
N LEU D 268 21.74 24.46 -13.13
CA LEU D 268 20.71 25.36 -12.62
C LEU D 268 21.03 25.79 -11.19
N GLY D 269 21.54 24.88 -10.36
CA GLY D 269 21.97 25.25 -9.03
C GLY D 269 23.10 26.26 -9.02
N MET D 270 24.10 26.07 -9.88
CA MET D 270 25.16 27.06 -10.04
C MET D 270 24.66 28.41 -10.51
N GLU D 271 23.78 28.43 -11.51
CA GLU D 271 23.34 29.69 -12.09
C GLU D 271 22.45 30.45 -11.13
N LEU D 272 21.66 29.72 -10.34
CA LEU D 272 20.84 30.37 -9.32
C LEU D 272 21.69 30.86 -8.15
N SER D 273 22.69 30.06 -7.74
CA SER D 273 23.54 30.45 -6.62
C SER D 273 24.43 31.63 -6.98
N LYS D 274 24.74 31.80 -8.27
CA LYS D 274 25.47 32.97 -8.72
C LYS D 274 24.67 34.25 -8.47
N TYR D 275 23.35 34.19 -8.68
CA TYR D 275 22.45 35.30 -8.41
C TYR D 275 21.75 35.18 -7.06
N LYS D 276 22.36 34.45 -6.12
CA LYS D 276 22.00 34.27 -4.72
C LYS D 276 20.72 33.44 -4.53
N LEU D 277 20.09 32.95 -5.59
CA LEU D 277 18.92 32.09 -5.45
C LEU D 277 19.35 30.64 -5.23
N SER D 278 18.36 29.76 -5.08
CA SER D 278 18.63 28.36 -4.81
C SER D 278 17.45 27.54 -5.31
N LEU D 279 17.59 26.21 -5.20
CA LEU D 279 16.58 25.28 -5.68
C LEU D 279 15.76 24.73 -4.52
N ASN D 280 14.45 24.70 -4.71
CA ASN D 280 13.57 24.01 -3.77
C ASN D 280 13.75 22.51 -3.92
N LEU D 281 14.38 21.88 -2.93
CA LEU D 281 14.73 20.48 -3.05
C LEU D 281 13.62 19.54 -2.56
N HIS D 282 12.55 20.07 -1.98
CA HIS D 282 11.35 19.29 -1.78
C HIS D 282 10.47 19.25 -3.01
N LYS D 283 10.76 20.08 -4.01
CA LYS D 283 10.02 20.11 -5.26
C LYS D 283 10.82 19.57 -6.43
N THR D 284 11.98 18.97 -6.17
CA THR D 284 12.80 18.40 -7.23
C THR D 284 12.51 16.90 -7.34
N LYS D 285 12.28 16.45 -8.57
CA LYS D 285 11.92 15.06 -8.82
C LYS D 285 12.19 14.75 -10.30
N ILE D 286 12.69 13.55 -10.56
CA ILE D 286 12.96 13.10 -11.92
C ILE D 286 12.01 11.95 -12.23
N THR D 287 11.22 12.12 -13.29
CA THR D 287 10.19 11.15 -13.66
C THR D 287 10.47 10.64 -15.06
N ASN D 288 10.47 9.32 -15.22
CA ASN D 288 10.73 8.70 -16.52
C ASN D 288 9.60 8.98 -17.50
N LEU D 289 9.96 9.58 -18.63
CA LEU D 289 9.00 9.73 -19.72
C LEU D 289 8.69 8.36 -20.33
N PRO D 290 7.46 8.15 -20.83
CA PRO D 290 6.35 9.10 -20.94
C PRO D 290 5.55 9.24 -19.65
N GLY D 291 5.52 10.45 -19.10
CA GLY D 291 4.70 10.71 -17.94
C GLY D 291 3.33 11.20 -18.38
N THR D 292 2.86 12.26 -17.75
CA THR D 292 1.57 12.86 -18.08
C THR D 292 1.80 14.29 -18.56
N LEU D 293 1.08 14.67 -19.62
CA LEU D 293 1.22 16.02 -20.16
C LEU D 293 0.76 17.06 -19.16
N ASN D 294 -0.44 16.86 -18.62
CA ASN D 294 -0.94 17.58 -17.45
C ASN D 294 -0.52 16.79 -16.21
N ASP D 295 -1.13 17.04 -15.06
CA ASP D 295 -0.91 16.17 -13.92
C ASP D 295 -1.92 15.02 -14.01
N ASN D 296 -1.69 13.99 -13.19
CA ASN D 296 -2.47 12.76 -13.30
C ASN D 296 -3.93 12.98 -12.90
N TRP D 297 -4.16 13.83 -11.88
CA TRP D 297 -5.51 14.13 -11.45
C TRP D 297 -6.28 14.92 -12.52
N VAL D 298 -5.56 15.67 -13.36
CA VAL D 298 -6.21 16.43 -14.42
C VAL D 298 -6.88 15.50 -15.42
N SER D 299 -6.16 14.47 -15.87
CA SER D 299 -6.74 13.51 -16.80
C SER D 299 -7.75 12.61 -16.10
N LEU D 300 -7.56 12.36 -14.79
CA LEU D 300 -8.56 11.60 -14.04
C LEU D 300 -9.89 12.35 -13.96
N LEU D 301 -9.83 13.67 -13.75
CA LEU D 301 -11.05 14.47 -13.75
C LEU D 301 -11.65 14.59 -15.15
N ASN D 302 -10.81 14.86 -16.16
CA ASN D 302 -11.33 15.12 -17.50
C ASN D 302 -11.88 13.86 -18.15
N VAL D 303 -11.30 12.71 -17.83
CA VAL D 303 -11.83 11.44 -18.34
C VAL D 303 -13.18 11.14 -17.70
N ASN D 304 -13.36 11.50 -16.43
CA ASN D 304 -14.60 11.28 -15.70
C ASN D 304 -15.51 12.50 -15.70
N SER D 305 -15.14 13.57 -16.41
CA SER D 305 -15.97 14.76 -16.41
C SER D 305 -17.23 14.52 -17.24
N PRO D 306 -18.40 14.89 -16.73
CA PRO D 306 -19.64 14.76 -17.51
C PRO D 306 -19.79 15.81 -18.59
N THR D 307 -18.86 16.76 -18.69
CA THR D 307 -18.85 17.77 -19.74
C THR D 307 -17.76 17.54 -20.76
N LYS D 308 -17.13 16.35 -20.74
CA LYS D 308 -15.93 16.12 -21.54
C LYS D 308 -16.23 16.09 -23.05
N LYS D 309 -17.49 15.90 -23.42
CA LYS D 309 -17.88 15.90 -24.84
C LYS D 309 -18.91 17.00 -25.07
N ARG D 310 -18.59 17.92 -25.98
CA ARG D 310 -19.54 18.95 -26.38
C ARG D 310 -20.38 18.44 -27.56
N PHE D 311 -21.70 18.57 -27.44
CA PHE D 311 -22.63 17.91 -28.33
C PHE D 311 -23.18 18.80 -29.43
N THR D 312 -22.76 20.08 -29.47
CA THR D 312 -23.15 21.11 -30.44
C THR D 312 -24.62 21.52 -30.34
N ASP D 313 -25.35 20.97 -29.37
CA ASP D 313 -26.68 21.46 -29.00
C ASP D 313 -26.74 21.62 -27.49
N GLN D 314 -27.34 22.73 -27.05
CA GLN D 314 -27.17 23.17 -25.66
C GLN D 314 -27.98 22.33 -24.68
N ASP D 315 -29.12 21.78 -25.13
CA ASP D 315 -29.91 20.91 -24.26
C ASP D 315 -29.14 19.66 -23.89
N LEU D 316 -28.42 19.09 -24.86
CA LEU D 316 -27.53 17.96 -24.57
C LEU D 316 -26.37 18.40 -23.68
N ASN D 317 -25.86 19.60 -23.90
CA ASN D 317 -24.73 20.10 -23.10
C ASN D 317 -25.16 20.41 -21.68
N LYS D 318 -26.45 20.65 -21.45
CA LYS D 318 -26.95 20.93 -20.11
C LYS D 318 -26.95 19.66 -19.27
N LEU D 319 -26.46 19.78 -18.04
CA LEU D 319 -26.26 18.62 -17.18
C LEU D 319 -27.41 18.47 -16.18
N SER D 320 -27.55 17.25 -15.66
CA SER D 320 -28.59 16.94 -14.69
C SER D 320 -28.07 17.10 -13.26
N SER D 321 -28.97 16.90 -12.30
CA SER D 321 -28.62 17.08 -10.89
C SER D 321 -27.65 16.01 -10.42
N SER D 322 -28.02 14.74 -10.62
CA SER D 322 -27.21 13.63 -10.11
C SER D 322 -25.84 13.59 -10.78
N GLU D 323 -25.78 14.00 -12.06
CA GLU D 323 -24.52 14.00 -12.80
C GLU D 323 -23.52 14.96 -12.19
N VAL D 324 -23.92 16.21 -11.96
CA VAL D 324 -23.03 17.22 -11.41
C VAL D 324 -22.68 16.89 -9.97
N ILE D 325 -23.67 16.46 -9.18
CA ILE D 325 -23.41 16.15 -7.78
C ILE D 325 -22.45 14.97 -7.64
N ASN D 326 -22.65 13.92 -8.45
CA ASN D 326 -21.77 12.76 -8.40
C ASN D 326 -20.36 13.09 -8.86
N PHE D 327 -20.23 13.93 -9.90
CA PHE D 327 -18.89 14.37 -10.29
C PHE D 327 -18.23 15.19 -9.19
N LEU D 328 -19.00 16.00 -8.47
CA LEU D 328 -18.44 16.80 -7.39
C LEU D 328 -18.00 15.93 -6.22
N ASP D 329 -18.79 14.91 -5.87
CA ASP D 329 -18.34 13.96 -4.85
C ASP D 329 -17.08 13.24 -5.29
N TYR D 330 -17.02 12.81 -6.56
CA TYR D 330 -15.85 12.10 -7.06
C TYR D 330 -14.62 13.00 -7.02
N ALA D 331 -14.80 14.29 -7.31
CA ALA D 331 -13.71 15.25 -7.19
C ALA D 331 -13.26 15.41 -5.75
N VAL D 332 -14.19 15.39 -4.80
CA VAL D 332 -13.82 15.49 -3.38
C VAL D 332 -12.98 14.29 -2.95
N GLN D 333 -13.40 13.08 -3.33
CA GLN D 333 -12.59 11.89 -3.05
C GLN D 333 -11.24 11.94 -3.77
N LEU D 334 -11.22 12.44 -5.00
CA LEU D 334 -9.97 12.46 -5.75
C LEU D 334 -8.98 13.44 -5.14
N ASN D 335 -9.49 14.56 -4.62
CA ASN D 335 -8.63 15.52 -3.94
C ASN D 335 -8.16 15.00 -2.58
N THR D 336 -9.02 14.26 -1.88
CA THR D 336 -8.59 13.63 -0.64
C THR D 336 -7.55 12.53 -0.91
N GLN D 337 -7.67 11.86 -2.06
CA GLN D 337 -6.86 10.68 -2.33
C GLN D 337 -5.57 11.04 -3.07
N VAL D 338 -5.59 12.08 -3.89
CA VAL D 338 -4.36 12.53 -4.56
C VAL D 338 -3.84 13.81 -3.92
N GLY D 339 -4.59 14.90 -4.07
CA GLY D 339 -4.20 16.18 -3.51
C GLY D 339 -3.02 16.85 -4.17
N GLY D 340 -2.54 16.35 -5.30
CA GLY D 340 -1.36 16.90 -5.94
C GLY D 340 -1.57 18.27 -6.54
N GLY D 341 -2.81 18.63 -6.84
CA GLY D 341 -3.10 19.93 -7.41
C GLY D 341 -4.45 20.46 -7.00
N SER D 342 -4.92 21.50 -7.69
CA SER D 342 -6.19 22.15 -7.36
C SER D 342 -7.33 21.39 -8.03
N ILE D 343 -7.64 20.23 -7.44
CA ILE D 343 -8.63 19.32 -8.03
C ILE D 343 -10.03 19.91 -7.98
N LEU D 344 -10.39 20.56 -6.87
CA LEU D 344 -11.73 21.12 -6.72
C LEU D 344 -11.97 22.26 -7.70
N LYS D 345 -11.01 23.17 -7.84
CA LYS D 345 -11.19 24.31 -8.74
C LYS D 345 -11.30 23.88 -10.20
N TYR D 346 -10.47 22.91 -10.60
CA TYR D 346 -10.56 22.37 -11.95
C TYR D 346 -11.91 21.69 -12.19
N ALA D 347 -12.34 20.86 -11.24
CA ALA D 347 -13.60 20.14 -11.40
C ALA D 347 -14.79 21.09 -11.44
N ILE D 348 -14.76 22.13 -10.61
CA ILE D 348 -15.86 23.09 -10.57
C ILE D 348 -15.88 23.94 -11.84
N SER D 349 -14.70 24.31 -12.35
CA SER D 349 -14.65 25.04 -13.62
C SER D 349 -15.15 24.18 -14.77
N LEU D 350 -14.99 22.86 -14.66
CA LEU D 350 -15.51 21.97 -15.69
C LEU D 350 -17.03 22.02 -15.78
N VAL D 351 -17.72 22.10 -14.65
CA VAL D 351 -19.18 21.97 -14.64
C VAL D 351 -19.92 23.28 -14.42
N ILE D 352 -19.22 24.39 -14.15
CA ILE D 352 -19.89 25.56 -13.60
C ILE D 352 -20.76 26.27 -14.65
N ASN D 353 -20.37 26.24 -15.92
CA ASN D 353 -21.01 27.08 -16.91
C ASN D 353 -22.13 26.37 -17.68
N ASN D 354 -22.31 25.08 -17.49
CA ASN D 354 -23.33 24.31 -18.17
C ASN D 354 -24.46 23.86 -17.26
N LEU D 355 -24.64 24.52 -16.12
CA LEU D 355 -25.65 24.11 -15.15
C LEU D 355 -27.07 24.35 -15.68
N ASP D 356 -27.92 23.36 -15.48
CA ASP D 356 -29.35 23.51 -15.72
C ASP D 356 -29.97 24.17 -14.48
N GLU D 357 -31.16 24.76 -14.67
CA GLU D 357 -31.80 25.54 -13.61
C GLU D 357 -32.15 24.68 -12.40
N TYR D 358 -32.40 23.39 -12.61
CA TYR D 358 -32.67 22.49 -11.50
C TYR D 358 -31.42 22.24 -10.67
N THR D 359 -30.25 22.28 -11.31
CA THR D 359 -28.99 22.01 -10.61
C THR D 359 -28.61 23.14 -9.66
N ILE D 360 -29.00 24.38 -10.00
CA ILE D 360 -28.31 25.58 -9.51
C ILE D 360 -28.37 25.68 -7.98
N THR D 361 -29.51 25.37 -7.40
CA THR D 361 -29.62 25.35 -5.94
C THR D 361 -28.76 24.26 -5.31
N GLN D 362 -28.75 23.06 -5.90
CA GLN D 362 -27.99 21.95 -5.35
C GLN D 362 -26.48 22.19 -5.46
N VAL D 363 -26.02 22.61 -6.63
CA VAL D 363 -24.60 22.90 -6.83
C VAL D 363 -24.19 24.13 -6.04
N TYR D 364 -25.12 25.07 -5.87
CA TYR D 364 -24.86 26.22 -5.00
C TYR D 364 -24.61 25.80 -3.56
N ASP D 365 -25.46 24.92 -3.01
CA ASP D 365 -25.24 24.46 -1.63
C ASP D 365 -23.99 23.60 -1.52
N TYR D 366 -23.70 22.80 -2.54
CA TYR D 366 -22.45 22.05 -2.56
C TYR D 366 -21.25 23.00 -2.60
N LEU D 367 -21.37 24.09 -3.35
CA LEU D 367 -20.32 25.09 -3.37
C LEU D 367 -20.22 25.83 -2.05
N LEU D 368 -21.33 25.99 -1.34
CA LEU D 368 -21.27 26.55 0.00
C LEU D 368 -20.46 25.64 0.93
N ASN D 369 -20.74 24.33 0.85
CA ASN D 369 -20.00 23.34 1.62
C ASN D 369 -18.51 23.36 1.29
N LEU D 370 -18.20 23.48 0.00
CA LEU D 370 -16.81 23.42 -0.46
C LEU D 370 -16.08 24.74 -0.20
N SER D 371 -16.82 25.86 -0.26
CA SER D 371 -16.23 27.17 0.03
C SER D 371 -15.92 27.32 1.50
N TRP D 372 -16.75 26.74 2.38
CA TRP D 372 -16.42 26.76 3.80
C TRP D 372 -15.16 25.94 4.08
N HIS D 373 -15.07 24.75 3.49
CA HIS D 373 -13.92 23.90 3.77
C HIS D 373 -12.69 24.38 3.03
N TYR D 374 -12.88 24.92 1.83
CA TYR D 374 -11.78 25.40 0.98
C TYR D 374 -12.08 26.83 0.55
N PRO D 375 -11.46 27.82 1.18
CA PRO D 375 -11.84 29.22 0.95
C PRO D 375 -11.39 29.79 -0.39
N MET D 376 -10.56 29.09 -1.16
CA MET D 376 -10.19 29.56 -2.49
C MET D 376 -11.30 29.31 -3.51
N LEU D 377 -12.29 28.50 -3.14
CA LEU D 377 -13.44 28.18 -3.98
C LEU D 377 -14.56 29.20 -3.82
N ILE D 378 -14.39 30.17 -2.91
CA ILE D 378 -15.40 31.23 -2.74
C ILE D 378 -15.65 32.04 -4.01
N PRO D 379 -14.66 32.41 -4.85
CA PRO D 379 -14.99 33.19 -6.06
C PRO D 379 -16.00 32.56 -7.01
N TYR D 380 -16.08 31.22 -7.08
CA TYR D 380 -17.09 30.58 -7.92
C TYR D 380 -18.51 30.91 -7.50
N LEU D 381 -18.71 31.27 -6.22
CA LEU D 381 -20.00 31.71 -5.74
C LEU D 381 -20.49 32.98 -6.45
N GLY D 382 -19.60 33.73 -7.10
CA GLY D 382 -20.05 34.87 -7.87
C GLY D 382 -20.75 34.53 -9.16
N VAL D 383 -20.62 33.30 -9.65
CA VAL D 383 -21.30 32.94 -10.88
C VAL D 383 -22.79 32.68 -10.63
N LEU D 384 -23.12 32.09 -9.47
CA LEU D 384 -24.46 31.54 -9.29
C LEU D 384 -25.39 32.52 -8.58
N ILE D 385 -24.87 33.64 -8.06
CA ILE D 385 -25.62 34.44 -7.09
C ILE D 385 -26.85 35.11 -7.71
N GLU D 386 -26.84 35.41 -9.02
CA GLU D 386 -28.04 35.98 -9.61
C GLU D 386 -29.12 34.90 -9.79
N HIS D 387 -28.73 33.70 -10.19
CA HIS D 387 -29.71 32.64 -10.43
C HIS D 387 -30.29 32.08 -9.15
N VAL D 388 -29.60 32.24 -8.03
CA VAL D 388 -30.10 31.78 -6.74
C VAL D 388 -30.88 32.90 -6.08
N TYR D 389 -32.09 32.59 -5.61
CA TYR D 389 -32.93 33.57 -4.91
C TYR D 389 -32.41 33.68 -3.48
N LEU D 390 -31.70 34.77 -3.20
CA LEU D 390 -30.92 34.87 -1.98
C LEU D 390 -31.76 35.24 -0.76
N ASP D 391 -32.98 35.77 -0.97
CA ASP D 391 -33.79 36.21 0.15
C ASP D 391 -34.22 35.03 1.02
N ASP D 392 -34.87 34.03 0.41
CA ASP D 392 -35.20 32.72 0.99
C ASP D 392 -35.78 32.79 2.40
N GLY D 393 -35.16 32.06 3.33
CA GLY D 393 -35.50 32.12 4.73
C GLY D 393 -34.28 32.47 5.57
N ASP D 394 -33.45 33.38 5.06
CA ASP D 394 -32.19 33.83 5.66
C ASP D 394 -31.18 32.71 5.84
N GLU D 395 -31.26 31.65 5.01
CA GLU D 395 -30.29 30.57 5.08
C GLU D 395 -28.94 31.02 4.53
N TYR D 396 -28.95 31.66 3.35
CA TYR D 396 -27.71 32.15 2.74
C TYR D 396 -27.12 33.29 3.57
N LYS D 397 -27.99 34.04 4.25
CA LYS D 397 -27.56 35.10 5.16
C LYS D 397 -26.67 34.53 6.27
N ASN D 398 -27.08 33.44 6.90
CA ASN D 398 -26.23 32.81 7.90
C ASN D 398 -25.05 32.09 7.28
N LYS D 399 -25.20 31.58 6.05
CA LYS D 399 -24.09 30.90 5.39
C LYS D 399 -22.92 31.83 5.11
N PHE D 400 -23.18 33.00 4.54
CA PHE D 400 -22.08 33.89 4.20
C PHE D 400 -21.43 34.46 5.44
N ASN D 401 -22.20 34.68 6.51
CA ASN D 401 -21.58 35.10 7.76
C ASN D 401 -20.77 34.01 8.43
N GLU D 402 -21.18 32.74 8.30
CA GLU D 402 -20.41 31.67 8.91
C GLU D 402 -19.10 31.51 8.12
N ILE D 403 -19.16 31.69 6.80
CA ILE D 403 -17.96 31.72 5.97
C ILE D 403 -17.08 32.90 6.36
N LEU D 404 -17.68 34.07 6.59
CA LEU D 404 -16.92 35.25 6.98
C LEU D 404 -16.20 35.03 8.30
N SER D 405 -16.88 34.38 9.26
CA SER D 405 -16.24 34.03 10.52
C SER D 405 -15.09 33.07 10.32
N MET D 406 -15.26 32.09 9.42
CA MET D 406 -14.20 31.13 9.15
C MET D 406 -12.99 31.81 8.50
N CYS D 407 -13.23 32.73 7.57
CA CYS D 407 -12.15 33.46 6.92
C CYS D 407 -11.45 34.39 7.90
N ALA D 408 -12.19 34.96 8.84
CA ALA D 408 -11.57 35.72 9.92
C ALA D 408 -10.74 34.82 10.82
N GLU D 409 -11.21 33.60 11.08
CA GLU D 409 -10.50 32.70 11.98
C GLU D 409 -9.22 32.20 11.32
N ASN D 410 -9.30 31.78 10.06
CA ASN D 410 -8.17 31.17 9.36
C ASN D 410 -7.21 32.19 8.79
N LYS D 411 -7.51 33.48 8.90
CA LYS D 411 -6.71 34.58 8.34
C LYS D 411 -6.50 34.41 6.84
N CYS D 412 -7.60 34.32 6.12
CA CYS D 412 -7.60 34.15 4.66
C CYS D 412 -8.20 35.42 4.06
N SER D 413 -7.41 36.12 3.25
CA SER D 413 -7.82 37.43 2.77
C SER D 413 -8.69 37.34 1.53
N ASP D 414 -8.38 36.40 0.62
CA ASP D 414 -9.14 36.34 -0.62
C ASP D 414 -10.56 35.84 -0.37
N GLY D 415 -10.72 34.86 0.53
CA GLY D 415 -12.05 34.42 0.89
C GLY D 415 -12.86 35.50 1.60
N MET D 416 -12.21 36.23 2.52
CA MET D 416 -12.85 37.36 3.19
C MET D 416 -13.30 38.42 2.19
N ALA D 417 -12.42 38.79 1.27
CA ALA D 417 -12.73 39.86 0.34
C ALA D 417 -13.82 39.44 -0.64
N TRP D 418 -13.77 38.19 -1.11
CA TRP D 418 -14.80 37.71 -2.04
C TRP D 418 -16.15 37.59 -1.34
N THR D 419 -16.16 37.08 -0.10
CA THR D 419 -17.41 36.96 0.64
C THR D 419 -18.00 38.34 0.96
N LEU D 420 -17.15 39.31 1.29
CA LEU D 420 -17.64 40.66 1.52
C LEU D 420 -18.14 41.31 0.22
N TYR D 421 -17.48 41.02 -0.90
CA TYR D 421 -17.98 41.51 -2.19
C TYR D 421 -19.34 40.94 -2.50
N PHE D 422 -19.56 39.66 -2.16
CA PHE D 422 -20.88 39.07 -2.32
C PHE D 422 -21.90 39.71 -1.36
N CYS D 423 -21.47 40.01 -0.13
CA CYS D 423 -22.38 40.57 0.85
C CYS D 423 -22.84 41.98 0.50
N ILE D 424 -21.91 42.85 0.10
CA ILE D 424 -22.32 44.20 -0.32
C ILE D 424 -23.03 44.18 -1.67
N LYS D 425 -22.55 43.39 -2.64
CA LYS D 425 -23.17 43.42 -3.97
C LYS D 425 -24.58 42.84 -3.97
N ASN D 426 -24.83 41.82 -3.16
CA ASN D 426 -26.16 41.22 -3.09
C ASN D 426 -27.01 41.79 -1.96
N ASN D 427 -26.49 42.78 -1.24
CA ASN D 427 -27.17 43.51 -0.17
C ASN D 427 -27.56 42.62 1.00
N ILE D 428 -26.89 41.48 1.17
CA ILE D 428 -27.21 40.59 2.28
C ILE D 428 -26.57 41.15 3.55
N ASP D 429 -27.34 41.17 4.63
CA ASP D 429 -26.87 41.75 5.89
C ASP D 429 -25.75 40.92 6.49
N ILE D 430 -24.92 41.56 7.32
CA ILE D 430 -23.76 40.93 7.92
C ILE D 430 -23.74 41.24 9.41
N ASP D 431 -23.52 40.20 10.21
CA ASP D 431 -23.68 40.27 11.66
C ASP D 431 -22.60 41.12 12.31
N ASP D 432 -22.89 41.60 13.52
CA ASP D 432 -21.94 42.42 14.27
C ASP D 432 -20.77 41.60 14.79
N ASP D 433 -21.02 40.39 15.29
CA ASP D 433 -19.98 39.60 15.92
C ASP D 433 -18.95 39.08 14.92
N VAL D 434 -19.34 38.86 13.66
CA VAL D 434 -18.37 38.48 12.65
C VAL D 434 -17.55 39.69 12.23
N ILE D 435 -18.15 40.88 12.31
CA ILE D 435 -17.44 42.13 12.03
C ILE D 435 -16.43 42.43 13.13
N GLU D 436 -16.72 41.97 14.35
CA GLU D 436 -15.77 42.09 15.46
C GLU D 436 -14.45 41.39 15.13
N LYS D 437 -14.49 40.33 14.33
CA LYS D 437 -13.28 39.67 13.87
C LYS D 437 -12.82 40.13 12.49
N ILE D 438 -13.70 40.70 11.67
CA ILE D 438 -13.24 41.31 10.43
C ILE D 438 -12.38 42.53 10.74
N ILE D 439 -12.80 43.35 11.71
CA ILE D 439 -12.02 44.49 12.16
C ILE D 439 -10.77 44.06 12.90
N CYS D 440 -10.79 42.92 13.60
CA CYS D 440 -9.66 42.45 14.37
C CYS D 440 -8.64 41.69 13.53
N PHE D 441 -9.06 41.09 12.42
CA PHE D 441 -8.11 40.44 11.51
C PHE D 441 -7.17 41.49 10.92
N GLY D 442 -7.70 42.64 10.52
CA GLY D 442 -6.85 43.70 10.04
C GLY D 442 -6.38 43.54 8.63
N ASP D 443 -7.08 42.78 7.80
CA ASP D 443 -6.81 42.78 6.37
C ASP D 443 -7.24 44.11 5.79
N CYS D 444 -6.38 44.71 4.97
CA CYS D 444 -6.67 46.04 4.45
C CYS D 444 -7.84 46.02 3.48
N LEU D 445 -7.83 45.08 2.53
CA LEU D 445 -8.87 45.06 1.49
C LEU D 445 -10.25 44.73 2.06
N SER D 446 -10.29 43.96 3.16
CA SER D 446 -11.54 43.74 3.85
C SER D 446 -12.07 45.04 4.45
N LEU D 447 -11.17 45.82 5.04
CA LEU D 447 -11.57 47.08 5.65
C LEU D 447 -11.93 48.12 4.62
N CYS D 448 -11.40 48.04 3.39
CA CYS D 448 -11.90 48.92 2.34
C CYS D 448 -13.30 48.55 1.88
N LEU D 449 -13.68 47.27 1.94
CA LEU D 449 -15.06 46.90 1.63
C LEU D 449 -16.02 47.39 2.72
N LEU D 450 -15.62 47.19 3.99
CA LEU D 450 -16.40 47.74 5.10
C LEU D 450 -16.43 49.26 5.05
N ASP D 451 -15.37 49.87 4.55
CA ASP D 451 -15.29 51.31 4.37
C ASP D 451 -16.24 51.79 3.29
N SER D 452 -16.35 51.04 2.19
CA SER D 452 -17.24 51.45 1.10
C SER D 452 -18.70 51.21 1.46
N SER D 453 -18.96 50.33 2.44
CA SER D 453 -20.35 50.13 2.85
C SER D 453 -20.93 51.37 3.52
N ASP D 454 -20.12 52.07 4.33
CA ASP D 454 -20.40 53.30 5.10
C ASP D 454 -21.31 53.09 6.31
N ILE D 455 -21.82 51.88 6.56
CA ILE D 455 -22.57 51.64 7.79
C ILE D 455 -21.63 51.59 8.99
N TYR D 456 -20.44 51.00 8.83
CA TYR D 456 -19.53 50.73 9.93
C TYR D 456 -18.40 51.75 9.96
N GLU D 457 -18.75 53.02 9.72
CA GLU D 457 -17.86 54.17 9.69
C GLU D 457 -17.07 54.35 10.98
N GLU D 458 -17.66 53.98 12.12
CA GLU D 458 -17.07 54.25 13.41
C GLU D 458 -16.13 53.15 13.90
N LYS D 459 -16.34 51.90 13.50
CA LYS D 459 -15.36 50.87 13.80
C LYS D 459 -14.14 50.98 12.88
N ILE D 460 -14.36 51.48 11.66
CA ILE D 460 -13.26 51.79 10.75
C ILE D 460 -12.42 52.93 11.31
N ASN D 461 -13.10 53.93 11.88
CA ASN D 461 -12.43 55.11 12.42
C ASN D 461 -11.55 54.74 13.60
N ASN D 462 -11.99 53.81 14.45
CA ASN D 462 -11.17 53.36 15.57
C ASN D 462 -9.91 52.67 15.07
N PHE D 463 -10.01 51.86 14.02
CA PHE D 463 -8.85 51.16 13.49
C PHE D 463 -7.85 52.13 12.88
N VAL D 464 -8.32 53.09 12.07
CA VAL D 464 -7.39 54.01 11.43
C VAL D 464 -6.81 54.97 12.45
N SER D 465 -7.57 55.30 13.50
CA SER D 465 -7.02 56.12 14.58
C SER D 465 -5.96 55.38 15.37
N ASP D 466 -6.15 54.06 15.58
CA ASP D 466 -5.12 53.26 16.22
C ASP D 466 -3.87 53.18 15.35
N ILE D 467 -4.05 53.16 14.03
CA ILE D 467 -2.90 53.15 13.12
C ILE D 467 -2.15 54.49 13.18
N ILE D 468 -2.89 55.61 13.15
CA ILE D 468 -2.26 56.93 13.14
C ILE D 468 -1.59 57.23 14.47
N LYS D 469 -2.22 56.82 15.59
CA LYS D 469 -1.65 57.08 16.91
C LYS D 469 -0.34 56.32 17.12
N LEU D 470 -0.12 55.24 16.37
CA LEU D 470 1.14 54.51 16.43
C LEU D 470 2.31 55.38 15.96
N ASP D 471 2.05 56.28 15.01
CA ASP D 471 3.06 57.12 14.35
C ASP D 471 4.15 56.26 13.71
N TYR D 472 3.75 55.12 13.17
CA TYR D 472 4.61 54.23 12.41
C TYR D 472 4.16 54.32 10.96
N GLU D 473 5.05 54.83 10.09
CA GLU D 473 4.69 55.03 8.69
C GLU D 473 4.48 53.71 7.96
N TYR D 474 5.09 52.63 8.45
CA TYR D 474 4.93 51.34 7.76
C TYR D 474 3.53 50.77 7.94
N ASP D 475 2.88 51.03 9.07
CA ASP D 475 1.49 50.61 9.23
C ASP D 475 0.55 51.44 8.36
N ILE D 476 0.83 52.73 8.22
CA ILE D 476 0.06 53.57 7.31
C ILE D 476 0.25 53.10 5.87
N ASP D 477 1.46 52.65 5.54
CA ASP D 477 1.70 52.10 4.22
C ASP D 477 1.04 50.72 4.05
N ARG D 478 0.90 49.97 5.15
CA ARG D 478 0.19 48.70 5.11
C ARG D 478 -1.31 48.89 4.90
N TYR D 479 -1.84 50.04 5.30
CA TYR D 479 -3.26 50.34 5.09
C TYR D 479 -3.46 51.56 4.20
N TRP D 480 -2.50 51.82 3.30
CA TRP D 480 -2.59 52.95 2.38
C TRP D 480 -3.84 52.89 1.51
N LEU D 481 -4.30 51.69 1.13
CA LEU D 481 -5.50 51.62 0.30
C LEU D 481 -6.73 52.07 1.06
N LEU D 482 -6.87 51.63 2.31
CA LEU D 482 -7.96 52.09 3.16
C LEU D 482 -7.88 53.59 3.42
N PHE D 483 -6.68 54.08 3.72
CA PHE D 483 -6.48 55.51 4.00
C PHE D 483 -6.79 56.36 2.77
N TYR D 484 -6.34 55.91 1.59
CA TYR D 484 -6.62 56.65 0.37
C TYR D 484 -8.08 56.60 0.00
N GLN D 485 -8.75 55.47 0.25
CA GLN D 485 -10.18 55.39 -0.08
C GLN D 485 -10.99 56.32 0.82
N ARG D 486 -10.65 56.38 2.10
CA ARG D 486 -11.32 57.34 2.99
C ARG D 486 -11.00 58.78 2.61
N PHE D 487 -9.75 59.06 2.24
CA PHE D 487 -9.39 60.42 1.86
C PHE D 487 -10.07 60.85 0.56
N PHE D 488 -10.16 59.94 -0.41
CA PHE D 488 -10.81 60.25 -1.68
C PHE D 488 -12.32 60.35 -1.52
N LYS D 489 -12.89 59.64 -0.54
CA LYS D 489 -14.30 59.76 -0.23
C LYS D 489 -14.60 60.88 0.75
N ASP D 490 -13.61 61.73 1.06
CA ASP D 490 -13.69 62.88 1.94
C ASP D 490 -14.07 62.53 3.37
N LYS D 491 -13.97 61.25 3.75
CA LYS D 491 -14.30 60.83 5.10
C LYS D 491 -13.16 61.02 6.07
N ALA D 492 -11.96 61.28 5.57
CA ALA D 492 -10.76 61.44 6.39
C ALA D 492 -9.76 62.31 5.63
N PRO D 493 -8.76 62.90 6.29
CA PRO D 493 -7.70 63.56 5.53
C PRO D 493 -6.56 62.60 5.22
N SER D 494 -5.62 63.03 4.38
CA SER D 494 -4.46 62.19 4.10
C SER D 494 -3.59 62.06 5.34
N PRO D 495 -3.04 60.86 5.59
CA PRO D 495 -2.04 60.70 6.66
C PRO D 495 -0.61 60.93 6.22
N TYR D 496 -0.40 61.50 5.03
CA TYR D 496 0.92 61.72 4.46
C TYR D 496 1.14 63.21 4.25
N ASN D 497 2.38 63.66 4.47
CA ASN D 497 2.75 65.04 4.24
C ASN D 497 3.15 65.31 2.79
N ASP D 498 3.25 64.28 1.97
CA ASP D 498 3.52 64.46 0.55
C ASP D 498 2.22 64.69 -0.23
N LYS D 499 2.37 65.06 -1.49
CA LYS D 499 1.23 65.41 -2.33
C LYS D 499 0.67 64.23 -3.11
N CYS D 500 1.20 63.02 -2.91
CA CYS D 500 0.87 61.87 -3.76
C CYS D 500 -0.62 61.55 -3.71
N PHE D 501 -1.20 61.50 -2.51
CA PHE D 501 -2.62 61.28 -2.36
C PHE D 501 -3.43 62.42 -2.99
N ASP D 502 -2.90 63.64 -2.90
CA ASP D 502 -3.61 64.80 -3.43
C ASP D 502 -3.62 64.80 -4.96
N ILE D 503 -2.49 64.45 -5.59
CA ILE D 503 -2.47 64.33 -7.04
C ILE D 503 -3.34 63.17 -7.50
N MET D 504 -3.41 62.09 -6.72
CA MET D 504 -4.32 61.00 -7.04
C MET D 504 -5.77 61.46 -7.01
N LYS D 505 -6.17 62.13 -5.92
CA LYS D 505 -7.58 62.49 -5.75
C LYS D 505 -8.00 63.59 -6.70
N GLY D 506 -7.11 64.54 -6.99
CA GLY D 506 -7.46 65.62 -7.91
C GLY D 506 -7.73 65.15 -9.31
N TYR D 507 -7.06 64.08 -9.74
CA TYR D 507 -7.31 63.51 -11.06
C TYR D 507 -8.36 62.41 -11.03
N GLY D 508 -8.90 62.08 -9.87
CA GLY D 508 -10.00 61.14 -9.80
C GLY D 508 -9.62 59.69 -9.66
N VAL D 509 -8.44 59.39 -9.10
CA VAL D 509 -8.02 58.01 -8.94
C VAL D 509 -8.86 57.36 -7.85
N ASP D 510 -9.62 56.33 -8.23
CA ASP D 510 -10.41 55.53 -7.30
C ASP D 510 -10.04 54.07 -7.48
N PHE D 511 -9.64 53.43 -6.38
CA PHE D 511 -9.29 52.02 -6.41
C PHE D 511 -10.47 51.10 -6.08
N MET D 512 -11.65 51.68 -5.87
CA MET D 512 -12.90 50.93 -5.77
C MET D 512 -13.92 51.56 -6.70
N PRO D 513 -13.72 51.45 -8.01
CA PRO D 513 -14.55 52.20 -8.95
C PRO D 513 -15.79 51.43 -9.41
N ASP D 514 -16.79 52.20 -9.83
CA ASP D 514 -17.98 51.63 -10.46
C ASP D 514 -17.81 51.62 -11.97
N GLU D 515 -18.90 51.37 -12.70
CA GLU D 515 -18.86 51.38 -14.15
C GLU D 515 -19.43 52.67 -14.71
N ASP E 14 -11.97 -26.60 -51.95
CA ASP E 14 -11.72 -27.64 -50.95
C ASP E 14 -11.07 -27.06 -49.71
N GLU E 15 -11.03 -27.86 -48.64
CA GLU E 15 -10.36 -27.47 -47.41
C GLU E 15 -8.88 -27.85 -47.43
N LYS E 16 -8.53 -28.94 -48.12
CA LYS E 16 -7.13 -29.27 -48.35
C LYS E 16 -6.45 -28.16 -49.16
N ARG E 17 -7.12 -27.67 -50.19
CA ARG E 17 -6.55 -26.60 -51.02
C ARG E 17 -6.48 -25.29 -50.25
N HIS E 18 -7.49 -25.00 -49.42
CA HIS E 18 -7.44 -23.77 -48.64
C HIS E 18 -6.30 -23.80 -47.63
N LEU E 19 -6.06 -24.96 -47.01
CA LEU E 19 -4.90 -25.12 -46.14
C LEU E 19 -3.60 -24.96 -46.93
N TYR E 20 -3.56 -25.49 -48.15
CA TYR E 20 -2.33 -25.42 -48.94
C TYR E 20 -2.02 -23.98 -49.33
N GLU E 21 -3.05 -23.20 -49.68
CA GLU E 21 -2.89 -21.77 -49.86
C GLU E 21 -2.46 -21.07 -48.58
N ALA E 22 -3.08 -21.43 -47.46
CA ALA E 22 -2.85 -20.72 -46.20
C ALA E 22 -1.42 -20.92 -45.70
N LEU E 23 -0.86 -22.11 -45.91
CA LEU E 23 0.47 -22.40 -45.39
C LEU E 23 1.54 -21.55 -46.07
N LEU E 24 1.33 -21.20 -47.33
CA LEU E 24 2.33 -20.50 -48.13
C LEU E 24 1.93 -19.09 -48.52
N ARG E 25 0.71 -18.89 -49.02
CA ARG E 25 0.33 -17.56 -49.52
C ARG E 25 0.06 -16.58 -48.38
N HIS E 26 -0.45 -17.07 -47.25
CA HIS E 26 -0.95 -16.19 -46.20
C HIS E 26 -0.21 -16.34 -44.89
N ASN E 27 -0.03 -17.56 -44.38
CA ASN E 27 0.55 -17.75 -43.06
C ASN E 27 1.97 -18.31 -43.10
N TYR E 28 2.67 -18.19 -44.23
CA TYR E 28 4.11 -18.43 -44.23
C TYR E 28 4.82 -17.40 -43.36
N PHE E 29 4.68 -16.13 -43.72
CA PHE E 29 5.25 -15.07 -42.92
C PHE E 29 4.48 -14.97 -41.61
N PRO E 30 5.08 -14.42 -40.56
CA PRO E 30 4.32 -14.25 -39.31
C PRO E 30 3.18 -13.28 -39.47
N ASN E 31 1.96 -13.85 -39.47
CA ASN E 31 0.73 -13.16 -39.83
C ASN E 31 -0.41 -13.59 -38.92
N GLN E 32 -0.10 -14.02 -37.71
CA GLN E 32 -1.13 -14.57 -36.84
C GLN E 32 -2.00 -13.47 -36.24
N LYS E 33 -1.41 -12.33 -35.88
CA LYS E 33 -2.18 -11.23 -35.33
C LYS E 33 -3.08 -10.61 -36.41
N GLY E 34 -4.36 -10.46 -36.08
CA GLY E 34 -5.37 -10.05 -37.05
C GLY E 34 -5.76 -8.60 -37.05
N SER E 35 -5.28 -7.80 -36.09
CA SER E 35 -5.65 -6.39 -36.07
C SER E 35 -4.60 -5.57 -36.82
N ILE E 36 -3.37 -5.58 -36.33
CA ILE E 36 -2.24 -5.03 -37.05
C ILE E 36 -1.18 -6.12 -37.16
N SER E 37 -0.58 -6.22 -38.34
CA SER E 37 0.42 -7.26 -38.55
C SER E 37 1.71 -6.91 -37.82
N GLU E 38 2.48 -7.95 -37.51
CA GLU E 38 3.81 -7.76 -36.93
C GLU E 38 4.84 -7.42 -38.00
N ILE E 39 4.53 -7.68 -39.26
CA ILE E 39 5.41 -7.41 -40.39
C ILE E 39 4.72 -6.37 -41.26
N PRO E 40 5.44 -5.37 -41.78
CA PRO E 40 4.82 -4.34 -42.62
C PRO E 40 4.25 -4.92 -43.90
N PRO E 41 3.24 -4.26 -44.48
CA PRO E 41 2.57 -4.86 -45.65
C PRO E 41 3.41 -4.91 -46.92
N CYS E 42 4.62 -4.35 -46.92
CA CYS E 42 5.51 -4.49 -48.07
C CYS E 42 5.91 -5.95 -48.27
N PHE E 43 6.18 -6.66 -47.17
CA PHE E 43 6.51 -8.07 -47.23
C PHE E 43 5.24 -8.89 -47.29
N SER E 44 5.02 -9.59 -48.41
CA SER E 44 3.86 -10.44 -48.57
C SER E 44 4.29 -11.78 -49.15
N SER E 45 3.74 -12.85 -48.60
CA SER E 45 4.13 -14.19 -48.99
C SER E 45 3.25 -14.80 -50.08
N ARG E 46 2.21 -14.10 -50.53
CA ARG E 46 1.46 -14.57 -51.69
C ARG E 46 2.32 -14.37 -52.94
N THR E 47 1.97 -15.13 -54.00
CA THR E 47 2.64 -15.49 -55.26
C THR E 47 3.62 -16.65 -55.00
N PHE E 48 3.77 -17.05 -53.75
CA PHE E 48 4.47 -18.29 -53.41
C PHE E 48 3.44 -19.42 -53.35
N THR E 49 2.98 -19.80 -54.53
CA THR E 49 1.84 -20.68 -54.71
C THR E 49 2.20 -22.12 -54.36
N PRO E 50 1.22 -22.99 -54.11
CA PRO E 50 1.53 -24.40 -53.80
C PRO E 50 2.22 -25.16 -54.92
N GLU E 51 2.02 -24.77 -56.18
CA GLU E 51 2.70 -25.46 -57.27
C GLU E 51 4.20 -25.17 -57.26
N ILE E 52 4.58 -23.95 -56.90
CA ILE E 52 5.99 -23.62 -56.71
C ILE E 52 6.57 -24.41 -55.55
N ALA E 53 5.78 -24.61 -54.49
CA ALA E 53 6.22 -25.46 -53.38
C ALA E 53 6.42 -26.91 -53.79
N GLU E 54 5.54 -27.45 -54.64
CA GLU E 54 5.73 -28.80 -55.19
C GLU E 54 6.98 -28.88 -56.04
N LEU E 55 7.24 -27.86 -56.86
CA LEU E 55 8.43 -27.86 -57.71
C LEU E 55 9.70 -27.75 -56.89
N ILE E 56 9.67 -26.98 -55.79
CA ILE E 56 10.81 -26.89 -54.89
C ILE E 56 11.05 -28.23 -54.18
N SER E 57 9.96 -28.87 -53.74
CA SER E 57 10.08 -30.16 -53.07
C SER E 57 10.60 -31.25 -54.01
N SER E 58 10.20 -31.19 -55.29
CA SER E 58 10.66 -32.18 -56.25
C SER E 58 12.13 -32.03 -56.58
N ASP E 59 12.65 -30.80 -56.51
CA ASP E 59 14.05 -30.53 -56.85
C ASP E 59 14.99 -31.17 -55.84
N THR E 60 16.02 -31.87 -56.35
CA THR E 60 16.95 -32.61 -55.51
C THR E 60 18.40 -32.20 -55.72
N SER E 61 18.65 -31.10 -56.42
CA SER E 61 20.00 -30.72 -56.78
C SER E 61 20.70 -30.03 -55.60
N GLY E 62 22.01 -29.86 -55.75
CA GLY E 62 22.80 -29.13 -54.78
C GLY E 62 23.27 -30.00 -53.62
N ARG E 63 24.32 -29.52 -52.96
CA ARG E 63 24.87 -30.16 -51.79
C ARG E 63 24.99 -29.14 -50.67
N ARG E 64 24.58 -29.53 -49.46
CA ARG E 64 24.66 -28.66 -48.30
C ARG E 64 25.57 -29.28 -47.25
N SER E 65 26.52 -28.49 -46.76
CA SER E 65 27.46 -28.96 -45.75
C SER E 65 26.90 -28.91 -44.34
N LEU E 66 25.77 -28.23 -44.14
CA LEU E 66 25.15 -28.09 -42.83
C LEU E 66 23.79 -28.77 -42.83
N GLN E 67 23.48 -29.47 -41.74
CA GLN E 67 22.21 -30.19 -41.62
C GLN E 67 21.10 -29.22 -41.28
N GLY E 68 20.05 -29.21 -42.08
CA GLY E 68 18.92 -28.34 -41.85
C GLY E 68 19.13 -26.97 -42.45
N TYR E 69 18.19 -26.08 -42.12
CA TYR E 69 18.21 -24.71 -42.61
C TYR E 69 17.94 -23.76 -41.46
N ASP E 70 18.50 -22.57 -41.54
CA ASP E 70 18.21 -21.53 -40.56
C ASP E 70 17.06 -20.66 -41.07
N CYS E 71 16.69 -19.67 -40.27
CA CYS E 71 15.50 -18.87 -40.53
C CYS E 71 15.85 -17.40 -40.50
N VAL E 72 15.11 -16.62 -41.29
CA VAL E 72 15.19 -15.16 -41.19
C VAL E 72 14.56 -14.75 -39.86
N GLU E 73 15.33 -14.04 -39.04
CA GLU E 73 14.89 -13.78 -37.68
C GLU E 73 14.22 -12.41 -37.60
N TYR E 74 13.33 -12.26 -36.62
CA TYR E 74 12.52 -11.04 -36.53
C TYR E 74 12.11 -10.84 -35.09
N TYR E 75 12.76 -9.92 -34.39
CA TYR E 75 12.47 -9.68 -32.98
C TYR E 75 11.34 -8.66 -32.88
N ALA E 76 10.12 -9.14 -32.63
CA ALA E 76 8.96 -8.28 -32.47
C ALA E 76 8.83 -7.85 -31.02
N THR E 77 8.29 -6.65 -30.81
CA THR E 77 8.22 -6.05 -29.49
C THR E 77 6.85 -6.34 -28.87
N ARG E 78 6.85 -6.85 -27.64
CA ARG E 78 5.63 -7.08 -26.90
C ARG E 78 5.24 -5.85 -26.10
N TYR E 79 4.20 -6.01 -25.25
CA TYR E 79 3.66 -4.89 -24.49
C TYR E 79 4.64 -4.39 -23.44
N ASN E 80 5.52 -5.24 -22.96
CA ASN E 80 6.53 -4.86 -21.97
C ASN E 80 7.87 -4.54 -22.62
N ASN E 81 7.90 -4.32 -23.94
CA ASN E 81 9.06 -4.05 -24.80
C ASN E 81 9.95 -5.27 -24.93
N PHE E 82 9.46 -6.45 -24.60
CA PHE E 82 10.29 -7.65 -24.67
C PHE E 82 10.31 -8.17 -26.10
N PRO E 83 11.45 -8.69 -26.57
CA PRO E 83 11.48 -9.29 -27.90
C PRO E 83 10.93 -10.71 -27.94
N ARG E 84 10.25 -11.02 -29.04
CA ARG E 84 9.79 -12.36 -29.37
C ARG E 84 10.33 -12.65 -30.75
N THR E 85 11.07 -13.74 -30.90
CA THR E 85 11.82 -14.00 -32.12
C THR E 85 10.94 -14.80 -33.06
N LEU E 86 10.19 -14.08 -33.89
CA LEU E 86 9.49 -14.68 -35.02
C LEU E 86 10.50 -15.10 -36.07
N SER E 87 10.13 -16.12 -36.85
CA SER E 87 11.04 -16.67 -37.83
C SER E 87 10.33 -16.87 -39.16
N ILE E 88 11.05 -16.58 -40.23
CA ILE E 88 10.62 -16.89 -41.59
C ILE E 88 11.48 -18.07 -42.04
N ILE E 89 10.82 -19.23 -42.20
CA ILE E 89 11.52 -20.47 -42.52
C ILE E 89 12.13 -20.38 -43.91
N HIS E 90 13.31 -20.99 -44.08
CA HIS E 90 13.91 -21.08 -45.39
C HIS E 90 12.99 -21.88 -46.31
N PRO E 91 12.66 -21.37 -47.49
CA PRO E 91 11.55 -21.92 -48.26
C PRO E 91 11.82 -23.27 -48.88
N LYS E 92 13.07 -23.69 -49.03
CA LYS E 92 13.30 -25.06 -49.45
C LYS E 92 12.96 -26.03 -48.32
N ALA E 93 13.25 -25.64 -47.08
CA ALA E 93 12.81 -26.42 -45.93
C ALA E 93 11.35 -26.20 -45.59
N TYR E 94 10.74 -25.12 -46.10
CA TYR E 94 9.34 -24.83 -45.80
C TYR E 94 8.39 -25.46 -46.81
N SER E 95 8.78 -25.53 -48.08
CA SER E 95 7.93 -26.12 -49.10
C SER E 95 7.68 -27.60 -48.83
N LYS E 96 8.72 -28.32 -48.40
CA LYS E 96 8.57 -29.73 -48.05
C LYS E 96 7.67 -29.90 -46.83
N LEU E 97 7.83 -29.04 -45.83
CA LEU E 97 7.00 -29.09 -44.62
C LEU E 97 5.52 -28.81 -44.94
N ALA E 98 5.27 -27.76 -45.71
CA ALA E 98 3.90 -27.41 -46.06
C ALA E 98 3.26 -28.44 -46.97
N LYS E 99 4.03 -28.98 -47.93
CA LYS E 99 3.52 -30.02 -48.80
C LYS E 99 3.23 -31.30 -48.03
N HIS E 100 4.07 -31.64 -47.04
CA HIS E 100 3.84 -32.81 -46.21
C HIS E 100 2.58 -32.64 -45.37
N ILE E 101 2.39 -31.45 -44.80
CA ILE E 101 1.18 -31.20 -44.02
C ILE E 101 -0.06 -31.24 -44.92
N HIS E 102 0.07 -30.75 -46.16
CA HIS E 102 -1.05 -30.81 -47.09
C HIS E 102 -1.42 -32.24 -47.46
N ASP E 103 -0.43 -33.07 -47.80
CA ASP E 103 -0.72 -34.42 -48.28
C ASP E 103 -1.32 -35.29 -47.19
N ASN E 104 -1.01 -34.97 -45.93
CA ASN E 104 -1.41 -35.76 -44.78
C ASN E 104 -2.60 -35.13 -44.04
N TRP E 105 -3.34 -34.24 -44.70
CA TRP E 105 -4.29 -33.38 -44.00
C TRP E 105 -5.47 -34.16 -43.44
N GLU E 106 -5.85 -35.27 -44.08
CA GLU E 106 -6.92 -36.09 -43.54
C GLU E 106 -6.51 -36.79 -42.25
N GLU E 107 -5.21 -36.97 -42.02
CA GLU E 107 -4.74 -37.48 -40.74
C GLU E 107 -4.30 -36.37 -39.78
N ILE E 108 -4.28 -35.11 -40.21
CA ILE E 108 -3.92 -34.00 -39.33
C ILE E 108 -5.16 -33.26 -38.82
N ARG E 109 -6.26 -33.26 -39.58
CA ARG E 109 -7.43 -32.44 -39.30
C ARG E 109 -8.18 -32.82 -38.02
N PHE E 110 -7.68 -33.79 -37.24
CA PHE E 110 -8.22 -34.02 -35.91
C PHE E 110 -7.95 -32.86 -34.95
N ILE E 111 -6.99 -31.99 -35.28
CA ILE E 111 -6.75 -30.80 -34.48
C ILE E 111 -7.85 -29.77 -34.72
N LYS E 112 -8.51 -29.82 -35.88
CA LYS E 112 -9.63 -28.93 -36.14
C LYS E 112 -10.88 -29.34 -35.37
N GLU E 113 -11.03 -30.62 -35.04
CA GLU E 113 -12.19 -31.11 -34.31
C GLU E 113 -12.06 -30.95 -32.81
N ASN E 114 -10.89 -30.52 -32.33
CA ASN E 114 -10.71 -30.22 -30.91
C ASN E 114 -11.56 -29.00 -30.56
N GLU E 115 -12.16 -29.06 -29.37
CA GLU E 115 -13.05 -28.00 -28.91
C GLU E 115 -12.46 -27.17 -27.78
N ASN E 116 -11.32 -27.56 -27.22
CA ASN E 116 -10.68 -26.79 -26.18
C ASN E 116 -9.59 -25.86 -26.71
N SER E 117 -9.24 -25.98 -27.98
CA SER E 117 -8.24 -25.11 -28.61
C SER E 117 -8.98 -23.98 -29.31
N MET E 118 -8.83 -22.77 -28.78
CA MET E 118 -9.59 -21.64 -29.32
C MET E 118 -8.99 -21.12 -30.61
N ILE E 119 -7.67 -21.03 -30.68
CA ILE E 119 -6.98 -20.66 -31.90
C ILE E 119 -6.33 -21.91 -32.47
N LYS E 120 -6.80 -22.29 -33.66
CA LYS E 120 -6.45 -23.54 -34.31
C LYS E 120 -6.68 -23.33 -35.80
N PRO E 121 -6.24 -24.28 -36.65
CA PRO E 121 -6.58 -24.16 -38.08
C PRO E 121 -8.08 -24.08 -38.31
N ASP E 122 -8.46 -23.17 -39.20
CA ASP E 122 -9.86 -22.87 -39.48
C ASP E 122 -9.93 -22.16 -40.82
N MET E 123 -11.00 -22.40 -41.55
CA MET E 123 -11.14 -21.79 -42.87
C MET E 123 -11.53 -20.33 -42.76
N HIS E 124 -10.55 -19.45 -42.59
CA HIS E 124 -10.83 -18.02 -42.54
C HIS E 124 -11.03 -17.47 -43.95
N ALA E 125 -11.81 -16.38 -44.03
CA ALA E 125 -12.21 -15.85 -45.32
C ALA E 125 -11.06 -15.17 -46.05
N ASP E 126 -10.16 -14.51 -45.31
CA ASP E 126 -9.07 -13.77 -45.94
C ASP E 126 -8.08 -14.71 -46.62
N GLY E 127 -7.94 -15.93 -46.10
CA GLY E 127 -7.06 -16.91 -46.69
C GLY E 127 -6.19 -17.61 -45.67
N ARG E 128 -6.20 -17.10 -44.44
CA ARG E 128 -5.39 -17.63 -43.36
C ARG E 128 -6.07 -18.85 -42.72
N ILE E 129 -5.29 -19.59 -41.94
CA ILE E 129 -5.87 -20.60 -41.04
C ILE E 129 -5.58 -20.34 -39.57
N ILE E 130 -4.59 -19.51 -39.25
CA ILE E 130 -4.29 -19.18 -37.86
C ILE E 130 -4.39 -17.67 -37.70
N ILE E 131 -5.39 -17.22 -36.95
CA ILE E 131 -5.56 -15.81 -36.60
C ILE E 131 -5.87 -15.77 -35.11
N MET E 132 -4.93 -15.29 -34.29
CA MET E 132 -5.25 -15.14 -32.89
C MET E 132 -6.07 -13.88 -32.69
N ASN E 133 -6.90 -13.91 -31.64
CA ASN E 133 -7.82 -12.82 -31.27
C ASN E 133 -8.72 -12.45 -32.45
N TYR E 134 -9.43 -13.45 -32.95
CA TYR E 134 -10.25 -13.31 -34.16
C TYR E 134 -11.74 -13.36 -33.90
N GLU E 135 -12.19 -14.15 -32.93
CA GLU E 135 -13.62 -14.31 -32.70
C GLU E 135 -14.22 -13.05 -32.09
N ASP E 136 -15.51 -12.85 -32.34
CA ASP E 136 -16.18 -11.63 -31.92
C ASP E 136 -16.40 -11.60 -30.41
N ALA E 137 -16.63 -10.38 -29.89
CA ALA E 137 -16.69 -10.17 -28.45
C ALA E 137 -17.92 -10.81 -27.83
N GLU E 138 -19.03 -10.86 -28.57
CA GLU E 138 -20.28 -11.39 -28.03
C GLU E 138 -20.17 -12.88 -27.71
N THR E 139 -19.65 -13.66 -28.67
CA THR E 139 -19.46 -15.09 -28.44
C THR E 139 -18.43 -15.34 -27.35
N LYS E 140 -17.36 -14.54 -27.32
CA LYS E 140 -16.32 -14.70 -26.29
C LYS E 140 -16.91 -14.43 -24.91
N THR E 141 -17.73 -13.40 -24.78
CA THR E 141 -18.39 -13.10 -23.51
C THR E 141 -19.35 -14.22 -23.10
N ILE E 142 -20.17 -14.69 -24.05
CA ILE E 142 -21.13 -15.75 -23.75
C ILE E 142 -20.42 -17.03 -23.34
N ARG E 143 -19.36 -17.40 -24.05
CA ARG E 143 -18.52 -18.54 -23.66
C ARG E 143 -17.91 -18.36 -22.28
N GLU E 144 -17.42 -17.15 -21.96
CA GLU E 144 -16.72 -16.95 -20.70
C GLU E 144 -17.70 -17.08 -19.53
N LEU E 145 -18.89 -16.48 -19.66
CA LEU E 145 -19.94 -16.65 -18.66
C LEU E 145 -20.45 -18.10 -18.61
N ASN E 146 -20.63 -18.73 -19.77
CA ASN E 146 -21.16 -20.10 -19.80
C ASN E 146 -20.22 -21.09 -19.16
N ASP E 147 -18.91 -20.90 -19.35
CA ASP E 147 -17.93 -21.79 -18.75
C ASP E 147 -17.62 -21.43 -17.31
N GLY E 148 -17.84 -20.16 -16.93
CA GLY E 148 -17.77 -19.72 -15.56
C GLY E 148 -19.04 -19.93 -14.76
N PHE E 149 -20.01 -20.65 -15.34
CA PHE E 149 -21.27 -20.99 -14.67
C PHE E 149 -21.03 -21.89 -13.46
N GLY E 150 -21.37 -21.39 -12.28
CA GLY E 150 -21.44 -22.23 -11.10
C GLY E 150 -20.11 -22.62 -10.50
N ARG E 151 -19.01 -21.97 -10.87
CA ARG E 151 -17.69 -22.41 -10.43
C ARG E 151 -17.07 -21.38 -9.50
N ARG E 152 -16.14 -21.84 -8.66
CA ARG E 152 -15.52 -21.04 -7.63
C ARG E 152 -14.16 -20.47 -8.02
N PHE E 153 -13.32 -21.23 -8.71
CA PHE E 153 -11.96 -20.80 -8.99
C PHE E 153 -11.66 -20.83 -10.48
N LYS E 154 -10.76 -19.95 -10.90
CA LYS E 154 -10.29 -19.91 -12.28
C LYS E 154 -8.78 -20.07 -12.27
N VAL E 155 -8.29 -21.16 -12.85
CA VAL E 155 -6.86 -21.47 -12.90
C VAL E 155 -6.32 -21.02 -14.24
N ASN E 156 -5.22 -20.26 -14.20
CA ASN E 156 -4.49 -19.86 -15.40
C ASN E 156 -3.14 -20.54 -15.36
N ALA E 157 -2.80 -21.26 -16.42
CA ALA E 157 -1.53 -21.94 -16.53
C ALA E 157 -0.93 -21.65 -17.90
N ASP E 158 0.39 -21.68 -17.98
CA ASP E 158 1.08 -21.44 -19.25
C ASP E 158 2.16 -22.49 -19.44
N ILE E 159 2.31 -22.96 -20.68
CA ILE E 159 3.49 -23.74 -21.03
C ILE E 159 4.69 -22.80 -21.05
N SER E 160 5.81 -23.27 -20.49
CA SER E 160 6.95 -22.38 -20.22
C SER E 160 7.55 -21.81 -21.50
N GLY E 161 8.08 -22.67 -22.36
CA GLY E 161 8.58 -22.19 -23.63
C GLY E 161 7.58 -22.34 -24.75
N CYS E 162 7.04 -23.56 -24.89
CA CYS E 162 6.08 -23.96 -25.93
C CYS E 162 6.72 -23.86 -27.30
N PHE E 163 6.92 -22.64 -27.79
CA PHE E 163 7.66 -22.48 -29.04
C PHE E 163 9.14 -22.81 -28.84
N THR E 164 9.67 -22.50 -27.65
CA THR E 164 11.11 -22.64 -27.42
C THR E 164 11.52 -24.09 -27.31
N ASN E 165 10.74 -24.92 -26.62
CA ASN E 165 11.16 -26.29 -26.32
C ASN E 165 10.10 -27.33 -26.65
N ILE E 166 9.35 -27.17 -27.75
CA ILE E 166 8.56 -28.30 -28.23
C ILE E 166 9.52 -29.32 -28.81
N TYR E 167 9.33 -30.58 -28.41
CA TYR E 167 10.19 -31.66 -28.85
C TYR E 167 9.63 -32.23 -30.14
N SER E 168 10.42 -32.17 -31.22
CA SER E 168 9.92 -32.58 -32.53
C SER E 168 9.73 -34.11 -32.59
N HIS E 169 10.58 -34.85 -31.89
CA HIS E 169 10.45 -36.30 -31.83
C HIS E 169 9.17 -36.73 -31.13
N SER E 170 8.53 -35.83 -30.39
CA SER E 170 7.26 -36.08 -29.73
C SER E 170 6.06 -35.84 -30.65
N ILE E 171 6.29 -35.44 -31.89
CA ILE E 171 5.18 -35.34 -32.85
C ILE E 171 4.55 -36.71 -33.12
N PRO E 172 5.28 -37.80 -33.38
CA PRO E 172 4.59 -39.11 -33.41
C PRO E 172 4.07 -39.55 -32.06
N TRP E 173 4.70 -39.13 -30.96
CA TRP E 173 4.22 -39.49 -29.62
C TRP E 173 2.81 -38.97 -29.38
N ALA E 174 2.52 -37.77 -29.88
CA ALA E 174 1.15 -37.25 -29.80
C ALA E 174 0.22 -37.99 -30.75
N VAL E 175 0.74 -38.45 -31.88
CA VAL E 175 -0.14 -38.94 -32.95
C VAL E 175 -0.60 -40.37 -32.67
N ILE E 176 0.31 -41.25 -32.27
CA ILE E 176 -0.03 -42.65 -32.08
C ILE E 176 0.32 -43.14 -30.68
N GLY E 177 0.61 -42.23 -29.77
CA GLY E 177 0.95 -42.64 -28.42
C GLY E 177 2.46 -42.68 -28.20
N VAL E 178 2.90 -42.45 -26.97
CA VAL E 178 4.34 -42.37 -26.70
C VAL E 178 5.01 -43.73 -26.89
N ASN E 179 4.43 -44.78 -26.30
CA ASN E 179 5.10 -46.08 -26.31
C ASN E 179 5.00 -46.75 -27.67
N ASN E 180 3.88 -46.56 -28.37
CA ASN E 180 3.74 -47.11 -29.72
C ASN E 180 4.76 -46.48 -30.67
N ALA E 181 4.96 -45.17 -30.55
CA ALA E 181 5.95 -44.48 -31.38
C ALA E 181 7.37 -44.89 -31.02
N LYS E 182 7.63 -45.10 -29.72
CA LYS E 182 8.96 -45.55 -29.32
C LYS E 182 9.25 -46.96 -29.80
N ILE E 183 8.25 -47.85 -29.77
CA ILE E 183 8.43 -49.20 -30.30
C ILE E 183 8.58 -49.17 -31.81
N ALA E 184 7.85 -48.27 -32.49
CA ALA E 184 7.90 -48.20 -33.95
C ALA E 184 9.27 -47.79 -34.46
N LEU E 185 10.03 -47.04 -33.66
CA LEU E 185 11.41 -46.69 -34.00
C LEU E 185 12.31 -47.92 -33.94
N LYS E 194 7.87 -44.84 -43.87
CA LYS E 194 7.69 -44.66 -42.44
C LYS E 194 6.35 -43.94 -42.21
N HIS E 195 5.91 -43.87 -40.96
CA HIS E 195 4.65 -43.23 -40.62
C HIS E 195 4.72 -41.73 -40.92
N TRP E 196 3.54 -41.14 -41.15
CA TRP E 196 3.48 -39.77 -41.63
C TRP E 196 3.99 -38.77 -40.60
N SER E 197 3.76 -39.03 -39.32
CA SER E 197 4.18 -38.11 -38.27
C SER E 197 5.68 -38.11 -38.04
N ASP E 198 6.37 -39.21 -38.37
CA ASP E 198 7.82 -39.21 -38.31
C ASP E 198 8.45 -38.34 -39.39
N LYS E 199 7.91 -38.40 -40.61
CA LYS E 199 8.36 -37.50 -41.66
C LYS E 199 7.97 -36.06 -41.36
N LEU E 200 6.84 -35.85 -40.68
CA LEU E 200 6.50 -34.51 -40.21
C LEU E 200 7.51 -34.00 -39.19
N ASP E 201 7.96 -34.86 -38.29
CA ASP E 201 8.98 -34.50 -37.31
C ASP E 201 10.29 -34.15 -38.02
N TYR E 202 10.67 -34.94 -39.03
CA TYR E 202 11.88 -34.66 -39.80
C TYR E 202 11.78 -33.33 -40.55
N PHE E 203 10.64 -33.07 -41.18
CA PHE E 203 10.48 -31.85 -41.95
C PHE E 203 10.41 -30.62 -41.05
N GLN E 204 9.83 -30.77 -39.87
CA GLN E 204 9.84 -29.67 -38.90
C GLN E 204 11.24 -29.42 -38.38
N ARG E 205 12.04 -30.48 -38.19
CA ARG E 205 13.43 -30.29 -37.79
C ARG E 205 14.23 -29.58 -38.87
N GLN E 206 13.99 -29.92 -40.14
CA GLN E 206 14.69 -29.29 -41.25
C GLN E 206 14.40 -27.79 -41.33
N ALA E 207 13.27 -27.35 -40.77
CA ALA E 207 12.92 -25.93 -40.78
C ALA E 207 13.90 -25.10 -39.95
N LYS E 208 14.38 -25.64 -38.83
CA LYS E 208 15.27 -24.91 -37.93
C LYS E 208 16.52 -25.76 -37.65
N ARG E 209 17.48 -25.70 -38.57
CA ARG E 209 18.88 -26.10 -38.35
C ARG E 209 19.03 -27.57 -37.96
N ASN E 210 18.08 -28.42 -38.34
CA ASN E 210 18.04 -29.84 -37.95
C ASN E 210 18.07 -30.01 -36.43
N GLU E 211 17.33 -29.15 -35.74
CA GLU E 211 17.33 -29.13 -34.27
C GLU E 211 16.05 -29.75 -33.75
N THR E 212 16.19 -30.61 -32.73
CA THR E 212 15.05 -31.33 -32.19
C THR E 212 14.08 -30.42 -31.45
N HIS E 213 14.62 -29.49 -30.67
CA HIS E 213 13.78 -28.63 -29.84
C HIS E 213 13.48 -27.33 -30.56
N GLY E 214 12.26 -26.83 -30.35
CA GLY E 214 11.87 -25.53 -30.84
C GLY E 214 11.09 -25.62 -32.15
N VAL E 215 10.32 -24.57 -32.41
CA VAL E 215 9.60 -24.39 -33.67
C VAL E 215 9.73 -22.92 -34.07
N PRO E 216 9.90 -22.61 -35.35
CA PRO E 216 9.89 -21.21 -35.78
C PRO E 216 8.53 -20.56 -35.53
N ILE E 217 8.56 -19.41 -34.86
CA ILE E 217 7.34 -18.73 -34.44
C ILE E 217 6.83 -17.90 -35.61
N GLY E 218 5.56 -18.09 -35.98
CA GLY E 218 4.96 -17.29 -37.02
C GLY E 218 4.37 -18.05 -38.20
N PRO E 219 5.06 -19.05 -38.74
CA PRO E 219 4.42 -19.91 -39.74
C PRO E 219 3.32 -20.77 -39.13
N ALA E 220 2.31 -21.05 -39.96
CA ALA E 220 1.20 -21.88 -39.49
C ALA E 220 1.59 -23.34 -39.39
N THR E 221 2.68 -23.74 -40.04
CA THR E 221 3.15 -25.11 -39.90
C THR E 221 3.58 -25.41 -38.48
N SER E 222 4.25 -24.47 -37.81
CA SER E 222 4.58 -24.64 -36.41
C SER E 222 3.35 -24.55 -35.51
N SER E 223 2.34 -23.77 -35.90
CA SER E 223 1.08 -23.76 -35.16
C SER E 223 0.38 -25.11 -35.27
N ILE E 224 0.42 -25.72 -36.45
CA ILE E 224 -0.15 -27.06 -36.65
C ILE E 224 0.63 -28.09 -35.84
N VAL E 225 1.95 -27.97 -35.82
CA VAL E 225 2.79 -28.89 -35.05
C VAL E 225 2.51 -28.75 -33.55
N CYS E 226 2.34 -27.51 -33.07
CA CYS E 226 2.00 -27.28 -31.68
C CYS E 226 0.61 -27.81 -31.35
N GLU E 227 -0.36 -27.61 -32.24
CA GLU E 227 -1.72 -28.12 -32.03
C GLU E 227 -1.75 -29.64 -32.01
N ILE E 228 -0.95 -30.29 -32.85
CA ILE E 228 -0.88 -31.76 -32.88
C ILE E 228 -0.39 -32.30 -31.54
N ILE E 229 0.64 -31.69 -30.98
CA ILE E 229 1.18 -32.16 -29.71
C ILE E 229 0.22 -31.84 -28.56
N LEU E 230 -0.34 -30.62 -28.56
CA LEU E 230 -1.19 -30.19 -27.45
C LEU E 230 -2.59 -30.77 -27.51
N SER E 231 -3.00 -31.35 -28.65
CA SER E 231 -4.33 -31.95 -28.72
C SER E 231 -4.42 -33.23 -27.90
N ALA E 232 -3.32 -33.95 -27.72
CA ALA E 232 -3.32 -35.10 -26.85
C ALA E 232 -3.47 -34.69 -25.38
N VAL E 233 -2.82 -33.60 -24.99
CA VAL E 233 -3.00 -33.02 -23.67
C VAL E 233 -4.46 -32.59 -23.47
N ASP E 234 -5.03 -31.96 -24.50
CA ASP E 234 -6.44 -31.55 -24.44
C ASP E 234 -7.36 -32.76 -24.34
N LYS E 235 -7.04 -33.83 -25.05
CA LYS E 235 -7.85 -35.05 -25.00
C LYS E 235 -7.83 -35.68 -23.60
N ARG E 236 -6.65 -35.78 -22.99
CA ARG E 236 -6.58 -36.39 -21.66
C ARG E 236 -7.24 -35.50 -20.61
N LEU E 237 -7.04 -34.18 -20.71
CA LEU E 237 -7.71 -33.26 -19.78
C LEU E 237 -9.22 -33.29 -19.97
N ARG E 238 -9.68 -33.44 -21.21
CA ARG E 238 -11.10 -33.53 -21.51
C ARG E 238 -11.72 -34.80 -20.94
N ASP E 239 -11.01 -35.93 -21.08
CA ASP E 239 -11.56 -37.21 -20.66
C ASP E 239 -11.65 -37.34 -19.15
N ASP E 240 -10.87 -36.53 -18.42
CA ASP E 240 -10.98 -36.48 -16.97
C ASP E 240 -11.98 -35.43 -16.48
N GLY E 241 -12.84 -34.94 -17.37
CA GLY E 241 -13.93 -34.06 -17.00
C GLY E 241 -13.53 -32.70 -16.47
N PHE E 242 -12.66 -31.99 -17.20
CA PHE E 242 -12.25 -30.65 -16.84
C PHE E 242 -12.82 -29.64 -17.82
N LEU E 243 -13.32 -28.53 -17.29
CA LEU E 243 -13.75 -27.41 -18.12
C LEU E 243 -12.57 -26.47 -18.31
N PHE E 244 -12.03 -26.44 -19.51
CA PHE E 244 -10.79 -25.74 -19.78
C PHE E 244 -10.76 -25.30 -21.23
N ARG E 245 -10.02 -24.23 -21.48
CA ARG E 245 -9.82 -23.67 -22.81
C ARG E 245 -8.33 -23.41 -23.00
N ARG E 246 -7.86 -23.54 -24.24
CA ARG E 246 -6.46 -23.29 -24.57
C ARG E 246 -6.35 -22.18 -25.60
N TYR E 247 -5.52 -21.19 -25.28
CA TYR E 247 -5.16 -20.10 -26.19
C TYR E 247 -3.66 -20.21 -26.45
N ILE E 248 -3.30 -20.86 -27.56
CA ILE E 248 -1.93 -21.22 -27.93
C ILE E 248 -1.36 -22.05 -26.79
N ALA E 249 -0.67 -21.41 -25.85
CA ALA E 249 0.00 -22.10 -24.75
C ALA E 249 -0.59 -21.76 -23.39
N ALA E 250 -1.78 -21.17 -23.36
CA ALA E 250 -2.40 -20.76 -22.11
C ALA E 250 -3.64 -21.61 -21.84
N TYR E 251 -3.68 -22.23 -20.68
CA TYR E 251 -4.82 -23.04 -20.25
C TYR E 251 -5.59 -22.27 -19.18
N THR E 252 -6.89 -22.08 -19.41
CA THR E 252 -7.77 -21.54 -18.39
C THR E 252 -8.76 -22.63 -17.99
N CYS E 253 -8.88 -22.86 -16.69
CA CYS E 253 -9.74 -23.90 -16.13
C CYS E 253 -10.74 -23.30 -15.16
N TYR E 254 -11.99 -23.75 -15.26
CA TYR E 254 -13.04 -23.30 -14.38
C TYR E 254 -13.39 -24.43 -13.41
N CYS E 255 -13.31 -24.13 -12.12
CA CYS E 255 -13.28 -25.16 -11.09
C CYS E 255 -14.36 -24.91 -10.05
N LYS E 256 -15.14 -25.94 -9.77
CA LYS E 256 -16.18 -25.85 -8.74
C LYS E 256 -15.56 -25.70 -7.35
N THR E 257 -14.39 -26.31 -7.12
CA THR E 257 -13.69 -26.17 -5.86
C THR E 257 -12.19 -26.03 -6.12
N HIS E 258 -11.40 -25.97 -5.06
CA HIS E 258 -9.94 -25.95 -5.16
C HIS E 258 -9.36 -27.35 -5.37
N ASP E 259 -10.16 -28.39 -5.17
CA ASP E 259 -9.72 -29.74 -5.53
C ASP E 259 -9.49 -29.83 -7.02
N ASP E 260 -10.45 -29.35 -7.81
CA ASP E 260 -10.34 -29.29 -9.26
C ASP E 260 -9.19 -28.41 -9.66
N ALA E 261 -9.02 -27.28 -8.98
CA ALA E 261 -7.96 -26.32 -9.24
C ALA E 261 -6.56 -26.93 -9.13
N LYS E 262 -6.31 -27.66 -8.04
CA LYS E 262 -4.98 -28.26 -7.87
C LYS E 262 -4.81 -29.51 -8.73
N GLU E 263 -5.87 -30.30 -8.89
CA GLU E 263 -5.78 -31.52 -9.66
C GLU E 263 -5.66 -31.28 -11.16
N PHE E 264 -6.26 -30.21 -11.68
CA PHE E 264 -6.04 -29.82 -13.07
C PHE E 264 -4.60 -29.43 -13.30
N LEU E 265 -4.01 -28.68 -12.37
CA LEU E 265 -2.60 -28.30 -12.49
C LEU E 265 -1.71 -29.53 -12.45
N HIS E 266 -2.01 -30.49 -11.57
CA HIS E 266 -1.25 -31.74 -11.53
C HIS E 266 -1.37 -32.53 -12.83
N LEU E 267 -2.60 -32.69 -13.34
CA LEU E 267 -2.80 -33.49 -14.55
C LEU E 267 -2.21 -32.81 -15.79
N LEU E 268 -2.32 -31.49 -15.86
CA LEU E 268 -1.69 -30.75 -16.95
C LEU E 268 -0.18 -30.85 -16.88
N GLY E 269 0.39 -30.80 -15.67
CA GLY E 269 1.82 -31.00 -15.53
C GLY E 269 2.28 -32.39 -15.96
N MET E 270 1.53 -33.42 -15.59
CA MET E 270 1.81 -34.79 -16.07
C MET E 270 1.71 -34.91 -17.58
N GLU E 271 0.67 -34.35 -18.18
CA GLU E 271 0.45 -34.54 -19.60
C GLU E 271 1.47 -33.76 -20.42
N LEU E 272 1.90 -32.61 -19.91
CA LEU E 272 2.96 -31.86 -20.59
C LEU E 272 4.31 -32.53 -20.39
N SER E 273 4.58 -33.06 -19.20
CA SER E 273 5.87 -33.70 -18.94
C SER E 273 6.00 -35.01 -19.71
N LYS E 274 4.87 -35.65 -20.02
CA LYS E 274 4.90 -36.84 -20.88
C LYS E 274 5.41 -36.50 -22.27
N TYR E 275 5.03 -35.33 -22.80
CA TYR E 275 5.51 -34.84 -24.09
C TYR E 275 6.66 -33.86 -23.94
N LYS E 276 7.41 -33.93 -22.84
CA LYS E 276 8.62 -33.21 -22.50
C LYS E 276 8.40 -31.72 -22.24
N LEU E 277 7.17 -31.22 -22.31
CA LEU E 277 6.90 -29.82 -21.98
C LEU E 277 6.71 -29.66 -20.48
N SER E 278 6.47 -28.41 -20.07
CA SER E 278 6.33 -28.09 -18.66
C SER E 278 5.46 -26.86 -18.52
N LEU E 279 5.17 -26.49 -17.27
CA LEU E 279 4.31 -25.36 -16.96
C LEU E 279 5.14 -24.15 -16.54
N ASN E 280 4.78 -22.99 -17.08
CA ASN E 280 5.35 -21.72 -16.62
C ASN E 280 4.77 -21.40 -15.25
N LEU E 281 5.60 -21.52 -14.22
CA LEU E 281 5.10 -21.36 -12.85
C LEU E 281 5.14 -19.92 -12.36
N HIS E 282 5.72 -19.00 -13.13
CA HIS E 282 5.52 -17.58 -12.87
C HIS E 282 4.23 -17.06 -13.48
N LYS E 283 3.58 -17.85 -14.33
CA LYS E 283 2.31 -17.48 -14.95
C LYS E 283 1.14 -18.30 -14.41
N THR E 284 1.35 -19.08 -13.35
CA THR E 284 0.28 -19.87 -12.76
C THR E 284 -0.31 -19.10 -11.58
N LYS E 285 -1.64 -19.02 -11.55
CA LYS E 285 -2.35 -18.27 -10.52
C LYS E 285 -3.80 -18.75 -10.48
N ILE E 286 -4.35 -18.83 -9.29
CA ILE E 286 -5.73 -19.23 -9.09
C ILE E 286 -6.50 -18.05 -8.53
N THR E 287 -7.56 -17.64 -9.24
CA THR E 287 -8.32 -16.45 -8.88
C THR E 287 -9.77 -16.84 -8.64
N ASN E 288 -10.32 -16.42 -7.50
CA ASN E 288 -11.70 -16.74 -7.15
C ASN E 288 -12.68 -16.05 -8.08
N LEU E 289 -13.52 -16.84 -8.73
CA LEU E 289 -14.62 -16.28 -9.49
C LEU E 289 -15.65 -15.66 -8.55
N PRO E 290 -16.34 -14.60 -8.98
CA PRO E 290 -16.30 -13.95 -10.30
C PRO E 290 -15.14 -12.98 -10.44
N GLY E 291 -14.25 -13.24 -11.40
CA GLY E 291 -13.19 -12.31 -11.70
C GLY E 291 -13.63 -11.36 -12.79
N THR E 292 -12.77 -11.15 -13.78
CA THR E 292 -13.06 -10.27 -14.90
C THR E 292 -13.05 -11.09 -16.18
N LEU E 293 -14.03 -10.83 -17.06
CA LEU E 293 -14.12 -11.57 -18.32
C LEU E 293 -12.91 -11.28 -19.19
N ASN E 294 -12.60 -10.00 -19.38
CA ASN E 294 -11.35 -9.52 -19.95
C ASN E 294 -10.36 -9.35 -18.80
N ASP E 295 -9.28 -8.61 -19.00
CA ASP E 295 -8.44 -8.22 -17.88
C ASP E 295 -8.99 -6.93 -17.28
N ASN E 296 -8.50 -6.58 -16.09
CA ASN E 296 -9.09 -5.47 -15.35
C ASN E 296 -8.82 -4.12 -16.03
N TRP E 297 -7.64 -3.98 -16.65
CA TRP E 297 -7.31 -2.76 -17.37
C TRP E 297 -8.16 -2.59 -18.61
N VAL E 298 -8.66 -3.70 -19.18
CA VAL E 298 -9.50 -3.64 -20.37
C VAL E 298 -10.81 -2.94 -20.04
N SER E 299 -11.46 -3.33 -18.94
CA SER E 299 -12.70 -2.68 -18.54
C SER E 299 -12.44 -1.28 -18.00
N LEU E 300 -11.26 -1.07 -17.40
CA LEU E 300 -10.90 0.29 -16.95
C LEU E 300 -10.77 1.24 -18.14
N LEU E 301 -10.17 0.78 -19.24
CA LEU E 301 -10.08 1.60 -20.44
C LEU E 301 -11.44 1.76 -21.11
N ASN E 302 -12.20 0.69 -21.24
CA ASN E 302 -13.45 0.75 -21.99
C ASN E 302 -14.52 1.54 -21.24
N VAL E 303 -14.49 1.50 -19.91
CA VAL E 303 -15.42 2.30 -19.12
C VAL E 303 -15.09 3.78 -19.26
N ASN E 304 -13.80 4.10 -19.36
CA ASN E 304 -13.34 5.48 -19.50
C ASN E 304 -13.08 5.87 -20.95
N SER E 305 -13.37 5.00 -21.91
CA SER E 305 -13.12 5.33 -23.29
C SER E 305 -14.13 6.36 -23.78
N PRO E 306 -13.69 7.41 -24.47
CA PRO E 306 -14.62 8.39 -25.03
C PRO E 306 -15.34 7.91 -26.28
N THR E 307 -15.03 6.71 -26.76
CA THR E 307 -15.71 6.09 -27.90
C THR E 307 -16.61 4.95 -27.48
N LYS E 308 -16.87 4.80 -26.17
CA LYS E 308 -17.55 3.61 -25.66
C LYS E 308 -19.01 3.54 -26.11
N LYS E 309 -19.59 4.65 -26.54
CA LYS E 309 -20.97 4.68 -27.03
C LYS E 309 -20.98 5.17 -28.47
N ARG E 310 -21.52 4.34 -29.36
CA ARG E 310 -21.71 4.75 -30.75
C ARG E 310 -23.09 5.41 -30.91
N PHE E 311 -23.09 6.58 -31.53
CA PHE E 311 -24.26 7.45 -31.52
C PHE E 311 -25.10 7.38 -32.80
N THR E 312 -24.70 6.54 -33.76
CA THR E 312 -25.34 6.30 -35.06
C THR E 312 -25.30 7.52 -35.99
N ASP E 313 -24.65 8.60 -35.58
CA ASP E 313 -24.33 9.70 -36.46
C ASP E 313 -22.86 10.07 -36.29
N GLN E 314 -22.17 10.32 -37.40
CA GLN E 314 -20.72 10.33 -37.40
C GLN E 314 -20.14 11.59 -36.76
N ASP E 315 -20.88 12.71 -36.85
CA ASP E 315 -20.42 13.94 -36.19
C ASP E 315 -20.37 13.78 -34.68
N LEU E 316 -21.36 13.09 -34.11
CA LEU E 316 -21.30 12.75 -32.68
C LEU E 316 -20.19 11.76 -32.40
N ASN E 317 -19.97 10.81 -33.31
CA ASN E 317 -18.92 9.81 -33.11
C ASN E 317 -17.54 10.42 -33.23
N LYS E 318 -17.42 11.56 -33.91
CA LYS E 318 -16.13 12.22 -34.05
C LYS E 318 -15.72 12.88 -32.73
N LEU E 319 -14.47 12.68 -32.35
CA LEU E 319 -13.97 13.10 -31.06
C LEU E 319 -13.22 14.43 -31.16
N SER E 320 -13.11 15.11 -30.01
CA SER E 320 -12.43 16.40 -29.93
C SER E 320 -10.96 16.20 -29.54
N SER E 321 -10.23 17.31 -29.50
CA SER E 321 -8.80 17.27 -29.20
C SER E 321 -8.54 16.87 -27.75
N SER E 322 -9.17 17.60 -26.81
CA SER E 322 -8.93 17.38 -25.39
C SER E 322 -9.40 16.00 -24.96
N GLU E 323 -10.48 15.50 -25.59
CA GLU E 323 -11.02 14.20 -25.25
C GLU E 323 -10.02 13.08 -25.55
N VAL E 324 -9.49 13.06 -26.78
CA VAL E 324 -8.53 12.03 -27.18
C VAL E 324 -7.23 12.16 -26.40
N ILE E 325 -6.74 13.40 -26.25
CA ILE E 325 -5.48 13.60 -25.55
C ILE E 325 -5.59 13.18 -24.09
N ASN E 326 -6.70 13.53 -23.43
CA ASN E 326 -6.89 13.18 -22.03
C ASN E 326 -7.04 11.67 -21.86
N PHE E 327 -7.75 11.01 -22.78
CA PHE E 327 -7.83 9.55 -22.72
C PHE E 327 -6.46 8.91 -22.93
N LEU E 328 -5.63 9.50 -23.79
CA LEU E 328 -4.29 8.95 -24.02
C LEU E 328 -3.39 9.14 -22.80
N ASP E 329 -3.47 10.30 -22.14
CA ASP E 329 -2.74 10.47 -20.88
C ASP E 329 -3.22 9.47 -19.83
N TYR E 330 -4.54 9.28 -19.72
CA TYR E 330 -5.07 8.35 -18.74
C TYR E 330 -4.61 6.93 -19.03
N ALA E 331 -4.51 6.57 -20.31
CA ALA E 331 -3.98 5.27 -20.70
C ALA E 331 -2.51 5.14 -20.31
N VAL E 332 -1.73 6.22 -20.45
CA VAL E 332 -0.32 6.18 -20.07
C VAL E 332 -0.18 5.95 -18.57
N GLN E 333 -0.96 6.67 -17.75
CA GLN E 333 -0.95 6.41 -16.31
C GLN E 333 -1.43 5.01 -15.97
N LEU E 334 -2.45 4.52 -16.68
CA LEU E 334 -3.00 3.21 -16.37
C LEU E 334 -1.99 2.11 -16.70
N ASN E 335 -1.22 2.29 -17.77
CA ASN E 335 -0.18 1.33 -18.12
C ASN E 335 0.99 1.41 -17.16
N THR E 336 1.33 2.62 -16.69
CA THR E 336 2.36 2.74 -15.67
C THR E 336 1.90 2.13 -14.35
N GLN E 337 0.60 2.20 -14.06
CA GLN E 337 0.09 1.81 -12.75
C GLN E 337 -0.34 0.35 -12.71
N VAL E 338 -0.79 -0.20 -13.84
CA VAL E 338 -1.14 -1.62 -13.89
C VAL E 338 -0.08 -2.39 -14.67
N GLY E 339 0.00 -2.14 -15.97
CA GLY E 339 0.99 -2.81 -16.81
C GLY E 339 0.71 -4.27 -17.08
N GLY E 340 -0.45 -4.79 -16.70
CA GLY E 340 -0.73 -6.21 -16.86
C GLY E 340 -0.92 -6.64 -18.31
N GLY E 341 -1.24 -5.71 -19.19
CA GLY E 341 -1.42 -6.04 -20.59
C GLY E 341 -1.05 -4.92 -21.52
N SER E 342 -1.45 -5.02 -22.78
CA SER E 342 -1.10 -4.02 -23.79
C SER E 342 -2.11 -2.88 -23.74
N ILE E 343 -1.94 -2.04 -22.70
CA ILE E 343 -2.89 -0.96 -22.42
C ILE E 343 -2.85 0.10 -23.51
N LEU E 344 -1.65 0.46 -23.96
CA LEU E 344 -1.51 1.51 -24.97
C LEU E 344 -2.11 1.10 -26.31
N LYS E 345 -1.86 -0.13 -26.76
CA LYS E 345 -2.37 -0.57 -28.04
C LYS E 345 -3.89 -0.66 -28.04
N TYR E 346 -4.46 -1.17 -26.94
CA TYR E 346 -5.92 -1.21 -26.82
C TYR E 346 -6.51 0.19 -26.82
N ALA E 347 -5.93 1.10 -26.03
CA ALA E 347 -6.45 2.45 -25.95
C ALA E 347 -6.36 3.18 -27.28
N ILE E 348 -5.24 2.99 -27.99
CA ILE E 348 -5.05 3.66 -29.28
C ILE E 348 -6.00 3.08 -30.33
N SER E 349 -6.23 1.76 -30.30
CA SER E 349 -7.20 1.16 -31.22
C SER E 349 -8.61 1.64 -30.93
N LEU E 350 -8.89 1.98 -29.67
CA LEU E 350 -10.20 2.54 -29.32
C LEU E 350 -10.46 3.87 -30.01
N VAL E 351 -9.46 4.75 -30.09
CA VAL E 351 -9.67 6.11 -30.56
C VAL E 351 -9.15 6.37 -31.98
N ILE E 352 -8.47 5.41 -32.61
CA ILE E 352 -7.68 5.72 -33.79
C ILE E 352 -8.56 6.02 -35.01
N ASN E 353 -9.72 5.37 -35.12
CA ASN E 353 -10.48 5.44 -36.36
C ASN E 353 -11.57 6.51 -36.36
N ASN E 354 -11.79 7.18 -35.25
CA ASN E 354 -12.82 8.21 -35.14
C ASN E 354 -12.23 9.61 -34.98
N LEU E 355 -10.98 9.80 -35.38
CA LEU E 355 -10.32 11.09 -35.20
C LEU E 355 -10.91 12.16 -36.10
N ASP E 356 -11.14 13.33 -35.52
CA ASP E 356 -11.49 14.52 -36.29
C ASP E 356 -10.20 15.14 -36.85
N GLU E 357 -10.35 15.96 -37.89
CA GLU E 357 -9.20 16.51 -38.60
C GLU E 357 -8.36 17.43 -37.71
N TYR E 358 -8.99 18.05 -36.70
CA TYR E 358 -8.24 18.88 -35.77
C TYR E 358 -7.37 18.02 -34.84
N THR E 359 -7.82 16.80 -34.56
CA THR E 359 -7.09 15.92 -33.65
C THR E 359 -5.80 15.40 -34.27
N ILE E 360 -5.78 15.23 -35.60
CA ILE E 360 -4.87 14.30 -36.27
C ILE E 360 -3.41 14.67 -36.02
N THR E 361 -3.09 15.97 -36.08
CA THR E 361 -1.73 16.41 -35.78
C THR E 361 -1.36 16.16 -34.32
N GLN E 362 -2.27 16.44 -33.39
CA GLN E 362 -2.00 16.26 -31.97
C GLN E 362 -1.84 14.80 -31.60
N VAL E 363 -2.77 13.95 -32.06
CA VAL E 363 -2.69 12.51 -31.77
C VAL E 363 -1.51 11.89 -32.52
N TYR E 364 -1.18 12.45 -33.69
CA TYR E 364 0.02 12.01 -34.41
C TYR E 364 1.29 12.28 -33.60
N ASP E 365 1.43 13.48 -33.03
CA ASP E 365 2.62 13.76 -32.23
C ASP E 365 2.63 12.96 -30.94
N TYR E 366 1.45 12.74 -30.34
CA TYR E 366 1.36 11.86 -29.17
C TYR E 366 1.76 10.44 -29.54
N LEU E 367 1.37 9.99 -30.73
CA LEU E 367 1.78 8.67 -31.19
C LEU E 367 3.27 8.63 -31.50
N LEU E 368 3.84 9.74 -31.94
CA LEU E 368 5.30 9.80 -32.08
C LEU E 368 5.99 9.63 -30.74
N ASN E 369 5.49 10.31 -29.71
CA ASN E 369 6.01 10.17 -28.36
C ASN E 369 5.89 8.74 -27.85
N LEU E 370 4.75 8.11 -28.12
CA LEU E 370 4.47 6.76 -27.63
C LEU E 370 5.20 5.71 -28.44
N SER E 371 5.40 5.95 -29.74
CA SER E 371 6.14 5.04 -30.60
C SER E 371 7.62 5.05 -30.26
N TRP E 372 8.16 6.21 -29.89
CA TRP E 372 9.55 6.23 -29.43
C TRP E 372 9.74 5.44 -28.14
N HIS E 373 8.83 5.64 -27.19
CA HIS E 373 8.98 4.98 -25.90
C HIS E 373 8.57 3.51 -26.00
N TYR E 374 7.58 3.21 -26.83
CA TYR E 374 7.06 1.86 -27.01
C TYR E 374 7.05 1.52 -28.50
N PRO E 375 8.03 0.75 -28.98
CA PRO E 375 8.18 0.55 -30.42
C PRO E 375 7.15 -0.38 -31.06
N MET E 376 6.31 -1.06 -30.27
CA MET E 376 5.25 -1.86 -30.84
C MET E 376 4.08 -1.01 -31.30
N LEU E 377 4.05 0.25 -30.91
CA LEU E 377 3.02 1.21 -31.28
C LEU E 377 3.33 1.90 -32.61
N ILE E 378 4.51 1.63 -33.17
CA ILE E 378 4.86 2.20 -34.48
C ILE E 378 3.88 1.84 -35.60
N PRO E 379 3.33 0.61 -35.72
CA PRO E 379 2.37 0.35 -36.82
C PRO E 379 1.17 1.27 -36.89
N TYR E 380 0.68 1.81 -35.76
CA TYR E 380 -0.44 2.75 -35.79
C TYR E 380 -0.12 4.02 -36.56
N LEU E 381 1.17 4.37 -36.66
CA LEU E 381 1.60 5.50 -37.48
C LEU E 381 1.26 5.33 -38.95
N GLY E 382 0.98 4.10 -39.41
CA GLY E 382 0.54 3.92 -40.77
C GLY E 382 -0.86 4.38 -41.06
N VAL E 383 -1.69 4.58 -40.02
CA VAL E 383 -3.05 5.04 -40.27
C VAL E 383 -3.07 6.53 -40.59
N LEU E 384 -2.21 7.31 -39.93
CA LEU E 384 -2.36 8.76 -39.94
C LEU E 384 -1.51 9.42 -41.02
N ILE E 385 -0.62 8.68 -41.68
CA ILE E 385 0.44 9.31 -42.47
C ILE E 385 -0.09 10.03 -43.70
N GLU E 386 -1.23 9.61 -44.26
CA GLU E 386 -1.78 10.36 -45.39
C GLU E 386 -2.40 11.67 -44.92
N HIS E 387 -3.10 11.66 -43.79
CA HIS E 387 -3.77 12.85 -43.30
C HIS E 387 -2.80 13.88 -42.74
N VAL E 388 -1.61 13.47 -42.34
CA VAL E 388 -0.60 14.39 -41.84
C VAL E 388 0.27 14.85 -43.01
N TYR E 389 0.46 16.16 -43.10
CA TYR E 389 1.31 16.74 -44.15
C TYR E 389 2.76 16.57 -43.71
N LEU E 390 3.44 15.60 -44.33
CA LEU E 390 4.73 15.15 -43.82
C LEU E 390 5.89 16.08 -44.20
N ASP E 391 5.70 16.93 -45.21
CA ASP E 391 6.79 17.78 -45.67
C ASP E 391 7.19 18.78 -44.59
N ASP E 392 6.23 19.58 -44.11
CA ASP E 392 6.34 20.48 -42.96
C ASP E 392 7.62 21.32 -42.93
N GLY E 393 8.36 21.21 -41.82
CA GLY E 393 9.66 21.83 -41.69
C GLY E 393 10.71 20.81 -41.31
N ASP E 394 10.61 19.62 -41.90
CA ASP E 394 11.47 18.46 -41.66
C ASP E 394 11.42 17.99 -40.20
N GLU E 395 10.32 18.24 -39.50
CA GLU E 395 10.17 17.75 -38.13
C GLU E 395 9.95 16.24 -38.11
N TYR E 396 9.04 15.74 -38.95
CA TYR E 396 8.78 14.31 -39.01
C TYR E 396 9.97 13.57 -39.60
N LYS E 397 10.74 14.25 -40.46
CA LYS E 397 11.97 13.70 -41.01
C LYS E 397 12.96 13.35 -39.90
N ASN E 398 13.17 14.27 -38.95
CA ASN E 398 14.02 13.95 -37.82
C ASN E 398 13.37 12.99 -36.85
N LYS E 399 12.04 13.01 -36.74
CA LYS E 399 11.34 12.09 -35.84
C LYS E 399 11.51 10.64 -36.25
N PHE E 400 11.30 10.32 -37.52
CA PHE E 400 11.38 8.94 -37.94
C PHE E 400 12.81 8.44 -37.90
N ASN E 401 13.79 9.31 -38.15
CA ASN E 401 15.19 8.90 -38.00
C ASN E 401 15.58 8.70 -36.54
N GLU E 402 15.02 9.49 -35.62
CA GLU E 402 15.37 9.31 -34.22
C GLU E 402 14.75 8.00 -33.74
N ILE E 403 13.54 7.70 -34.21
CA ILE E 403 12.92 6.39 -33.95
C ILE E 403 13.75 5.26 -34.55
N LEU E 404 14.26 5.45 -35.78
CA LEU E 404 15.08 4.44 -36.43
C LEU E 404 16.35 4.17 -35.63
N SER E 405 16.97 5.23 -35.11
CA SER E 405 18.14 5.09 -34.25
C SER E 405 17.79 4.33 -32.98
N MET E 406 16.62 4.62 -32.39
CA MET E 406 16.22 3.94 -31.17
C MET E 406 15.95 2.45 -31.43
N CYS E 407 15.33 2.13 -32.56
CA CYS E 407 15.07 0.74 -32.91
C CYS E 407 16.37 0.00 -33.23
N ALA E 408 17.34 0.69 -33.82
CA ALA E 408 18.67 0.12 -33.99
C ALA E 408 19.35 -0.11 -32.65
N GLU E 409 19.17 0.81 -31.71
CA GLU E 409 19.82 0.70 -30.41
C GLU E 409 19.22 -0.45 -29.60
N ASN E 410 17.89 -0.51 -29.56
CA ASN E 410 17.19 -1.49 -28.72
C ASN E 410 17.07 -2.86 -29.36
N LYS E 411 17.54 -3.01 -30.60
CA LYS E 411 17.44 -4.26 -31.39
C LYS E 411 16.00 -4.73 -31.49
N CYS E 412 15.14 -3.87 -32.03
CA CYS E 412 13.73 -4.17 -32.21
C CYS E 412 13.47 -4.21 -33.71
N SER E 413 13.01 -5.36 -34.20
CA SER E 413 12.91 -5.57 -35.65
C SER E 413 11.59 -5.04 -36.20
N ASP E 414 10.49 -5.20 -35.45
CA ASP E 414 9.20 -4.77 -35.99
C ASP E 414 9.11 -3.26 -36.06
N GLY E 415 9.64 -2.56 -35.06
CA GLY E 415 9.69 -1.10 -35.13
C GLY E 415 10.58 -0.60 -36.24
N MET E 416 11.76 -1.23 -36.42
CA MET E 416 12.65 -0.89 -37.52
C MET E 416 11.97 -1.08 -38.86
N ALA E 417 11.33 -2.23 -39.06
CA ALA E 417 10.73 -2.54 -40.34
C ALA E 417 9.54 -1.65 -40.63
N TRP E 418 8.71 -1.35 -39.62
CA TRP E 418 7.57 -0.47 -39.82
C TRP E 418 8.02 0.96 -40.10
N THR E 419 9.04 1.45 -39.37
CA THR E 419 9.55 2.79 -39.60
C THR E 419 10.18 2.92 -40.97
N LEU E 420 10.90 1.88 -41.41
CA LEU E 420 11.47 1.90 -42.76
C LEU E 420 10.38 1.82 -43.83
N TYR E 421 9.30 1.05 -43.57
CA TYR E 421 8.19 1.02 -44.50
C TYR E 421 7.55 2.41 -44.63
N PHE E 422 7.45 3.13 -43.51
CA PHE E 422 6.96 4.49 -43.55
C PHE E 422 7.92 5.41 -44.30
N CYS E 423 9.23 5.21 -44.12
CA CYS E 423 10.22 6.07 -44.75
C CYS E 423 10.25 5.90 -46.27
N ILE E 424 10.25 4.66 -46.76
CA ILE E 424 10.22 4.44 -48.21
C ILE E 424 8.85 4.78 -48.79
N LYS E 425 7.75 4.41 -48.11
CA LYS E 425 6.43 4.65 -48.70
C LYS E 425 6.07 6.13 -48.76
N ASN E 426 6.49 6.91 -47.76
CA ASN E 426 6.21 8.34 -47.76
C ASN E 426 7.34 9.17 -48.35
N ASN E 427 8.39 8.52 -48.86
CA ASN E 427 9.53 9.12 -49.53
C ASN E 427 10.32 10.07 -48.63
N ILE E 428 10.23 9.91 -47.31
CA ILE E 428 10.96 10.77 -46.40
C ILE E 428 12.41 10.29 -46.34
N ASP E 429 13.35 11.23 -46.42
CA ASP E 429 14.76 10.90 -46.46
C ASP E 429 15.22 10.31 -45.12
N ILE E 430 16.30 9.54 -45.17
CA ILE E 430 16.82 8.84 -44.00
C ILE E 430 18.32 9.07 -43.92
N ASP E 431 18.80 9.42 -42.73
CA ASP E 431 20.16 9.88 -42.53
C ASP E 431 21.18 8.75 -42.69
N ASP E 432 22.43 9.14 -42.95
CA ASP E 432 23.50 8.16 -43.11
C ASP E 432 23.89 7.51 -41.80
N ASP E 433 23.96 8.28 -40.72
CA ASP E 433 24.44 7.76 -39.44
C ASP E 433 23.47 6.79 -38.81
N VAL E 434 22.17 6.93 -39.06
CA VAL E 434 21.22 5.94 -38.56
C VAL E 434 21.30 4.67 -39.40
N ILE E 435 21.67 4.81 -40.67
CA ILE E 435 21.87 3.66 -41.55
C ILE E 435 23.12 2.91 -41.16
N GLU E 436 24.10 3.61 -40.59
CA GLU E 436 25.30 2.96 -40.05
C GLU E 436 24.94 1.94 -38.98
N LYS E 437 23.86 2.17 -38.24
CA LYS E 437 23.38 1.20 -37.27
C LYS E 437 22.28 0.30 -37.80
N ILE E 438 21.56 0.70 -38.86
CA ILE E 438 20.64 -0.22 -39.51
C ILE E 438 21.41 -1.37 -40.16
N ILE E 439 22.52 -1.04 -40.83
CA ILE E 439 23.39 -2.05 -41.42
C ILE E 439 24.12 -2.87 -40.36
N CYS E 440 24.42 -2.27 -39.21
CA CYS E 440 25.15 -2.95 -38.15
C CYS E 440 24.27 -3.80 -37.26
N PHE E 441 22.97 -3.47 -37.15
CA PHE E 441 22.04 -4.31 -36.41
C PHE E 441 21.91 -5.68 -37.09
N GLY E 442 21.82 -5.69 -38.41
CA GLY E 442 21.80 -6.95 -39.12
C GLY E 442 20.47 -7.66 -39.12
N ASP E 443 19.37 -6.94 -38.90
CA ASP E 443 18.05 -7.53 -39.13
C ASP E 443 17.86 -7.74 -40.62
N CYS E 444 17.37 -8.93 -40.99
CA CYS E 444 17.26 -9.24 -42.41
C CYS E 444 16.18 -8.41 -43.08
N LEU E 445 15.00 -8.31 -42.48
CA LEU E 445 13.88 -7.61 -43.11
C LEU E 445 14.14 -6.11 -43.24
N SER E 446 14.94 -5.55 -42.34
CA SER E 446 15.38 -4.16 -42.48
C SER E 446 16.26 -4.01 -43.70
N LEU E 447 17.17 -4.96 -43.90
CA LEU E 447 18.09 -4.91 -45.03
C LEU E 447 17.37 -5.18 -46.34
N CYS E 448 16.26 -5.93 -46.33
CA CYS E 448 15.47 -6.03 -47.55
C CYS E 448 14.75 -4.73 -47.90
N LEU E 449 14.37 -3.92 -46.91
CA LEU E 449 13.79 -2.62 -47.21
C LEU E 449 14.85 -1.68 -47.78
N LEU E 450 16.03 -1.66 -47.15
CA LEU E 450 17.16 -0.89 -47.70
C LEU E 450 17.57 -1.41 -49.07
N ASP E 451 17.41 -2.71 -49.29
CA ASP E 451 17.69 -3.32 -50.57
C ASP E 451 16.69 -2.89 -51.63
N SER E 452 15.41 -2.77 -51.27
CA SER E 452 14.40 -2.37 -52.23
C SER E 452 14.48 -0.89 -52.54
N SER E 453 15.10 -0.10 -51.63
CA SER E 453 15.26 1.32 -51.92
C SER E 453 16.20 1.57 -53.10
N ASP E 454 17.27 0.78 -53.22
CA ASP E 454 18.34 0.78 -54.24
C ASP E 454 19.31 1.95 -54.14
N ILE E 455 19.11 2.90 -53.22
CA ILE E 455 20.11 3.95 -53.03
C ILE E 455 21.34 3.40 -52.32
N TYR E 456 21.16 2.50 -51.36
CA TYR E 456 22.23 2.02 -50.49
C TYR E 456 22.71 0.64 -50.93
N GLU E 457 22.83 0.46 -52.25
CA GLU E 457 23.25 -0.76 -52.91
C GLU E 457 24.63 -1.24 -52.47
N GLU E 458 25.52 -0.31 -52.11
CA GLU E 458 26.89 -0.63 -51.81
C GLU E 458 27.14 -0.99 -50.35
N LYS E 459 26.35 -0.45 -49.42
CA LYS E 459 26.46 -0.90 -48.04
C LYS E 459 25.77 -2.26 -47.86
N ILE E 460 24.74 -2.52 -48.66
CA ILE E 460 24.12 -3.83 -48.71
C ILE E 460 25.10 -4.86 -49.25
N ASN E 461 25.86 -4.47 -50.28
CA ASN E 461 26.81 -5.37 -50.92
C ASN E 461 27.93 -5.77 -49.97
N ASN E 462 28.38 -4.83 -49.13
CA ASN E 462 29.40 -5.15 -48.13
C ASN E 462 28.90 -6.18 -47.13
N PHE E 463 27.64 -6.03 -46.70
CA PHE E 463 27.07 -6.97 -45.73
C PHE E 463 26.92 -8.37 -46.33
N VAL E 464 26.38 -8.45 -47.55
CA VAL E 464 26.17 -9.78 -48.14
C VAL E 464 27.51 -10.41 -48.52
N SER E 465 28.50 -9.58 -48.88
CA SER E 465 29.83 -10.13 -49.13
C SER E 465 30.49 -10.63 -47.86
N ASP E 466 30.27 -9.95 -46.73
CA ASP E 466 30.75 -10.45 -45.45
C ASP E 466 30.06 -11.75 -45.08
N ILE E 467 28.79 -11.91 -45.44
CA ILE E 467 28.07 -13.14 -45.18
C ILE E 467 28.64 -14.28 -46.04
N ILE E 468 28.85 -14.02 -47.33
CA ILE E 468 29.32 -15.05 -48.26
C ILE E 468 30.76 -15.45 -47.95
N LYS E 469 31.60 -14.49 -47.57
CA LYS E 469 33.00 -14.77 -47.27
C LYS E 469 33.14 -15.65 -46.03
N LEU E 470 32.13 -15.64 -45.15
CA LEU E 470 32.13 -16.51 -43.98
C LEU E 470 32.10 -17.98 -44.38
N ASP E 471 31.43 -18.29 -45.51
CA ASP E 471 31.20 -19.65 -45.98
C ASP E 471 30.46 -20.49 -44.94
N TYR E 472 29.56 -19.85 -44.22
CA TYR E 472 28.68 -20.50 -43.26
C TYR E 472 27.27 -20.47 -43.85
N GLU E 473 26.73 -21.65 -44.14
CA GLU E 473 25.42 -21.72 -44.79
C GLU E 473 24.30 -21.23 -43.87
N TYR E 474 24.51 -21.29 -42.55
CA TYR E 474 23.46 -20.86 -41.63
C TYR E 474 23.27 -19.35 -41.66
N ASP E 475 24.34 -18.58 -41.89
CA ASP E 475 24.18 -17.14 -42.04
C ASP E 475 23.49 -16.78 -43.36
N ILE E 476 23.80 -17.53 -44.42
CA ILE E 476 23.09 -17.34 -45.69
C ILE E 476 21.62 -17.69 -45.53
N ASP E 477 21.32 -18.69 -44.71
CA ASP E 477 19.92 -19.01 -44.43
C ASP E 477 19.28 -17.98 -43.51
N ARG E 478 20.05 -17.34 -42.66
CA ARG E 478 19.55 -16.24 -41.83
C ARG E 478 19.22 -15.02 -42.66
N TYR E 479 19.88 -14.84 -43.80
CA TYR E 479 19.59 -13.71 -44.68
C TYR E 479 19.10 -14.17 -46.05
N TRP E 480 18.44 -15.34 -46.09
CA TRP E 480 17.90 -15.87 -47.35
C TRP E 480 16.91 -14.92 -48.00
N LEU E 481 16.14 -14.17 -47.22
CA LEU E 481 15.17 -13.26 -47.83
C LEU E 481 15.87 -12.12 -48.54
N LEU E 482 16.91 -11.55 -47.93
CA LEU E 482 17.71 -10.52 -48.57
C LEU E 482 18.42 -11.07 -49.81
N PHE E 483 19.01 -12.26 -49.70
CA PHE E 483 19.73 -12.87 -50.81
C PHE E 483 18.78 -13.18 -51.97
N TYR E 484 17.61 -13.70 -51.67
CA TYR E 484 16.63 -14.00 -52.72
C TYR E 484 16.08 -12.73 -53.35
N GLN E 485 15.88 -11.68 -52.57
CA GLN E 485 15.37 -10.44 -53.13
C GLN E 485 16.40 -9.83 -54.09
N ARG E 486 17.69 -9.84 -53.71
CA ARG E 486 18.72 -9.37 -54.62
C ARG E 486 18.83 -10.26 -55.86
N PHE E 487 18.72 -11.57 -55.69
CA PHE E 487 18.83 -12.47 -56.83
C PHE E 487 17.65 -12.31 -57.79
N PHE E 488 16.44 -12.14 -57.24
CA PHE E 488 15.25 -11.96 -58.06
C PHE E 488 15.25 -10.59 -58.73
N LYS E 489 15.88 -9.59 -58.11
CA LYS E 489 16.02 -8.28 -58.72
C LYS E 489 17.27 -8.18 -59.60
N ASP E 490 17.93 -9.30 -59.87
CA ASP E 490 19.11 -9.43 -60.73
C ASP E 490 20.31 -8.63 -60.24
N LYS E 491 20.29 -8.18 -58.98
CA LYS E 491 21.40 -7.40 -58.43
C LYS E 491 22.51 -8.29 -57.91
N ALA E 492 22.27 -9.59 -57.78
CA ALA E 492 23.24 -10.53 -57.25
C ALA E 492 22.91 -11.92 -57.78
N PRO E 493 23.85 -12.88 -57.75
CA PRO E 493 23.46 -14.26 -58.08
C PRO E 493 23.02 -15.02 -56.84
N SER E 494 22.48 -16.22 -57.03
CA SER E 494 22.11 -17.04 -55.88
C SER E 494 23.34 -17.50 -55.13
N PRO E 495 23.28 -17.51 -53.80
CA PRO E 495 24.38 -18.09 -52.99
C PRO E 495 24.21 -19.59 -52.73
N TYR E 496 23.29 -20.26 -53.41
CA TYR E 496 22.98 -21.66 -53.21
C TYR E 496 23.26 -22.43 -54.49
N ASN E 497 23.76 -23.66 -54.33
CA ASN E 497 24.01 -24.54 -55.46
C ASN E 497 22.78 -25.34 -55.86
N ASP E 498 21.69 -25.26 -55.10
CA ASP E 498 20.44 -25.90 -55.48
C ASP E 498 19.62 -24.99 -56.38
N LYS E 499 18.55 -25.54 -56.94
CA LYS E 499 17.72 -24.83 -57.91
C LYS E 499 16.56 -24.10 -57.27
N CYS E 500 16.44 -24.10 -55.94
CA CYS E 500 15.25 -23.59 -55.26
C CYS E 500 15.01 -22.12 -55.57
N PHE E 501 16.07 -21.31 -55.48
CA PHE E 501 15.96 -19.89 -55.83
C PHE E 501 15.61 -19.71 -57.30
N ASP E 502 16.13 -20.60 -58.16
CA ASP E 502 15.89 -20.49 -59.59
C ASP E 502 14.45 -20.84 -59.95
N ILE E 503 13.89 -21.89 -59.32
CA ILE E 503 12.47 -22.21 -59.54
C ILE E 503 11.58 -21.11 -58.97
N MET E 504 11.99 -20.50 -57.86
CA MET E 504 11.23 -19.35 -57.35
C MET E 504 11.22 -18.20 -58.33
N LYS E 505 12.40 -17.82 -58.84
CA LYS E 505 12.50 -16.63 -59.68
C LYS E 505 11.88 -16.86 -61.05
N GLY E 506 12.01 -18.07 -61.60
CA GLY E 506 11.44 -18.35 -62.90
C GLY E 506 9.92 -18.26 -62.92
N TYR E 507 9.28 -18.61 -61.80
CA TYR E 507 7.83 -18.48 -61.70
C TYR E 507 7.38 -17.14 -61.15
N GLY E 508 8.31 -16.25 -60.80
CA GLY E 508 7.96 -14.91 -60.40
C GLY E 508 7.70 -14.70 -58.93
N VAL E 509 8.29 -15.54 -58.07
CA VAL E 509 8.08 -15.39 -56.62
C VAL E 509 8.80 -14.14 -56.15
N ASP E 510 8.03 -13.19 -55.62
CA ASP E 510 8.56 -11.97 -55.03
C ASP E 510 8.00 -11.83 -53.63
N PHE E 511 8.89 -11.70 -52.64
CA PHE E 511 8.48 -11.54 -51.26
C PHE E 511 8.37 -10.07 -50.86
N MET E 512 8.58 -9.14 -51.79
CA MET E 512 8.30 -7.73 -51.60
C MET E 512 7.48 -7.25 -52.80
N PRO E 513 6.23 -7.70 -52.91
CA PRO E 513 5.47 -7.43 -54.14
C PRO E 513 4.66 -6.15 -54.06
N ASP E 514 4.35 -5.61 -55.23
CA ASP E 514 3.45 -4.48 -55.36
C ASP E 514 2.03 -4.98 -55.64
N GLU E 515 1.14 -4.07 -56.03
CA GLU E 515 -0.23 -4.45 -56.34
C GLU E 515 -0.44 -4.53 -57.85
N ASP F 14 49.24 -32.24 -9.00
CA ASP F 14 49.07 -31.34 -10.14
C ASP F 14 47.68 -30.74 -10.16
N GLU F 15 47.49 -29.71 -10.98
CA GLU F 15 46.18 -29.12 -11.18
C GLU F 15 45.39 -29.81 -12.28
N LYS F 16 46.07 -30.36 -13.29
CA LYS F 16 45.42 -31.22 -14.27
C LYS F 16 44.83 -32.46 -13.60
N ARG F 17 45.58 -33.07 -12.69
CA ARG F 17 45.09 -34.25 -11.99
C ARG F 17 43.98 -33.90 -11.03
N HIS F 18 44.06 -32.74 -10.37
CA HIS F 18 42.97 -32.34 -9.46
C HIS F 18 41.69 -32.09 -10.22
N LEU F 19 41.79 -31.48 -11.41
CA LEU F 19 40.62 -31.31 -12.27
C LEU F 19 40.08 -32.67 -12.72
N TYR F 20 40.98 -33.60 -13.03
CA TYR F 20 40.54 -34.91 -13.50
C TYR F 20 39.79 -35.66 -12.41
N GLU F 21 40.28 -35.58 -11.17
CA GLU F 21 39.54 -36.10 -10.03
C GLU F 21 38.21 -35.38 -9.84
N ALA F 22 38.21 -34.05 -9.96
CA ALA F 22 37.02 -33.26 -9.67
C ALA F 22 35.90 -33.52 -10.65
N LEU F 23 36.24 -33.77 -11.91
CA LEU F 23 35.21 -33.97 -12.94
C LEU F 23 34.42 -35.24 -12.70
N LEU F 24 35.05 -36.26 -12.14
CA LEU F 24 34.45 -37.58 -11.96
C LEU F 24 34.20 -37.96 -10.51
N ARG F 25 35.19 -37.80 -9.63
CA ARG F 25 35.04 -38.27 -8.25
C ARG F 25 34.11 -37.37 -7.45
N HIS F 26 34.10 -36.07 -7.74
CA HIS F 26 33.42 -35.10 -6.86
C HIS F 26 32.30 -34.35 -7.56
N ASN F 27 32.54 -33.80 -8.75
CA ASN F 27 31.54 -32.94 -9.39
C ASN F 27 30.88 -33.61 -10.60
N TYR F 28 30.95 -34.93 -10.72
CA TYR F 28 30.11 -35.63 -11.68
C TYR F 28 28.64 -35.46 -11.31
N PHE F 29 28.28 -35.94 -10.13
CA PHE F 29 26.92 -35.76 -9.64
C PHE F 29 26.70 -34.29 -9.33
N PRO F 30 25.44 -33.83 -9.33
CA PRO F 30 25.20 -32.43 -8.96
C PRO F 30 25.58 -32.16 -7.51
N ASN F 31 26.68 -31.42 -7.34
CA ASN F 31 27.35 -31.22 -6.07
C ASN F 31 27.86 -29.80 -5.95
N GLN F 32 27.22 -28.85 -6.63
CA GLN F 32 27.73 -27.49 -6.66
C GLN F 32 27.44 -26.75 -5.36
N LYS F 33 26.27 -26.98 -4.76
CA LYS F 33 25.94 -26.34 -3.51
C LYS F 33 26.79 -26.89 -2.38
N GLY F 34 27.42 -25.99 -1.61
CA GLY F 34 28.40 -26.35 -0.61
C GLY F 34 27.91 -26.43 0.82
N SER F 35 26.68 -26.02 1.11
CA SER F 35 26.19 -26.09 2.49
C SER F 35 25.47 -27.41 2.71
N ILE F 36 24.39 -27.63 1.99
CA ILE F 36 23.72 -28.93 1.94
C ILE F 36 23.62 -29.36 0.49
N SER F 37 23.90 -30.63 0.23
CA SER F 37 23.87 -31.11 -1.14
C SER F 37 22.43 -31.24 -1.62
N GLU F 38 22.27 -31.18 -2.94
CA GLU F 38 20.98 -31.42 -3.56
C GLU F 38 20.67 -32.90 -3.68
N ILE F 39 21.68 -33.75 -3.56
CA ILE F 39 21.55 -35.20 -3.65
C ILE F 39 21.96 -35.78 -2.30
N PRO F 40 21.23 -36.77 -1.77
CA PRO F 40 21.57 -37.34 -0.47
C PRO F 40 22.93 -38.00 -0.48
N PRO F 41 23.59 -38.11 0.68
CA PRO F 41 24.97 -38.63 0.71
C PRO F 41 25.11 -40.10 0.38
N CYS F 42 24.00 -40.84 0.21
CA CYS F 42 24.09 -42.22 -0.24
C CYS F 42 24.67 -42.32 -1.64
N PHE F 43 24.26 -41.41 -2.52
CA PHE F 43 24.79 -41.36 -3.88
C PHE F 43 26.11 -40.60 -3.88
N SER F 44 27.20 -41.29 -4.20
CA SER F 44 28.50 -40.66 -4.27
C SER F 44 29.21 -41.10 -5.54
N SER F 45 29.83 -40.15 -6.23
CA SER F 45 30.47 -40.44 -7.51
C SER F 45 31.96 -40.76 -7.41
N ARG F 46 32.53 -40.74 -6.21
CA ARG F 46 33.90 -41.24 -6.05
C ARG F 46 33.89 -42.76 -6.17
N THR F 47 35.06 -43.32 -6.48
CA THR F 47 35.47 -44.65 -6.98
C THR F 47 35.26 -44.73 -8.48
N PHE F 48 34.71 -43.67 -9.07
CA PHE F 48 34.68 -43.51 -10.53
C PHE F 48 35.92 -42.72 -10.93
N THR F 49 37.06 -43.39 -10.86
CA THR F 49 38.37 -42.78 -10.97
C THR F 49 38.67 -42.42 -12.42
N PRO F 50 39.65 -41.52 -12.65
CA PRO F 50 39.99 -41.16 -14.04
C PRO F 50 40.51 -42.30 -14.90
N GLU F 51 41.13 -43.33 -14.30
CA GLU F 51 41.60 -44.46 -15.09
C GLU F 51 40.43 -45.27 -15.64
N ILE F 52 39.35 -45.40 -14.86
CA ILE F 52 38.14 -46.04 -15.36
C ILE F 52 37.53 -45.21 -16.49
N ALA F 53 37.60 -43.88 -16.38
CA ALA F 53 37.14 -43.02 -17.47
C ALA F 53 37.98 -43.18 -18.74
N GLU F 54 39.29 -43.34 -18.60
CA GLU F 54 40.14 -43.63 -19.77
C GLU F 54 39.80 -44.98 -20.38
N LEU F 55 39.53 -45.99 -19.55
CA LEU F 55 39.19 -47.30 -20.08
C LEU F 55 37.83 -47.30 -20.76
N ILE F 56 36.89 -46.52 -20.24
CA ILE F 56 35.58 -46.36 -20.90
C ILE F 56 35.74 -45.64 -22.23
N SER F 57 36.56 -44.59 -22.26
CA SER F 57 36.78 -43.84 -23.50
C SER F 57 37.49 -44.70 -24.55
N SER F 58 38.40 -45.57 -24.12
CA SER F 58 39.12 -46.42 -25.07
C SER F 58 38.21 -47.48 -25.67
N ASP F 59 37.20 -47.92 -24.92
CA ASP F 59 36.31 -48.97 -25.40
C ASP F 59 35.47 -48.49 -26.56
N THR F 60 35.39 -49.30 -27.62
CA THR F 60 34.69 -48.95 -28.85
C THR F 60 33.62 -49.95 -29.24
N SER F 61 33.27 -50.88 -28.36
CA SER F 61 32.34 -51.95 -28.71
C SER F 61 30.90 -51.45 -28.66
N GLY F 62 30.00 -52.28 -29.20
CA GLY F 62 28.58 -52.02 -29.13
C GLY F 62 28.09 -51.13 -30.25
N ARG F 63 26.78 -51.20 -30.49
CA ARG F 63 26.12 -50.37 -31.49
C ARG F 63 24.92 -49.71 -30.84
N ARG F 64 24.75 -48.42 -31.12
CA ARG F 64 23.63 -47.64 -30.59
C ARG F 64 22.78 -47.13 -31.73
N SER F 65 21.47 -47.34 -31.62
CA SER F 65 20.54 -46.89 -32.66
C SER F 65 20.14 -45.43 -32.51
N LEU F 66 20.45 -44.82 -31.38
CA LEU F 66 20.10 -43.44 -31.11
C LEU F 66 21.37 -42.61 -30.95
N GLN F 67 21.35 -41.41 -31.52
CA GLN F 67 22.51 -40.51 -31.47
C GLN F 67 22.58 -39.84 -30.11
N GLY F 68 23.72 -39.98 -29.44
CA GLY F 68 23.91 -39.37 -28.14
C GLY F 68 23.38 -40.23 -27.02
N TYR F 69 23.38 -39.65 -25.83
CA TYR F 69 22.95 -40.33 -24.62
C TYR F 69 22.03 -39.40 -23.84
N ASP F 70 21.08 -39.99 -23.12
CA ASP F 70 20.22 -39.23 -22.23
C ASP F 70 20.83 -39.23 -20.83
N CYS F 71 20.15 -38.55 -19.91
CA CYS F 71 20.67 -38.31 -18.58
C CYS F 71 19.67 -38.75 -17.53
N VAL F 72 20.19 -39.17 -16.38
CA VAL F 72 19.34 -39.41 -15.22
C VAL F 72 18.85 -38.06 -14.72
N GLU F 73 17.53 -37.89 -14.63
CA GLU F 73 16.97 -36.59 -14.36
C GLU F 73 16.68 -36.44 -12.87
N TYR F 74 16.68 -35.20 -12.40
CA TYR F 74 16.56 -34.94 -10.97
C TYR F 74 15.97 -33.55 -10.78
N TYR F 75 14.68 -33.48 -10.45
CA TYR F 75 14.01 -32.20 -10.28
C TYR F 75 14.19 -31.74 -8.85
N ALA F 76 15.13 -30.82 -8.63
CA ALA F 76 15.39 -30.25 -7.32
C ALA F 76 14.49 -29.04 -7.08
N THR F 77 14.12 -28.82 -5.82
CA THR F 77 13.16 -27.79 -5.45
C THR F 77 13.90 -26.52 -5.04
N ARG F 78 13.50 -25.39 -5.65
CA ARG F 78 14.07 -24.10 -5.29
C ARG F 78 13.26 -23.46 -4.16
N TYR F 79 13.60 -22.19 -3.87
CA TYR F 79 12.99 -21.49 -2.74
C TYR F 79 11.50 -21.21 -2.98
N ASN F 80 11.09 -21.10 -4.22
CA ASN F 80 9.69 -20.88 -4.56
C ASN F 80 8.96 -22.16 -4.93
N ASN F 81 9.54 -23.32 -4.58
CA ASN F 81 9.08 -24.69 -4.84
C ASN F 81 9.16 -25.03 -6.33
N PHE F 82 9.92 -24.27 -7.10
CA PHE F 82 10.01 -24.52 -8.54
C PHE F 82 11.02 -25.63 -8.79
N PRO F 83 10.77 -26.50 -9.77
CA PRO F 83 11.77 -27.53 -10.11
C PRO F 83 12.88 -27.00 -11.01
N ARG F 84 14.09 -27.51 -10.75
CA ARG F 84 15.25 -27.30 -11.59
C ARG F 84 15.79 -28.67 -11.93
N THR F 85 15.91 -28.96 -13.21
CA THR F 85 16.19 -30.32 -13.68
C THR F 85 17.70 -30.50 -13.74
N LEU F 86 18.28 -30.95 -12.64
CA LEU F 86 19.66 -31.41 -12.62
C LEU F 86 19.75 -32.73 -13.37
N SER F 87 20.93 -32.99 -13.92
CA SER F 87 21.13 -34.18 -14.73
C SER F 87 22.41 -34.89 -14.35
N ILE F 88 22.36 -36.21 -14.34
CA ILE F 88 23.52 -37.07 -14.20
C ILE F 88 23.79 -37.66 -15.57
N ILE F 89 24.90 -37.23 -16.18
CA ILE F 89 25.24 -37.62 -17.54
C ILE F 89 25.52 -39.11 -17.61
N HIS F 90 25.12 -39.75 -18.71
CA HIS F 90 25.46 -41.14 -18.94
C HIS F 90 26.98 -41.27 -19.00
N PRO F 91 27.57 -42.20 -18.23
CA PRO F 91 29.03 -42.16 -18.00
C PRO F 91 29.86 -42.55 -19.20
N LYS F 92 29.31 -43.25 -20.19
CA LYS F 92 30.08 -43.45 -21.41
C LYS F 92 30.20 -42.15 -22.19
N ALA F 93 29.15 -41.33 -22.18
CA ALA F 93 29.22 -40.00 -22.76
C ALA F 93 29.91 -39.01 -21.84
N TYR F 94 30.05 -39.32 -20.55
CA TYR F 94 30.69 -38.41 -19.61
C TYR F 94 32.18 -38.64 -19.49
N SER F 95 32.63 -39.90 -19.60
CA SER F 95 34.06 -40.19 -19.50
C SER F 95 34.82 -39.55 -20.64
N LYS F 96 34.27 -39.60 -21.86
CA LYS F 96 34.90 -38.95 -23.00
C LYS F 96 34.95 -37.44 -22.83
N LEU F 97 33.87 -36.84 -22.33
CA LEU F 97 33.82 -35.40 -22.09
C LEU F 97 34.83 -34.97 -21.04
N ALA F 98 34.88 -35.68 -19.92
CA ALA F 98 35.82 -35.34 -18.85
C ALA F 98 37.26 -35.57 -19.26
N LYS F 99 37.52 -36.66 -20.00
CA LYS F 99 38.87 -36.92 -20.48
C LYS F 99 39.30 -35.88 -21.50
N HIS F 100 38.37 -35.44 -22.36
CA HIS F 100 38.69 -34.39 -23.33
C HIS F 100 39.00 -33.08 -22.63
N ILE F 101 38.23 -32.73 -21.60
CA ILE F 101 38.50 -31.50 -20.86
C ILE F 101 39.83 -31.60 -20.12
N HIS F 102 40.16 -32.80 -19.62
CA HIS F 102 41.44 -33.00 -18.95
C HIS F 102 42.62 -32.84 -19.90
N ASP F 103 42.55 -33.48 -21.07
CA ASP F 103 43.69 -33.48 -21.99
C ASP F 103 43.96 -32.08 -22.54
N ASN F 104 42.92 -31.25 -22.61
CA ASN F 104 42.98 -29.93 -23.22
C ASN F 104 43.06 -28.82 -22.17
N TRP F 105 43.46 -29.16 -20.94
CA TRP F 105 43.30 -28.25 -19.81
C TRP F 105 44.19 -27.02 -19.92
N GLU F 106 45.35 -27.16 -20.55
CA GLU F 106 46.21 -25.99 -20.74
C GLU F 106 45.60 -24.98 -21.72
N GLU F 107 44.70 -25.43 -22.59
CA GLU F 107 43.95 -24.51 -23.44
C GLU F 107 42.58 -24.15 -22.88
N ILE F 108 42.16 -24.76 -21.77
CA ILE F 108 40.88 -24.42 -21.15
C ILE F 108 41.06 -23.50 -19.94
N ARG F 109 42.20 -23.56 -19.25
CA ARG F 109 42.42 -22.88 -17.99
C ARG F 109 42.45 -21.36 -18.08
N PHE F 110 42.19 -20.77 -19.25
CA PHE F 110 41.97 -19.33 -19.34
C PHE F 110 40.68 -18.90 -18.64
N ILE F 111 39.76 -19.84 -18.38
CA ILE F 111 38.56 -19.52 -17.61
C ILE F 111 38.91 -19.35 -16.13
N LYS F 112 40.00 -19.98 -15.68
CA LYS F 112 40.44 -19.78 -14.30
C LYS F 112 41.08 -18.42 -14.08
N GLU F 113 41.66 -17.82 -15.12
CA GLU F 113 42.31 -16.53 -15.02
C GLU F 113 41.32 -15.37 -15.15
N ASN F 114 40.07 -15.65 -15.47
CA ASN F 114 39.04 -14.62 -15.51
C ASN F 114 38.80 -14.11 -14.09
N GLU F 115 38.61 -12.80 -13.97
CA GLU F 115 38.42 -12.16 -12.67
C GLU F 115 37.00 -11.68 -12.44
N ASN F 116 36.13 -11.72 -13.45
CA ASN F 116 34.74 -11.33 -13.28
C ASN F 116 33.82 -12.50 -13.01
N SER F 117 34.32 -13.74 -13.12
CA SER F 117 33.54 -14.94 -12.84
C SER F 117 33.83 -15.36 -11.41
N MET F 118 32.83 -15.23 -10.54
CA MET F 118 33.06 -15.50 -9.12
C MET F 118 33.07 -16.99 -8.83
N ILE F 119 32.17 -17.75 -9.45
CA ILE F 119 32.17 -19.20 -9.34
C ILE F 119 32.68 -19.76 -10.65
N LYS F 120 33.81 -20.44 -10.57
CA LYS F 120 34.57 -20.92 -11.72
C LYS F 120 35.40 -22.09 -11.22
N PRO F 121 36.04 -22.85 -12.12
CA PRO F 121 36.97 -23.88 -11.66
C PRO F 121 38.07 -23.32 -10.77
N ASP F 122 38.35 -24.05 -9.68
CA ASP F 122 39.27 -23.62 -8.65
C ASP F 122 39.66 -24.84 -7.84
N MET F 123 40.92 -24.86 -7.38
CA MET F 123 41.40 -26.01 -6.62
C MET F 123 40.85 -25.99 -5.19
N HIS F 124 39.65 -26.51 -5.00
CA HIS F 124 39.08 -26.61 -3.67
C HIS F 124 39.69 -27.79 -2.91
N ALA F 125 39.69 -27.66 -1.58
CA ALA F 125 40.38 -28.64 -0.74
C ALA F 125 39.65 -29.97 -0.68
N ASP F 126 38.31 -29.94 -0.71
CA ASP F 126 37.54 -31.17 -0.58
C ASP F 126 37.71 -32.07 -1.80
N GLY F 127 37.96 -31.47 -2.97
CA GLY F 127 38.19 -32.23 -4.17
C GLY F 127 37.40 -31.68 -5.35
N ARG F 128 36.51 -30.75 -5.08
CA ARG F 128 35.65 -30.17 -6.11
C ARG F 128 36.39 -29.05 -6.86
N ILE F 129 35.83 -28.65 -7.99
CA ILE F 129 36.26 -27.42 -8.64
C ILE F 129 35.15 -26.38 -8.77
N ILE F 130 33.88 -26.77 -8.65
CA ILE F 130 32.76 -25.85 -8.73
C ILE F 130 31.98 -25.94 -7.43
N ILE F 131 32.03 -24.89 -6.63
CA ILE F 131 31.23 -24.78 -5.40
C ILE F 131 30.63 -23.37 -5.39
N MET F 132 29.32 -23.27 -5.61
CA MET F 132 28.71 -21.96 -5.49
C MET F 132 28.50 -21.60 -4.03
N ASN F 133 28.53 -20.30 -3.75
CA ASN F 133 28.39 -19.74 -2.41
C ASN F 133 29.44 -20.33 -1.46
N TYR F 134 30.70 -20.19 -1.86
CA TYR F 134 31.82 -20.80 -1.15
C TYR F 134 32.72 -19.80 -0.44
N GLU F 135 32.91 -18.61 -0.99
CA GLU F 135 33.83 -17.66 -0.40
C GLU F 135 33.26 -17.08 0.89
N ASP F 136 34.17 -16.65 1.78
CA ASP F 136 33.78 -16.20 3.10
C ASP F 136 33.10 -14.83 3.04
N ALA F 137 32.35 -14.52 4.11
CA ALA F 137 31.52 -13.33 4.13
C ALA F 137 32.35 -12.05 4.16
N GLU F 138 33.52 -12.08 4.81
CA GLU F 138 34.35 -10.89 4.94
C GLU F 138 34.86 -10.40 3.60
N THR F 139 35.42 -11.32 2.79
CA THR F 139 35.90 -10.94 1.47
C THR F 139 34.75 -10.51 0.57
N LYS F 140 33.60 -11.19 0.66
CA LYS F 140 32.45 -10.84 -0.14
C LYS F 140 31.97 -9.42 0.20
N THR F 141 31.93 -9.09 1.49
CA THR F 141 31.54 -7.75 1.92
C THR F 141 32.54 -6.70 1.43
N ILE F 142 33.84 -6.98 1.59
CA ILE F 142 34.87 -6.03 1.18
C ILE F 142 34.83 -5.81 -0.33
N ARG F 143 34.67 -6.88 -1.10
CA ARG F 143 34.48 -6.77 -2.56
C ARG F 143 33.24 -5.96 -2.91
N GLU F 144 32.12 -6.18 -2.20
CA GLU F 144 30.88 -5.53 -2.58
C GLU F 144 30.98 -4.02 -2.32
N LEU F 145 31.55 -3.63 -1.17
CA LEU F 145 31.82 -2.22 -0.90
C LEU F 145 32.87 -1.64 -1.85
N ASN F 146 33.94 -2.40 -2.12
CA ASN F 146 35.01 -1.89 -2.98
C ASN F 146 34.54 -1.65 -4.40
N ASP F 147 33.65 -2.51 -4.90
CA ASP F 147 33.14 -2.35 -6.26
C ASP F 147 31.97 -1.37 -6.30
N GLY F 148 31.27 -1.18 -5.18
CA GLY F 148 30.26 -0.16 -5.03
C GLY F 148 30.81 1.20 -4.64
N PHE F 149 32.13 1.36 -4.66
CA PHE F 149 32.80 2.62 -4.36
C PHE F 149 32.46 3.69 -5.40
N GLY F 150 31.80 4.76 -4.96
CA GLY F 150 31.64 5.93 -5.79
C GLY F 150 30.63 5.83 -6.89
N ARG F 151 29.75 4.83 -6.89
CA ARG F 151 28.85 4.60 -8.00
C ARG F 151 27.41 4.87 -7.60
N ARG F 152 26.58 5.17 -8.60
CA ARG F 152 25.19 5.56 -8.37
C ARG F 152 24.19 4.43 -8.56
N PHE F 153 24.38 3.57 -9.56
CA PHE F 153 23.40 2.55 -9.89
C PHE F 153 24.00 1.15 -9.87
N LYS F 154 23.18 0.17 -9.55
CA LYS F 154 23.57 -1.23 -9.58
C LYS F 154 22.62 -1.98 -10.51
N VAL F 155 23.17 -2.50 -11.61
CA VAL F 155 22.39 -3.21 -12.61
C VAL F 155 22.50 -4.70 -12.35
N ASN F 156 21.35 -5.38 -12.30
CA ASN F 156 21.30 -6.82 -12.18
C ASN F 156 20.70 -7.36 -13.47
N ALA F 157 21.41 -8.29 -14.12
CA ALA F 157 20.95 -8.91 -15.35
C ALA F 157 21.14 -10.41 -15.24
N ASP F 158 20.30 -11.16 -15.95
CA ASP F 158 20.39 -12.61 -15.94
C ASP F 158 20.29 -13.13 -17.37
N ILE F 159 21.10 -14.15 -17.68
CA ILE F 159 20.89 -14.90 -18.91
C ILE F 159 19.61 -15.72 -18.76
N SER F 160 18.79 -15.74 -19.82
CA SER F 160 17.42 -16.27 -19.71
C SER F 160 17.41 -17.75 -19.38
N GLY F 161 17.95 -18.58 -20.26
CA GLY F 161 18.04 -19.99 -19.96
C GLY F 161 19.39 -20.38 -19.40
N CYS F 162 20.45 -19.99 -20.12
CA CYS F 162 21.85 -20.29 -19.81
C CYS F 162 22.11 -21.78 -19.88
N PHE F 163 21.61 -22.53 -18.90
CA PHE F 163 21.69 -23.98 -19.00
C PHE F 163 20.76 -24.52 -20.07
N THR F 164 19.61 -23.86 -20.26
CA THR F 164 18.58 -24.38 -21.15
C THR F 164 19.00 -24.22 -22.62
N ASN F 165 19.58 -23.07 -22.99
CA ASN F 165 19.83 -22.78 -24.39
C ASN F 165 21.25 -22.31 -24.66
N ILE F 166 22.25 -22.87 -23.99
CA ILE F 166 23.62 -22.66 -24.44
C ILE F 166 23.81 -23.44 -25.74
N TYR F 167 24.37 -22.77 -26.73
CA TYR F 167 24.58 -23.38 -28.04
C TYR F 167 25.94 -24.05 -28.06
N SER F 168 25.94 -25.37 -28.28
CA SER F 168 27.19 -26.12 -28.19
C SER F 168 28.12 -25.79 -29.35
N HIS F 169 27.56 -25.51 -30.53
CA HIS F 169 28.35 -25.10 -31.68
C HIS F 169 29.07 -23.78 -31.46
N SER F 170 28.64 -23.01 -30.46
CA SER F 170 29.28 -21.76 -30.09
C SER F 170 30.44 -21.95 -29.12
N ILE F 171 30.76 -23.18 -28.75
CA ILE F 171 31.96 -23.44 -27.95
C ILE F 171 33.23 -23.07 -28.72
N PRO F 172 33.43 -23.46 -30.00
CA PRO F 172 34.58 -22.88 -30.72
C PRO F 172 34.44 -21.39 -30.99
N TRP F 173 33.22 -20.87 -31.12
CA TRP F 173 33.01 -19.44 -31.34
C TRP F 173 33.57 -18.62 -30.19
N ALA F 174 33.42 -19.12 -28.97
CA ALA F 174 34.03 -18.45 -27.83
C ALA F 174 35.54 -18.61 -27.83
N VAL F 175 36.04 -19.75 -28.34
CA VAL F 175 37.44 -20.08 -28.13
C VAL F 175 38.33 -19.34 -29.12
N ILE F 176 37.96 -19.32 -30.40
CA ILE F 176 38.81 -18.71 -31.42
C ILE F 176 38.08 -17.63 -32.20
N GLY F 177 36.92 -17.18 -31.71
CA GLY F 177 36.18 -16.16 -32.42
C GLY F 177 35.08 -16.74 -33.28
N VAL F 178 34.00 -15.99 -33.48
CA VAL F 178 32.85 -16.52 -34.21
C VAL F 178 33.19 -16.75 -35.68
N ASN F 179 33.80 -15.76 -36.34
CA ASN F 179 34.02 -15.85 -37.78
C ASN F 179 35.16 -16.82 -38.11
N ASN F 180 36.19 -16.85 -37.26
CA ASN F 180 37.28 -17.82 -37.46
C ASN F 180 36.77 -19.25 -37.34
N ALA F 181 35.91 -19.50 -36.36
CA ALA F 181 35.34 -20.84 -36.20
C ALA F 181 34.39 -21.19 -37.34
N LYS F 182 33.63 -20.21 -37.85
CA LYS F 182 32.74 -20.47 -38.98
C LYS F 182 33.53 -20.76 -40.25
N ILE F 183 34.64 -20.04 -40.46
CA ILE F 183 35.50 -20.31 -41.62
C ILE F 183 36.19 -21.66 -41.47
N ALA F 184 36.57 -22.03 -40.25
CA ALA F 184 37.28 -23.28 -40.01
C ALA F 184 36.41 -24.49 -40.33
N LEU F 185 35.09 -24.36 -40.20
CA LEU F 185 34.18 -25.43 -40.59
C LEU F 185 34.16 -25.60 -42.11
N LYS F 194 40.87 -32.20 -35.86
CA LYS F 194 40.14 -30.95 -35.80
C LYS F 194 40.55 -30.21 -34.51
N HIS F 195 40.15 -28.95 -34.40
CA HIS F 195 40.49 -28.14 -33.23
C HIS F 195 39.84 -28.71 -31.98
N TRP F 196 40.45 -28.41 -30.83
CA TRP F 196 40.05 -29.04 -29.58
C TRP F 196 38.64 -28.64 -29.15
N SER F 197 38.25 -27.41 -29.41
CA SER F 197 36.94 -26.91 -29.01
C SER F 197 35.80 -27.50 -29.84
N ASP F 198 36.07 -27.92 -31.07
CA ASP F 198 35.07 -28.61 -31.87
C ASP F 198 34.77 -30.00 -31.32
N LYS F 199 35.82 -30.73 -30.91
CA LYS F 199 35.61 -32.02 -30.26
C LYS F 199 34.98 -31.84 -28.89
N LEU F 200 35.27 -30.73 -28.20
CA LEU F 200 34.57 -30.42 -26.95
C LEU F 200 33.07 -30.19 -27.20
N ASP F 201 32.74 -29.49 -28.29
CA ASP F 201 31.35 -29.28 -28.66
C ASP F 201 30.66 -30.61 -28.96
N TYR F 202 31.35 -31.50 -29.70
CA TYR F 202 30.79 -32.82 -29.99
C TYR F 202 30.58 -33.64 -28.73
N PHE F 203 31.56 -33.63 -27.82
CA PHE F 203 31.46 -34.44 -26.60
C PHE F 203 30.39 -33.88 -25.66
N GLN F 204 30.23 -32.57 -25.64
CA GLN F 204 29.16 -31.97 -24.85
C GLN F 204 27.79 -32.30 -25.45
N ARG F 205 27.70 -32.35 -26.78
CA ARG F 205 26.45 -32.77 -27.42
C ARG F 205 26.12 -34.22 -27.10
N GLN F 206 27.14 -35.09 -27.09
CA GLN F 206 26.92 -36.51 -26.78
C GLN F 206 26.39 -36.71 -25.36
N ALA F 207 26.64 -35.75 -24.47
CA ALA F 207 26.15 -35.84 -23.10
C ALA F 207 24.63 -35.82 -23.03
N LYS F 208 23.98 -35.01 -23.88
CA LYS F 208 22.53 -34.87 -23.86
C LYS F 208 21.97 -35.11 -25.26
N ARG F 209 21.78 -36.39 -25.60
CA ARG F 209 20.94 -36.84 -26.71
C ARG F 209 21.36 -36.31 -28.08
N ASN F 210 22.65 -35.98 -28.23
CA ASN F 210 23.19 -35.36 -29.45
C ASN F 210 22.45 -34.08 -29.81
N GLU F 211 22.14 -33.26 -28.80
CA GLU F 211 21.35 -32.06 -28.97
C GLU F 211 22.26 -30.84 -28.90
N THR F 212 22.05 -29.90 -29.82
CA THR F 212 22.91 -28.72 -29.89
C THR F 212 22.70 -27.79 -28.71
N HIS F 213 21.45 -27.58 -28.32
CA HIS F 213 21.12 -26.62 -27.27
C HIS F 213 21.05 -27.31 -25.92
N GLY F 214 21.51 -26.61 -24.90
CA GLY F 214 21.38 -27.07 -23.54
C GLY F 214 22.64 -27.75 -23.01
N VAL F 215 22.76 -27.76 -21.69
CA VAL F 215 23.82 -28.48 -21.00
C VAL F 215 23.20 -29.16 -19.78
N PRO F 216 23.60 -30.39 -19.44
CA PRO F 216 23.13 -31.01 -18.20
C PRO F 216 23.57 -30.22 -16.97
N ILE F 217 22.62 -29.90 -16.11
CA ILE F 217 22.87 -29.05 -14.95
C ILE F 217 23.41 -29.93 -13.83
N GLY F 218 24.56 -29.54 -13.28
CA GLY F 218 25.12 -30.26 -12.15
C GLY F 218 26.53 -30.79 -12.31
N PRO F 219 26.87 -31.41 -13.44
CA PRO F 219 28.27 -31.75 -13.69
C PRO F 219 29.13 -30.51 -13.90
N ALA F 220 30.39 -30.63 -13.51
CA ALA F 220 31.32 -29.51 -13.67
C ALA F 220 31.74 -29.34 -15.11
N THR F 221 31.55 -30.38 -15.94
CA THR F 221 31.87 -30.24 -17.36
C THR F 221 30.97 -29.21 -18.03
N SER F 222 29.68 -29.19 -17.67
CA SER F 222 28.80 -28.15 -18.19
C SER F 222 29.11 -26.78 -17.59
N SER F 223 29.60 -26.74 -16.34
CA SER F 223 30.04 -25.47 -15.77
C SER F 223 31.26 -24.94 -16.51
N ILE F 224 32.19 -25.83 -16.88
CA ILE F 224 33.35 -25.45 -17.67
C ILE F 224 32.92 -24.97 -19.06
N VAL F 225 31.96 -25.67 -19.67
CA VAL F 225 31.45 -25.27 -20.99
C VAL F 225 30.78 -23.90 -20.91
N CYS F 226 30.01 -23.65 -19.85
CA CYS F 226 29.37 -22.36 -19.67
C CYS F 226 30.40 -21.26 -19.41
N GLU F 227 31.44 -21.55 -18.62
CA GLU F 227 32.50 -20.59 -18.36
C GLU F 227 33.28 -20.26 -19.61
N ILE F 228 33.52 -21.25 -20.48
CA ILE F 228 34.23 -21.03 -21.73
C ILE F 228 33.48 -20.05 -22.62
N ILE F 229 32.16 -20.23 -22.74
CA ILE F 229 31.37 -19.35 -23.58
C ILE F 229 31.24 -17.97 -22.95
N LEU F 230 30.99 -17.90 -21.65
CA LEU F 230 30.76 -16.63 -20.99
C LEU F 230 32.03 -15.85 -20.72
N SER F 231 33.21 -16.47 -20.83
CA SER F 231 34.46 -15.74 -20.63
C SER F 231 34.73 -14.76 -21.76
N ALA F 232 34.26 -15.05 -22.97
CA ALA F 232 34.38 -14.09 -24.05
C ALA F 232 33.50 -12.86 -23.82
N VAL F 233 32.29 -13.09 -23.31
CA VAL F 233 31.41 -11.99 -22.90
C VAL F 233 32.07 -11.16 -21.79
N ASP F 234 32.68 -11.84 -20.83
CA ASP F 234 33.38 -11.15 -19.75
C ASP F 234 34.57 -10.35 -20.28
N LYS F 235 35.29 -10.91 -21.27
CA LYS F 235 36.42 -10.21 -21.86
C LYS F 235 35.99 -8.94 -22.58
N ARG F 236 34.93 -9.02 -23.38
CA ARG F 236 34.49 -7.83 -24.10
C ARG F 236 33.91 -6.78 -23.14
N LEU F 237 33.16 -7.21 -22.13
CA LEU F 237 32.65 -6.27 -21.14
C LEU F 237 33.78 -5.64 -20.33
N ARG F 238 34.82 -6.42 -20.05
CA ARG F 238 35.99 -5.91 -19.33
C ARG F 238 36.75 -4.89 -20.15
N ASP F 239 36.92 -5.15 -21.45
CA ASP F 239 37.73 -4.28 -22.28
C ASP F 239 37.05 -2.93 -22.54
N ASP F 240 35.73 -2.87 -22.38
CA ASP F 240 34.99 -1.62 -22.47
C ASP F 240 34.88 -0.91 -21.13
N GLY F 241 35.68 -1.30 -20.14
CA GLY F 241 35.77 -0.59 -18.87
C GLY F 241 34.52 -0.63 -18.03
N PHE F 242 33.96 -1.81 -17.80
CA PHE F 242 32.80 -1.97 -16.94
C PHE F 242 33.20 -2.69 -15.66
N LEU F 243 32.69 -2.21 -14.53
CA LEU F 243 32.85 -2.89 -13.25
C LEU F 243 31.67 -3.83 -13.06
N PHE F 244 31.93 -5.14 -13.16
CA PHE F 244 30.87 -6.12 -13.20
C PHE F 244 31.41 -7.44 -12.65
N ARG F 245 30.49 -8.24 -12.12
CA ARG F 245 30.78 -9.56 -11.58
C ARG F 245 29.75 -10.53 -12.12
N ARG F 246 30.16 -11.79 -12.31
CA ARG F 246 29.25 -12.82 -12.79
C ARG F 246 29.16 -13.96 -11.78
N TYR F 247 27.93 -14.32 -11.44
CA TYR F 247 27.60 -15.46 -10.59
C TYR F 247 26.80 -16.43 -11.44
N ILE F 248 27.48 -17.42 -12.03
CA ILE F 248 26.93 -18.36 -13.00
C ILE F 248 26.37 -17.54 -14.16
N ALA F 249 25.07 -17.23 -14.11
CA ALA F 249 24.39 -16.53 -15.19
C ALA F 249 23.89 -15.15 -14.77
N ALA F 250 24.36 -14.63 -13.66
CA ALA F 250 23.92 -13.34 -13.14
C ALA F 250 25.05 -12.32 -13.25
N TYR F 251 24.77 -11.20 -13.90
CA TYR F 251 25.71 -10.11 -14.03
C TYR F 251 25.28 -8.96 -13.12
N THR F 252 26.17 -8.53 -12.24
CA THR F 252 25.96 -7.32 -11.46
C THR F 252 26.97 -6.27 -11.90
N CYS F 253 26.47 -5.08 -12.20
CA CYS F 253 27.29 -3.98 -12.70
C CYS F 253 27.14 -2.76 -11.80
N TYR F 254 28.26 -2.12 -11.50
CA TYR F 254 28.28 -0.92 -10.69
C TYR F 254 28.58 0.29 -11.57
N CYS F 255 27.69 1.27 -11.54
CA CYS F 255 27.64 2.31 -12.55
C CYS F 255 27.68 3.68 -11.91
N LYS F 256 28.59 4.53 -12.41
CA LYS F 256 28.69 5.90 -11.93
C LYS F 256 27.46 6.71 -12.31
N THR F 257 26.87 6.42 -13.47
CA THR F 257 25.64 7.08 -13.88
C THR F 257 24.70 6.06 -14.53
N HIS F 258 23.56 6.53 -15.04
CA HIS F 258 22.63 5.70 -15.78
C HIS F 258 23.06 5.48 -17.22
N ASP F 259 24.03 6.27 -17.70
CA ASP F 259 24.61 6.01 -19.02
C ASP F 259 25.29 4.64 -19.02
N ASP F 260 26.12 4.40 -18.01
CA ASP F 260 26.79 3.12 -17.82
C ASP F 260 25.78 2.01 -17.64
N ALA F 261 24.72 2.29 -16.86
CA ALA F 261 23.65 1.34 -16.59
C ALA F 261 22.96 0.83 -17.86
N LYS F 262 22.58 1.74 -18.75
CA LYS F 262 21.90 1.32 -19.98
C LYS F 262 22.88 0.76 -20.99
N GLU F 263 24.09 1.32 -21.07
CA GLU F 263 25.06 0.86 -22.05
C GLU F 263 25.66 -0.51 -21.71
N PHE F 264 25.79 -0.83 -20.42
CA PHE F 264 26.19 -2.18 -20.03
C PHE F 264 25.13 -3.19 -20.43
N LEU F 265 23.86 -2.86 -20.24
CA LEU F 265 22.78 -3.74 -20.65
C LEU F 265 22.79 -3.95 -22.16
N HIS F 266 23.01 -2.88 -22.92
CA HIS F 266 23.12 -2.98 -24.37
C HIS F 266 24.29 -3.86 -24.80
N LEU F 267 25.48 -3.64 -24.21
CA LEU F 267 26.66 -4.38 -24.63
C LEU F 267 26.57 -5.84 -24.21
N LEU F 268 26.01 -6.11 -23.02
CA LEU F 268 25.80 -7.49 -22.59
C LEU F 268 24.79 -8.19 -23.48
N GLY F 269 23.73 -7.48 -23.91
CA GLY F 269 22.79 -8.05 -24.85
C GLY F 269 23.42 -8.39 -26.19
N MET F 270 24.26 -7.49 -26.72
CA MET F 270 25.02 -7.78 -27.94
C MET F 270 25.96 -8.96 -27.80
N GLU F 271 26.70 -9.04 -26.70
CA GLU F 271 27.70 -10.08 -26.54
C GLU F 271 27.05 -11.43 -26.32
N LEU F 272 25.89 -11.46 -25.65
CA LEU F 272 25.15 -12.70 -25.49
C LEU F 272 24.49 -13.11 -26.79
N SER F 273 23.93 -12.16 -27.54
CA SER F 273 23.25 -12.47 -28.79
C SER F 273 24.24 -12.93 -29.86
N LYS F 274 25.50 -12.49 -29.75
CA LYS F 274 26.54 -12.99 -30.66
C LYS F 274 26.76 -14.49 -30.45
N TYR F 275 26.71 -14.95 -29.20
CA TYR F 275 26.82 -16.37 -28.88
C TYR F 275 25.46 -17.03 -28.67
N LYS F 276 24.41 -16.47 -29.27
CA LYS F 276 23.04 -16.96 -29.37
C LYS F 276 22.29 -16.91 -28.03
N LEU F 277 22.91 -16.43 -26.95
CA LEU F 277 22.21 -16.28 -25.69
C LEU F 277 21.44 -14.97 -25.65
N SER F 278 20.76 -14.74 -24.53
CA SER F 278 19.93 -13.55 -24.38
C SER F 278 19.81 -13.21 -22.88
N LEU F 279 19.15 -12.10 -22.61
CA LEU F 279 18.99 -11.61 -21.25
C LEU F 279 17.59 -11.92 -20.72
N ASN F 280 17.52 -12.41 -19.48
CA ASN F 280 16.25 -12.56 -18.80
C ASN F 280 15.75 -11.18 -18.40
N LEU F 281 14.70 -10.71 -19.07
CA LEU F 281 14.22 -9.36 -18.86
C LEU F 281 13.20 -9.24 -17.74
N HIS F 282 12.75 -10.35 -17.17
CA HIS F 282 12.03 -10.31 -15.91
C HIS F 282 12.95 -10.25 -14.71
N LYS F 283 14.25 -10.48 -14.92
CA LYS F 283 15.25 -10.41 -13.86
C LYS F 283 16.17 -9.21 -13.99
N THR F 284 15.86 -8.27 -14.90
CA THR F 284 16.67 -7.08 -15.07
C THR F 284 16.04 -5.93 -14.27
N LYS F 285 16.88 -5.23 -13.50
CA LYS F 285 16.44 -4.16 -12.64
C LYS F 285 17.64 -3.30 -12.28
N ILE F 286 17.41 -1.99 -12.21
CA ILE F 286 18.45 -1.03 -11.85
C ILE F 286 18.06 -0.40 -10.53
N THR F 287 18.94 -0.53 -9.53
CA THR F 287 18.66 -0.07 -8.18
C THR F 287 19.71 0.96 -7.78
N ASN F 288 19.26 2.11 -7.28
CA ASN F 288 20.17 3.17 -6.87
C ASN F 288 20.98 2.77 -5.64
N LEU F 289 22.29 2.81 -5.77
CA LEU F 289 23.16 2.63 -4.62
C LEU F 289 23.04 3.83 -3.68
N PRO F 290 23.18 3.62 -2.36
CA PRO F 290 23.53 2.38 -1.67
C PRO F 290 22.32 1.47 -1.45
N GLY F 291 22.37 0.27 -2.01
CA GLY F 291 21.34 -0.70 -1.76
C GLY F 291 21.72 -1.58 -0.58
N THR F 292 21.56 -2.89 -0.73
CA THR F 292 21.91 -3.84 0.31
C THR F 292 23.01 -4.76 -0.21
N LEU F 293 24.00 -5.03 0.64
CA LEU F 293 25.11 -5.90 0.24
C LEU F 293 24.61 -7.32 -0.04
N ASN F 294 23.85 -7.88 0.90
CA ASN F 294 23.06 -9.08 0.71
C ASN F 294 21.70 -8.66 0.19
N ASP F 295 20.69 -9.53 0.27
CA ASP F 295 19.33 -9.10 -0.01
C ASP F 295 18.73 -8.57 1.28
N ASN F 296 17.59 -7.89 1.16
CA ASN F 296 17.01 -7.18 2.30
C ASN F 296 16.51 -8.15 3.37
N TRP F 297 15.97 -9.29 2.95
CA TRP F 297 15.51 -10.30 3.90
C TRP F 297 16.66 -10.94 4.66
N VAL F 298 17.86 -10.95 4.06
CA VAL F 298 19.03 -11.51 4.72
C VAL F 298 19.39 -10.70 5.96
N SER F 299 19.44 -9.37 5.82
CA SER F 299 19.72 -8.53 6.97
C SER F 299 18.55 -8.47 7.93
N LEU F 300 17.32 -8.61 7.42
CA LEU F 300 16.15 -8.68 8.29
C LEU F 300 16.21 -9.93 9.18
N LEU F 301 16.62 -11.06 8.62
CA LEU F 301 16.78 -12.27 9.43
C LEU F 301 17.96 -12.18 10.38
N ASN F 302 19.11 -11.68 9.89
CA ASN F 302 20.32 -11.67 10.70
C ASN F 302 20.24 -10.65 11.83
N VAL F 303 19.54 -9.55 11.61
CA VAL F 303 19.33 -8.56 12.66
C VAL F 303 18.43 -9.13 13.75
N ASN F 304 17.44 -9.95 13.36
CA ASN F 304 16.50 -10.57 14.28
C ASN F 304 16.90 -11.98 14.66
N SER F 305 18.04 -12.46 14.21
CA SER F 305 18.45 -13.82 14.55
C SER F 305 18.87 -13.89 16.01
N PRO F 306 18.39 -14.90 16.75
CA PRO F 306 18.82 -15.09 18.13
C PRO F 306 20.22 -15.66 18.27
N THR F 307 20.88 -15.99 17.18
CA THR F 307 22.25 -16.47 17.17
C THR F 307 23.23 -15.44 16.62
N LYS F 308 22.79 -14.19 16.46
CA LYS F 308 23.58 -13.19 15.77
C LYS F 308 24.83 -12.79 16.53
N LYS F 309 24.89 -13.07 17.84
CA LYS F 309 26.06 -12.77 18.64
C LYS F 309 26.60 -14.06 19.26
N ARG F 310 27.85 -14.37 18.98
CA ARG F 310 28.52 -15.51 19.59
C ARG F 310 29.19 -15.07 20.89
N PHE F 311 28.93 -15.81 21.97
CA PHE F 311 29.26 -15.37 23.31
C PHE F 311 30.55 -15.99 23.86
N THR F 312 31.22 -16.84 23.07
CA THR F 312 32.47 -17.54 23.39
C THR F 312 32.32 -18.57 24.51
N ASP F 313 31.10 -18.77 25.03
CA ASP F 313 30.79 -19.90 25.91
C ASP F 313 29.52 -20.57 25.40
N GLN F 314 29.52 -21.90 25.40
CA GLN F 314 28.53 -22.65 24.63
C GLN F 314 27.16 -22.65 25.30
N ASP F 315 27.13 -22.56 26.64
CA ASP F 315 25.85 -22.48 27.35
C ASP F 315 25.09 -21.22 26.97
N LEU F 316 25.80 -20.10 26.85
CA LEU F 316 25.18 -18.88 26.36
C LEU F 316 24.78 -19.02 24.89
N ASN F 317 25.61 -19.72 24.10
CA ASN F 317 25.30 -19.89 22.68
C ASN F 317 24.12 -20.83 22.47
N LYS F 318 23.82 -21.68 23.46
CA LYS F 318 22.68 -22.57 23.35
C LYS F 318 21.37 -21.81 23.50
N LEU F 319 20.42 -22.10 22.62
CA LEU F 319 19.18 -21.35 22.54
C LEU F 319 18.05 -22.07 23.27
N SER F 320 17.02 -21.30 23.63
CA SER F 320 15.87 -21.83 24.33
C SER F 320 14.77 -22.23 23.35
N SER F 321 13.69 -22.78 23.89
CA SER F 321 12.58 -23.26 23.05
C SER F 321 11.84 -22.11 22.39
N SER F 322 11.39 -21.14 23.21
CA SER F 322 10.59 -20.04 22.71
C SER F 322 11.38 -19.16 21.74
N GLU F 323 12.68 -19.04 21.98
CA GLU F 323 13.55 -18.23 21.12
C GLU F 323 13.60 -18.78 19.69
N VAL F 324 13.90 -20.08 19.57
CA VAL F 324 14.00 -20.70 18.25
C VAL F 324 12.65 -20.75 17.58
N ILE F 325 11.60 -21.11 18.33
CA ILE F 325 10.26 -21.22 17.73
C ILE F 325 9.78 -19.85 17.25
N ASN F 326 10.00 -18.80 18.04
CA ASN F 326 9.57 -17.46 17.65
C ASN F 326 10.35 -16.95 16.45
N PHE F 327 11.66 -17.24 16.39
CA PHE F 327 12.42 -16.87 15.20
C PHE F 327 11.93 -17.62 13.97
N LEU F 328 11.53 -18.88 14.14
CA LEU F 328 11.03 -19.66 13.01
C LEU F 328 9.67 -19.14 12.53
N ASP F 329 8.78 -18.77 13.45
CA ASP F 329 7.54 -18.12 13.03
C ASP F 329 7.80 -16.81 12.32
N TYR F 330 8.74 -16.00 12.84
CA TYR F 330 9.05 -14.73 12.21
C TYR F 330 9.62 -14.93 10.81
N ALA F 331 10.42 -15.98 10.63
CA ALA F 331 10.93 -16.34 9.31
C ALA F 331 9.80 -16.74 8.37
N VAL F 332 8.80 -17.47 8.89
CA VAL F 332 7.67 -17.87 8.05
C VAL F 332 6.88 -16.64 7.57
N GLN F 333 6.61 -15.70 8.48
CA GLN F 333 5.96 -14.45 8.08
C GLN F 333 6.83 -13.64 7.11
N LEU F 334 8.15 -13.62 7.34
CA LEU F 334 9.02 -12.83 6.48
C LEU F 334 9.08 -13.41 5.07
N ASN F 335 9.03 -14.74 4.96
CA ASN F 335 9.01 -15.38 3.65
C ASN F 335 7.65 -15.20 2.97
N THR F 336 6.57 -15.21 3.74
CA THR F 336 5.27 -14.91 3.16
C THR F 336 5.19 -13.45 2.71
N GLN F 337 5.88 -12.56 3.43
CA GLN F 337 5.71 -11.12 3.20
C GLN F 337 6.73 -10.60 2.19
N VAL F 338 7.92 -11.19 2.13
CA VAL F 338 8.90 -10.79 1.12
C VAL F 338 9.00 -11.83 0.02
N GLY F 339 9.51 -13.01 0.36
CA GLY F 339 9.64 -14.09 -0.60
C GLY F 339 10.71 -13.90 -1.65
N GLY F 340 11.56 -12.88 -1.52
CA GLY F 340 12.56 -12.60 -2.54
C GLY F 340 13.68 -13.62 -2.61
N GLY F 341 13.89 -14.38 -1.54
CA GLY F 341 14.94 -15.39 -1.54
C GLY F 341 14.59 -16.58 -0.66
N SER F 342 15.58 -17.41 -0.37
CA SER F 342 15.37 -18.63 0.41
C SER F 342 15.44 -18.28 1.90
N ILE F 343 14.36 -17.66 2.36
CA ILE F 343 14.30 -17.15 3.74
C ILE F 343 14.30 -18.28 4.75
N LEU F 344 13.55 -19.35 4.48
CA LEU F 344 13.46 -20.46 5.42
C LEU F 344 14.78 -21.19 5.57
N LYS F 345 15.48 -21.47 4.47
CA LYS F 345 16.75 -22.18 4.54
C LYS F 345 17.82 -21.38 5.27
N TYR F 346 17.87 -20.08 5.01
CA TYR F 346 18.81 -19.20 5.71
C TYR F 346 18.50 -19.17 7.21
N ALA F 347 17.22 -19.00 7.55
CA ALA F 347 16.83 -18.91 8.96
C ALA F 347 17.09 -20.21 9.70
N ILE F 348 16.84 -21.34 9.04
CA ILE F 348 17.05 -22.64 9.67
C ILE F 348 18.54 -22.93 9.82
N SER F 349 19.35 -22.53 8.84
CA SER F 349 20.80 -22.69 8.97
C SER F 349 21.35 -21.81 10.08
N LEU F 350 20.69 -20.68 10.35
CA LEU F 350 21.12 -19.82 11.46
C LEU F 350 20.97 -20.51 12.81
N VAL F 351 19.90 -21.27 13.01
CA VAL F 351 19.60 -21.82 14.34
C VAL F 351 19.86 -23.32 14.47
N ILE F 352 20.23 -24.01 13.39
CA ILE F 352 20.17 -25.47 13.40
C ILE F 352 21.26 -26.09 14.27
N ASN F 353 22.43 -25.45 14.36
CA ASN F 353 23.58 -26.11 14.98
C ASN F 353 23.75 -25.76 16.45
N ASN F 354 22.97 -24.83 16.99
CA ASN F 354 23.08 -24.42 18.39
C ASN F 354 21.89 -24.85 19.22
N LEU F 355 21.15 -25.88 18.77
CA LEU F 355 19.96 -26.31 19.47
C LEU F 355 20.29 -26.96 20.82
N ASP F 356 19.54 -26.59 21.84
CA ASP F 356 19.57 -27.28 23.12
C ASP F 356 18.69 -28.52 23.03
N GLU F 357 18.93 -29.47 23.95
CA GLU F 357 18.24 -30.76 23.88
C GLU F 357 16.73 -30.62 24.09
N TYR F 358 16.30 -29.59 24.81
CA TYR F 358 14.87 -29.34 24.98
C TYR F 358 14.24 -28.85 23.68
N THR F 359 15.01 -28.15 22.85
CA THR F 359 14.48 -27.60 21.60
C THR F 359 14.20 -28.69 20.57
N ILE F 360 14.99 -29.77 20.61
CA ILE F 360 15.21 -30.63 19.43
C ILE F 360 13.90 -31.24 18.93
N THR F 361 13.05 -31.70 19.86
CA THR F 361 11.75 -32.23 19.47
C THR F 361 10.85 -31.15 18.86
N GLN F 362 10.84 -29.96 19.47
CA GLN F 362 9.98 -28.88 18.98
C GLN F 362 10.42 -28.37 17.62
N VAL F 363 11.73 -28.12 17.46
CA VAL F 363 12.26 -27.65 16.18
C VAL F 363 12.18 -28.76 15.14
N TYR F 364 12.30 -30.01 15.58
CA TYR F 364 12.09 -31.15 14.68
C TYR F 364 10.66 -31.17 14.12
N ASP F 365 9.65 -31.00 14.98
CA ASP F 365 8.28 -30.99 14.48
C ASP F 365 7.99 -29.76 13.63
N TYR F 366 8.59 -28.62 13.98
CA TYR F 366 8.47 -27.43 13.14
C TYR F 366 9.12 -27.67 11.79
N LEU F 367 10.25 -28.38 11.77
CA LEU F 367 10.90 -28.73 10.51
C LEU F 367 10.07 -29.73 9.74
N LEU F 368 9.34 -30.61 10.43
CA LEU F 368 8.41 -31.50 9.73
C LEU F 368 7.32 -30.70 9.03
N ASN F 369 6.77 -29.70 9.74
CA ASN F 369 5.76 -28.81 9.16
C ASN F 369 6.31 -28.06 7.95
N LEU F 370 7.54 -27.58 8.07
CA LEU F 370 8.16 -26.76 7.03
C LEU F 370 8.64 -27.62 5.86
N SER F 371 9.06 -28.85 6.13
CA SER F 371 9.49 -29.78 5.09
C SER F 371 8.31 -30.26 4.27
N TRP F 372 7.14 -30.45 4.90
CA TRP F 372 5.96 -30.79 4.12
C TRP F 372 5.55 -29.65 3.20
N HIS F 373 5.55 -28.42 3.71
CA HIS F 373 5.10 -27.30 2.90
C HIS F 373 6.18 -26.89 1.90
N TYR F 374 7.45 -27.01 2.29
CA TYR F 374 8.58 -26.64 1.45
C TYR F 374 9.56 -27.81 1.37
N PRO F 375 9.54 -28.57 0.27
CA PRO F 375 10.31 -29.82 0.22
C PRO F 375 11.82 -29.64 0.08
N MET F 376 12.32 -28.42 -0.16
CA MET F 376 13.75 -28.20 -0.20
C MET F 376 14.36 -28.14 1.20
N LEU F 377 13.51 -28.04 2.22
CA LEU F 377 13.92 -28.00 3.62
C LEU F 377 14.05 -29.40 4.22
N ILE F 378 13.71 -30.43 3.43
CA ILE F 378 13.87 -31.82 3.90
C ILE F 378 15.31 -32.18 4.27
N PRO F 379 16.38 -31.76 3.55
CA PRO F 379 17.74 -32.13 3.99
C PRO F 379 18.12 -31.75 5.41
N TYR F 380 17.58 -30.66 5.96
CA TYR F 380 17.86 -30.29 7.34
C TYR F 380 17.41 -31.34 8.34
N LEU F 381 16.42 -32.16 7.96
CA LEU F 381 15.99 -33.27 8.80
C LEU F 381 17.09 -34.29 9.03
N GLY F 382 18.14 -34.30 8.21
CA GLY F 382 19.26 -35.19 8.46
C GLY F 382 20.12 -34.79 9.64
N VAL F 383 20.03 -33.54 10.10
CA VAL F 383 20.85 -33.13 11.24
C VAL F 383 20.27 -33.67 12.54
N LEU F 384 18.94 -33.72 12.65
CA LEU F 384 18.31 -33.92 13.95
C LEU F 384 17.96 -35.38 14.21
N ILE F 385 18.10 -36.25 13.20
CA ILE F 385 17.49 -37.58 13.26
C ILE F 385 18.13 -38.48 14.32
N GLU F 386 19.41 -38.28 14.64
CA GLU F 386 19.99 -39.07 15.72
C GLU F 386 19.49 -38.63 17.08
N HIS F 387 19.37 -37.31 17.28
CA HIS F 387 18.95 -36.78 18.58
C HIS F 387 17.48 -37.02 18.85
N VAL F 388 16.67 -37.21 17.82
CA VAL F 388 15.25 -37.50 17.98
C VAL F 388 15.05 -39.00 18.07
N TYR F 389 14.30 -39.44 19.08
CA TYR F 389 13.98 -40.86 19.26
C TYR F 389 12.87 -41.20 18.28
N LEU F 390 13.22 -41.89 17.20
CA LEU F 390 12.31 -42.03 16.07
C LEU F 390 11.27 -43.13 16.29
N ASP F 391 11.49 -44.04 17.24
CA ASP F 391 10.56 -45.15 17.44
C ASP F 391 9.21 -44.64 17.91
N ASP F 392 9.19 -43.91 19.03
CA ASP F 392 8.05 -43.17 19.56
C ASP F 392 6.74 -43.95 19.60
N GLY F 393 5.70 -43.39 18.97
CA GLY F 393 4.44 -44.07 18.78
C GLY F 393 4.05 -44.09 17.32
N ASP F 394 5.05 -44.31 16.45
CA ASP F 394 4.93 -44.33 14.99
C ASP F 394 4.43 -43.00 14.42
N GLU F 395 4.67 -41.89 15.13
CA GLU F 395 4.29 -40.58 14.61
C GLU F 395 5.20 -40.15 13.46
N TYR F 396 6.51 -40.29 13.64
CA TYR F 396 7.46 -39.94 12.59
C TYR F 396 7.35 -40.90 11.41
N LYS F 397 6.93 -42.15 11.69
CA LYS F 397 6.67 -43.14 10.65
C LYS F 397 5.59 -42.65 9.70
N ASN F 398 4.48 -42.14 10.21
CA ASN F 398 3.46 -41.57 9.34
C ASN F 398 3.88 -40.23 8.76
N LYS F 399 4.70 -39.47 9.47
CA LYS F 399 5.16 -38.18 8.95
C LYS F 399 6.01 -38.33 7.69
N PHE F 400 6.99 -39.22 7.72
CA PHE F 400 7.87 -39.35 6.57
C PHE F 400 7.15 -39.96 5.38
N ASN F 401 6.18 -40.84 5.62
CA ASN F 401 5.36 -41.35 4.52
C ASN F 401 4.41 -40.30 3.96
N GLU F 402 3.90 -39.40 4.79
CA GLU F 402 3.00 -38.37 4.26
C GLU F 402 3.84 -37.39 3.44
N ILE F 403 5.07 -37.11 3.88
CA ILE F 403 6.01 -36.33 3.08
C ILE F 403 6.36 -37.03 1.77
N LEU F 404 6.56 -38.35 1.83
CA LEU F 404 6.87 -39.13 0.63
C LEU F 404 5.73 -39.06 -0.37
N SER F 405 4.49 -39.16 0.13
CA SER F 405 3.31 -39.01 -0.73
C SER F 405 3.26 -37.63 -1.36
N MET F 406 3.57 -36.59 -0.57
CA MET F 406 3.57 -35.22 -1.09
C MET F 406 4.63 -35.03 -2.16
N CYS F 407 5.82 -35.59 -1.95
CA CYS F 407 6.90 -35.49 -2.93
C CYS F 407 6.57 -36.27 -4.20
N ALA F 408 5.87 -37.40 -4.05
CA ALA F 408 5.35 -38.11 -5.21
C ALA F 408 4.30 -37.30 -5.94
N GLU F 409 3.45 -36.60 -5.20
CA GLU F 409 2.38 -35.82 -5.82
C GLU F 409 2.93 -34.62 -6.56
N ASN F 410 3.85 -33.89 -5.92
CA ASN F 410 4.36 -32.64 -6.48
C ASN F 410 5.49 -32.85 -7.48
N LYS F 411 5.91 -34.10 -7.69
CA LYS F 411 7.03 -34.47 -8.58
C LYS F 411 8.31 -33.72 -8.20
N CYS F 412 8.73 -33.90 -6.95
CA CYS F 412 9.93 -33.26 -6.42
C CYS F 412 10.93 -34.38 -6.12
N SER F 413 12.09 -34.33 -6.79
CA SER F 413 13.02 -35.44 -6.71
C SER F 413 13.94 -35.33 -5.50
N ASP F 414 14.37 -34.11 -5.15
CA ASP F 414 15.30 -33.97 -4.04
C ASP F 414 14.63 -34.29 -2.71
N GLY F 415 13.38 -33.85 -2.53
CA GLY F 415 12.65 -34.21 -1.34
C GLY F 415 12.37 -35.70 -1.23
N MET F 416 12.00 -36.32 -2.35
CA MET F 416 11.81 -37.77 -2.40
C MET F 416 13.08 -38.51 -2.02
N ALA F 417 14.21 -38.12 -2.63
CA ALA F 417 15.46 -38.83 -2.40
C ALA F 417 15.95 -38.62 -0.97
N TRP F 418 15.82 -37.41 -0.43
CA TRP F 418 16.25 -37.17 0.95
C TRP F 418 15.36 -37.90 1.94
N THR F 419 14.04 -37.91 1.71
CA THR F 419 13.13 -38.62 2.60
C THR F 419 13.37 -40.12 2.55
N LEU F 420 13.65 -40.66 1.37
CA LEU F 420 13.97 -42.08 1.27
C LEU F 420 15.32 -42.40 1.91
N TYR F 421 16.29 -41.49 1.81
CA TYR F 421 17.56 -41.68 2.50
C TYR F 421 17.35 -41.72 4.00
N PHE F 422 16.45 -40.87 4.51
CA PHE F 422 16.11 -40.91 5.93
C PHE F 422 15.40 -42.21 6.29
N CYS F 423 14.52 -42.70 5.41
CA CYS F 423 13.75 -43.90 5.69
C CYS F 423 14.62 -45.15 5.73
N ILE F 424 15.52 -45.32 4.76
CA ILE F 424 16.42 -46.48 4.78
C ILE F 424 17.48 -46.32 5.88
N LYS F 425 18.06 -45.13 6.05
CA LYS F 425 19.14 -44.97 7.03
C LYS F 425 18.64 -45.13 8.46
N ASN F 426 17.45 -44.66 8.76
CA ASN F 426 16.90 -44.78 10.11
C ASN F 426 16.02 -46.02 10.28
N ASN F 427 15.92 -46.85 9.25
CA ASN F 427 15.19 -48.13 9.25
C ASN F 427 13.70 -47.96 9.51
N ILE F 428 13.14 -46.78 9.24
CA ILE F 428 11.72 -46.56 9.45
C ILE F 428 10.96 -47.16 8.27
N ASP F 429 9.88 -47.89 8.58
CA ASP F 429 9.12 -48.59 7.56
C ASP F 429 8.40 -47.60 6.65
N ILE F 430 8.09 -48.05 5.43
CA ILE F 430 7.48 -47.21 4.41
C ILE F 430 6.30 -47.95 3.80
N ASP F 431 5.16 -47.26 3.69
CA ASP F 431 3.90 -47.89 3.33
C ASP F 431 3.88 -48.32 1.86
N ASP F 432 2.98 -49.27 1.56
CA ASP F 432 2.85 -49.77 0.19
C ASP F 432 2.21 -48.75 -0.74
N ASP F 433 1.20 -48.03 -0.27
CA ASP F 433 0.46 -47.11 -1.14
C ASP F 433 1.27 -45.89 -1.52
N VAL F 434 2.21 -45.45 -0.68
CA VAL F 434 3.10 -44.36 -1.07
C VAL F 434 4.14 -44.85 -2.07
N ILE F 435 4.50 -46.14 -1.97
CA ILE F 435 5.41 -46.76 -2.93
C ILE F 435 4.74 -46.93 -4.28
N GLU F 436 3.41 -47.10 -4.28
CA GLU F 436 2.66 -47.14 -5.52
C GLU F 436 2.84 -45.86 -6.34
N LYS F 437 3.07 -44.73 -5.67
CA LYS F 437 3.37 -43.48 -6.37
C LYS F 437 4.86 -43.19 -6.46
N ILE F 438 5.70 -43.79 -5.61
CA ILE F 438 7.14 -43.67 -5.81
C ILE F 438 7.55 -44.39 -7.08
N ILE F 439 6.99 -45.59 -7.31
CA ILE F 439 7.23 -46.34 -8.54
C ILE F 439 6.59 -45.67 -9.74
N CYS F 440 5.47 -44.98 -9.56
CA CYS F 440 4.76 -44.35 -10.66
C CYS F 440 5.32 -42.97 -11.02
N PHE F 441 5.97 -42.29 -10.07
CA PHE F 441 6.63 -41.03 -10.38
C PHE F 441 7.77 -41.27 -11.37
N GLY F 442 8.55 -42.32 -11.16
CA GLY F 442 9.58 -42.66 -12.10
C GLY F 442 10.84 -41.83 -12.00
N ASP F 443 11.10 -41.24 -10.84
CA ASP F 443 12.40 -40.63 -10.60
C ASP F 443 13.45 -41.73 -10.48
N CYS F 444 14.58 -41.57 -11.17
CA CYS F 444 15.57 -42.63 -11.19
C CYS F 444 16.23 -42.81 -9.83
N LEU F 445 16.65 -41.70 -9.20
CA LEU F 445 17.39 -41.78 -7.93
C LEU F 445 16.51 -42.33 -6.80
N SER F 446 15.21 -42.09 -6.88
CA SER F 446 14.29 -42.70 -5.92
C SER F 446 14.26 -44.21 -6.10
N LEU F 447 14.24 -44.66 -7.35
CA LEU F 447 14.19 -46.08 -7.63
C LEU F 447 15.51 -46.76 -7.32
N CYS F 448 16.64 -46.03 -7.35
CA CYS F 448 17.87 -46.63 -6.86
C CYS F 448 17.88 -46.80 -5.35
N LEU F 449 17.21 -45.92 -4.60
CA LEU F 449 17.08 -46.13 -3.16
C LEU F 449 16.18 -47.33 -2.85
N LEU F 450 15.04 -47.41 -3.54
CA LEU F 450 14.19 -48.59 -3.42
C LEU F 450 14.91 -49.86 -3.89
N ASP F 451 15.80 -49.71 -4.87
CA ASP F 451 16.61 -50.81 -5.37
C ASP F 451 17.62 -51.27 -4.33
N SER F 452 18.23 -50.32 -3.61
CA SER F 452 19.22 -50.69 -2.60
C SER F 452 18.56 -51.26 -1.36
N SER F 453 17.28 -50.98 -1.14
CA SER F 453 16.59 -51.58 0.01
C SER F 453 16.47 -53.09 -0.14
N ASP F 454 16.20 -53.58 -1.35
CA ASP F 454 16.03 -54.99 -1.78
C ASP F 454 14.71 -55.63 -1.31
N ILE F 455 13.88 -54.94 -0.54
CA ILE F 455 12.56 -55.50 -0.21
C ILE F 455 11.63 -55.44 -1.42
N TYR F 456 11.70 -54.37 -2.22
CA TYR F 456 10.77 -54.11 -3.30
C TYR F 456 11.38 -54.46 -4.64
N GLU F 457 12.09 -55.58 -4.68
CA GLU F 457 12.79 -56.12 -5.84
C GLU F 457 11.86 -56.36 -7.03
N GLU F 458 10.60 -56.70 -6.76
CA GLU F 458 9.67 -57.10 -7.81
C GLU F 458 8.91 -55.94 -8.43
N LYS F 459 8.67 -54.85 -7.69
CA LYS F 459 8.10 -53.66 -8.31
C LYS F 459 9.16 -52.91 -9.11
N ILE F 460 10.42 -53.00 -8.67
CA ILE F 460 11.53 -52.46 -9.43
C ILE F 460 11.69 -53.22 -10.75
N ASN F 461 11.52 -54.55 -10.68
CA ASN F 461 11.69 -55.40 -11.85
C ASN F 461 10.63 -55.11 -12.90
N ASN F 462 9.39 -54.82 -12.47
CA ASN F 462 8.34 -54.45 -13.42
C ASN F 462 8.67 -53.15 -14.14
N PHE F 463 9.22 -52.17 -13.42
CA PHE F 463 9.56 -50.89 -14.02
C PHE F 463 10.69 -51.05 -15.03
N VAL F 464 11.75 -51.77 -14.66
CA VAL F 464 12.88 -51.91 -15.58
C VAL F 464 12.51 -52.79 -16.76
N SER F 465 11.60 -53.76 -16.56
CA SER F 465 11.12 -54.55 -17.68
C SER F 465 10.25 -53.73 -18.62
N ASP F 466 9.45 -52.80 -18.08
CA ASP F 466 8.70 -51.89 -18.93
C ASP F 466 9.63 -50.97 -19.71
N ILE F 467 10.76 -50.59 -19.11
CA ILE F 467 11.74 -49.77 -19.81
C ILE F 467 12.40 -50.56 -20.93
N ILE F 468 12.81 -51.80 -20.66
CA ILE F 468 13.51 -52.61 -21.64
C ILE F 468 12.58 -53.02 -22.79
N LYS F 469 11.32 -53.32 -22.47
CA LYS F 469 10.36 -53.74 -23.50
C LYS F 469 10.05 -52.60 -24.47
N LEU F 470 10.26 -51.35 -24.05
CA LEU F 470 10.09 -50.21 -24.93
C LEU F 470 11.08 -50.24 -26.09
N ASP F 471 12.27 -50.78 -25.85
CA ASP F 471 13.39 -50.81 -26.80
C ASP F 471 13.76 -49.38 -27.26
N TYR F 472 13.66 -48.44 -26.34
CA TYR F 472 14.07 -47.05 -26.54
C TYR F 472 15.32 -46.84 -25.70
N GLU F 473 16.44 -46.58 -26.36
CA GLU F 473 17.70 -46.43 -25.64
C GLU F 473 17.72 -45.19 -24.77
N TYR F 474 16.91 -44.17 -25.10
CA TYR F 474 16.91 -42.95 -24.31
C TYR F 474 16.28 -43.16 -22.93
N ASP F 475 15.28 -44.06 -22.83
CA ASP F 475 14.73 -44.38 -21.52
C ASP F 475 15.72 -45.19 -20.67
N ILE F 476 16.46 -46.09 -21.31
CA ILE F 476 17.52 -46.82 -20.61
C ILE F 476 18.60 -45.86 -20.15
N ASP F 477 18.89 -44.83 -20.94
CA ASP F 477 19.84 -43.82 -20.51
C ASP F 477 19.27 -42.92 -19.42
N ARG F 478 17.95 -42.73 -19.41
CA ARG F 478 17.30 -41.99 -18.34
C ARG F 478 17.33 -42.74 -17.02
N TYR F 479 17.40 -44.07 -17.08
CA TYR F 479 17.49 -44.88 -15.86
C TYR F 479 18.79 -45.68 -15.80
N TRP F 480 19.85 -45.16 -16.43
CA TRP F 480 21.15 -45.82 -16.42
C TRP F 480 21.68 -46.04 -15.02
N LEU F 481 21.40 -45.13 -14.08
CA LEU F 481 21.91 -45.32 -12.72
C LEU F 481 21.25 -46.50 -12.04
N LEU F 482 19.92 -46.62 -12.19
CA LEU F 482 19.21 -47.77 -11.66
C LEU F 482 19.66 -49.07 -12.34
N PHE F 483 19.81 -49.04 -13.66
CA PHE F 483 20.24 -50.23 -14.41
C PHE F 483 21.65 -50.66 -14.01
N TYR F 484 22.56 -49.69 -13.87
CA TYR F 484 23.92 -50.01 -13.46
C TYR F 484 23.98 -50.50 -12.03
N GLN F 485 23.15 -49.94 -11.14
CA GLN F 485 23.16 -50.41 -9.75
C GLN F 485 22.67 -51.84 -9.66
N ARG F 486 21.61 -52.18 -10.41
CA ARG F 486 21.15 -53.57 -10.43
C ARG F 486 22.18 -54.49 -11.07
N PHE F 487 22.85 -54.03 -12.14
CA PHE F 487 23.85 -54.87 -12.80
C PHE F 487 25.07 -55.10 -11.91
N PHE F 488 25.50 -54.05 -11.20
CA PHE F 488 26.65 -54.16 -10.30
C PHE F 488 26.31 -54.98 -9.07
N LYS F 489 25.04 -54.98 -8.65
CA LYS F 489 24.60 -55.81 -7.55
C LYS F 489 24.17 -57.21 -8.00
N ASP F 490 24.45 -57.56 -9.26
CA ASP F 490 24.18 -58.86 -9.87
C ASP F 490 22.69 -59.23 -9.90
N LYS F 491 21.81 -58.25 -9.68
CA LYS F 491 20.38 -58.50 -9.69
C LYS F 491 19.79 -58.48 -11.09
N ALA F 492 20.54 -57.99 -12.07
CA ALA F 492 20.09 -57.87 -13.45
C ALA F 492 21.31 -57.87 -14.37
N PRO F 493 21.16 -58.15 -15.67
CA PRO F 493 22.29 -57.95 -16.57
C PRO F 493 22.32 -56.55 -17.14
N SER F 494 23.40 -56.20 -17.84
CA SER F 494 23.46 -54.90 -18.48
C SER F 494 22.45 -54.82 -19.62
N PRO F 495 21.79 -53.67 -19.78
CA PRO F 495 20.93 -53.45 -20.95
C PRO F 495 21.65 -52.85 -22.15
N TYR F 496 22.99 -52.83 -22.13
CA TYR F 496 23.79 -52.22 -23.18
C TYR F 496 24.69 -53.29 -23.80
N ASN F 497 24.90 -53.18 -25.11
CA ASN F 497 25.78 -54.09 -25.83
C ASN F 497 27.24 -53.63 -25.80
N ASP F 498 27.53 -52.45 -25.26
CA ASP F 498 28.89 -52.01 -25.09
C ASP F 498 29.46 -52.52 -23.77
N LYS F 499 30.77 -52.33 -23.59
CA LYS F 499 31.47 -52.84 -22.42
C LYS F 499 31.56 -51.85 -21.28
N CYS F 500 30.91 -50.68 -21.40
CA CYS F 500 31.10 -49.60 -20.44
C CYS F 500 30.67 -50.01 -19.03
N PHE F 501 29.50 -50.63 -18.92
CA PHE F 501 29.03 -51.14 -17.63
C PHE F 501 29.97 -52.22 -17.10
N ASP F 502 30.52 -53.04 -18.00
CA ASP F 502 31.39 -54.13 -17.59
C ASP F 502 32.74 -53.62 -17.08
N ILE F 503 33.31 -52.61 -17.73
CA ILE F 503 34.54 -52.01 -17.23
C ILE F 503 34.29 -51.28 -15.92
N MET F 504 33.11 -50.68 -15.76
CA MET F 504 32.76 -50.08 -14.48
C MET F 504 32.70 -51.12 -13.37
N LYS F 505 31.98 -52.22 -13.61
CA LYS F 505 31.75 -53.20 -12.56
C LYS F 505 33.02 -53.98 -12.23
N GLY F 506 33.84 -54.28 -13.24
CA GLY F 506 35.07 -55.02 -13.01
C GLY F 506 36.06 -54.27 -12.12
N TYR F 507 36.07 -52.95 -12.21
CA TYR F 507 36.92 -52.14 -11.36
C TYR F 507 36.24 -51.70 -10.07
N GLY F 508 34.98 -52.06 -9.87
CA GLY F 508 34.32 -51.79 -8.60
C GLY F 508 33.60 -50.47 -8.50
N VAL F 509 33.18 -49.90 -9.62
CA VAL F 509 32.48 -48.62 -9.58
C VAL F 509 31.10 -48.82 -8.98
N ASP F 510 30.85 -48.17 -7.85
CA ASP F 510 29.55 -48.19 -7.18
C ASP F 510 29.12 -46.75 -6.96
N PHE F 511 27.93 -46.41 -7.45
CA PHE F 511 27.37 -45.07 -7.27
C PHE F 511 26.49 -44.96 -6.04
N MET F 512 26.37 -46.03 -5.26
CA MET F 512 25.74 -45.99 -3.95
C MET F 512 26.68 -46.67 -2.95
N PRO F 513 27.82 -46.04 -2.65
CA PRO F 513 28.85 -46.71 -1.87
C PRO F 513 28.70 -46.48 -0.36
N ASP F 514 29.25 -47.41 0.41
CA ASP F 514 29.36 -47.26 1.85
C ASP F 514 30.71 -46.67 2.21
N GLU F 515 31.06 -46.69 3.50
CA GLU F 515 32.35 -46.20 3.94
C GLU F 515 33.33 -47.34 4.19
#